data_7LF0
#
_entry.id   7LF0
#
_cell.length_a   1.00
_cell.length_b   1.00
_cell.length_c   1.00
_cell.angle_alpha   90.00
_cell.angle_beta   90.00
_cell.angle_gamma   90.00
#
_symmetry.space_group_name_H-M   'P 1'
#
loop_
_entity.id
_entity.type
_entity.pdbx_description
1 polymer Arginase-1
2 polymer 'mAb2 heavy chain'
3 polymer 'mAb2 light chain'
#
loop_
_entity_poly.entity_id
_entity_poly.type
_entity_poly.pdbx_seq_one_letter_code
_entity_poly.pdbx_strand_id
1 'polypeptide(L)'
;MSAKSRTIGIIGAPFSKGQPRGGVEEGPTVLRKAGLLEKLKEQECDVKDYGDLPFADIPNDSPFQIVKNPRSVGKASEQL
AGKVAEVKKNGRISLVLGGDHSLAIGSISGHARVHPDLGVIWVDAHTDINTPLTTTSGNLHGQPVSFLLKELKGKIPDVP
GFSWVTPCISAKDIVYIGLRDVDPGEHYILKTLGIKYFSMTEVDRLGIGKVMEETLSYLLGRKKRPIHLSFDVDGLDPSF
TPATGTPVVGGLTYREGLYITEEIYKTGLLSGLDIMEVNPSLGKTPEEVTRTVNTAVAITLACFGLAREGNHKPIDYLNP
PK
;
A,B,C,M,N,J
2 'polypeptide(L)'
;QVQLVQSGAEVKKPGASVKVSCKASGYTFTNYGISWVRQAPGQGLEWMGWISAYNGNTNYAQKLQGRVTMTTDTSTSTAY
MELRSLRSDDTAVYYCAREGAYGYRSPYHNWFDPWGQGTLVTVSSAKTTPPSVYPLAPGSAAQTNSMVTLGCLVKGYFPE
PVTVTWNSGSLSSGVHTFPAVLQSDLYTLSSSVTVPSSTWPSETVTCNVAHPASSTKVDKKIVPRDCGCKPCICTVPEVS
SVFIFPPKPKDVLTITLTPKVTCVVVAISKDDPEVQFSWFVDDVEVHTAQTQPREEQFNSTFRSVSELPIMHQDWLNGKE
FKCRVNSAAFPAPIEKTISKTKGRPKAPQVYTIPPPKEQMAKDKVSLTCMITDFFPEDITVEWQWNGQPAENYKNTQPIM
DTDGSYFVYSKLNVQKSNWEAGNTFTCSVLHEGLHNHHTEKSLSHSPGK
;
D,F,G,K,Q,R
3 'polypeptide(L)'
;EIVMTQSPATLSLSPGERATLSCRASQSVSSYLAWYQQKPGQAPRLLIYDASNRATGIPARFSGSGSGTDFTLTISSLEP
EDFAVYYCQQHSLLPRTFGGGTKVEIKRADAAPTVSIFPPSSEQLTSGGASVVCFLNNFYPKDINVKWKIDGSERQNGVL
NSWTDQDSKDSTYSMSSTLTLTKDEYERHNSYTCEATHKTSTSPIVKSFNRNEC
;
E,H,I,L,O,P
#
# COMPACT_ATOMS: atom_id res chain seq x y z
N ALA A 3 -26.17 61.05 -76.09
CA ALA A 3 -26.24 60.75 -77.51
C ALA A 3 -27.54 60.04 -77.84
N LYS A 4 -27.77 59.78 -79.14
CA LYS A 4 -28.96 59.07 -79.57
C LYS A 4 -28.92 57.62 -79.10
N SER A 5 -27.88 56.89 -79.50
CA SER A 5 -27.61 55.60 -78.90
C SER A 5 -26.91 55.80 -77.56
N ARG A 6 -26.51 54.67 -76.97
CA ARG A 6 -25.95 54.53 -75.61
C ARG A 6 -26.68 55.41 -74.58
N THR A 7 -28.00 55.36 -74.62
CA THR A 7 -28.86 55.99 -73.64
C THR A 7 -29.65 54.84 -73.03
N ILE A 8 -29.11 54.23 -71.99
CA ILE A 8 -29.55 52.92 -71.55
C ILE A 8 -30.55 53.06 -70.42
N GLY A 9 -31.70 52.40 -70.55
CA GLY A 9 -32.54 52.14 -69.41
C GLY A 9 -32.45 50.68 -69.01
N ILE A 10 -31.75 50.39 -67.91
CA ILE A 10 -31.58 49.01 -67.48
C ILE A 10 -32.88 48.51 -66.85
N ILE A 11 -33.35 47.36 -67.29
CA ILE A 11 -34.47 46.67 -66.67
C ILE A 11 -33.96 45.32 -66.17
N GLY A 12 -33.87 45.17 -64.87
CA GLY A 12 -33.57 43.87 -64.32
C GLY A 12 -34.75 42.93 -64.48
N ALA A 13 -34.45 41.64 -64.42
CA ALA A 13 -35.50 40.64 -64.52
C ALA A 13 -35.08 39.35 -63.82
N PRO A 14 -35.31 39.25 -62.52
CA PRO A 14 -34.99 38.00 -61.79
C PRO A 14 -36.08 36.94 -61.95
N PHE A 15 -36.00 36.19 -63.04
CA PHE A 15 -37.04 35.21 -63.36
C PHE A 15 -36.39 33.89 -63.78
N SER A 16 -36.88 32.79 -63.21
CA SER A 16 -36.24 31.49 -63.39
C SER A 16 -37.24 30.37 -63.69
N LYS A 17 -38.50 30.67 -63.95
CA LYS A 17 -39.50 29.64 -64.13
C LYS A 17 -39.74 29.31 -65.60
N GLY A 18 -38.74 29.49 -66.44
CA GLY A 18 -38.80 29.06 -67.81
C GLY A 18 -37.71 28.06 -68.12
N GLN A 19 -36.81 27.85 -67.17
CA GLN A 19 -35.73 26.90 -67.27
C GLN A 19 -35.57 26.19 -65.93
N PRO A 20 -35.15 24.94 -65.93
CA PRO A 20 -35.17 24.17 -64.68
C PRO A 20 -34.06 24.51 -63.70
N ARG A 21 -32.87 24.88 -64.20
CA ARG A 21 -31.73 25.10 -63.31
C ARG A 21 -31.88 26.46 -62.64
N GLY A 22 -32.45 26.46 -61.44
CA GLY A 22 -32.63 27.71 -60.73
C GLY A 22 -31.33 28.29 -60.23
N GLY A 23 -31.33 29.60 -60.06
CA GLY A 23 -30.12 30.31 -59.79
C GLY A 23 -30.03 31.57 -60.62
N VAL A 24 -30.75 31.60 -61.76
CA VAL A 24 -30.80 32.81 -62.57
C VAL A 24 -31.75 33.85 -62.01
N GLU A 25 -32.44 33.54 -60.90
CA GLU A 25 -33.02 34.59 -60.07
C GLU A 25 -31.96 35.59 -59.62
N GLU A 26 -30.76 35.11 -59.34
CA GLU A 26 -29.62 36.01 -59.11
C GLU A 26 -28.88 36.26 -60.41
N GLY A 27 -29.61 36.64 -61.45
CA GLY A 27 -29.03 37.03 -62.71
C GLY A 27 -28.65 38.49 -62.74
N PRO A 28 -29.64 39.38 -62.57
CA PRO A 28 -29.32 40.79 -62.41
C PRO A 28 -28.55 41.12 -61.16
N THR A 29 -28.67 40.30 -60.11
CA THR A 29 -27.92 40.55 -58.89
C THR A 29 -26.43 40.47 -59.12
N VAL A 30 -25.98 39.49 -59.89
CA VAL A 30 -24.55 39.36 -60.13
C VAL A 30 -24.09 40.27 -61.27
N LEU A 31 -24.92 40.49 -62.28
CA LEU A 31 -24.55 41.45 -63.33
C LEU A 31 -24.57 42.90 -62.85
N ARG A 32 -25.20 43.19 -61.72
CA ARG A 32 -25.06 44.52 -61.15
C ARG A 32 -24.01 44.59 -60.06
N LYS A 33 -23.79 43.53 -59.29
CA LYS A 33 -22.73 43.59 -58.29
C LYS A 33 -21.35 43.40 -58.90
N ALA A 34 -21.27 43.05 -60.17
CA ALA A 34 -20.05 43.21 -60.94
C ALA A 34 -20.01 44.53 -61.68
N GLY A 35 -20.94 45.43 -61.39
CA GLY A 35 -20.82 46.82 -61.76
C GLY A 35 -21.01 47.10 -63.23
N LEU A 36 -22.15 46.71 -63.78
CA LEU A 36 -22.43 47.07 -65.16
C LEU A 36 -22.74 48.56 -65.29
N LEU A 37 -23.35 49.14 -64.27
CA LEU A 37 -23.73 50.54 -64.32
C LEU A 37 -22.50 51.45 -64.32
N GLU A 38 -21.61 51.23 -63.35
CA GLU A 38 -20.43 52.09 -63.23
C GLU A 38 -19.45 51.85 -64.37
N LYS A 39 -19.43 50.64 -64.93
CA LYS A 39 -18.62 50.43 -66.13
C LYS A 39 -19.29 51.01 -67.37
N LEU A 40 -20.59 51.29 -67.31
CA LEU A 40 -21.20 52.09 -68.36
C LEU A 40 -20.99 53.58 -68.17
N LYS A 41 -20.77 54.03 -66.94
CA LYS A 41 -20.80 55.47 -66.70
C LYS A 41 -19.49 56.18 -66.98
N GLU A 42 -18.44 55.49 -67.44
CA GLU A 42 -17.26 56.23 -67.90
C GLU A 42 -17.55 56.92 -69.23
N GLN A 43 -17.87 56.14 -70.26
CA GLN A 43 -18.35 56.73 -71.49
C GLN A 43 -19.75 57.29 -71.27
N GLU A 44 -20.15 58.21 -72.16
CA GLU A 44 -21.35 59.01 -71.96
C GLU A 44 -22.58 58.14 -72.19
N CYS A 45 -22.91 57.34 -71.20
CA CYS A 45 -24.11 56.52 -71.19
C CYS A 45 -25.03 57.05 -70.10
N ASP A 46 -26.15 57.64 -70.51
CA ASP A 46 -27.14 58.16 -69.57
C ASP A 46 -27.91 56.96 -69.01
N VAL A 47 -27.29 56.29 -68.06
CA VAL A 47 -27.85 55.06 -67.51
C VAL A 47 -28.88 55.41 -66.45
N LYS A 48 -30.09 54.86 -66.59
CA LYS A 48 -31.14 55.01 -65.60
C LYS A 48 -31.62 53.62 -65.21
N ASP A 49 -31.27 53.19 -64.01
CA ASP A 49 -31.65 51.87 -63.53
C ASP A 49 -33.13 51.91 -63.15
N TYR A 50 -33.94 51.15 -63.89
CA TYR A 50 -35.35 50.98 -63.57
C TYR A 50 -35.59 49.87 -62.57
N GLY A 51 -34.54 49.29 -62.02
CA GLY A 51 -34.66 48.32 -60.96
C GLY A 51 -35.13 46.96 -61.43
N ASP A 52 -34.97 45.97 -60.56
CA ASP A 52 -35.46 44.64 -60.86
C ASP A 52 -36.98 44.62 -60.79
N LEU A 53 -37.56 43.69 -61.50
CA LEU A 53 -39.01 43.74 -61.47
C LEU A 53 -39.54 42.91 -60.30
N PRO A 54 -40.69 43.26 -59.76
CA PRO A 54 -41.38 42.37 -58.81
C PRO A 54 -42.22 41.35 -59.56
N PHE A 55 -41.81 40.09 -59.47
CA PHE A 55 -42.53 39.01 -60.14
C PHE A 55 -43.38 38.26 -59.12
N ALA A 56 -44.68 38.22 -59.36
CA ALA A 56 -45.60 37.53 -58.47
C ALA A 56 -45.42 36.02 -58.58
N ASP A 57 -45.78 35.32 -57.52
CA ASP A 57 -45.63 33.88 -57.41
C ASP A 57 -47.03 33.26 -57.41
N ILE A 58 -47.44 32.72 -58.55
CA ILE A 58 -48.76 32.10 -58.68
C ILE A 58 -48.71 30.74 -57.98
N PRO A 59 -49.55 30.51 -56.97
CA PRO A 59 -49.47 29.23 -56.23
C PRO A 59 -50.06 28.06 -57.00
N ASN A 60 -51.15 28.27 -57.73
CA ASN A 60 -51.81 27.19 -58.45
C ASN A 60 -51.30 27.15 -59.90
N ASP A 61 -50.01 26.85 -60.01
CA ASP A 61 -49.33 26.83 -61.30
C ASP A 61 -49.47 25.43 -61.89
N SER A 62 -50.65 25.15 -62.44
CA SER A 62 -50.87 23.90 -63.13
C SER A 62 -50.18 23.94 -64.50
N PRO A 63 -49.51 22.87 -64.90
CA PRO A 63 -48.83 22.88 -66.20
C PRO A 63 -49.78 22.77 -67.36
N PHE A 64 -49.21 22.86 -68.55
CA PHE A 64 -49.86 22.53 -69.80
C PHE A 64 -49.63 21.02 -70.03
N GLN A 65 -49.82 20.52 -71.25
CA GLN A 65 -49.52 19.13 -71.58
C GLN A 65 -48.06 18.80 -71.29
N ILE A 66 -47.15 19.44 -72.02
CA ILE A 66 -45.72 19.26 -71.78
C ILE A 66 -45.09 20.49 -71.17
N VAL A 67 -45.61 21.69 -71.50
CA VAL A 67 -45.06 22.94 -71.01
C VAL A 67 -45.38 23.09 -69.53
N LYS A 68 -44.34 23.25 -68.71
CA LYS A 68 -44.54 23.36 -67.28
C LYS A 68 -44.13 24.74 -66.78
N ASN A 69 -44.87 25.22 -65.77
CA ASN A 69 -44.98 26.59 -65.28
C ASN A 69 -45.31 27.55 -66.42
N PRO A 70 -46.54 27.55 -66.98
CA PRO A 70 -46.83 28.48 -68.08
C PRO A 70 -47.40 29.82 -67.65
N ARG A 71 -48.09 29.86 -66.50
CA ARG A 71 -48.72 31.11 -66.09
C ARG A 71 -47.72 32.07 -65.50
N SER A 72 -46.67 31.55 -64.87
CA SER A 72 -45.61 32.40 -64.34
C SER A 72 -44.87 33.09 -65.47
N VAL A 73 -44.60 32.38 -66.56
CA VAL A 73 -43.92 32.99 -67.68
C VAL A 73 -44.83 33.97 -68.40
N GLY A 74 -46.13 33.66 -68.46
CA GLY A 74 -47.07 34.59 -69.07
C GLY A 74 -47.18 35.90 -68.32
N LYS A 75 -47.26 35.83 -66.99
CA LYS A 75 -47.37 37.06 -66.21
C LYS A 75 -46.05 37.83 -66.17
N ALA A 76 -44.93 37.12 -66.08
CA ALA A 76 -43.63 37.78 -66.06
C ALA A 76 -43.33 38.47 -67.38
N SER A 77 -43.65 37.83 -68.51
CA SER A 77 -43.39 38.48 -69.78
C SER A 77 -44.40 39.58 -70.07
N GLU A 78 -45.62 39.52 -69.52
CA GLU A 78 -46.54 40.64 -69.70
C GLU A 78 -46.08 41.86 -68.91
N GLN A 79 -45.60 41.63 -67.68
CA GLN A 79 -45.06 42.71 -66.87
C GLN A 79 -43.80 43.29 -67.48
N LEU A 80 -42.96 42.44 -68.07
CA LEU A 80 -41.74 42.91 -68.70
C LEU A 80 -42.03 43.65 -69.99
N ALA A 81 -43.05 43.23 -70.74
CA ALA A 81 -43.39 43.94 -71.97
C ALA A 81 -43.97 45.31 -71.68
N GLY A 82 -44.74 45.43 -70.58
CA GLY A 82 -45.18 46.74 -70.15
C GLY A 82 -44.02 47.65 -69.76
N LYS A 83 -43.04 47.09 -69.03
CA LYS A 83 -41.89 47.88 -68.62
C LYS A 83 -41.00 48.27 -69.80
N VAL A 84 -40.87 47.39 -70.80
CA VAL A 84 -40.04 47.71 -71.96
C VAL A 84 -40.70 48.76 -72.83
N ALA A 85 -42.02 48.68 -73.00
CA ALA A 85 -42.71 49.74 -73.74
C ALA A 85 -42.67 51.06 -72.98
N GLU A 86 -42.63 51.00 -71.66
CA GLU A 86 -42.43 52.20 -70.84
C GLU A 86 -41.07 52.84 -71.11
N VAL A 87 -40.00 52.03 -71.13
CA VAL A 87 -38.68 52.63 -71.32
C VAL A 87 -38.38 52.94 -72.77
N LYS A 88 -39.14 52.41 -73.72
CA LYS A 88 -38.94 52.79 -75.11
C LYS A 88 -39.81 53.97 -75.52
N LYS A 89 -40.85 54.29 -74.75
CA LYS A 89 -41.50 55.59 -74.93
C LYS A 89 -40.68 56.72 -74.32
N ASN A 90 -39.71 56.40 -73.46
CA ASN A 90 -38.76 57.39 -72.96
C ASN A 90 -37.58 57.60 -73.89
N GLY A 91 -37.55 56.92 -75.04
CA GLY A 91 -36.48 57.11 -75.99
C GLY A 91 -35.18 56.41 -75.66
N ARG A 92 -35.14 55.62 -74.59
CA ARG A 92 -33.91 54.98 -74.18
C ARG A 92 -33.71 53.68 -74.96
N ILE A 93 -32.67 52.94 -74.61
CA ILE A 93 -32.44 51.60 -75.14
C ILE A 93 -32.73 50.62 -74.02
N SER A 94 -33.66 49.70 -74.27
CA SER A 94 -34.09 48.75 -73.25
C SER A 94 -33.02 47.69 -73.08
N LEU A 95 -32.18 47.84 -72.07
CA LEU A 95 -31.29 46.76 -71.66
C LEU A 95 -32.03 45.91 -70.65
N VAL A 96 -32.55 44.79 -71.12
CA VAL A 96 -33.11 43.78 -70.25
C VAL A 96 -32.02 42.77 -69.96
N LEU A 97 -31.89 42.36 -68.71
CA LEU A 97 -30.90 41.35 -68.39
C LEU A 97 -31.48 40.44 -67.33
N GLY A 98 -31.42 39.13 -67.59
CA GLY A 98 -32.10 38.15 -66.80
C GLY A 98 -31.14 37.21 -66.10
N GLY A 99 -31.64 36.02 -65.76
CA GLY A 99 -32.97 35.56 -66.14
C GLY A 99 -32.84 34.42 -67.11
N ASP A 100 -33.79 34.30 -68.03
CA ASP A 100 -33.76 33.25 -69.03
C ASP A 100 -34.50 33.72 -70.25
N HIS A 101 -34.34 32.99 -71.36
CA HIS A 101 -35.00 33.35 -72.62
C HIS A 101 -36.51 33.24 -72.60
N SER A 102 -37.12 32.73 -71.52
CA SER A 102 -38.57 32.82 -71.37
C SER A 102 -39.05 34.24 -71.16
N LEU A 103 -38.16 35.18 -70.87
CA LEU A 103 -38.46 36.59 -70.78
C LEU A 103 -38.43 37.30 -72.12
N ALA A 104 -37.83 36.68 -73.14
CA ALA A 104 -37.67 37.35 -74.43
C ALA A 104 -38.99 37.52 -75.16
N ILE A 105 -40.02 36.76 -74.79
CA ILE A 105 -41.36 36.97 -75.31
C ILE A 105 -41.83 38.39 -75.03
N GLY A 106 -41.78 38.79 -73.76
CA GLY A 106 -42.14 40.15 -73.41
C GLY A 106 -41.08 41.16 -73.79
N SER A 107 -39.80 40.77 -73.77
CA SER A 107 -38.73 41.69 -74.11
C SER A 107 -38.74 42.09 -75.57
N ILE A 108 -39.37 41.31 -76.44
CA ILE A 108 -39.56 41.70 -77.82
C ILE A 108 -40.97 42.21 -78.09
N SER A 109 -41.98 41.72 -77.37
CA SER A 109 -43.34 42.21 -77.55
C SER A 109 -43.48 43.65 -77.09
N GLY A 110 -42.92 43.98 -75.92
CA GLY A 110 -42.94 45.36 -75.48
C GLY A 110 -42.07 46.27 -76.31
N HIS A 111 -41.01 45.72 -76.90
CA HIS A 111 -40.19 46.48 -77.82
C HIS A 111 -40.92 46.76 -79.11
N ALA A 112 -41.81 45.86 -79.53
CA ALA A 112 -42.59 46.06 -80.74
C ALA A 112 -43.89 46.81 -80.49
N ARG A 113 -44.26 47.02 -79.23
CA ARG A 113 -45.33 47.96 -78.92
C ARG A 113 -44.96 49.40 -79.26
N VAL A 114 -43.67 49.70 -79.32
CA VAL A 114 -43.20 51.04 -79.66
C VAL A 114 -42.69 51.09 -81.10
N HIS A 115 -41.96 50.07 -81.53
CA HIS A 115 -41.44 50.01 -82.90
C HIS A 115 -41.93 48.74 -83.57
N PRO A 116 -43.01 48.81 -84.36
CA PRO A 116 -43.62 47.59 -84.91
C PRO A 116 -42.85 46.98 -86.07
N ASP A 117 -41.73 47.56 -86.49
CA ASP A 117 -40.98 47.08 -87.65
C ASP A 117 -39.53 46.83 -87.29
N LEU A 118 -39.31 46.13 -86.18
CA LEU A 118 -37.95 45.91 -85.72
C LEU A 118 -37.37 44.63 -86.33
N GLY A 119 -36.11 44.35 -85.97
CA GLY A 119 -35.51 43.08 -86.27
C GLY A 119 -34.83 42.56 -85.03
N VAL A 120 -34.56 41.25 -85.02
CA VAL A 120 -33.95 40.59 -83.88
C VAL A 120 -32.72 39.84 -84.36
N ILE A 121 -31.58 40.15 -83.78
CA ILE A 121 -30.40 39.31 -83.92
C ILE A 121 -30.35 38.43 -82.69
N TRP A 122 -30.50 37.13 -82.90
CA TRP A 122 -30.70 36.17 -81.83
C TRP A 122 -29.43 35.34 -81.69
N VAL A 123 -28.52 35.77 -80.82
CA VAL A 123 -27.30 35.03 -80.60
C VAL A 123 -27.56 33.99 -79.51
N ASP A 124 -27.73 32.74 -79.91
CA ASP A 124 -27.93 31.64 -78.97
C ASP A 124 -27.34 30.39 -79.60
N ALA A 125 -26.98 29.42 -78.75
CA ALA A 125 -26.61 28.11 -79.24
C ALA A 125 -27.81 27.39 -79.86
N HIS A 126 -29.00 27.75 -79.44
CA HIS A 126 -30.23 27.06 -79.78
C HIS A 126 -31.08 28.00 -80.60
N THR A 127 -32.08 27.45 -81.26
CA THR A 127 -32.99 28.31 -82.03
C THR A 127 -34.11 28.87 -81.18
N ASP A 128 -34.46 28.19 -80.09
CA ASP A 128 -35.53 28.58 -79.17
C ASP A 128 -36.87 28.77 -79.88
N ILE A 129 -37.17 27.91 -80.84
CA ILE A 129 -38.30 28.13 -81.73
C ILE A 129 -39.35 27.03 -81.60
N ASN A 130 -39.25 26.20 -80.57
CA ASN A 130 -40.25 25.17 -80.31
C ASN A 130 -41.63 25.73 -80.03
N THR A 131 -42.65 25.04 -80.51
CA THR A 131 -44.02 25.30 -80.12
C THR A 131 -44.28 24.57 -78.80
N PRO A 132 -45.43 24.77 -78.15
CA PRO A 132 -45.82 23.83 -77.09
C PRO A 132 -46.15 22.44 -77.58
N LEU A 133 -46.36 22.24 -78.88
CA LEU A 133 -46.62 20.92 -79.42
C LEU A 133 -45.36 20.19 -79.86
N THR A 134 -44.44 20.88 -80.54
CA THR A 134 -43.22 20.25 -81.03
C THR A 134 -42.13 20.16 -79.98
N THR A 135 -42.38 20.60 -78.76
CA THR A 135 -41.36 20.51 -77.74
C THR A 135 -41.22 19.08 -77.24
N THR A 136 -40.00 18.75 -76.84
CA THR A 136 -39.74 17.59 -76.01
C THR A 136 -39.35 17.98 -74.61
N SER A 137 -38.76 19.15 -74.44
CA SER A 137 -38.27 19.59 -73.14
C SER A 137 -39.42 19.99 -72.23
N GLY A 138 -40.41 20.69 -72.77
CA GLY A 138 -41.44 21.25 -71.94
C GLY A 138 -41.04 22.51 -71.19
N ASN A 139 -39.89 23.07 -71.51
CA ASN A 139 -39.45 24.32 -70.90
C ASN A 139 -39.83 25.49 -71.78
N LEU A 140 -39.92 26.67 -71.17
CA LEU A 140 -40.19 27.87 -71.93
C LEU A 140 -38.95 28.74 -72.14
N HIS A 141 -37.77 28.31 -71.68
CA HIS A 141 -36.58 28.98 -72.17
C HIS A 141 -36.21 28.48 -73.55
N GLY A 142 -36.88 27.44 -74.04
CA GLY A 142 -36.74 26.95 -75.39
C GLY A 142 -37.88 27.31 -76.30
N GLN A 143 -38.90 28.00 -75.81
CA GLN A 143 -39.93 28.41 -76.75
C GLN A 143 -40.27 29.89 -76.88
N PRO A 144 -39.34 30.88 -76.83
CA PRO A 144 -39.83 32.25 -76.97
C PRO A 144 -40.15 32.67 -78.39
N VAL A 145 -39.39 32.18 -79.37
CA VAL A 145 -39.45 32.74 -80.71
C VAL A 145 -40.76 32.34 -81.40
N SER A 146 -41.29 31.16 -81.08
CA SER A 146 -42.48 30.68 -81.76
C SER A 146 -43.72 31.50 -81.43
N PHE A 147 -43.77 32.10 -80.25
CA PHE A 147 -44.85 33.03 -79.95
C PHE A 147 -44.67 34.35 -80.67
N LEU A 148 -43.43 34.73 -80.99
CA LEU A 148 -43.14 36.05 -81.52
C LEU A 148 -43.20 36.10 -83.04
N LEU A 149 -43.02 34.98 -83.71
CA LEU A 149 -43.15 34.96 -85.16
C LEU A 149 -44.62 35.05 -85.55
N LYS A 150 -44.91 35.89 -86.54
CA LYS A 150 -46.29 36.03 -87.00
C LYS A 150 -46.76 34.82 -87.79
N GLU A 151 -45.83 34.11 -88.43
CA GLU A 151 -46.20 33.02 -89.32
C GLU A 151 -46.56 31.74 -88.60
N LEU A 152 -46.42 31.68 -87.27
CA LEU A 152 -46.81 30.50 -86.51
C LEU A 152 -48.13 30.68 -85.77
N LYS A 153 -48.94 31.66 -86.18
CA LYS A 153 -50.27 31.78 -85.60
C LYS A 153 -51.16 30.64 -86.10
N GLY A 154 -51.90 30.03 -85.19
CA GLY A 154 -52.71 28.87 -85.47
C GLY A 154 -52.01 27.56 -85.10
N LYS A 155 -50.69 27.51 -85.24
CA LYS A 155 -49.92 26.36 -84.80
C LYS A 155 -49.48 26.47 -83.34
N ILE A 156 -49.96 27.49 -82.64
CA ILE A 156 -49.69 27.68 -81.22
C ILE A 156 -51.00 27.56 -80.47
N PRO A 157 -51.15 26.61 -79.56
CA PRO A 157 -52.37 26.54 -78.74
C PRO A 157 -52.41 27.67 -77.74
N ASP A 158 -53.62 27.93 -77.24
CA ASP A 158 -53.82 29.01 -76.27
C ASP A 158 -53.30 28.56 -74.92
N VAL A 159 -52.04 28.85 -74.67
CA VAL A 159 -51.40 28.45 -73.42
C VAL A 159 -51.93 29.33 -72.30
N PRO A 160 -52.19 28.80 -71.11
CA PRO A 160 -52.56 29.66 -69.97
C PRO A 160 -51.43 30.61 -69.60
N GLY A 161 -51.73 31.91 -69.66
CA GLY A 161 -50.76 32.95 -69.40
C GLY A 161 -50.37 33.74 -70.63
N PHE A 162 -50.42 33.13 -71.81
CA PHE A 162 -49.98 33.78 -73.04
C PHE A 162 -51.15 34.22 -73.91
N SER A 163 -52.26 34.59 -73.29
CA SER A 163 -53.39 35.12 -74.04
C SER A 163 -53.14 36.55 -74.51
N TRP A 164 -52.25 37.29 -73.85
CA TRP A 164 -51.95 38.65 -74.26
C TRP A 164 -50.99 38.74 -75.43
N VAL A 165 -50.28 37.65 -75.73
CA VAL A 165 -49.17 37.70 -76.69
C VAL A 165 -49.69 37.85 -78.10
N THR A 166 -49.57 39.03 -78.63
CA THR A 166 -49.78 39.27 -80.05
C THR A 166 -48.46 39.07 -80.78
N PRO A 167 -48.44 38.30 -81.88
CA PRO A 167 -47.19 38.12 -82.62
C PRO A 167 -46.71 39.41 -83.24
N CYS A 168 -45.39 39.61 -83.22
CA CYS A 168 -44.80 40.91 -83.43
C CYS A 168 -43.84 40.99 -84.59
N ILE A 169 -43.00 39.98 -84.81
CA ILE A 169 -42.02 40.03 -85.88
C ILE A 169 -42.36 38.96 -86.92
N SER A 170 -41.88 39.18 -88.13
CA SER A 170 -42.07 38.22 -89.21
C SER A 170 -40.94 37.21 -89.22
N ALA A 171 -41.06 36.23 -90.11
CA ALA A 171 -40.04 35.19 -90.19
C ALA A 171 -38.75 35.71 -90.80
N LYS A 172 -38.82 36.67 -91.70
CA LYS A 172 -37.66 37.22 -92.36
C LYS A 172 -37.09 38.44 -91.66
N ASP A 173 -37.48 38.67 -90.40
CA ASP A 173 -36.93 39.77 -89.61
C ASP A 173 -36.26 39.27 -88.33
N ILE A 174 -35.73 38.05 -88.35
CA ILE A 174 -34.98 37.51 -87.23
C ILE A 174 -33.79 36.73 -87.77
N VAL A 175 -32.62 36.99 -87.22
CA VAL A 175 -31.37 36.38 -87.69
C VAL A 175 -30.73 35.67 -86.50
N TYR A 176 -30.44 34.39 -86.67
CA TYR A 176 -29.74 33.63 -85.65
C TYR A 176 -28.25 33.64 -85.93
N ILE A 177 -27.47 33.71 -84.86
CA ILE A 177 -26.02 33.57 -84.94
C ILE A 177 -25.59 32.59 -83.87
N GLY A 178 -24.91 31.53 -84.27
CA GLY A 178 -24.33 30.62 -83.32
C GLY A 178 -25.11 29.35 -83.06
N LEU A 179 -25.94 28.90 -84.00
CA LEU A 179 -26.76 27.73 -83.78
C LEU A 179 -25.92 26.47 -83.84
N ARG A 180 -25.93 25.69 -82.76
CA ARG A 180 -25.21 24.42 -82.79
C ARG A 180 -25.91 23.32 -82.01
N ASP A 181 -27.10 23.56 -81.48
CA ASP A 181 -27.86 22.53 -80.77
C ASP A 181 -29.32 22.76 -81.11
N VAL A 182 -29.78 22.13 -82.19
CA VAL A 182 -31.08 22.39 -82.77
C VAL A 182 -31.88 21.10 -82.75
N ASP A 183 -33.14 21.17 -82.35
CA ASP A 183 -34.02 20.03 -82.37
C ASP A 183 -34.35 19.63 -83.80
N PRO A 184 -34.89 18.43 -84.02
CA PRO A 184 -35.50 18.15 -85.32
C PRO A 184 -36.71 19.02 -85.61
N GLY A 185 -37.56 19.25 -84.61
CA GLY A 185 -38.71 20.13 -84.81
C GLY A 185 -38.30 21.56 -85.07
N GLU A 186 -37.24 22.00 -84.39
CA GLU A 186 -36.78 23.36 -84.57
C GLU A 186 -36.17 23.57 -85.94
N HIS A 187 -35.41 22.61 -86.44
CA HIS A 187 -34.84 22.75 -87.76
C HIS A 187 -35.87 22.58 -88.87
N TYR A 188 -36.95 21.84 -88.61
CA TYR A 188 -38.03 21.79 -89.59
C TYR A 188 -38.75 23.12 -89.69
N ILE A 189 -39.01 23.77 -88.55
CA ILE A 189 -39.60 25.11 -88.57
C ILE A 189 -38.63 26.11 -89.20
N LEU A 190 -37.33 25.94 -88.93
CA LEU A 190 -36.32 26.88 -89.39
C LEU A 190 -36.11 26.79 -90.89
N LYS A 191 -36.37 25.63 -91.49
CA LYS A 191 -36.29 25.52 -92.94
C LYS A 191 -37.63 25.72 -93.63
N THR A 192 -38.74 25.53 -92.93
CA THR A 192 -40.04 25.80 -93.55
C THR A 192 -40.30 27.29 -93.64
N LEU A 193 -39.99 28.04 -92.59
CA LEU A 193 -40.21 29.48 -92.61
C LEU A 193 -39.13 30.23 -93.37
N GLY A 194 -38.00 29.59 -93.67
CA GLY A 194 -36.95 30.24 -94.43
C GLY A 194 -36.22 31.32 -93.68
N ILE A 195 -36.07 31.17 -92.36
CA ILE A 195 -35.41 32.16 -91.53
C ILE A 195 -33.92 32.19 -91.85
N LYS A 196 -33.37 33.38 -92.07
CA LYS A 196 -31.96 33.52 -92.39
C LYS A 196 -31.16 33.34 -91.11
N TYR A 197 -30.60 32.15 -90.93
CA TYR A 197 -29.80 31.82 -89.76
C TYR A 197 -28.33 31.74 -90.14
N PHE A 198 -27.47 32.00 -89.18
CA PHE A 198 -26.04 31.80 -89.34
C PHE A 198 -25.56 30.86 -88.25
N SER A 199 -25.67 29.56 -88.52
CA SER A 199 -25.21 28.55 -87.59
C SER A 199 -23.70 28.45 -87.63
N MET A 200 -23.14 27.55 -86.82
CA MET A 200 -21.69 27.50 -86.68
C MET A 200 -20.99 26.95 -87.91
N THR A 201 -21.73 26.25 -88.79
CA THR A 201 -21.19 25.92 -90.10
C THR A 201 -20.91 27.18 -90.91
N GLU A 202 -21.88 28.10 -90.96
CA GLU A 202 -21.70 29.31 -91.74
C GLU A 202 -20.75 30.29 -91.07
N VAL A 203 -20.67 30.26 -89.74
CA VAL A 203 -19.73 31.11 -89.02
C VAL A 203 -18.30 30.62 -89.25
N ASP A 204 -18.10 29.31 -89.28
CA ASP A 204 -16.77 28.79 -89.60
C ASP A 204 -16.44 28.97 -91.08
N ARG A 205 -17.44 28.89 -91.95
CA ARG A 205 -17.23 29.09 -93.38
C ARG A 205 -16.79 30.52 -93.67
N LEU A 206 -17.61 31.48 -93.26
CA LEU A 206 -17.45 32.85 -93.71
C LEU A 206 -16.54 33.66 -92.82
N GLY A 207 -16.38 33.27 -91.57
CA GLY A 207 -15.76 34.17 -90.61
C GLY A 207 -16.77 35.19 -90.11
N ILE A 208 -16.54 35.66 -88.87
CA ILE A 208 -17.53 36.49 -88.20
C ILE A 208 -17.64 37.87 -88.84
N GLY A 209 -16.62 38.29 -89.61
CA GLY A 209 -16.74 39.54 -90.35
C GLY A 209 -17.75 39.44 -91.48
N LYS A 210 -17.66 38.39 -92.29
CA LYS A 210 -18.60 38.19 -93.38
C LYS A 210 -19.99 37.85 -92.86
N VAL A 211 -20.07 37.16 -91.72
CA VAL A 211 -21.36 36.81 -91.12
C VAL A 211 -22.07 38.07 -90.63
N MET A 212 -21.36 38.96 -89.93
CA MET A 212 -21.99 40.18 -89.47
C MET A 212 -22.30 41.13 -90.62
N GLU A 213 -21.48 41.11 -91.68
CA GLU A 213 -21.78 41.92 -92.85
C GLU A 213 -23.05 41.46 -93.53
N GLU A 214 -23.22 40.13 -93.70
CA GLU A 214 -24.44 39.62 -94.31
C GLU A 214 -25.65 39.77 -93.40
N THR A 215 -25.44 39.74 -92.08
CA THR A 215 -26.54 39.95 -91.14
C THR A 215 -27.06 41.38 -91.23
N LEU A 216 -26.17 42.36 -91.18
CA LEU A 216 -26.59 43.76 -91.24
C LEU A 216 -27.09 44.12 -92.63
N SER A 217 -26.59 43.46 -93.67
CA SER A 217 -27.15 43.69 -95.00
C SER A 217 -28.53 43.03 -95.15
N TYR A 218 -28.78 41.96 -94.39
CA TYR A 218 -30.09 41.31 -94.48
C TYR A 218 -31.15 42.08 -93.72
N LEU A 219 -30.80 42.63 -92.56
CA LEU A 219 -31.81 43.33 -91.76
C LEU A 219 -31.91 44.81 -92.06
N LEU A 220 -30.80 45.47 -92.40
CA LEU A 220 -30.79 46.91 -92.57
C LEU A 220 -30.54 47.34 -94.00
N GLY A 221 -30.27 46.40 -94.91
CA GLY A 221 -29.99 46.77 -96.29
C GLY A 221 -31.21 47.27 -97.03
N ARG A 222 -32.41 46.85 -96.61
CA ARG A 222 -33.63 47.32 -97.26
C ARG A 222 -34.07 48.67 -96.71
N LYS A 223 -34.07 48.81 -95.39
CA LYS A 223 -34.61 50.00 -94.75
C LYS A 223 -34.03 50.09 -93.34
N LYS A 224 -33.70 51.31 -92.91
CA LYS A 224 -33.23 51.52 -91.55
C LYS A 224 -34.36 51.25 -90.56
N ARG A 225 -34.06 50.47 -89.52
CA ARG A 225 -35.05 50.03 -88.56
C ARG A 225 -34.33 49.61 -87.28
N PRO A 226 -35.03 49.60 -86.14
CA PRO A 226 -34.38 49.17 -84.90
C PRO A 226 -33.95 47.71 -84.93
N ILE A 227 -32.86 47.43 -84.22
CA ILE A 227 -32.29 46.09 -84.11
C ILE A 227 -32.30 45.70 -82.66
N HIS A 228 -32.78 44.51 -82.36
CA HIS A 228 -32.92 44.02 -80.99
C HIS A 228 -32.02 42.80 -80.81
N LEU A 229 -30.78 43.03 -80.42
CA LEU A 229 -29.87 41.94 -80.10
C LEU A 229 -30.36 41.23 -78.84
N SER A 230 -30.86 40.01 -78.99
CA SER A 230 -31.28 39.22 -77.84
C SER A 230 -30.17 38.21 -77.58
N PHE A 231 -29.12 38.67 -76.92
CA PHE A 231 -27.95 37.85 -76.70
C PHE A 231 -28.22 36.79 -75.64
N ASP A 232 -27.50 35.68 -75.75
CA ASP A 232 -27.58 34.59 -74.80
C ASP A 232 -26.17 34.10 -74.49
N VAL A 233 -25.94 33.63 -73.27
CA VAL A 233 -24.56 33.39 -72.87
C VAL A 233 -24.20 31.91 -72.93
N ASP A 234 -25.05 31.10 -73.55
CA ASP A 234 -24.58 29.82 -74.07
C ASP A 234 -24.35 29.89 -75.56
N GLY A 235 -24.66 31.03 -76.18
CA GLY A 235 -24.24 31.28 -77.54
C GLY A 235 -22.76 31.48 -77.68
N LEU A 236 -22.07 31.75 -76.60
CA LEU A 236 -20.62 31.75 -76.57
C LEU A 236 -20.11 30.37 -76.18
N ASP A 237 -18.81 30.20 -76.30
CA ASP A 237 -18.20 28.92 -76.00
C ASP A 237 -18.14 28.73 -74.49
N PRO A 238 -18.35 27.50 -73.99
CA PRO A 238 -18.33 27.27 -72.54
C PRO A 238 -16.96 27.42 -71.90
N SER A 239 -15.89 27.56 -72.68
CA SER A 239 -14.64 27.97 -72.09
C SER A 239 -14.61 29.45 -71.75
N PHE A 240 -15.59 30.22 -72.22
CA PHE A 240 -15.71 31.62 -71.87
C PHE A 240 -16.87 31.91 -70.93
N THR A 241 -18.02 31.25 -71.13
CA THR A 241 -19.16 31.38 -70.22
C THR A 241 -19.59 30.00 -69.75
N PRO A 242 -18.89 29.40 -68.79
CA PRO A 242 -19.31 28.07 -68.32
C PRO A 242 -20.49 28.10 -67.39
N ALA A 243 -20.77 29.23 -66.73
CA ALA A 243 -21.84 29.31 -65.76
C ALA A 243 -23.15 29.73 -66.42
N THR A 244 -23.56 28.96 -67.41
CA THR A 244 -24.83 29.16 -68.08
C THR A 244 -25.64 27.89 -68.01
N GLY A 245 -26.92 28.01 -68.37
CA GLY A 245 -27.88 26.97 -68.05
C GLY A 245 -27.72 25.72 -68.89
N THR A 246 -27.64 25.89 -70.21
CA THR A 246 -27.54 24.78 -71.16
C THR A 246 -26.27 24.96 -71.97
N PRO A 247 -25.11 24.58 -71.44
CA PRO A 247 -23.85 24.81 -72.15
C PRO A 247 -23.66 23.83 -73.30
N VAL A 248 -23.38 24.36 -74.48
CA VAL A 248 -23.11 23.55 -75.66
C VAL A 248 -21.73 23.90 -76.17
N VAL A 249 -20.86 22.89 -76.26
CA VAL A 249 -19.45 23.14 -76.52
C VAL A 249 -19.24 23.52 -77.99
N GLY A 250 -18.17 24.26 -78.22
CA GLY A 250 -17.78 24.62 -79.56
C GLY A 250 -18.63 25.69 -80.19
N GLY A 251 -18.73 26.84 -79.54
CA GLY A 251 -19.52 27.93 -80.02
C GLY A 251 -18.69 29.16 -80.33
N LEU A 252 -19.34 30.32 -80.24
CA LEU A 252 -18.68 31.58 -80.56
C LEU A 252 -17.63 31.90 -79.51
N THR A 253 -16.52 32.45 -79.96
CA THR A 253 -15.51 32.87 -79.01
C THR A 253 -15.91 34.20 -78.37
N TYR A 254 -15.17 34.56 -77.33
CA TYR A 254 -15.28 35.89 -76.73
C TYR A 254 -14.96 36.98 -77.73
N ARG A 255 -13.99 36.72 -78.61
CA ARG A 255 -13.64 37.66 -79.67
C ARG A 255 -14.79 37.83 -80.66
N GLU A 256 -15.34 36.73 -81.15
CA GLU A 256 -16.42 36.82 -82.12
C GLU A 256 -17.69 37.38 -81.50
N GLY A 257 -17.94 37.11 -80.22
CA GLY A 257 -19.07 37.71 -79.55
C GLY A 257 -18.94 39.21 -79.44
N LEU A 258 -17.74 39.69 -79.06
CA LEU A 258 -17.52 41.13 -79.03
C LEU A 258 -17.60 41.75 -80.41
N TYR A 259 -17.22 41.00 -81.45
CA TYR A 259 -17.30 41.57 -82.79
C TYR A 259 -18.74 41.73 -83.26
N ILE A 260 -19.60 40.76 -82.91
CA ILE A 260 -21.02 40.87 -83.21
C ILE A 260 -21.59 42.12 -82.56
N THR A 261 -21.27 42.33 -81.29
CA THR A 261 -21.83 43.46 -80.56
C THR A 261 -21.29 44.79 -81.08
N GLU A 262 -20.01 44.82 -81.47
CA GLU A 262 -19.44 46.06 -81.98
C GLU A 262 -20.01 46.43 -83.34
N GLU A 263 -20.28 45.44 -84.19
CA GLU A 263 -20.89 45.75 -85.47
C GLU A 263 -22.36 46.10 -85.34
N ILE A 264 -23.03 45.63 -84.29
CA ILE A 264 -24.39 46.10 -84.05
C ILE A 264 -24.36 47.54 -83.55
N TYR A 265 -23.37 47.89 -82.72
CA TYR A 265 -23.27 49.27 -82.24
C TYR A 265 -22.96 50.25 -83.36
N LYS A 266 -22.01 49.92 -84.23
CA LYS A 266 -21.59 50.88 -85.24
C LYS A 266 -22.58 51.05 -86.39
N THR A 267 -23.70 50.33 -86.37
CA THR A 267 -24.83 50.74 -87.20
C THR A 267 -25.52 51.96 -86.61
N GLY A 268 -25.44 52.14 -85.30
CA GLY A 268 -26.18 53.20 -84.65
C GLY A 268 -27.67 52.96 -84.58
N LEU A 269 -28.10 51.70 -84.67
CA LEU A 269 -29.52 51.39 -84.63
C LEU A 269 -29.84 50.29 -83.62
N LEU A 270 -28.93 49.97 -82.71
CA LEU A 270 -29.28 49.06 -81.63
C LEU A 270 -30.28 49.71 -80.72
N SER A 271 -31.40 49.04 -80.49
CA SER A 271 -32.50 49.68 -79.78
C SER A 271 -33.14 48.75 -78.76
N GLY A 272 -32.40 47.76 -78.27
CA GLY A 272 -32.91 46.84 -77.28
C GLY A 272 -31.93 45.70 -77.11
N LEU A 273 -31.70 45.25 -75.89
CA LEU A 273 -30.68 44.26 -75.64
C LEU A 273 -31.14 43.31 -74.56
N ASP A 274 -30.80 42.03 -74.72
CA ASP A 274 -31.12 41.01 -73.75
C ASP A 274 -29.84 40.28 -73.37
N ILE A 275 -29.58 40.17 -72.08
CA ILE A 275 -28.47 39.34 -71.59
C ILE A 275 -29.11 38.27 -70.73
N MET A 276 -29.28 37.07 -71.30
CA MET A 276 -30.08 36.05 -70.69
C MET A 276 -29.24 34.85 -70.30
N GLU A 277 -29.83 33.99 -69.46
CA GLU A 277 -29.31 32.69 -69.02
C GLU A 277 -27.99 32.78 -68.27
N VAL A 278 -27.68 33.91 -67.64
CA VAL A 278 -26.52 33.95 -66.76
C VAL A 278 -26.89 33.28 -65.45
N ASN A 279 -26.17 32.21 -65.11
CA ASN A 279 -26.53 31.39 -63.96
C ASN A 279 -25.32 31.29 -63.05
N PRO A 280 -25.24 32.13 -62.02
CA PRO A 280 -24.02 32.23 -61.22
C PRO A 280 -23.82 31.12 -60.21
N SER A 281 -24.57 30.03 -60.29
CA SER A 281 -24.38 28.91 -59.40
C SER A 281 -23.96 27.64 -60.13
N LEU A 282 -23.75 27.70 -61.45
CA LEU A 282 -23.30 26.54 -62.19
C LEU A 282 -21.81 26.58 -62.47
N GLY A 283 -21.11 27.60 -62.01
CA GLY A 283 -19.66 27.59 -62.08
C GLY A 283 -19.12 26.60 -61.07
N LYS A 284 -18.24 25.70 -61.53
CA LYS A 284 -17.69 24.69 -60.65
C LYS A 284 -16.69 25.30 -59.68
N THR A 285 -16.08 26.41 -60.06
CA THR A 285 -15.40 27.33 -59.16
C THR A 285 -16.09 28.68 -59.28
N PRO A 286 -15.93 29.56 -58.29
CA PRO A 286 -16.40 30.94 -58.47
C PRO A 286 -15.63 31.70 -59.52
N GLU A 287 -14.44 31.25 -59.89
CA GLU A 287 -13.71 31.85 -61.00
C GLU A 287 -14.42 31.60 -62.32
N GLU A 288 -15.14 30.49 -62.43
CA GLU A 288 -15.94 30.24 -63.62
C GLU A 288 -17.10 31.22 -63.70
N VAL A 289 -17.72 31.51 -62.56
CA VAL A 289 -18.75 32.54 -62.50
C VAL A 289 -18.17 33.90 -62.83
N THR A 290 -16.93 34.14 -62.39
CA THR A 290 -16.27 35.40 -62.65
C THR A 290 -15.99 35.58 -64.13
N ARG A 291 -15.58 34.51 -64.81
CA ARG A 291 -15.35 34.60 -66.25
C ARG A 291 -16.66 34.79 -67.00
N THR A 292 -17.74 34.15 -66.54
CA THR A 292 -19.04 34.29 -67.19
C THR A 292 -19.55 35.72 -67.08
N VAL A 293 -19.50 36.28 -65.87
CA VAL A 293 -20.10 37.59 -65.65
C VAL A 293 -19.24 38.69 -66.25
N ASN A 294 -17.91 38.54 -66.21
CA ASN A 294 -17.06 39.51 -66.89
C ASN A 294 -17.24 39.45 -68.41
N THR A 295 -17.52 38.25 -68.94
CA THR A 295 -17.79 38.13 -70.36
C THR A 295 -19.09 38.83 -70.72
N ALA A 296 -20.15 38.61 -69.93
CA ALA A 296 -21.44 39.24 -70.24
C ALA A 296 -21.39 40.75 -70.05
N VAL A 297 -20.64 41.23 -69.05
CA VAL A 297 -20.46 42.66 -68.88
C VAL A 297 -19.71 43.25 -70.07
N ALA A 298 -18.66 42.58 -70.54
CA ALA A 298 -17.90 43.10 -71.68
C ALA A 298 -18.71 43.07 -72.96
N ILE A 299 -19.60 42.09 -73.12
CA ILE A 299 -20.52 42.05 -74.25
C ILE A 299 -21.46 43.25 -74.22
N THR A 300 -22.02 43.55 -73.03
CA THR A 300 -22.94 44.66 -72.90
C THR A 300 -22.25 46.00 -73.15
N LEU A 301 -21.02 46.15 -72.63
CA LEU A 301 -20.28 47.38 -72.83
C LEU A 301 -19.90 47.57 -74.29
N ALA A 302 -19.54 46.49 -74.99
CA ALA A 302 -19.24 46.62 -76.40
C ALA A 302 -20.48 46.86 -77.23
N CYS A 303 -21.66 46.46 -76.73
CA CYS A 303 -22.90 46.89 -77.38
C CYS A 303 -23.07 48.39 -77.27
N PHE A 304 -22.72 48.98 -76.13
CA PHE A 304 -23.00 50.39 -75.92
C PHE A 304 -21.76 51.27 -76.03
N GLY A 305 -20.86 51.00 -76.96
CA GLY A 305 -19.88 51.97 -77.38
C GLY A 305 -18.44 51.63 -77.06
N LEU A 306 -18.19 50.69 -76.15
CA LEU A 306 -16.82 50.34 -75.81
C LEU A 306 -16.24 49.52 -76.95
N ALA A 307 -15.63 50.22 -77.90
CA ALA A 307 -14.90 49.57 -78.96
C ALA A 307 -13.54 49.13 -78.45
N ARG A 308 -13.05 48.00 -78.97
CA ARG A 308 -11.76 47.51 -78.53
C ARG A 308 -10.61 48.34 -79.06
N GLU A 309 -10.84 49.15 -80.09
CA GLU A 309 -9.82 50.09 -80.51
C GLU A 309 -9.61 51.21 -79.50
N GLY A 310 -10.58 51.47 -78.64
CA GLY A 310 -10.51 52.54 -77.68
C GLY A 310 -11.51 53.64 -77.97
N ASN A 311 -11.77 54.45 -76.97
CA ASN A 311 -12.72 55.55 -77.11
C ASN A 311 -12.15 56.81 -76.48
N HIS A 312 -12.24 57.92 -77.20
CA HIS A 312 -11.77 59.19 -76.70
C HIS A 312 -12.92 60.18 -76.66
N LYS A 313 -12.92 61.01 -75.65
CA LYS A 313 -13.87 62.11 -75.67
C LYS A 313 -13.39 63.19 -76.63
N PRO A 314 -14.28 63.83 -77.38
CA PRO A 314 -13.83 64.77 -78.43
C PRO A 314 -13.39 66.13 -77.87
N ILE A 315 -12.42 66.09 -76.98
CA ILE A 315 -11.73 67.27 -76.47
C ILE A 315 -10.24 67.00 -76.56
N ASP A 316 -9.45 68.06 -76.48
CA ASP A 316 -8.00 67.92 -76.61
C ASP A 316 -7.43 67.30 -75.34
N TYR A 317 -6.59 66.27 -75.53
CA TYR A 317 -5.88 65.65 -74.42
C TYR A 317 -4.40 66.01 -74.38
N LEU A 318 -3.87 66.62 -75.44
CA LEU A 318 -2.45 66.94 -75.50
C LEU A 318 -2.19 68.36 -74.97
N ASN A 319 -2.64 68.58 -73.74
CA ASN A 319 -2.45 69.86 -73.07
C ASN A 319 -2.08 69.64 -71.61
N GLN B 1 -13.19 61.23 -47.20
CA GLN B 1 -11.80 60.88 -47.46
C GLN B 1 -11.67 59.41 -47.77
N VAL B 2 -10.44 58.96 -48.00
CA VAL B 2 -10.18 57.58 -48.38
C VAL B 2 -10.25 56.70 -47.14
N GLN B 3 -11.21 55.79 -47.11
CA GLN B 3 -11.44 54.95 -45.96
C GLN B 3 -11.69 53.51 -46.38
N LEU B 4 -11.70 52.63 -45.40
CA LEU B 4 -12.26 51.28 -45.54
C LEU B 4 -12.91 50.93 -44.21
N VAL B 5 -14.18 50.57 -44.23
CA VAL B 5 -14.92 50.23 -43.04
C VAL B 5 -15.22 48.73 -43.07
N GLN B 6 -14.97 48.05 -41.97
CA GLN B 6 -15.25 46.64 -41.85
C GLN B 6 -16.34 46.37 -40.82
N SER B 7 -17.00 45.22 -41.00
CA SER B 7 -18.02 44.74 -40.07
C SER B 7 -18.25 43.26 -40.35
N GLY B 8 -18.28 42.44 -39.31
CA GLY B 8 -18.06 42.85 -37.93
C GLY B 8 -17.39 41.74 -37.17
N ALA B 9 -17.18 41.94 -35.86
CA ALA B 9 -16.51 40.96 -35.02
C ALA B 9 -17.40 39.72 -34.88
N GLU B 10 -17.02 38.65 -35.58
CA GLU B 10 -17.85 37.46 -35.69
C GLU B 10 -17.07 36.26 -35.19
N VAL B 11 -17.76 35.33 -34.55
CA VAL B 11 -17.19 34.09 -34.07
C VAL B 11 -17.95 32.92 -34.69
N LYS B 12 -17.21 31.97 -35.27
CA LYS B 12 -17.77 30.79 -35.91
C LYS B 12 -17.03 29.57 -35.39
N LYS B 13 -17.77 28.49 -35.11
CA LYS B 13 -17.26 27.49 -34.18
C LYS B 13 -16.14 26.60 -34.77
N PRO B 14 -16.37 25.51 -35.61
CA PRO B 14 -15.50 25.34 -36.79
C PRO B 14 -16.21 25.62 -38.10
N GLY B 15 -17.41 26.20 -38.04
CA GLY B 15 -18.37 25.97 -39.10
C GLY B 15 -18.29 26.86 -40.33
N ALA B 16 -19.34 27.62 -40.58
CA ALA B 16 -19.49 28.30 -41.86
C ALA B 16 -18.57 29.52 -41.96
N SER B 17 -18.66 30.20 -43.09
CA SER B 17 -17.69 31.17 -43.57
C SER B 17 -17.65 32.42 -42.71
N VAL B 18 -16.63 33.23 -42.95
CA VAL B 18 -16.36 34.46 -42.20
C VAL B 18 -16.37 35.58 -43.22
N LYS B 19 -17.36 35.58 -44.11
CA LYS B 19 -17.52 36.63 -45.12
C LYS B 19 -17.55 38.03 -44.50
N VAL B 20 -16.52 38.83 -44.80
CA VAL B 20 -16.30 40.12 -44.13
C VAL B 20 -16.41 41.24 -45.15
N SER B 21 -17.26 42.23 -44.86
CA SER B 21 -17.38 43.40 -45.70
C SER B 21 -16.19 44.33 -45.52
N CYS B 22 -15.85 45.05 -46.59
CA CYS B 22 -14.78 46.04 -46.57
C CYS B 22 -15.21 47.18 -47.49
N LYS B 23 -15.94 48.14 -46.94
CA LYS B 23 -16.62 49.15 -47.74
C LYS B 23 -15.64 50.24 -48.15
N ALA B 24 -15.50 50.46 -49.46
CA ALA B 24 -14.48 51.34 -50.00
C ALA B 24 -15.08 52.69 -50.37
N SER B 25 -14.71 53.73 -49.63
CA SER B 25 -15.25 55.06 -49.84
C SER B 25 -14.13 56.02 -50.18
N GLY B 26 -14.51 57.17 -50.72
CA GLY B 26 -13.55 58.24 -50.97
C GLY B 26 -12.91 58.19 -52.34
N TYR B 27 -12.31 57.06 -52.69
CA TYR B 27 -11.63 56.92 -53.96
C TYR B 27 -12.52 56.21 -54.96
N THR B 28 -12.13 56.28 -56.23
CA THR B 28 -12.88 55.59 -57.27
C THR B 28 -12.60 54.09 -57.21
N PHE B 29 -13.65 53.30 -57.05
CA PHE B 29 -13.51 51.86 -57.10
C PHE B 29 -13.48 51.44 -58.57
N THR B 30 -13.17 50.16 -58.83
CA THR B 30 -12.74 49.64 -60.14
C THR B 30 -11.56 50.41 -60.70
N ASN B 31 -10.70 50.89 -59.82
CA ASN B 31 -9.47 51.54 -60.24
C ASN B 31 -8.35 51.15 -59.29
N TYR B 32 -8.62 50.32 -58.30
CA TYR B 32 -7.64 49.78 -57.39
C TYR B 32 -8.09 48.38 -57.00
N GLY B 33 -7.22 47.65 -56.31
CA GLY B 33 -7.56 46.30 -55.93
C GLY B 33 -7.32 46.05 -54.47
N ILE B 34 -8.30 45.50 -53.77
CA ILE B 34 -8.22 45.31 -52.33
C ILE B 34 -7.63 43.94 -52.03
N SER B 35 -6.59 43.92 -51.21
CA SER B 35 -6.03 42.67 -50.70
C SER B 35 -6.44 42.50 -49.24
N TRP B 36 -6.09 41.34 -48.69
CA TRP B 36 -6.48 40.97 -47.34
C TRP B 36 -5.30 40.35 -46.63
N VAL B 37 -5.23 40.61 -45.33
CA VAL B 37 -4.08 40.20 -44.54
C VAL B 37 -4.54 39.91 -43.10
N ARG B 38 -4.15 38.76 -42.59
CA ARG B 38 -4.51 38.30 -41.26
C ARG B 38 -3.42 38.65 -40.26
N GLN B 39 -3.80 38.69 -38.99
CA GLN B 39 -2.83 38.92 -37.92
C GLN B 39 -3.29 38.17 -36.68
N ALA B 40 -2.59 37.08 -36.35
CA ALA B 40 -2.76 36.47 -35.05
C ALA B 40 -2.23 37.42 -33.98
N PRO B 41 -2.82 37.42 -32.79
CA PRO B 41 -2.40 38.36 -31.73
C PRO B 41 -0.99 38.04 -31.24
N GLY B 42 -0.16 39.07 -31.20
CA GLY B 42 1.24 38.89 -30.85
C GLY B 42 2.06 38.21 -31.92
N GLN B 43 1.62 38.28 -33.17
CA GLN B 43 2.29 37.62 -34.27
C GLN B 43 2.44 38.59 -35.43
N GLY B 44 2.95 38.06 -36.55
CA GLY B 44 3.14 38.85 -37.74
C GLY B 44 1.85 39.01 -38.53
N LEU B 45 2.00 39.44 -39.78
CA LEU B 45 0.88 39.71 -40.66
C LEU B 45 1.05 38.89 -41.92
N GLU B 46 0.32 37.78 -42.00
CA GLU B 46 0.39 36.88 -43.14
C GLU B 46 -0.56 37.37 -44.22
N TRP B 47 -0.02 37.59 -45.42
CA TRP B 47 -0.83 37.96 -46.56
C TRP B 47 -1.71 36.78 -46.96
N MET B 48 -2.93 37.08 -47.39
CA MET B 48 -3.84 35.96 -47.67
C MET B 48 -4.71 36.18 -48.91
N GLY B 49 -4.28 36.99 -49.87
CA GLY B 49 -5.03 37.11 -51.11
C GLY B 49 -5.27 38.53 -51.54
N TRP B 50 -5.70 38.71 -52.79
CA TRP B 50 -5.84 40.04 -53.38
C TRP B 50 -6.78 39.95 -54.56
N ILE B 51 -7.92 40.62 -54.48
CA ILE B 51 -8.78 40.77 -55.65
C ILE B 51 -8.52 42.12 -56.28
N SER B 52 -8.63 42.17 -57.60
CA SER B 52 -8.66 43.43 -58.30
C SER B 52 -10.11 43.80 -58.53
N ALA B 53 -10.38 45.09 -58.60
CA ALA B 53 -11.72 45.53 -58.96
C ALA B 53 -11.80 45.95 -60.42
N TYR B 54 -10.70 45.86 -61.15
CA TYR B 54 -10.75 46.07 -62.60
C TYR B 54 -11.56 44.96 -63.26
N ASN B 55 -11.09 43.71 -63.14
CA ASN B 55 -11.94 42.57 -63.49
C ASN B 55 -11.57 41.37 -62.61
N GLY B 56 -12.21 41.32 -61.43
CA GLY B 56 -12.40 40.16 -60.58
C GLY B 56 -11.32 39.10 -60.48
N ASN B 57 -10.06 39.49 -60.47
CA ASN B 57 -8.98 38.53 -60.55
C ASN B 57 -8.74 37.95 -59.17
N THR B 58 -8.58 36.64 -59.09
CA THR B 58 -8.69 35.95 -57.79
C THR B 58 -7.42 36.09 -56.97
N ASN B 59 -6.32 35.48 -57.45
CA ASN B 59 -4.95 35.68 -56.98
C ASN B 59 -4.78 35.44 -55.47
N TYR B 60 -5.01 34.21 -55.05
CA TYR B 60 -4.99 33.90 -53.62
C TYR B 60 -3.56 33.59 -53.18
N ALA B 61 -3.42 33.06 -51.97
CA ALA B 61 -2.12 32.85 -51.35
C ALA B 61 -1.84 31.37 -51.14
N GLN B 62 -0.63 31.09 -50.69
CA GLN B 62 -0.23 29.74 -50.37
C GLN B 62 -0.82 29.35 -49.01
N LYS B 63 -1.01 28.04 -48.82
CA LYS B 63 -1.54 27.30 -47.66
C LYS B 63 -3.06 27.42 -47.56
N LEU B 64 -3.69 28.22 -48.41
CA LEU B 64 -5.15 28.34 -48.41
C LEU B 64 -5.55 28.79 -49.81
N GLN B 65 -6.17 27.89 -50.57
CA GLN B 65 -6.21 27.98 -52.03
C GLN B 65 -7.60 28.19 -52.64
N GLY B 66 -8.63 27.36 -52.43
CA GLY B 66 -8.82 26.36 -51.38
C GLY B 66 -9.80 26.89 -50.37
N ARG B 67 -9.29 27.41 -49.25
CA ARG B 67 -10.17 27.82 -48.17
C ARG B 67 -10.81 29.18 -48.45
N VAL B 68 -10.03 30.17 -48.87
CA VAL B 68 -10.56 31.49 -49.16
C VAL B 68 -11.27 31.51 -50.51
N THR B 69 -12.38 32.24 -50.55
CA THR B 69 -12.91 32.79 -51.80
C THR B 69 -13.12 34.27 -51.59
N MET B 70 -12.91 35.03 -52.65
CA MET B 70 -12.94 36.49 -52.57
C MET B 70 -13.59 37.06 -53.82
N THR B 71 -14.63 37.87 -53.62
CA THR B 71 -15.35 38.51 -54.72
C THR B 71 -15.42 40.01 -54.46
N THR B 72 -16.04 40.72 -55.38
CA THR B 72 -16.28 42.15 -55.26
C THR B 72 -17.78 42.41 -55.25
N ASP B 73 -18.14 43.63 -54.91
CA ASP B 73 -19.53 44.06 -54.91
C ASP B 73 -19.62 45.47 -55.49
N THR B 74 -18.92 45.71 -56.60
CA THR B 74 -18.59 47.07 -57.04
C THR B 74 -19.78 47.99 -57.37
N SER B 75 -21.06 47.64 -57.20
CA SER B 75 -22.07 48.67 -57.07
C SER B 75 -21.91 49.40 -55.74
N THR B 76 -22.06 48.68 -54.63
CA THR B 76 -21.77 49.19 -53.30
C THR B 76 -20.41 48.65 -52.90
N SER B 77 -19.39 49.51 -52.90
CA SER B 77 -18.01 49.16 -53.23
C SER B 77 -17.29 48.17 -52.30
N THR B 78 -18.02 47.52 -51.40
CA THR B 78 -17.47 46.55 -50.46
C THR B 78 -16.78 45.39 -51.17
N ALA B 79 -15.84 44.78 -50.45
CA ALA B 79 -15.11 43.62 -50.93
C ALA B 79 -15.21 42.52 -49.89
N TYR B 80 -15.45 41.29 -50.33
CA TYR B 80 -15.77 40.19 -49.44
C TYR B 80 -14.66 39.14 -49.45
N MET B 81 -14.50 38.49 -48.32
CA MET B 81 -13.53 37.41 -48.16
C MET B 81 -14.18 36.29 -47.37
N GLU B 82 -14.49 35.18 -48.02
CA GLU B 82 -15.02 34.02 -47.34
C GLU B 82 -13.90 33.07 -46.97
N LEU B 83 -14.24 32.09 -46.11
CA LEU B 83 -13.30 31.06 -45.71
C LEU B 83 -14.06 29.74 -45.66
N ARG B 84 -13.35 28.64 -45.89
CA ARG B 84 -14.00 27.34 -45.89
C ARG B 84 -13.15 26.39 -45.05
N SER B 85 -13.85 25.46 -44.37
CA SER B 85 -13.28 24.47 -43.46
C SER B 85 -12.43 25.15 -42.37
N LEU B 86 -13.14 25.92 -41.55
CA LEU B 86 -12.53 26.76 -40.53
C LEU B 86 -11.81 25.92 -39.47
N ARG B 87 -10.86 26.56 -38.81
CA ARG B 87 -9.98 25.87 -37.87
C ARG B 87 -9.49 26.88 -36.85
N SER B 88 -9.19 26.39 -35.65
CA SER B 88 -8.80 27.21 -34.50
C SER B 88 -7.46 27.91 -34.67
N ASP B 89 -6.71 27.68 -35.75
CA ASP B 89 -5.56 28.50 -36.04
C ASP B 89 -5.95 29.86 -36.61
N ASP B 90 -7.20 30.00 -37.07
CA ASP B 90 -7.67 31.25 -37.67
C ASP B 90 -8.31 32.16 -36.63
N THR B 91 -7.61 32.36 -35.52
CA THR B 91 -8.04 33.33 -34.51
C THR B 91 -7.25 34.61 -34.75
N ALA B 92 -7.62 35.32 -35.80
CA ALA B 92 -6.79 36.43 -36.27
C ALA B 92 -7.65 37.65 -36.54
N VAL B 93 -6.98 38.80 -36.62
CA VAL B 93 -7.61 40.04 -37.02
C VAL B 93 -7.43 40.17 -38.53
N TYR B 94 -8.55 40.24 -39.25
CA TYR B 94 -8.53 40.22 -40.71
C TYR B 94 -8.58 41.65 -41.22
N TYR B 95 -7.44 42.17 -41.63
CA TYR B 95 -7.39 43.48 -42.24
C TYR B 95 -7.60 43.39 -43.74
N CYS B 96 -8.14 44.46 -44.31
CA CYS B 96 -8.25 44.62 -45.75
C CYS B 96 -7.54 45.90 -46.11
N ALA B 97 -6.72 45.84 -47.16
CA ALA B 97 -5.99 47.00 -47.65
C ALA B 97 -5.97 46.92 -49.16
N ARG B 98 -5.52 48.00 -49.78
CA ARG B 98 -5.70 48.23 -51.20
C ARG B 98 -4.35 48.17 -51.91
N GLU B 99 -4.14 47.16 -52.76
CA GLU B 99 -2.91 47.09 -53.52
C GLU B 99 -2.92 48.02 -54.73
N GLY B 100 -4.08 48.26 -55.30
CA GLY B 100 -4.13 48.81 -56.64
C GLY B 100 -4.30 47.67 -57.60
N ALA B 101 -5.15 47.84 -58.60
CA ALA B 101 -5.31 46.84 -59.64
C ALA B 101 -4.03 46.79 -60.45
N TYR B 102 -3.49 45.60 -60.64
CA TYR B 102 -2.33 45.50 -61.51
C TYR B 102 -2.72 45.16 -62.93
N GLY B 103 -3.65 45.96 -63.42
CA GLY B 103 -3.97 45.96 -64.81
C GLY B 103 -3.22 47.09 -65.43
N TYR B 104 -3.87 47.82 -66.30
CA TYR B 104 -3.16 48.73 -67.17
C TYR B 104 -3.59 50.18 -67.01
N ARG B 105 -4.85 50.44 -66.70
CA ARG B 105 -5.32 51.80 -66.48
C ARG B 105 -5.13 52.26 -65.05
N SER B 106 -4.85 51.36 -64.15
CA SER B 106 -4.90 51.70 -62.74
C SER B 106 -3.59 52.34 -62.30
N PRO B 107 -3.66 53.37 -61.46
CA PRO B 107 -2.45 54.11 -61.09
C PRO B 107 -1.49 53.27 -60.27
N TYR B 108 -0.25 53.74 -60.26
CA TYR B 108 0.83 53.05 -59.58
C TYR B 108 0.58 53.06 -58.09
N HIS B 109 0.59 51.87 -57.49
CA HIS B 109 0.25 51.69 -56.10
C HIS B 109 0.77 50.33 -55.71
N ASN B 110 1.52 50.26 -54.63
CA ASN B 110 2.02 48.99 -54.12
C ASN B 110 1.96 48.95 -52.61
N TRP B 111 1.27 49.88 -51.97
CA TRP B 111 1.71 50.25 -50.64
C TRP B 111 0.64 50.41 -49.57
N PHE B 112 -0.63 50.06 -49.83
CA PHE B 112 -1.67 49.90 -48.80
C PHE B 112 -1.95 51.20 -48.03
N ASP B 113 -2.59 52.16 -48.68
CA ASP B 113 -2.96 53.30 -47.83
C ASP B 113 -4.47 53.64 -47.73
N PRO B 114 -5.42 52.70 -47.60
CA PRO B 114 -6.69 53.11 -46.98
C PRO B 114 -6.98 52.51 -45.61
N TRP B 115 -6.11 51.64 -45.10
CA TRP B 115 -6.41 50.42 -44.32
C TRP B 115 -7.69 50.36 -43.50
N GLY B 116 -8.42 49.27 -43.64
CA GLY B 116 -9.56 49.02 -42.78
C GLY B 116 -9.16 48.78 -41.35
N GLN B 117 -10.11 49.04 -40.45
CA GLN B 117 -9.81 49.11 -39.02
C GLN B 117 -9.66 47.74 -38.35
N GLY B 118 -9.83 46.65 -39.08
CA GLY B 118 -9.63 45.33 -38.49
C GLY B 118 -10.93 44.70 -38.01
N THR B 119 -10.89 43.38 -37.90
CA THR B 119 -12.08 42.60 -37.59
C THR B 119 -11.69 41.45 -36.67
N LEU B 120 -12.30 41.40 -35.49
CA LEU B 120 -12.00 40.37 -34.50
C LEU B 120 -12.63 39.05 -34.93
N VAL B 121 -11.82 38.08 -35.31
CA VAL B 121 -12.28 36.76 -35.71
C VAL B 121 -11.51 35.74 -34.88
N THR B 122 -12.28 35.07 -34.00
CA THR B 122 -11.77 33.95 -33.19
C THR B 122 -12.65 32.78 -33.61
N VAL B 123 -12.06 31.66 -34.04
CA VAL B 123 -12.82 30.48 -34.53
C VAL B 123 -12.74 29.38 -33.48
N SER B 124 -13.83 29.14 -32.74
CA SER B 124 -13.76 28.18 -31.59
C SER B 124 -15.17 27.66 -31.31
N SER B 125 -15.27 26.44 -30.80
CA SER B 125 -16.62 25.87 -30.62
C SER B 125 -17.10 26.08 -29.20
N ALA B 126 -16.50 27.02 -28.43
CA ALA B 126 -17.09 27.19 -27.12
C ALA B 126 -18.47 27.81 -27.22
N LYS B 127 -19.18 27.84 -26.09
CA LYS B 127 -20.51 28.42 -26.03
C LYS B 127 -20.45 29.78 -25.35
N THR B 128 -21.44 30.61 -25.65
CA THR B 128 -21.52 31.94 -25.05
C THR B 128 -21.86 31.80 -23.58
N THR B 129 -20.87 32.00 -22.72
CA THR B 129 -21.01 31.79 -21.30
C THR B 129 -20.75 33.08 -20.53
N PRO B 130 -21.49 33.31 -19.44
CA PRO B 130 -21.22 34.49 -18.63
C PRO B 130 -19.94 34.28 -17.83
N PRO B 131 -19.19 35.36 -17.55
CA PRO B 131 -17.95 35.23 -16.78
C PRO B 131 -18.17 34.90 -15.32
N SER B 132 -17.09 34.76 -14.57
CA SER B 132 -17.17 34.38 -13.17
C SER B 132 -15.97 35.02 -12.46
N VAL B 133 -16.21 36.15 -11.80
CA VAL B 133 -15.15 36.95 -11.21
C VAL B 133 -14.75 36.34 -9.87
N TYR B 134 -13.45 36.10 -9.69
CA TYR B 134 -12.95 35.42 -8.49
C TYR B 134 -11.73 36.09 -7.87
N PRO B 135 -11.92 37.20 -7.14
CA PRO B 135 -10.80 37.79 -6.38
C PRO B 135 -10.78 37.43 -4.91
N LEU B 136 -9.73 37.90 -4.22
CA LEU B 136 -9.89 38.54 -2.93
C LEU B 136 -8.99 39.77 -2.88
N ALA B 137 -9.16 40.54 -1.83
CA ALA B 137 -8.44 41.77 -1.58
C ALA B 137 -8.46 42.06 -0.09
N PRO B 138 -7.38 41.79 0.64
CA PRO B 138 -7.32 42.17 2.05
C PRO B 138 -6.92 43.63 2.26
N GLY B 139 -7.03 44.44 1.20
CA GLY B 139 -6.70 45.85 1.21
C GLY B 139 -7.49 46.68 2.21
N SER B 140 -6.79 47.26 3.20
CA SER B 140 -5.34 47.11 3.33
C SER B 140 -4.94 46.59 4.70
N ALA B 141 -4.61 45.31 4.74
CA ALA B 141 -3.97 44.73 5.92
C ALA B 141 -2.46 44.95 5.81
N ALA B 142 -1.72 44.50 6.81
CA ALA B 142 -0.26 44.63 6.78
C ALA B 142 0.32 43.24 7.06
N GLN B 143 0.51 42.47 6.00
CA GLN B 143 1.03 41.11 6.15
C GLN B 143 2.54 41.15 6.35
N THR B 144 3.28 41.61 5.34
CA THR B 144 4.73 41.73 5.42
C THR B 144 5.27 43.03 4.86
N ASN B 145 4.46 43.83 4.17
CA ASN B 145 4.97 44.94 3.38
C ASN B 145 4.14 46.19 3.64
N SER B 146 4.49 47.27 2.95
CA SER B 146 3.78 48.53 3.04
C SER B 146 2.96 48.84 1.80
N MET B 147 2.97 47.97 0.79
CA MET B 147 2.25 48.19 -0.47
C MET B 147 1.39 46.95 -0.76
N VAL B 148 0.14 46.96 -0.29
CA VAL B 148 -0.82 45.92 -0.60
C VAL B 148 -1.81 46.50 -1.61
N THR B 149 -1.81 45.96 -2.82
CA THR B 149 -2.71 46.41 -3.87
C THR B 149 -4.02 45.62 -3.76
N LEU B 150 -4.83 45.67 -4.81
CA LEU B 150 -6.07 44.88 -4.86
C LEU B 150 -6.40 44.57 -6.31
N GLY B 151 -6.78 43.32 -6.57
CA GLY B 151 -6.97 42.86 -7.94
C GLY B 151 -8.03 41.80 -8.05
N CYS B 152 -8.53 41.61 -9.28
CA CYS B 152 -9.54 40.63 -9.59
C CYS B 152 -9.08 39.71 -10.71
N LEU B 153 -9.70 38.53 -10.76
CA LEU B 153 -9.63 37.60 -11.89
C LEU B 153 -11.00 37.51 -12.52
N VAL B 154 -11.03 37.25 -13.83
CA VAL B 154 -12.26 36.99 -14.57
C VAL B 154 -12.13 35.61 -15.22
N LYS B 155 -13.05 34.70 -14.88
CA LYS B 155 -12.96 33.31 -15.31
C LYS B 155 -14.16 32.92 -16.18
N GLY B 156 -13.87 32.21 -17.27
CA GLY B 156 -14.86 31.42 -17.97
C GLY B 156 -15.88 32.23 -18.75
N TYR B 157 -15.41 33.03 -19.69
CA TYR B 157 -16.28 33.84 -20.52
C TYR B 157 -15.95 33.60 -21.98
N PHE B 158 -16.97 33.71 -22.81
CA PHE B 158 -16.82 33.52 -24.24
C PHE B 158 -17.92 34.27 -24.95
N PRO B 159 -17.62 35.02 -26.01
CA PRO B 159 -16.28 35.30 -26.54
C PRO B 159 -15.59 36.48 -25.84
N GLU B 160 -14.62 37.06 -26.54
CA GLU B 160 -13.97 38.27 -26.08
C GLU B 160 -14.91 39.47 -26.20
N PRO B 161 -14.63 40.55 -25.46
CA PRO B 161 -13.82 40.74 -24.25
C PRO B 161 -14.69 41.07 -23.04
N VAL B 162 -14.08 41.23 -21.88
CA VAL B 162 -14.74 41.80 -20.71
C VAL B 162 -14.28 43.24 -20.53
N THR B 163 -15.07 44.00 -19.78
CA THR B 163 -14.76 45.37 -19.43
C THR B 163 -14.71 45.49 -17.91
N VAL B 164 -13.52 45.71 -17.38
CA VAL B 164 -13.30 45.71 -15.92
C VAL B 164 -12.94 47.13 -15.49
N THR B 165 -13.79 47.71 -14.64
CA THR B 165 -13.50 49.00 -14.03
C THR B 165 -13.50 48.85 -12.51
N TRP B 166 -12.93 49.85 -11.85
CA TRP B 166 -12.72 49.82 -10.40
C TRP B 166 -13.44 50.99 -9.77
N ASN B 167 -14.36 50.68 -8.84
CA ASN B 167 -15.27 51.63 -8.22
C ASN B 167 -16.01 52.46 -9.27
N SER B 168 -16.60 51.75 -10.23
CA SER B 168 -17.24 52.30 -11.43
C SER B 168 -16.29 53.19 -12.22
N GLY B 169 -15.02 52.81 -12.28
CA GLY B 169 -14.01 53.56 -13.00
C GLY B 169 -13.49 54.80 -12.29
N SER B 170 -13.98 55.10 -11.09
CA SER B 170 -13.53 56.30 -10.39
C SER B 170 -12.13 56.12 -9.84
N LEU B 171 -11.86 54.98 -9.22
CA LEU B 171 -10.51 54.65 -8.77
C LEU B 171 -9.65 54.36 -9.99
N SER B 172 -8.75 55.27 -10.32
CA SER B 172 -8.06 55.27 -11.61
C SER B 172 -6.57 54.97 -11.54
N SER B 173 -5.92 55.19 -10.41
CA SER B 173 -4.48 54.95 -10.31
C SER B 173 -4.19 53.46 -10.25
N GLY B 174 -3.24 53.01 -11.06
CA GLY B 174 -2.90 51.61 -11.12
C GLY B 174 -3.86 50.75 -11.92
N VAL B 175 -4.79 51.35 -12.66
CA VAL B 175 -5.72 50.59 -13.47
C VAL B 175 -4.97 50.05 -14.68
N HIS B 176 -4.79 48.73 -14.72
CA HIS B 176 -4.14 48.05 -15.83
C HIS B 176 -4.93 46.77 -16.08
N THR B 177 -5.95 46.87 -16.93
CA THR B 177 -6.76 45.72 -17.28
C THR B 177 -5.95 44.78 -18.15
N PHE B 178 -5.74 43.59 -17.67
CA PHE B 178 -4.83 42.67 -18.33
C PHE B 178 -5.56 41.96 -19.47
N PRO B 179 -5.00 41.95 -20.68
CA PRO B 179 -5.63 41.25 -21.80
C PRO B 179 -5.74 39.75 -21.58
N ALA B 180 -6.62 39.14 -22.36
CA ALA B 180 -7.10 37.80 -22.10
C ALA B 180 -6.08 36.74 -22.50
N VAL B 181 -6.42 35.49 -22.17
CA VAL B 181 -5.60 34.34 -22.51
C VAL B 181 -6.52 33.13 -22.57
N LEU B 182 -6.33 32.32 -23.61
CA LEU B 182 -7.23 31.21 -23.92
C LEU B 182 -6.76 29.97 -23.17
N GLN B 183 -7.71 29.26 -22.54
CA GLN B 183 -7.39 28.13 -21.68
C GLN B 183 -7.05 26.89 -22.50
N SER B 184 -6.93 25.75 -21.82
CA SER B 184 -6.90 24.47 -22.50
C SER B 184 -8.29 23.96 -22.82
N ASP B 185 -9.31 24.50 -22.15
CA ASP B 185 -10.70 24.09 -22.36
C ASP B 185 -11.46 25.05 -23.27
N LEU B 186 -10.74 25.85 -24.07
CA LEU B 186 -11.29 26.86 -24.98
C LEU B 186 -12.11 27.91 -24.23
N TYR B 187 -11.69 28.27 -23.02
CA TYR B 187 -12.25 29.39 -22.29
C TYR B 187 -11.18 30.43 -22.06
N THR B 188 -11.57 31.57 -21.49
CA THR B 188 -10.74 32.75 -21.42
C THR B 188 -10.57 33.23 -19.99
N LEU B 189 -9.43 33.88 -19.73
CA LEU B 189 -9.06 34.37 -18.42
C LEU B 189 -8.45 35.76 -18.53
N SER B 190 -8.85 36.67 -17.64
CA SER B 190 -8.33 38.03 -17.64
C SER B 190 -8.31 38.55 -16.21
N SER B 191 -7.77 39.76 -16.04
CA SER B 191 -7.53 40.32 -14.72
C SER B 191 -7.42 41.84 -14.81
N SER B 192 -7.33 42.48 -13.64
CA SER B 192 -7.10 43.92 -13.50
C SER B 192 -6.68 44.22 -12.07
N VAL B 193 -6.19 45.44 -11.84
CA VAL B 193 -5.76 45.93 -10.53
C VAL B 193 -5.98 47.43 -10.40
N THR B 194 -5.85 47.91 -9.16
CA THR B 194 -5.41 49.25 -8.81
C THR B 194 -4.30 49.11 -7.77
N VAL B 195 -3.69 50.23 -7.39
CA VAL B 195 -2.60 50.19 -6.42
C VAL B 195 -2.91 51.09 -5.23
N PRO B 196 -3.41 50.55 -4.12
CA PRO B 196 -3.26 51.23 -2.83
C PRO B 196 -2.02 50.71 -2.09
N SER B 197 -1.74 51.35 -0.95
CA SER B 197 -0.67 50.91 -0.07
C SER B 197 -1.25 50.01 1.01
N SER B 198 -0.46 49.71 2.05
CA SER B 198 -0.96 49.00 3.21
C SER B 198 -1.65 49.93 4.21
N THR B 199 -1.60 51.25 3.99
CA THR B 199 -2.13 52.23 4.92
C THR B 199 -3.49 52.75 4.50
N TRP B 200 -4.32 51.92 3.87
CA TRP B 200 -5.67 52.32 3.46
C TRP B 200 -6.65 51.18 3.71
N PRO B 201 -6.97 50.88 4.98
CA PRO B 201 -7.83 49.73 5.25
C PRO B 201 -9.30 49.97 4.92
N SER B 202 -9.74 51.23 4.92
CA SER B 202 -11.13 51.56 4.64
C SER B 202 -11.35 51.85 3.16
N GLU B 203 -10.92 50.93 2.31
CA GLU B 203 -11.16 51.01 0.87
C GLU B 203 -11.84 49.73 0.44
N THR B 204 -13.17 49.72 0.50
CA THR B 204 -13.97 48.63 -0.02
C THR B 204 -14.18 48.85 -1.51
N VAL B 205 -13.39 48.17 -2.33
CA VAL B 205 -13.33 48.41 -3.76
C VAL B 205 -13.93 47.21 -4.49
N THR B 206 -14.82 47.49 -5.43
CA THR B 206 -15.45 46.46 -6.26
C THR B 206 -14.95 46.60 -7.69
N CYS B 207 -14.47 45.49 -8.26
CA CYS B 207 -14.22 45.46 -9.69
C CYS B 207 -15.52 45.24 -10.43
N ASN B 208 -15.82 46.15 -11.35
CA ASN B 208 -17.11 46.18 -12.04
C ASN B 208 -16.90 45.57 -13.42
N VAL B 209 -17.11 44.26 -13.50
CA VAL B 209 -16.80 43.49 -14.70
C VAL B 209 -18.08 43.28 -15.50
N ALA B 210 -18.04 43.63 -16.78
CA ALA B 210 -19.17 43.47 -17.66
C ALA B 210 -18.72 42.80 -18.95
N HIS B 211 -19.36 41.68 -19.30
CA HIS B 211 -19.11 40.96 -20.55
C HIS B 211 -20.39 41.07 -21.38
N PRO B 212 -20.46 42.05 -22.28
CA PRO B 212 -21.73 42.32 -22.97
C PRO B 212 -22.09 41.29 -24.03
N ALA B 213 -21.16 40.45 -24.46
CA ALA B 213 -21.51 39.38 -25.38
C ALA B 213 -22.33 38.29 -24.68
N SER B 214 -22.14 38.13 -23.38
CA SER B 214 -23.07 37.37 -22.55
C SER B 214 -24.03 38.28 -21.78
N SER B 215 -23.80 39.60 -21.83
CA SER B 215 -24.68 40.64 -21.27
C SER B 215 -24.91 40.47 -19.77
N THR B 216 -23.87 40.05 -19.06
CA THR B 216 -23.93 39.88 -17.61
C THR B 216 -22.88 40.75 -16.94
N LYS B 217 -23.22 41.20 -15.72
CA LYS B 217 -22.35 42.07 -14.94
C LYS B 217 -22.14 41.44 -13.57
N VAL B 218 -20.89 41.38 -13.12
CA VAL B 218 -20.54 40.85 -11.81
C VAL B 218 -19.79 41.95 -11.05
N ASP B 219 -20.41 42.47 -10.00
CA ASP B 219 -19.78 43.46 -9.14
C ASP B 219 -19.43 42.77 -7.82
N LYS B 220 -18.15 42.75 -7.48
CA LYS B 220 -17.65 41.92 -6.37
C LYS B 220 -17.31 42.78 -5.17
N LYS B 221 -18.17 42.74 -4.16
CA LYS B 221 -17.84 43.33 -2.87
C LYS B 221 -16.84 42.44 -2.14
N ILE B 222 -15.74 43.04 -1.67
CA ILE B 222 -14.64 42.29 -1.08
C ILE B 222 -14.42 42.79 0.34
N VAL B 223 -14.42 41.87 1.31
CA VAL B 223 -14.15 42.19 2.71
C VAL B 223 -13.02 41.28 3.19
N PRO B 224 -11.98 41.82 3.83
CA PRO B 224 -10.93 40.96 4.39
C PRO B 224 -11.44 40.19 5.61
N ARG B 225 -10.70 39.14 5.96
CA ARG B 225 -11.15 38.23 7.01
C ARG B 225 -10.08 38.04 8.08
N ASP B 226 -10.34 37.13 9.01
CA ASP B 226 -9.43 36.86 10.12
C ASP B 226 -8.20 36.08 9.66
N GLU C 1 8.65 32.40 -51.78
CA GLU C 1 8.25 32.58 -50.36
C GLU C 1 9.38 33.30 -49.66
N ILE C 2 9.57 34.59 -49.91
CA ILE C 2 10.71 35.30 -49.35
C ILE C 2 10.43 35.56 -47.87
N VAL C 3 11.31 35.08 -47.01
CA VAL C 3 11.23 35.38 -45.59
C VAL C 3 11.88 36.73 -45.35
N MET C 4 11.14 37.62 -44.70
CA MET C 4 11.65 38.94 -44.35
C MET C 4 12.07 38.94 -42.89
N THR C 5 13.33 39.30 -42.64
CA THR C 5 13.89 39.26 -41.29
C THR C 5 14.19 40.68 -40.83
N GLN C 6 13.83 40.96 -39.59
CA GLN C 6 14.09 42.24 -38.94
C GLN C 6 15.16 42.04 -37.89
N SER C 7 16.22 42.84 -37.96
CA SER C 7 17.38 42.56 -37.12
C SER C 7 17.18 42.98 -35.66
N PRO C 8 16.58 44.15 -35.30
CA PRO C 8 16.21 44.34 -33.89
C PRO C 8 14.92 43.59 -33.59
N ALA C 9 15.04 42.47 -32.87
CA ALA C 9 13.85 41.72 -32.48
C ALA C 9 13.03 42.51 -31.47
N THR C 10 13.69 43.11 -30.49
CA THR C 10 13.10 44.11 -29.62
C THR C 10 13.95 45.37 -29.69
N LEU C 11 13.41 46.46 -29.14
CA LEU C 11 14.11 47.73 -29.12
C LEU C 11 13.53 48.56 -27.99
N SER C 12 14.39 49.32 -27.32
CA SER C 12 13.96 50.19 -26.21
C SER C 12 14.85 51.43 -26.24
N LEU C 13 14.32 52.52 -26.80
CA LEU C 13 15.11 53.72 -26.95
C LEU C 13 14.33 54.89 -26.36
N SER C 14 15.04 55.77 -25.66
CA SER C 14 14.44 56.85 -24.91
C SER C 14 13.90 57.92 -25.86
N PRO C 15 13.04 58.84 -25.36
CA PRO C 15 12.72 60.02 -26.17
C PRO C 15 13.97 60.86 -26.41
N GLY C 16 14.43 60.87 -27.66
CA GLY C 16 15.77 61.35 -27.92
C GLY C 16 16.28 61.05 -29.31
N GLU C 17 17.43 60.37 -29.38
CA GLU C 17 18.22 60.26 -30.59
C GLU C 17 17.62 59.25 -31.58
N ARG C 18 18.41 58.90 -32.59
CA ARG C 18 17.94 58.09 -33.71
C ARG C 18 17.70 56.65 -33.30
N ALA C 19 16.68 56.05 -33.92
CA ALA C 19 16.18 54.71 -33.60
C ALA C 19 16.18 53.84 -34.85
N THR C 20 17.33 53.78 -35.52
CA THR C 20 17.45 53.13 -36.82
C THR C 20 17.20 51.62 -36.72
N LEU C 21 16.44 51.10 -37.68
CA LEU C 21 16.01 49.71 -37.71
C LEU C 21 16.52 49.04 -38.98
N SER C 22 16.20 47.76 -39.12
CA SER C 22 16.68 46.99 -40.26
C SER C 22 15.65 45.96 -40.66
N CYS C 23 15.50 45.77 -41.97
CA CYS C 23 14.67 44.70 -42.53
C CYS C 23 15.47 44.06 -43.66
N ARG C 24 15.93 42.83 -43.44
CA ARG C 24 16.74 42.12 -44.41
C ARG C 24 15.87 41.14 -45.19
N ALA C 25 15.96 41.23 -46.51
CA ALA C 25 15.21 40.35 -47.40
C ALA C 25 16.02 39.10 -47.72
N SER C 26 15.35 38.11 -48.31
CA SER C 26 16.03 36.93 -48.81
C SER C 26 16.49 37.08 -50.26
N GLN C 27 15.93 38.04 -50.99
CA GLN C 27 16.31 38.32 -52.36
C GLN C 27 16.47 39.82 -52.55
N SER C 28 16.57 40.27 -53.78
CA SER C 28 16.64 41.70 -54.07
C SER C 28 15.23 42.19 -54.35
N VAL C 29 14.62 42.80 -53.33
CA VAL C 29 13.30 43.40 -53.50
C VAL C 29 13.40 44.65 -54.38
N SER C 30 14.55 45.34 -54.32
CA SER C 30 14.94 46.44 -55.21
C SER C 30 13.97 47.62 -55.12
N SER C 31 13.98 48.25 -53.95
CA SER C 31 13.31 49.52 -53.68
C SER C 31 11.80 49.40 -53.82
N TYR C 32 11.24 48.39 -53.16
CA TYR C 32 9.86 47.99 -53.34
C TYR C 32 9.20 47.54 -52.05
N LEU C 33 9.63 48.03 -50.90
CA LEU C 33 9.04 47.56 -49.66
C LEU C 33 8.62 48.72 -48.77
N ALA C 34 7.78 48.42 -47.79
CA ALA C 34 7.06 49.42 -47.03
C ALA C 34 7.28 49.24 -45.53
N TRP C 35 6.83 50.25 -44.77
CA TRP C 35 7.05 50.33 -43.33
C TRP C 35 5.77 50.74 -42.61
N TYR C 36 5.47 50.08 -41.50
CA TYR C 36 4.20 50.30 -40.83
C TYR C 36 4.39 50.63 -39.35
N GLN C 37 3.30 51.04 -38.71
CA GLN C 37 3.32 51.61 -37.37
C GLN C 37 2.18 51.01 -36.53
N GLN C 38 2.09 49.69 -36.46
CA GLN C 38 0.93 49.08 -35.79
C GLN C 38 1.01 49.29 -34.29
N LYS C 39 0.26 50.26 -33.79
CA LYS C 39 0.00 50.35 -32.36
C LYS C 39 -0.88 49.18 -31.95
N PRO C 40 -0.72 48.66 -30.73
CA PRO C 40 -1.43 47.44 -30.33
C PRO C 40 -2.93 47.66 -30.22
N GLY C 41 -3.69 46.81 -30.93
CA GLY C 41 -5.12 46.95 -30.99
C GLY C 41 -5.62 47.93 -32.02
N GLN C 42 -4.78 48.31 -32.97
CA GLN C 42 -5.12 49.33 -33.96
C GLN C 42 -4.78 48.82 -35.35
N ALA C 43 -5.05 49.66 -36.34
CA ALA C 43 -4.71 49.40 -37.72
C ALA C 43 -3.25 49.81 -37.97
N PRO C 44 -2.48 49.00 -38.70
CA PRO C 44 -1.09 49.35 -38.96
C PRO C 44 -0.93 50.53 -39.89
N ARG C 45 -0.61 51.69 -39.33
CA ARG C 45 -0.47 52.91 -40.11
C ARG C 45 0.81 52.88 -40.92
N LEU C 46 0.72 53.31 -42.18
CA LEU C 46 1.86 53.29 -43.08
C LEU C 46 2.87 54.38 -42.74
N LEU C 47 4.16 54.01 -42.68
CA LEU C 47 5.24 54.98 -42.50
C LEU C 47 5.88 55.40 -43.80
N ILE C 48 6.48 54.46 -44.53
CA ILE C 48 7.27 54.73 -45.73
C ILE C 48 6.78 53.80 -46.82
N TYR C 49 6.47 54.35 -48.00
CA TYR C 49 5.80 53.51 -48.99
C TYR C 49 6.78 52.67 -49.81
N ASP C 50 7.66 53.27 -50.61
CA ASP C 50 8.64 52.44 -51.33
C ASP C 50 10.06 52.87 -50.96
N ALA C 51 10.51 52.39 -49.80
CA ALA C 51 11.87 52.53 -49.24
C ALA C 51 12.29 53.96 -48.91
N SER C 52 11.50 54.94 -49.30
CA SER C 52 11.75 56.35 -49.05
C SER C 52 10.43 57.08 -49.28
N ASN C 53 10.51 58.40 -49.41
CA ASN C 53 9.54 59.29 -50.02
C ASN C 53 8.32 59.61 -49.15
N ARG C 54 8.20 59.06 -47.94
CA ARG C 54 7.48 59.69 -46.82
C ARG C 54 5.99 59.89 -47.11
N ALA C 55 5.23 58.79 -47.07
CA ALA C 55 3.85 58.74 -47.52
C ALA C 55 2.87 59.66 -46.80
N THR C 56 2.46 60.73 -47.50
CA THR C 56 1.15 61.38 -47.49
C THR C 56 0.53 61.52 -46.09
N GLY C 57 1.20 62.31 -45.26
CA GLY C 57 0.67 62.59 -43.95
C GLY C 57 1.59 62.12 -42.85
N ILE C 58 2.79 61.70 -43.22
CA ILE C 58 3.80 61.32 -42.24
C ILE C 58 4.33 62.67 -41.76
N PRO C 59 4.58 62.86 -40.45
CA PRO C 59 4.75 64.24 -39.94
C PRO C 59 5.97 65.02 -40.43
N ALA C 60 7.16 64.70 -39.96
CA ALA C 60 8.35 65.40 -40.45
C ALA C 60 9.64 64.60 -40.41
N ARG C 61 9.64 63.35 -39.96
CA ARG C 61 10.87 62.82 -39.41
C ARG C 61 11.13 61.35 -39.75
N PHE C 62 10.44 60.79 -40.73
CA PHE C 62 10.51 59.35 -40.94
C PHE C 62 11.10 59.00 -42.30
N SER C 63 12.26 59.55 -42.65
CA SER C 63 12.95 59.12 -43.85
C SER C 63 13.50 57.71 -43.68
N GLY C 64 13.93 57.11 -44.78
CA GLY C 64 14.47 55.77 -44.77
C GLY C 64 15.33 55.50 -45.97
N SER C 65 16.00 54.35 -45.95
CA SER C 65 16.89 53.97 -47.04
C SER C 65 16.70 52.48 -47.34
N GLY C 66 17.23 52.08 -48.50
CA GLY C 66 17.02 50.74 -49.02
C GLY C 66 17.91 50.44 -50.21
N SER C 67 17.34 49.81 -51.25
CA SER C 67 17.98 49.63 -52.55
C SER C 67 19.29 48.84 -52.51
N GLY C 68 19.24 47.51 -52.37
CA GLY C 68 18.03 46.72 -52.53
C GLY C 68 17.84 45.42 -51.74
N THR C 69 18.60 45.22 -50.67
CA THR C 69 18.46 44.00 -49.89
C THR C 69 18.05 44.25 -48.45
N ASP C 70 18.81 45.06 -47.73
CA ASP C 70 18.56 45.36 -46.32
C ASP C 70 18.19 46.84 -46.19
N PHE C 71 17.01 47.11 -45.67
CA PHE C 71 16.49 48.46 -45.72
C PHE C 71 16.46 49.01 -44.31
N THR C 72 16.70 50.31 -44.18
CA THR C 72 16.83 50.96 -42.89
C THR C 72 15.72 51.98 -42.69
N LEU C 73 15.06 51.90 -41.55
CA LEU C 73 14.04 52.86 -41.13
C LEU C 73 14.63 53.71 -40.02
N THR C 74 14.73 55.01 -40.26
CA THR C 74 15.35 55.94 -39.33
C THR C 74 14.28 56.79 -38.66
N ILE C 75 14.40 56.94 -37.34
CA ILE C 75 13.49 57.77 -36.55
C ILE C 75 14.37 58.87 -35.96
N SER C 76 14.51 59.99 -36.68
CA SER C 76 15.54 60.96 -36.36
C SER C 76 15.14 61.92 -35.24
N SER C 77 13.85 62.04 -34.94
CA SER C 77 13.32 63.07 -34.06
C SER C 77 12.34 62.44 -33.09
N LEU C 78 12.83 61.42 -32.36
CA LEU C 78 12.14 60.20 -31.91
C LEU C 78 10.65 60.32 -31.62
N GLU C 79 10.22 61.39 -30.90
CA GLU C 79 8.82 61.74 -30.66
C GLU C 79 8.02 60.62 -30.00
N PRO C 80 8.07 60.50 -28.66
CA PRO C 80 7.61 59.28 -27.95
C PRO C 80 6.16 58.83 -28.13
N GLU C 81 5.37 59.52 -28.95
CA GLU C 81 4.12 58.95 -29.42
C GLU C 81 4.34 57.80 -30.40
N ASP C 82 5.55 57.65 -30.94
CA ASP C 82 5.86 56.72 -32.01
C ASP C 82 6.24 55.34 -31.50
N PHE C 83 5.99 55.05 -30.24
CA PHE C 83 6.32 53.76 -29.64
C PHE C 83 5.30 52.73 -30.09
N ALA C 84 5.55 52.14 -31.26
CA ALA C 84 4.61 51.23 -31.88
C ALA C 84 5.37 50.06 -32.49
N VAL C 85 4.67 48.94 -32.64
CA VAL C 85 5.26 47.71 -33.17
C VAL C 85 5.42 47.90 -34.68
N TYR C 86 6.61 48.23 -35.12
CA TYR C 86 6.82 48.52 -36.53
C TYR C 86 6.91 47.23 -37.34
N TYR C 87 6.57 47.32 -38.62
CA TYR C 87 6.61 46.17 -39.51
C TYR C 87 7.12 46.60 -40.87
N CYS C 88 7.93 45.73 -41.49
CA CYS C 88 8.32 45.89 -42.87
C CYS C 88 7.60 44.86 -43.72
N GLN C 89 7.46 45.17 -45.01
CA GLN C 89 6.64 44.38 -45.92
C GLN C 89 7.24 44.42 -47.31
N GLN C 90 7.71 43.28 -47.82
CA GLN C 90 8.04 43.24 -49.24
C GLN C 90 6.77 43.23 -50.07
N HIS C 91 6.86 43.71 -51.30
CA HIS C 91 5.64 43.66 -52.07
C HIS C 91 5.86 43.01 -53.42
N SER C 92 7.04 43.17 -53.98
CA SER C 92 7.25 42.88 -55.39
C SER C 92 7.78 41.46 -55.61
N LEU C 93 7.08 40.52 -54.99
CA LEU C 93 7.22 39.08 -55.15
C LEU C 93 6.07 38.47 -54.37
N LEU C 94 5.56 37.34 -54.86
CA LEU C 94 4.40 36.77 -54.23
C LEU C 94 4.75 35.38 -53.70
N PRO C 95 4.23 34.99 -52.53
CA PRO C 95 3.38 35.79 -51.65
C PRO C 95 4.05 36.70 -50.61
N ARG C 96 4.16 37.99 -50.91
CA ARG C 96 3.90 39.15 -50.03
C ARG C 96 4.09 38.98 -48.53
N THR C 97 5.21 38.42 -48.07
CA THR C 97 5.38 38.27 -46.63
C THR C 97 5.71 39.61 -45.99
N PHE C 98 5.34 39.73 -44.72
CA PHE C 98 5.72 40.92 -43.97
C PHE C 98 6.98 40.62 -43.17
N GLY C 99 7.35 41.54 -42.28
CA GLY C 99 8.44 41.32 -41.35
C GLY C 99 8.01 40.51 -40.15
N GLY C 100 8.65 40.77 -39.02
CA GLY C 100 8.38 39.98 -37.84
C GLY C 100 7.87 40.74 -36.63
N GLY C 101 8.29 41.99 -36.48
CA GLY C 101 7.94 42.74 -35.30
C GLY C 101 9.14 43.39 -34.63
N THR C 102 9.03 44.69 -34.38
CA THR C 102 10.15 45.52 -33.96
C THR C 102 9.70 46.40 -32.79
N LYS C 103 9.25 45.74 -31.71
CA LYS C 103 8.50 46.39 -30.65
C LYS C 103 9.32 47.42 -29.90
N VAL C 104 9.22 48.68 -30.32
CA VAL C 104 10.00 49.76 -29.72
C VAL C 104 9.40 50.10 -28.36
N GLU C 105 10.15 49.84 -27.31
CA GLU C 105 9.70 50.05 -25.94
C GLU C 105 10.02 51.48 -25.50
N ILE C 106 9.93 51.67 -24.18
CA ILE C 106 10.27 52.99 -23.60
C ILE C 106 11.39 52.75 -22.60
N LYS C 107 12.33 53.68 -22.50
CA LYS C 107 13.50 53.46 -21.64
C LYS C 107 13.27 54.16 -20.29
N ARG C 108 13.36 53.41 -19.18
CA ARG C 108 13.41 54.02 -17.82
C ARG C 108 14.44 53.29 -16.97
N ALA C 109 14.79 53.84 -15.80
CA ALA C 109 15.72 53.14 -14.87
C ALA C 109 15.01 51.85 -14.48
N ASP C 110 15.73 50.75 -14.32
CA ASP C 110 15.06 49.46 -14.22
C ASP C 110 14.28 49.32 -12.92
N ALA C 111 12.94 49.26 -13.03
CA ALA C 111 12.07 49.17 -11.87
C ALA C 111 11.96 47.74 -11.39
N ALA C 112 11.68 47.60 -10.10
CA ALA C 112 11.56 46.28 -9.47
C ALA C 112 10.10 45.88 -9.34
N PRO C 113 9.76 44.63 -9.60
CA PRO C 113 8.36 44.20 -9.51
C PRO C 113 7.91 44.04 -8.07
N THR C 114 6.64 44.36 -7.84
CA THR C 114 6.00 44.17 -6.55
C THR C 114 5.34 42.79 -6.54
N VAL C 115 5.88 41.88 -5.74
CA VAL C 115 5.53 40.46 -5.79
C VAL C 115 4.56 40.15 -4.67
N SER C 116 3.43 39.54 -5.03
CA SER C 116 2.42 39.15 -4.06
C SER C 116 1.62 37.99 -4.62
N ILE C 117 1.07 37.18 -3.73
CA ILE C 117 0.45 35.91 -4.05
C ILE C 117 -0.86 35.78 -3.28
N PHE C 118 -1.88 35.16 -3.89
CA PHE C 118 -3.22 35.24 -3.33
C PHE C 118 -4.00 33.92 -3.34
N PRO C 119 -4.71 33.60 -2.26
CA PRO C 119 -5.31 32.26 -2.13
C PRO C 119 -6.64 32.17 -2.84
N PRO C 120 -7.16 30.95 -3.01
CA PRO C 120 -8.56 30.76 -3.42
C PRO C 120 -9.55 31.23 -2.36
N SER C 121 -10.73 31.63 -2.83
CA SER C 121 -11.78 32.11 -1.96
C SER C 121 -12.59 30.97 -1.36
N SER C 122 -13.39 31.31 -0.35
CA SER C 122 -14.34 30.35 0.20
C SER C 122 -15.53 30.14 -0.73
N GLU C 123 -15.86 31.17 -1.52
CA GLU C 123 -16.89 31.00 -2.55
C GLU C 123 -16.39 30.07 -3.66
N GLN C 124 -15.08 30.04 -3.89
CA GLN C 124 -14.51 29.04 -4.79
C GLN C 124 -14.64 27.64 -4.20
N LEU C 125 -14.51 27.53 -2.88
CA LEU C 125 -14.72 26.26 -2.21
C LEU C 125 -16.18 25.82 -2.23
N THR C 126 -17.11 26.74 -2.47
CA THR C 126 -18.49 26.37 -2.78
C THR C 126 -18.69 26.05 -4.26
N SER C 127 -17.74 26.39 -5.12
CA SER C 127 -17.83 26.10 -6.55
C SER C 127 -16.94 24.95 -6.99
N GLY C 128 -15.81 24.73 -6.33
CA GLY C 128 -14.99 23.57 -6.63
C GLY C 128 -13.73 23.81 -7.43
N GLY C 129 -12.95 24.85 -7.09
CA GLY C 129 -11.72 25.12 -7.79
C GLY C 129 -10.60 25.54 -6.84
N ALA C 130 -9.43 25.74 -7.41
CA ALA C 130 -8.29 26.37 -6.74
C ALA C 130 -7.61 27.30 -7.73
N SER C 131 -7.49 28.57 -7.37
CA SER C 131 -6.94 29.57 -8.28
C SER C 131 -5.97 30.45 -7.51
N VAL C 132 -4.68 30.30 -7.78
CA VAL C 132 -3.63 31.09 -7.14
C VAL C 132 -2.83 31.78 -8.22
N VAL C 133 -2.71 33.11 -8.14
CA VAL C 133 -1.86 33.86 -9.06
C VAL C 133 -0.87 34.68 -8.25
N CYS C 134 0.40 34.54 -8.58
CA CYS C 134 1.43 35.44 -8.10
C CYS C 134 1.54 36.63 -9.05
N PHE C 135 1.31 37.82 -8.53
CA PHE C 135 1.27 39.02 -9.33
C PHE C 135 2.57 39.80 -9.18
N LEU C 136 3.07 40.30 -10.30
CA LEU C 136 4.25 41.14 -10.33
C LEU C 136 3.90 42.39 -11.10
N ASN C 137 4.25 43.54 -10.54
CA ASN C 137 3.70 44.80 -11.02
C ASN C 137 4.78 45.87 -10.98
N ASN C 138 4.81 46.69 -12.03
CA ASN C 138 5.64 47.90 -12.15
C ASN C 138 7.13 47.58 -12.12
N PHE C 139 7.55 46.83 -13.14
CA PHE C 139 8.96 46.51 -13.37
C PHE C 139 9.37 46.93 -14.77
N TYR C 140 10.68 46.84 -15.04
CA TYR C 140 11.27 47.12 -16.34
C TYR C 140 12.67 46.50 -16.38
N PRO C 141 13.02 45.74 -17.43
CA PRO C 141 12.22 45.34 -18.59
C PRO C 141 11.38 44.09 -18.37
N LYS C 142 10.89 43.50 -19.47
CA LYS C 142 9.79 42.55 -19.41
C LYS C 142 10.17 41.21 -18.80
N ASP C 143 11.45 40.83 -18.88
CA ASP C 143 11.86 39.42 -18.73
C ASP C 143 11.79 39.00 -17.27
N ILE C 144 10.75 38.24 -16.92
CA ILE C 144 10.60 37.61 -15.61
C ILE C 144 10.13 36.17 -15.80
N ASN C 145 10.84 35.23 -15.17
CA ASN C 145 10.38 33.86 -15.03
C ASN C 145 9.88 33.65 -13.61
N VAL C 146 8.69 33.05 -13.48
CA VAL C 146 8.07 32.79 -12.19
C VAL C 146 7.83 31.28 -12.06
N LYS C 147 8.31 30.70 -10.96
CA LYS C 147 8.17 29.27 -10.71
C LYS C 147 7.15 29.02 -9.60
N TRP C 148 6.36 27.98 -9.78
CA TRP C 148 5.38 27.52 -8.81
C TRP C 148 5.82 26.21 -8.20
N LYS C 149 5.38 25.94 -6.96
CA LYS C 149 5.79 24.75 -6.23
C LYS C 149 4.63 24.22 -5.38
N ILE C 150 4.51 22.89 -5.32
CA ILE C 150 3.56 22.23 -4.40
C ILE C 150 4.32 22.03 -3.10
N ASP C 151 4.30 23.06 -2.25
CA ASP C 151 5.04 23.12 -0.97
C ASP C 151 6.54 22.89 -1.16
N GLY C 152 7.07 23.20 -2.35
CA GLY C 152 8.45 22.89 -2.67
C GLY C 152 8.66 22.06 -3.93
N SER C 153 7.65 21.38 -4.45
CA SER C 153 7.79 20.55 -5.64
C SER C 153 7.06 21.20 -6.80
N GLU C 154 7.76 21.35 -7.93
CA GLU C 154 7.40 22.32 -8.96
C GLU C 154 6.10 21.96 -9.69
N ARG C 155 5.51 22.98 -10.30
CA ARG C 155 4.22 22.88 -10.97
C ARG C 155 4.37 23.19 -12.45
N GLN C 156 3.61 22.47 -13.28
CA GLN C 156 3.61 22.68 -14.72
C GLN C 156 2.19 22.55 -15.24
N ASN C 157 2.04 22.88 -16.53
CA ASN C 157 0.84 22.67 -17.36
C ASN C 157 -0.37 23.49 -16.91
N GLY C 158 -0.23 24.36 -15.92
CA GLY C 158 -1.27 25.29 -15.55
C GLY C 158 -0.66 26.67 -15.35
N VAL C 159 0.66 26.70 -15.33
CA VAL C 159 1.42 27.93 -15.11
C VAL C 159 1.33 28.77 -16.37
N LEU C 160 0.62 29.89 -16.30
CA LEU C 160 0.38 30.74 -17.45
C LEU C 160 0.78 32.16 -17.11
N ASN C 161 1.29 32.88 -18.10
CA ASN C 161 1.77 34.24 -17.90
C ASN C 161 1.13 35.18 -18.91
N SER C 162 1.17 36.48 -18.59
CA SER C 162 0.45 37.47 -19.37
C SER C 162 1.06 38.83 -19.14
N TRP C 163 1.40 39.51 -20.23
CA TRP C 163 2.04 40.83 -20.18
C TRP C 163 1.11 41.88 -20.76
N THR C 164 1.28 43.11 -20.29
CA THR C 164 0.56 44.25 -20.82
C THR C 164 1.41 45.04 -21.80
N ASP C 165 0.77 46.00 -22.44
CA ASP C 165 1.49 47.06 -23.12
C ASP C 165 2.12 47.98 -22.07
N GLN C 166 3.17 48.68 -22.48
CA GLN C 166 3.89 49.52 -21.54
C GLN C 166 3.08 50.77 -21.23
N ASP C 167 3.08 51.15 -19.95
CA ASP C 167 2.27 52.29 -19.51
C ASP C 167 2.87 53.59 -20.03
N SER C 168 2.00 54.59 -20.16
CA SER C 168 2.43 55.86 -20.73
C SER C 168 3.18 56.71 -19.71
N LYS C 169 2.86 56.56 -18.42
CA LYS C 169 3.39 57.47 -17.42
C LYS C 169 4.69 56.96 -16.80
N ASP C 170 4.64 55.83 -16.11
CA ASP C 170 5.83 55.31 -15.44
C ASP C 170 6.62 54.36 -16.32
N SER C 171 6.07 53.96 -17.47
CA SER C 171 6.76 53.16 -18.50
C SER C 171 7.21 51.81 -17.96
N THR C 172 6.31 51.13 -17.27
CA THR C 172 6.61 49.87 -16.59
C THR C 172 5.82 48.72 -17.20
N TYR C 173 5.95 47.56 -16.59
CA TYR C 173 5.29 46.34 -17.04
C TYR C 173 4.73 45.57 -15.86
N SER C 174 3.82 44.65 -16.16
CA SER C 174 3.21 43.82 -15.14
C SER C 174 2.99 42.42 -15.70
N MET C 175 3.10 41.43 -14.81
CA MET C 175 2.86 40.05 -15.22
C MET C 175 2.16 39.29 -14.11
N SER C 176 1.05 38.64 -14.48
CA SER C 176 0.38 37.69 -13.62
C SER C 176 0.83 36.28 -13.96
N SER C 177 1.13 35.51 -12.92
CA SER C 177 1.49 34.11 -13.07
C SER C 177 0.20 33.31 -12.85
N THR C 178 -0.57 33.17 -13.92
CA THR C 178 -1.88 32.54 -13.85
C THR C 178 -1.73 31.04 -13.62
N LEU C 179 -2.41 30.53 -12.60
CA LEU C 179 -2.36 29.12 -12.23
C LEU C 179 -3.68 28.71 -11.62
N THR C 180 -4.26 27.62 -12.11
CA THR C 180 -5.55 27.13 -11.63
C THR C 180 -5.46 25.64 -11.35
N LEU C 181 -5.86 25.25 -10.14
CA LEU C 181 -5.94 23.85 -9.73
C LEU C 181 -7.38 23.52 -9.35
N THR C 182 -7.58 22.34 -8.76
CA THR C 182 -8.90 21.90 -8.36
C THR C 182 -9.06 22.01 -6.85
N LYS C 183 -10.32 21.91 -6.40
CA LYS C 183 -10.66 22.04 -4.99
C LYS C 183 -10.04 20.92 -4.17
N ASP C 184 -10.01 19.71 -4.71
CA ASP C 184 -9.44 18.57 -3.99
C ASP C 184 -7.93 18.71 -3.87
N GLU C 185 -7.28 19.34 -4.85
CA GLU C 185 -5.85 19.61 -4.76
C GLU C 185 -5.54 20.79 -3.86
N TYR C 186 -6.54 21.62 -3.55
CA TYR C 186 -6.29 22.80 -2.71
C TYR C 186 -6.14 22.43 -1.25
N GLU C 187 -6.99 21.55 -0.74
CA GLU C 187 -6.95 21.19 0.67
C GLU C 187 -5.81 20.23 1.00
N ARG C 188 -5.08 19.73 0.01
CA ARG C 188 -3.97 18.83 0.27
C ARG C 188 -2.76 19.58 0.81
N HIS C 189 -2.49 20.77 0.28
CA HIS C 189 -1.24 21.46 0.55
C HIS C 189 -1.52 22.89 0.99
N ASN C 190 -0.57 23.45 1.75
CA ASN C 190 -0.77 24.75 2.40
C ASN C 190 0.19 25.82 1.87
N SER C 191 1.50 25.56 1.92
CA SER C 191 2.50 26.59 1.66
C SER C 191 2.68 26.77 0.16
N TYR C 192 1.88 27.65 -0.41
CA TYR C 192 1.89 27.88 -1.86
C TYR C 192 2.85 29.03 -2.15
N THR C 193 3.88 28.75 -2.94
CA THR C 193 5.02 29.65 -3.11
C THR C 193 5.08 30.23 -4.51
N CYS C 194 5.76 31.37 -4.61
CA CYS C 194 6.00 32.07 -5.87
C CYS C 194 7.45 32.53 -5.92
N GLU C 195 8.20 32.03 -6.90
CA GLU C 195 9.60 32.38 -7.06
C GLU C 195 9.76 33.37 -8.21
N ALA C 196 9.89 34.65 -7.88
CA ALA C 196 10.09 35.70 -8.86
C ALA C 196 11.54 35.73 -9.32
N THR C 197 11.77 36.32 -10.51
CA THR C 197 13.12 36.47 -11.04
C THR C 197 13.12 37.69 -11.96
N HIS C 198 13.66 38.80 -11.48
CA HIS C 198 13.84 40.00 -12.28
C HIS C 198 15.30 40.39 -12.24
N LYS C 199 15.73 41.21 -13.21
CA LYS C 199 17.12 41.64 -13.28
C LYS C 199 17.49 42.54 -12.10
N THR C 200 16.55 43.33 -11.60
CA THR C 200 16.76 44.10 -10.38
C THR C 200 16.81 43.22 -9.15
N SER C 201 16.16 42.07 -9.18
CA SER C 201 16.16 41.15 -8.05
C SER C 201 17.41 40.27 -8.14
N THR C 202 18.41 40.61 -7.34
CA THR C 202 19.63 39.79 -7.28
C THR C 202 19.35 38.42 -6.68
N SER C 203 18.46 38.37 -5.73
CA SER C 203 17.91 37.17 -5.14
C SER C 203 16.51 36.91 -5.68
N PRO C 204 16.12 35.65 -5.87
CA PRO C 204 14.75 35.36 -6.33
C PRO C 204 13.73 35.67 -5.24
N ILE C 205 12.81 36.57 -5.56
CA ILE C 205 11.83 37.01 -4.57
C ILE C 205 10.81 35.90 -4.34
N VAL C 206 10.80 35.35 -3.14
CA VAL C 206 9.91 34.26 -2.77
C VAL C 206 8.79 34.84 -1.91
N LYS C 207 7.61 34.96 -2.49
CA LYS C 207 6.42 35.39 -1.77
C LYS C 207 5.44 34.23 -1.68
N SER C 208 5.05 33.89 -0.46
CA SER C 208 4.23 32.71 -0.24
C SER C 208 3.19 33.00 0.83
N PHE C 209 2.18 32.13 0.89
CA PHE C 209 1.19 32.13 1.95
C PHE C 209 1.01 30.69 2.43
N ASN C 210 0.20 30.54 3.46
CA ASN C 210 -0.30 29.22 3.87
C ASN C 210 -1.81 29.19 3.68
N ARG C 211 -2.34 27.98 3.54
CA ARG C 211 -3.77 27.82 3.40
C ARG C 211 -4.46 28.11 4.74
N ASN C 212 -5.47 28.99 4.69
CA ASN C 212 -6.18 29.54 5.85
C ASN C 212 -5.22 30.22 6.83
N GLU C 213 -4.19 30.89 6.29
CA GLU C 213 -3.31 31.69 7.13
C GLU C 213 -3.88 33.08 7.36
N CYS C 214 -4.42 33.68 6.31
CA CYS C 214 -5.04 35.00 6.40
C CYS C 214 -6.31 35.05 5.56
N ALA D 3 23.22 31.80 -92.89
CA ALA D 3 22.38 32.50 -93.86
C ALA D 3 22.32 33.99 -93.53
N LYS D 4 21.64 34.76 -94.40
CA LYS D 4 21.48 36.20 -94.17
C LYS D 4 20.60 36.44 -92.95
N SER D 5 19.37 35.94 -92.99
CA SER D 5 18.54 35.89 -91.80
C SER D 5 18.98 34.70 -90.93
N ARG D 6 18.21 34.50 -89.86
CA ARG D 6 18.46 33.55 -88.76
C ARG D 6 19.94 33.49 -88.34
N THR D 7 20.52 34.68 -88.17
CA THR D 7 21.86 34.85 -87.63
C THR D 7 21.65 35.68 -86.36
N ILE D 8 21.41 35.01 -85.25
CA ILE D 8 20.84 35.64 -84.07
C ILE D 8 21.95 36.04 -83.12
N GLY D 9 21.95 37.29 -82.67
CA GLY D 9 22.69 37.67 -81.50
C GLY D 9 21.74 37.92 -80.34
N ILE D 10 21.68 36.99 -79.38
CA ILE D 10 20.77 37.13 -78.26
C ILE D 10 21.31 38.16 -77.30
N ILE D 11 20.46 39.12 -76.91
CA ILE D 11 20.77 40.07 -75.86
C ILE D 11 19.75 39.88 -74.75
N GLY D 12 20.19 39.35 -73.63
CA GLY D 12 19.33 39.31 -72.47
C GLY D 12 19.12 40.70 -71.90
N ALA D 13 18.03 40.84 -71.14
CA ALA D 13 17.75 42.11 -70.50
C ALA D 13 16.91 41.89 -69.25
N PRO D 14 17.54 41.63 -68.11
CA PRO D 14 16.79 41.48 -66.84
C PRO D 14 16.44 42.82 -66.21
N PHE D 15 15.34 43.42 -66.67
CA PHE D 15 14.96 44.75 -66.21
C PHE D 15 13.48 44.77 -65.86
N SER D 16 13.14 45.35 -64.71
CA SER D 16 11.79 45.29 -64.19
C SER D 16 11.28 46.63 -63.65
N LYS D 17 12.01 47.72 -63.85
CA LYS D 17 11.62 48.99 -63.26
C LYS D 17 10.84 49.87 -64.23
N GLY D 18 10.10 49.24 -65.14
CA GLY D 18 9.18 49.98 -65.99
C GLY D 18 7.76 49.47 -65.81
N GLN D 19 7.61 48.41 -65.04
CA GLN D 19 6.33 47.81 -64.72
C GLN D 19 6.34 47.39 -63.25
N PRO D 20 5.20 47.44 -62.58
CA PRO D 20 5.21 47.22 -61.12
C PRO D 20 5.37 45.78 -60.69
N ARG D 21 4.85 44.82 -61.46
CA ARG D 21 4.88 43.42 -61.04
C ARG D 21 6.27 42.85 -61.27
N GLY D 22 7.09 42.88 -60.22
CA GLY D 22 8.44 42.37 -60.34
C GLY D 22 8.47 40.86 -60.46
N GLY D 23 9.53 40.38 -61.09
CA GLY D 23 9.61 38.99 -61.44
C GLY D 23 10.12 38.83 -62.86
N VAL D 24 9.98 39.88 -63.68
CA VAL D 24 10.52 39.83 -65.03
C VAL D 24 12.02 40.10 -65.06
N GLU D 25 12.63 40.37 -63.89
CA GLU D 25 14.07 40.23 -63.76
C GLU D 25 14.52 38.82 -64.12
N GLU D 26 13.71 37.82 -63.78
CA GLU D 26 13.94 36.46 -64.27
C GLU D 26 13.18 36.22 -65.57
N GLY D 27 13.34 37.14 -66.51
CA GLY D 27 12.76 36.98 -67.83
C GLY D 27 13.67 36.20 -68.76
N PRO D 28 14.88 36.69 -68.99
CA PRO D 28 15.86 35.90 -69.74
C PRO D 28 16.30 34.65 -69.02
N THR D 29 16.23 34.62 -67.69
CA THR D 29 16.62 33.43 -66.95
C THR D 29 15.73 32.25 -67.30
N VAL D 30 14.43 32.47 -67.41
CA VAL D 30 13.54 31.37 -67.72
C VAL D 30 13.47 31.11 -69.22
N LEU D 31 13.58 32.14 -70.06
CA LEU D 31 13.64 31.90 -71.50
C LEU D 31 14.94 31.28 -71.95
N ARG D 32 15.98 31.30 -71.13
CA ARG D 32 17.17 30.52 -71.45
C ARG D 32 17.21 29.16 -70.77
N LYS D 33 16.67 29.04 -69.56
CA LYS D 33 16.66 27.71 -68.94
C LYS D 33 15.58 26.82 -69.51
N ALA D 34 14.69 27.35 -70.34
CA ALA D 34 13.87 26.53 -71.22
C ALA D 34 14.50 26.35 -72.58
N GLY D 35 15.76 26.74 -72.74
CA GLY D 35 16.57 26.33 -73.86
C GLY D 35 16.19 26.96 -75.18
N LEU D 36 16.20 28.28 -75.24
CA LEU D 36 15.98 28.94 -76.51
C LEU D 36 17.17 28.77 -77.44
N LEU D 37 18.37 28.73 -76.88
CA LEU D 37 19.58 28.63 -77.68
C LEU D 37 19.67 27.27 -78.37
N GLU D 38 19.52 26.19 -77.59
CA GLU D 38 19.65 24.86 -78.15
C GLU D 38 18.47 24.51 -79.06
N LYS D 39 17.30 25.10 -78.81
CA LYS D 39 16.21 24.92 -79.76
C LYS D 39 16.40 25.78 -81.00
N LEU D 40 17.26 26.80 -80.94
CA LEU D 40 17.66 27.48 -82.17
C LEU D 40 18.77 26.73 -82.90
N LYS D 41 19.56 25.93 -82.21
CA LYS D 41 20.76 25.39 -82.83
C LYS D 41 20.53 24.13 -83.66
N GLU D 42 19.31 23.62 -83.78
CA GLU D 42 19.08 22.54 -84.73
C GLU D 42 19.12 23.07 -86.16
N GLN D 43 18.23 23.99 -86.48
CA GLN D 43 18.33 24.68 -87.75
C GLN D 43 19.52 25.63 -87.72
N GLU D 44 19.99 26.01 -88.91
CA GLU D 44 21.26 26.72 -89.06
C GLU D 44 21.11 28.17 -88.57
N CYS D 45 21.12 28.32 -87.25
CA CYS D 45 21.09 29.62 -86.61
C CYS D 45 22.43 29.83 -85.92
N ASP D 46 23.22 30.77 -86.45
CA ASP D 46 24.51 31.10 -85.84
C ASP D 46 24.25 31.95 -84.60
N VAL D 47 23.88 31.26 -83.53
CA VAL D 47 23.49 31.94 -82.30
C VAL D 47 24.72 32.31 -81.52
N LYS D 48 24.83 33.59 -81.16
CA LYS D 48 25.90 34.09 -80.29
C LYS D 48 25.27 34.79 -79.11
N ASP D 49 25.33 34.17 -77.93
CA ASP D 49 24.75 34.75 -76.74
C ASP D 49 25.66 35.88 -76.26
N TYR D 50 25.15 37.11 -76.30
CA TYR D 50 25.84 38.26 -75.76
C TYR D 50 25.59 38.45 -74.27
N GLY D 51 24.90 37.52 -73.63
CA GLY D 51 24.72 37.53 -72.20
C GLY D 51 23.71 38.56 -71.74
N ASP D 52 23.29 38.42 -70.49
CA ASP D 52 22.40 39.38 -69.88
C ASP D 52 23.15 40.68 -69.61
N LEU D 53 22.41 41.75 -69.57
CA LEU D 53 23.15 42.98 -69.37
C LEU D 53 23.32 43.26 -67.88
N PRO D 54 24.39 43.94 -67.49
CA PRO D 54 24.49 44.46 -66.12
C PRO D 54 23.78 45.81 -66.01
N PHE D 55 22.68 45.83 -65.26
CA PHE D 55 21.92 47.06 -65.08
C PHE D 55 22.24 47.65 -63.71
N ALA D 56 22.73 48.88 -63.70
CA ALA D 56 23.06 49.56 -62.46
C ALA D 56 21.79 49.94 -61.71
N ASP D 57 21.94 50.07 -60.39
CA ASP D 57 20.83 50.37 -59.50
C ASP D 57 21.04 51.77 -58.94
N ILE D 58 20.31 52.75 -59.49
CA ILE D 58 20.42 54.14 -59.05
C ILE D 58 19.70 54.26 -57.71
N PRO D 59 20.40 54.68 -56.65
CA PRO D 59 19.74 54.75 -55.34
C PRO D 59 18.79 55.93 -55.19
N ASN D 60 19.14 57.09 -55.75
CA ASN D 60 18.32 58.29 -55.61
C ASN D 60 17.38 58.41 -56.82
N ASP D 61 16.49 57.43 -56.91
CA ASP D 61 15.56 57.34 -58.02
C ASP D 61 14.30 58.13 -57.67
N SER D 62 14.42 59.45 -57.79
CA SER D 62 13.26 60.31 -57.59
C SER D 62 12.35 60.23 -58.81
N PRO D 63 11.04 60.15 -58.61
CA PRO D 63 10.12 60.04 -59.74
C PRO D 63 9.97 61.35 -60.49
N PHE D 64 9.21 61.27 -61.57
CA PHE D 64 8.70 62.42 -62.30
C PHE D 64 7.37 62.80 -61.64
N GLN D 65 6.52 63.59 -62.31
CA GLN D 65 5.19 63.90 -61.81
C GLN D 65 4.37 62.64 -61.57
N ILE D 66 4.07 61.92 -62.65
CA ILE D 66 3.36 60.66 -62.54
C ILE D 66 4.27 59.47 -62.86
N VAL D 67 5.25 59.65 -63.75
CA VAL D 67 6.15 58.59 -64.16
C VAL D 67 7.09 58.26 -63.01
N LYS D 68 7.09 57.00 -62.58
CA LYS D 68 7.92 56.59 -61.46
C LYS D 68 8.97 55.59 -61.93
N ASN D 69 10.15 55.70 -61.29
CA ASN D 69 11.46 55.17 -61.68
C ASN D 69 11.82 55.57 -63.11
N PRO D 70 12.15 56.84 -63.39
CA PRO D 70 12.48 57.20 -64.78
C PRO D 70 13.96 57.11 -65.13
N ARG D 71 14.84 57.25 -64.15
CA ARG D 71 16.27 57.25 -64.43
C ARG D 71 16.77 55.84 -64.66
N SER D 72 16.17 54.86 -63.99
CA SER D 72 16.54 53.47 -64.21
C SER D 72 16.18 53.03 -65.61
N VAL D 73 15.03 53.44 -66.11
CA VAL D 73 14.63 53.08 -67.46
C VAL D 73 15.47 53.83 -68.48
N GLY D 74 15.86 55.07 -68.18
CA GLY D 74 16.71 55.81 -69.07
C GLY D 74 18.08 55.20 -69.22
N LYS D 75 18.69 54.79 -68.11
CA LYS D 75 20.02 54.19 -68.16
C LYS D 75 19.97 52.79 -68.77
N ALA D 76 18.94 52.00 -68.44
CA ALA D 76 18.82 50.65 -68.98
C ALA D 76 18.58 50.67 -70.48
N SER D 77 17.75 51.59 -70.96
CA SER D 77 17.53 51.65 -72.41
C SER D 77 18.70 52.26 -73.14
N GLU D 78 19.49 53.14 -72.50
CA GLU D 78 20.69 53.64 -73.16
C GLU D 78 21.74 52.55 -73.29
N GLN D 79 21.90 51.74 -72.25
CA GLN D 79 22.82 50.60 -72.29
C GLN D 79 22.37 49.56 -73.29
N LEU D 80 21.06 49.33 -73.37
CA LEU D 80 20.53 48.36 -74.33
C LEU D 80 20.64 48.86 -75.76
N ALA D 81 20.47 50.17 -75.98
CA ALA D 81 20.60 50.70 -77.33
C ALA D 81 22.04 50.65 -77.81
N GLY D 82 23.00 50.85 -76.90
CA GLY D 82 24.39 50.64 -77.25
C GLY D 82 24.68 49.20 -77.62
N LYS D 83 24.13 48.26 -76.84
CA LYS D 83 24.36 46.84 -77.13
C LYS D 83 23.68 46.40 -78.42
N VAL D 84 22.51 46.95 -78.73
CA VAL D 84 21.81 46.57 -79.96
C VAL D 84 22.51 47.13 -81.18
N ALA D 85 23.02 48.37 -81.09
CA ALA D 85 23.80 48.91 -82.21
C ALA D 85 25.11 48.15 -82.37
N GLU D 86 25.66 47.63 -81.27
CA GLU D 86 26.83 46.76 -81.33
C GLU D 86 26.53 45.48 -82.10
N VAL D 87 25.41 44.83 -81.80
CA VAL D 87 25.13 43.55 -82.48
C VAL D 87 24.55 43.74 -83.87
N LYS D 88 24.09 44.94 -84.22
CA LYS D 88 23.64 45.17 -85.58
C LYS D 88 24.75 45.70 -86.48
N LYS D 89 25.84 46.21 -85.91
CA LYS D 89 27.04 46.41 -86.72
C LYS D 89 27.77 45.10 -86.99
N ASN D 90 27.46 44.04 -86.25
CA ASN D 90 27.97 42.71 -86.54
C ASN D 90 27.14 41.96 -87.57
N GLY D 91 26.09 42.60 -88.11
CA GLY D 91 25.28 41.97 -89.13
C GLY D 91 24.28 40.95 -88.64
N ARG D 92 24.17 40.77 -87.33
CA ARG D 92 23.28 39.74 -86.79
C ARG D 92 21.86 40.29 -86.70
N ILE D 93 20.96 39.50 -86.13
CA ILE D 93 19.60 39.94 -85.81
C ILE D 93 19.52 40.08 -84.29
N SER D 94 19.18 41.28 -83.83
CA SER D 94 19.14 41.57 -82.41
C SER D 94 17.90 40.93 -81.81
N LEU D 95 18.08 39.77 -81.20
CA LEU D 95 17.03 39.18 -80.36
C LEU D 95 17.22 39.72 -78.96
N VAL D 96 16.41 40.70 -78.61
CA VAL D 96 16.33 41.20 -77.24
C VAL D 96 15.18 40.47 -76.58
N LEU D 97 15.38 40.01 -75.36
CA LEU D 97 14.31 39.37 -74.64
C LEU D 97 14.37 39.76 -73.19
N GLY D 98 13.25 40.23 -72.65
CA GLY D 98 13.21 40.83 -71.35
C GLY D 98 12.37 40.04 -70.38
N GLY D 99 11.87 40.73 -69.34
CA GLY D 99 11.99 42.16 -69.20
C GLY D 99 10.62 42.80 -69.34
N ASP D 100 10.59 44.02 -69.87
CA ASP D 100 9.32 44.71 -70.07
C ASP D 100 9.48 45.67 -71.24
N HIS D 101 8.34 46.18 -71.71
CA HIS D 101 8.35 47.11 -72.84
C HIS D 101 9.00 48.46 -72.56
N SER D 102 9.41 48.74 -71.32
CA SER D 102 10.24 49.91 -71.05
C SER D 102 11.64 49.79 -71.65
N LEU D 103 12.03 48.59 -72.08
CA LEU D 103 13.29 48.36 -72.78
C LEU D 103 13.18 48.62 -74.27
N ALA D 104 11.97 48.69 -74.81
CA ALA D 104 11.80 48.82 -76.26
C ALA D 104 12.22 50.19 -76.77
N ILE D 105 12.33 51.18 -75.89
CA ILE D 105 12.90 52.48 -76.25
C ILE D 105 14.31 52.30 -76.78
N GLY D 106 15.16 51.66 -75.99
CA GLY D 106 16.50 51.38 -76.45
C GLY D 106 16.58 50.30 -77.50
N SER D 107 15.68 49.31 -77.43
CA SER D 107 15.70 48.21 -78.38
C SER D 107 15.33 48.65 -79.78
N ILE D 108 14.65 49.78 -79.94
CA ILE D 108 14.40 50.33 -81.26
C ILE D 108 15.35 51.49 -81.57
N SER D 109 15.80 52.25 -80.56
CA SER D 109 16.73 53.34 -80.81
C SER D 109 18.09 52.82 -81.27
N GLY D 110 18.59 51.78 -80.60
CA GLY D 110 19.85 51.19 -81.03
C GLY D 110 19.72 50.46 -82.34
N HIS D 111 18.52 49.94 -82.64
CA HIS D 111 18.28 49.33 -83.93
C HIS D 111 18.25 50.38 -85.04
N ALA D 112 17.81 51.58 -84.73
CA ALA D 112 17.79 52.65 -85.71
C ALA D 112 19.09 53.44 -85.77
N ARG D 113 20.00 53.21 -84.83
CA ARG D 113 21.36 53.72 -84.98
C ARG D 113 22.10 53.06 -86.13
N VAL D 114 21.68 51.88 -86.54
CA VAL D 114 22.29 51.16 -87.64
C VAL D 114 21.43 51.24 -88.91
N HIS D 115 20.12 51.11 -88.76
CA HIS D 115 19.20 51.20 -89.89
C HIS D 115 18.18 52.30 -89.63
N PRO D 116 18.39 53.51 -90.15
CA PRO D 116 17.51 54.64 -89.82
C PRO D 116 16.14 54.61 -90.49
N ASP D 117 15.86 53.62 -91.32
CA ASP D 117 14.61 53.57 -92.07
C ASP D 117 13.89 52.25 -91.84
N LEU D 118 13.76 51.87 -90.57
CA LEU D 118 13.16 50.58 -90.25
C LEU D 118 11.64 50.73 -90.08
N GLY D 119 11.00 49.59 -89.81
CA GLY D 119 9.61 49.60 -89.39
C GLY D 119 9.46 48.70 -88.18
N VAL D 120 8.37 48.90 -87.45
CA VAL D 120 8.11 48.14 -86.24
C VAL D 120 6.73 47.51 -86.35
N ILE D 121 6.67 46.19 -86.23
CA ILE D 121 5.42 45.50 -86.01
C ILE D 121 5.29 45.28 -84.51
N TRP D 122 4.30 45.90 -83.91
CA TRP D 122 4.17 45.98 -82.46
C TRP D 122 3.01 45.10 -82.05
N VAL D 123 3.29 43.84 -81.72
CA VAL D 123 2.24 42.94 -81.27
C VAL D 123 2.10 43.09 -79.77
N ASP D 124 1.06 43.80 -79.34
CA ASP D 124 0.75 43.96 -77.92
C ASP D 124 -0.74 44.10 -77.78
N ALA D 125 -1.24 43.78 -76.59
CA ALA D 125 -2.64 44.08 -76.28
C ALA D 125 -2.88 45.57 -76.20
N HIS D 126 -1.84 46.34 -75.89
CA HIS D 126 -1.93 47.75 -75.60
C HIS D 126 -1.19 48.50 -76.68
N THR D 127 -1.42 49.80 -76.78
CA THR D 127 -0.70 50.59 -77.76
C THR D 127 0.65 51.06 -77.25
N ASP D 128 0.82 51.16 -75.93
CA ASP D 128 2.05 51.61 -75.27
C ASP D 128 2.50 52.98 -75.78
N ILE D 129 1.56 53.89 -76.00
CA ILE D 129 1.86 55.14 -76.70
C ILE D 129 1.60 56.35 -75.81
N ASN D 130 1.41 56.14 -74.51
CA ASN D 130 1.23 57.25 -73.57
C ASN D 130 2.45 58.15 -73.50
N THR D 131 2.20 59.44 -73.33
CA THR D 131 3.24 60.39 -72.98
C THR D 131 3.42 60.35 -71.46
N PRO D 132 4.42 61.04 -70.91
CA PRO D 132 4.40 61.27 -69.45
C PRO D 132 3.29 62.20 -68.99
N LEU D 133 2.65 62.93 -69.90
CA LEU D 133 1.54 63.80 -69.54
C LEU D 133 0.19 63.12 -69.63
N THR D 134 -0.05 62.35 -70.70
CA THR D 134 -1.33 61.68 -70.91
C THR D 134 -1.45 60.38 -70.15
N THR D 135 -0.44 59.99 -69.39
CA THR D 135 -0.53 58.74 -68.65
C THR D 135 -1.45 58.89 -67.45
N THR D 136 -2.09 57.79 -67.10
CA THR D 136 -2.70 57.64 -65.79
C THR D 136 -1.96 56.63 -64.93
N SER D 137 -1.29 55.67 -65.57
CA SER D 137 -0.60 54.62 -64.85
C SER D 137 0.67 55.13 -64.19
N GLY D 138 1.42 55.96 -64.90
CA GLY D 138 2.72 56.36 -64.41
C GLY D 138 3.81 55.33 -64.59
N ASN D 139 3.54 54.27 -65.34
CA ASN D 139 4.53 53.24 -65.62
C ASN D 139 5.19 53.53 -66.96
N LEU D 140 6.39 52.99 -67.14
CA LEU D 140 7.06 53.13 -68.42
C LEU D 140 7.03 51.85 -69.26
N HIS D 141 6.35 50.80 -68.80
CA HIS D 141 6.05 49.74 -69.74
C HIS D 141 4.86 50.10 -70.61
N GLY D 142 4.19 51.21 -70.31
CA GLY D 142 3.14 51.76 -71.13
C GLY D 142 3.54 52.97 -71.91
N GLN D 143 4.77 53.45 -71.78
CA GLN D 143 5.13 54.56 -72.64
C GLN D 143 6.35 54.42 -73.56
N PRO D 144 6.67 53.28 -74.21
CA PRO D 144 7.87 53.32 -75.06
C PRO D 144 7.67 53.99 -76.39
N VAL D 145 6.49 53.86 -76.99
CA VAL D 145 6.34 54.26 -78.39
C VAL D 145 6.34 55.77 -78.54
N SER D 146 5.87 56.49 -77.53
CA SER D 146 5.77 57.94 -77.63
C SER D 146 7.13 58.62 -77.68
N PHE D 147 8.15 58.02 -77.06
CA PHE D 147 9.50 58.53 -77.22
C PHE D 147 10.07 58.24 -78.59
N LEU D 148 9.62 57.16 -79.22
CA LEU D 148 10.21 56.68 -80.46
C LEU D 148 9.58 57.29 -81.70
N LEU D 149 8.34 57.76 -81.62
CA LEU D 149 7.73 58.43 -82.76
C LEU D 149 8.33 59.82 -82.92
N LYS D 150 8.64 60.19 -84.16
CA LYS D 150 9.21 61.50 -84.42
C LYS D 150 8.15 62.59 -84.29
N GLU D 151 6.89 62.27 -84.51
CA GLU D 151 5.85 63.27 -84.56
C GLU D 151 5.39 63.73 -83.18
N LEU D 152 5.89 63.13 -82.11
CA LEU D 152 5.54 63.56 -80.76
C LEU D 152 6.65 64.35 -80.09
N LYS D 153 7.58 64.90 -80.86
CA LYS D 153 8.58 65.80 -80.29
C LYS D 153 7.93 67.12 -79.91
N GLY D 154 8.25 67.61 -78.72
CA GLY D 154 7.63 68.79 -78.17
C GLY D 154 6.50 68.48 -77.22
N LYS D 155 5.77 67.40 -77.47
CA LYS D 155 4.73 66.93 -76.56
C LYS D 155 5.27 65.97 -75.51
N ILE D 156 6.58 65.78 -75.46
CA ILE D 156 7.24 64.94 -74.48
C ILE D 156 8.13 65.84 -73.63
N PRO D 157 7.90 65.93 -72.32
CA PRO D 157 8.80 66.70 -71.46
C PRO D 157 10.14 65.98 -71.30
N ASP D 158 11.15 66.75 -70.89
CA ASP D 158 12.49 66.22 -70.71
C ASP D 158 12.52 65.40 -69.43
N VAL D 159 12.24 64.12 -69.58
CA VAL D 159 12.21 63.21 -68.43
C VAL D 159 13.63 62.95 -67.96
N PRO D 160 13.92 62.90 -66.66
CA PRO D 160 15.25 62.51 -66.20
C PRO D 160 15.59 61.09 -66.60
N GLY D 161 16.68 60.95 -67.36
CA GLY D 161 17.11 59.68 -67.89
C GLY D 161 16.95 59.54 -69.39
N PHE D 162 15.98 60.24 -69.98
CA PHE D 162 15.69 60.11 -71.41
C PHE D 162 16.18 61.31 -72.20
N SER D 163 17.28 61.92 -71.75
CA SER D 163 17.88 63.01 -72.52
C SER D 163 18.61 62.51 -73.76
N TRP D 164 19.03 61.25 -73.78
CA TRP D 164 19.72 60.70 -74.93
C TRP D 164 18.79 60.30 -76.06
N VAL D 165 17.49 60.14 -75.77
CA VAL D 165 16.56 59.52 -76.71
C VAL D 165 16.27 60.47 -77.87
N THR D 166 16.85 60.18 -78.99
CA THR D 166 16.48 60.83 -80.24
C THR D 166 15.36 60.02 -80.89
N PRO D 167 14.27 60.67 -81.34
CA PRO D 167 13.20 59.93 -81.99
C PRO D 167 13.66 59.33 -83.31
N CYS D 168 13.18 58.12 -83.58
CA CYS D 168 13.77 57.27 -84.59
C CYS D 168 12.83 56.85 -85.70
N ILE D 169 11.58 56.53 -85.40
CA ILE D 169 10.64 56.08 -86.42
C ILE D 169 9.54 57.11 -86.59
N SER D 170 8.91 57.09 -87.75
CA SER D 170 7.80 57.98 -88.04
C SER D 170 6.49 57.33 -87.61
N ALA D 171 5.41 58.09 -87.76
CA ALA D 171 4.11 57.57 -87.34
C ALA D 171 3.59 56.51 -88.30
N LYS D 172 3.94 56.61 -89.59
CA LYS D 172 3.47 55.67 -90.59
C LYS D 172 4.44 54.51 -90.81
N ASP D 173 5.38 54.30 -89.89
CA ASP D 173 6.30 53.18 -89.95
C ASP D 173 6.18 52.27 -88.74
N ILE D 174 5.02 52.21 -88.12
CA ILE D 174 4.76 51.32 -87.00
C ILE D 174 3.35 50.74 -87.15
N VAL D 175 3.24 49.42 -87.02
CA VAL D 175 1.97 48.73 -87.21
C VAL D 175 1.68 47.95 -85.93
N TYR D 176 0.50 48.18 -85.36
CA TYR D 176 0.06 47.44 -84.20
C TYR D 176 -0.77 46.24 -84.63
N ILE D 177 -0.61 45.13 -83.92
CA ILE D 177 -1.45 43.96 -84.11
C ILE D 177 -1.90 43.49 -82.73
N GLY D 178 -3.20 43.40 -82.52
CA GLY D 178 -3.73 42.84 -81.31
C GLY D 178 -4.18 43.82 -80.27
N LEU D 179 -4.54 45.04 -80.64
CA LEU D 179 -4.92 46.06 -79.67
C LEU D 179 -6.30 45.76 -79.11
N ARG D 180 -6.39 45.60 -77.79
CA ARG D 180 -7.68 45.41 -77.18
C ARG D 180 -7.83 46.07 -75.81
N ASP D 181 -6.83 46.83 -75.36
CA ASP D 181 -6.91 47.54 -74.09
C ASP D 181 -6.18 48.87 -74.31
N VAL D 182 -6.93 49.87 -74.75
CA VAL D 182 -6.38 51.15 -75.18
C VAL D 182 -6.95 52.25 -74.31
N ASP D 183 -6.10 53.16 -73.86
CA ASP D 183 -6.54 54.30 -73.09
C ASP D 183 -7.34 55.26 -73.97
N PRO D 184 -8.08 56.20 -73.37
CA PRO D 184 -8.59 57.31 -74.18
C PRO D 184 -7.49 58.19 -74.75
N GLY D 185 -6.45 58.47 -73.97
CA GLY D 185 -5.33 59.26 -74.47
C GLY D 185 -4.58 58.54 -75.57
N GLU D 186 -4.45 57.23 -75.42
CA GLU D 186 -3.73 56.45 -76.42
C GLU D 186 -4.49 56.37 -77.73
N HIS D 187 -5.81 56.20 -77.67
CA HIS D 187 -6.58 56.17 -78.90
C HIS D 187 -6.72 57.54 -79.54
N TYR D 188 -6.64 58.63 -78.76
CA TYR D 188 -6.60 59.95 -79.37
C TYR D 188 -5.31 60.18 -80.12
N ILE D 189 -4.18 59.76 -79.55
CA ILE D 189 -2.90 59.84 -80.27
C ILE D 189 -2.92 58.92 -81.48
N LEU D 190 -3.54 57.75 -81.33
CA LEU D 190 -3.53 56.75 -82.39
C LEU D 190 -4.39 57.17 -83.58
N LYS D 191 -5.40 57.99 -83.34
CA LYS D 191 -6.18 58.50 -84.46
C LYS D 191 -5.72 59.86 -84.95
N THR D 192 -5.00 60.63 -84.12
CA THR D 192 -4.46 61.89 -84.61
C THR D 192 -3.26 61.67 -85.51
N LEU D 193 -2.35 60.77 -85.13
CA LEU D 193 -1.20 60.49 -85.97
C LEU D 193 -1.50 59.60 -87.16
N GLY D 194 -2.66 58.95 -87.18
CA GLY D 194 -3.03 58.12 -88.31
C GLY D 194 -2.23 56.84 -88.43
N ILE D 195 -1.81 56.27 -87.30
CA ILE D 195 -1.01 55.05 -87.31
C ILE D 195 -1.85 53.88 -87.77
N LYS D 196 -1.32 53.10 -88.72
CA LYS D 196 -2.04 51.96 -89.24
C LYS D 196 -1.98 50.83 -88.22
N TYR D 197 -3.04 50.66 -87.46
CA TYR D 197 -3.14 49.63 -86.43
C TYR D 197 -4.08 48.54 -86.90
N PHE D 198 -3.87 47.34 -86.38
CA PHE D 198 -4.78 46.21 -86.60
C PHE D 198 -5.21 45.70 -85.24
N SER D 199 -6.25 46.32 -84.69
CA SER D 199 -6.81 45.90 -83.42
C SER D 199 -7.62 44.64 -83.61
N MET D 200 -8.19 44.13 -82.51
CA MET D 200 -8.87 42.84 -82.55
C MET D 200 -10.18 42.89 -83.32
N THR D 201 -10.75 44.08 -83.52
CA THR D 201 -11.85 44.21 -84.46
C THR D 201 -11.42 43.87 -85.88
N GLU D 202 -10.29 44.43 -86.32
CA GLU D 202 -9.83 44.18 -87.68
C GLU D 202 -9.24 42.79 -87.82
N VAL D 203 -8.69 42.23 -86.76
CA VAL D 203 -8.18 40.87 -86.81
C VAL D 203 -9.33 39.87 -86.90
N ASP D 204 -10.43 40.13 -86.19
CA ASP D 204 -11.60 39.27 -86.33
C ASP D 204 -12.31 39.49 -87.66
N ARG D 205 -12.29 40.71 -88.18
CA ARG D 205 -12.89 41.01 -89.47
C ARG D 205 -12.17 40.28 -90.59
N LEU D 206 -10.87 40.51 -90.71
CA LEU D 206 -10.13 40.11 -91.89
C LEU D 206 -9.54 38.72 -91.76
N GLY D 207 -9.34 38.23 -90.55
CA GLY D 207 -8.53 37.04 -90.39
C GLY D 207 -7.05 37.39 -90.44
N ILE D 208 -6.25 36.57 -89.76
CA ILE D 208 -4.85 36.90 -89.56
C ILE D 208 -4.05 36.79 -90.86
N GLY D 209 -4.58 36.06 -91.86
CA GLY D 209 -3.94 36.04 -93.17
C GLY D 209 -4.02 37.37 -93.88
N LYS D 210 -5.23 37.95 -93.92
CA LYS D 210 -5.42 39.24 -94.56
C LYS D 210 -4.77 40.36 -93.76
N VAL D 211 -4.73 40.22 -92.43
CA VAL D 211 -4.10 41.21 -91.57
C VAL D 211 -2.59 41.24 -91.81
N MET D 212 -1.95 40.07 -91.86
CA MET D 212 -0.52 40.05 -92.11
C MET D 212 -0.19 40.44 -93.54
N GLU D 213 -1.08 40.15 -94.50
CA GLU D 213 -0.86 40.59 -95.86
C GLU D 213 -0.91 42.10 -95.97
N GLU D 214 -1.90 42.73 -95.32
CA GLU D 214 -1.98 44.20 -95.35
C GLU D 214 -0.86 44.83 -94.53
N THR D 215 -0.39 44.17 -93.49
CA THR D 215 0.73 44.70 -92.71
C THR D 215 2.01 44.72 -93.53
N LEU D 216 2.34 43.60 -94.18
CA LEU D 216 3.55 43.54 -94.99
C LEU D 216 3.44 44.38 -96.24
N SER D 217 2.22 44.57 -96.77
CA SER D 217 2.06 45.49 -97.89
C SER D 217 2.16 46.94 -97.44
N TYR D 218 1.83 47.23 -96.19
CA TYR D 218 1.93 48.60 -95.69
C TYR D 218 3.37 48.98 -95.39
N LEU D 219 4.14 48.06 -94.82
CA LEU D 219 5.51 48.40 -94.44
C LEU D 219 6.53 48.12 -95.53
N LEU D 220 6.33 47.08 -96.33
CA LEU D 220 7.32 46.66 -97.31
C LEU D 220 6.87 46.85 -98.74
N GLY D 221 5.62 47.27 -98.97
CA GLY D 221 5.13 47.44 -100.33
C GLY D 221 5.76 48.61 -101.04
N ARG D 222 6.22 49.62 -100.30
CA ARG D 222 6.85 50.77 -100.93
C ARG D 222 8.32 50.51 -101.21
N LYS D 223 9.04 49.97 -100.23
CA LYS D 223 10.48 49.79 -100.34
C LYS D 223 10.90 48.73 -99.33
N LYS D 224 11.86 47.89 -99.74
CA LYS D 224 12.41 46.89 -98.83
C LYS D 224 13.20 47.58 -97.72
N ARG D 225 12.95 47.18 -96.49
CA ARG D 225 13.54 47.82 -95.32
C ARG D 225 13.47 46.84 -94.16
N PRO D 226 14.31 47.01 -93.13
CA PRO D 226 14.26 46.11 -91.97
C PRO D 226 12.94 46.24 -91.20
N ILE D 227 12.53 45.11 -90.62
CA ILE D 227 11.31 45.00 -89.84
C ILE D 227 11.69 44.59 -88.43
N HIS D 228 11.16 45.28 -87.45
CA HIS D 228 11.48 45.05 -86.04
C HIS D 228 10.23 44.59 -85.31
N LEU D 229 9.98 43.28 -85.29
CA LEU D 229 8.87 42.73 -84.53
C LEU D 229 9.15 42.90 -83.04
N SER D 230 8.43 43.80 -82.40
CA SER D 230 8.56 43.98 -80.95
C SER D 230 7.39 43.26 -80.31
N PHE D 231 7.53 41.95 -80.18
CA PHE D 231 6.46 41.10 -79.69
C PHE D 231 6.28 41.29 -78.20
N ASP D 232 5.05 41.06 -77.73
CA ASP D 232 4.71 41.12 -76.32
C ASP D 232 3.81 39.95 -75.99
N VAL D 233 3.90 39.42 -74.77
CA VAL D 233 3.24 38.15 -74.48
C VAL D 233 1.93 38.35 -73.73
N ASP D 234 1.46 39.58 -73.65
CA ASP D 234 0.04 39.79 -73.38
C ASP D 234 -0.71 40.14 -74.65
N GLY D 235 0.02 40.27 -75.77
CA GLY D 235 -0.62 40.34 -77.07
C GLY D 235 -1.26 39.06 -77.51
N LEU D 236 -0.88 37.95 -76.88
CA LEU D 236 -1.57 36.68 -77.05
C LEU D 236 -2.67 36.54 -76.01
N ASP D 237 -3.48 35.51 -76.19
CA ASP D 237 -4.59 35.29 -75.28
C ASP D 237 -4.07 34.73 -73.96
N PRO D 238 -4.65 35.12 -72.83
CA PRO D 238 -4.18 34.62 -71.52
C PRO D 238 -4.43 33.15 -71.29
N SER D 239 -5.20 32.47 -72.13
CA SER D 239 -5.23 31.03 -72.07
C SER D 239 -3.97 30.40 -72.66
N PHE D 240 -3.15 31.17 -73.37
CA PHE D 240 -1.87 30.68 -73.86
C PHE D 240 -0.68 31.24 -73.12
N THR D 241 -0.70 32.53 -72.74
CA THR D 241 0.36 33.12 -71.93
C THR D 241 -0.25 33.77 -70.69
N PRO D 242 -0.61 32.99 -69.67
CA PRO D 242 -1.18 33.60 -68.46
C PRO D 242 -0.15 34.27 -67.58
N ALA D 243 1.11 33.88 -67.67
CA ALA D 243 2.14 34.42 -66.78
C ALA D 243 2.78 35.66 -67.38
N THR D 244 1.95 36.64 -67.68
CA THR D 244 2.41 37.95 -68.16
C THR D 244 1.88 39.03 -67.25
N GLY D 245 2.41 40.24 -67.44
CA GLY D 245 2.25 41.28 -66.44
C GLY D 245 0.85 41.87 -66.42
N THR D 246 0.33 42.25 -67.59
CA THR D 246 -0.98 42.87 -67.72
C THR D 246 -1.83 42.03 -68.66
N PRO D 247 -2.43 40.94 -68.16
CA PRO D 247 -3.19 40.05 -69.05
C PRO D 247 -4.53 40.65 -69.42
N VAL D 248 -4.82 40.68 -70.72
CA VAL D 248 -6.09 41.16 -71.23
C VAL D 248 -6.72 40.04 -72.03
N VAL D 249 -7.94 39.65 -71.63
CA VAL D 249 -8.55 38.45 -72.19
C VAL D 249 -9.04 38.70 -73.60
N GLY D 250 -9.11 37.62 -74.37
CA GLY D 250 -9.64 37.68 -75.71
C GLY D 250 -8.72 38.31 -76.72
N GLY D 251 -7.51 37.77 -76.85
CA GLY D 251 -6.53 38.28 -77.76
C GLY D 251 -6.16 37.29 -78.84
N LEU D 252 -4.94 37.44 -79.35
CA LEU D 252 -4.46 36.58 -80.41
C LEU D 252 -4.25 35.18 -79.91
N THR D 253 -4.58 34.20 -80.74
CA THR D 253 -4.31 32.83 -80.36
C THR D 253 -2.84 32.50 -80.55
N TYR D 254 -2.45 31.34 -80.03
CA TYR D 254 -1.12 30.78 -80.30
C TYR D 254 -0.92 30.53 -81.78
N ARG D 255 -1.98 30.11 -82.47
CA ARG D 255 -1.94 29.90 -83.92
C ARG D 255 -1.70 31.21 -84.65
N GLU D 256 -2.49 32.24 -84.33
CA GLU D 256 -2.35 33.52 -85.01
C GLU D 256 -1.04 34.20 -84.68
N GLY D 257 -0.53 34.01 -83.46
CA GLY D 257 0.77 34.55 -83.11
C GLY D 257 1.88 33.90 -83.90
N LEU D 258 1.84 32.57 -84.05
CA LEU D 258 2.82 31.89 -84.88
C LEU D 258 2.69 32.28 -86.34
N TYR D 259 1.47 32.59 -86.80
CA TYR D 259 1.31 32.98 -88.19
C TYR D 259 1.91 34.37 -88.46
N ILE D 260 1.76 35.29 -87.51
CA ILE D 260 2.40 36.60 -87.62
C ILE D 260 3.90 36.45 -87.73
N THR D 261 4.49 35.61 -86.88
CA THR D 261 5.94 35.46 -86.88
C THR D 261 6.44 34.75 -88.14
N GLU D 262 5.67 33.79 -88.64
CA GLU D 262 6.07 33.07 -89.86
C GLU D 262 6.00 33.98 -91.08
N GLU D 263 5.00 34.85 -91.15
CA GLU D 263 4.96 35.76 -92.28
C GLU D 263 5.97 36.87 -92.18
N ILE D 264 6.42 37.20 -90.98
CA ILE D 264 7.54 38.13 -90.87
C ILE D 264 8.83 37.46 -91.30
N TYR D 265 9.00 36.18 -90.98
CA TYR D 265 10.20 35.45 -91.40
C TYR D 265 10.27 35.30 -92.92
N LYS D 266 9.17 34.91 -93.55
CA LYS D 266 9.22 34.62 -94.98
C LYS D 266 9.30 35.86 -95.85
N THR D 267 9.31 37.07 -95.28
CA THR D 267 9.79 38.22 -96.02
C THR D 267 11.29 38.20 -96.17
N GLY D 268 11.99 37.57 -95.22
CA GLY D 268 13.43 37.62 -95.22
C GLY D 268 14.00 38.95 -94.82
N LEU D 269 13.23 39.77 -94.10
CA LEU D 269 13.69 41.09 -93.69
C LEU D 269 13.49 41.35 -92.21
N LEU D 270 13.23 40.31 -91.41
CA LEU D 270 13.21 40.49 -89.97
C LEU D 270 14.61 40.80 -89.48
N SER D 271 14.75 41.90 -88.75
CA SER D 271 16.07 42.38 -88.41
C SER D 271 16.16 42.84 -86.96
N GLY D 272 15.29 42.34 -86.09
CA GLY D 272 15.29 42.70 -84.70
C GLY D 272 14.04 42.16 -84.04
N LEU D 273 14.16 41.65 -82.83
CA LEU D 273 13.04 40.99 -82.19
C LEU D 273 13.04 41.29 -80.70
N ASP D 274 11.85 41.46 -80.14
CA ASP D 274 11.69 41.71 -78.71
C ASP D 274 10.70 40.69 -78.17
N ILE D 275 11.08 40.01 -77.11
CA ILE D 275 10.17 39.13 -76.38
C ILE D 275 10.05 39.70 -74.98
N MET D 276 8.99 40.45 -74.72
CA MET D 276 8.89 41.25 -73.52
C MET D 276 7.76 40.76 -72.63
N GLU D 277 7.79 41.23 -71.39
CA GLU D 277 6.76 41.04 -70.36
C GLU D 277 6.54 39.58 -69.98
N VAL D 278 7.53 38.71 -70.16
CA VAL D 278 7.41 37.35 -69.65
C VAL D 278 7.68 37.39 -68.15
N ASN D 279 6.69 36.98 -67.36
CA ASN D 279 6.78 37.12 -65.91
C ASN D 279 6.53 35.76 -65.29
N PRO D 280 7.60 35.03 -64.96
CA PRO D 280 7.45 33.63 -64.53
C PRO D 280 6.98 33.43 -63.10
N SER D 281 6.50 34.47 -62.43
CA SER D 281 5.97 34.32 -61.10
C SER D 281 4.49 34.66 -61.01
N LEU D 282 3.84 34.95 -62.12
CA LEU D 282 2.40 35.22 -62.11
C LEU D 282 1.59 34.03 -62.57
N GLY D 283 2.23 32.92 -62.88
CA GLY D 283 1.49 31.69 -63.12
C GLY D 283 0.95 31.16 -61.82
N LYS D 284 -0.35 30.88 -61.79
CA LYS D 284 -0.97 30.38 -60.57
C LYS D 284 -0.55 28.94 -60.27
N THR D 285 -0.19 28.21 -61.30
CA THR D 285 0.58 26.97 -61.21
C THR D 285 1.87 27.18 -61.98
N PRO D 286 2.90 26.38 -61.73
CA PRO D 286 4.08 26.41 -62.61
C PRO D 286 3.80 25.89 -64.00
N GLU D 287 2.71 25.14 -64.20
CA GLU D 287 2.31 24.73 -65.53
C GLU D 287 1.85 25.93 -66.35
N GLU D 288 1.31 26.97 -65.70
CA GLU D 288 0.97 28.20 -66.41
C GLU D 288 2.23 28.92 -66.88
N VAL D 289 3.27 28.92 -66.05
CA VAL D 289 4.57 29.46 -66.46
C VAL D 289 5.15 28.64 -67.59
N THR D 290 4.94 27.32 -67.54
CA THR D 290 5.44 26.43 -68.57
C THR D 290 4.76 26.69 -69.91
N ARG D 291 3.45 26.95 -69.89
CA ARG D 291 2.75 27.28 -71.12
C ARG D 291 3.18 28.63 -71.66
N THR D 292 3.42 29.59 -70.77
CA THR D 292 3.86 30.93 -71.20
C THR D 292 5.23 30.86 -71.87
N VAL D 293 6.18 30.18 -71.24
CA VAL D 293 7.54 30.20 -71.73
C VAL D 293 7.67 29.32 -72.96
N ASN D 294 6.95 28.19 -73.03
CA ASN D 294 6.95 27.40 -74.27
C ASN D 294 6.29 28.16 -75.41
N THR D 295 5.29 28.98 -75.11
CA THR D 295 4.68 29.80 -76.15
C THR D 295 5.67 30.84 -76.67
N ALA D 296 6.37 31.52 -75.77
CA ALA D 296 7.33 32.55 -76.19
C ALA D 296 8.51 31.95 -76.93
N VAL D 297 8.97 30.77 -76.50
CA VAL D 297 10.03 30.08 -77.22
C VAL D 297 9.56 29.69 -78.62
N ALA D 298 8.34 29.18 -78.75
CA ALA D 298 7.83 28.79 -80.07
C ALA D 298 7.62 29.98 -80.97
N ILE D 299 7.24 31.13 -80.41
CA ILE D 299 7.14 32.37 -81.18
C ILE D 299 8.51 32.79 -81.71
N THR D 300 9.54 32.72 -80.86
CA THR D 300 10.88 33.11 -81.27
C THR D 300 11.43 32.18 -82.34
N LEU D 301 11.18 30.87 -82.18
CA LEU D 301 11.66 29.90 -83.16
C LEU D 301 10.95 30.06 -84.49
N ALA D 302 9.65 30.37 -84.46
CA ALA D 302 8.96 30.60 -85.72
C ALA D 302 9.35 31.93 -86.35
N CYS D 303 9.85 32.88 -85.57
CA CYS D 303 10.47 34.05 -86.16
C CYS D 303 11.73 33.69 -86.93
N PHE D 304 12.51 32.74 -86.40
CA PHE D 304 13.80 32.46 -87.02
C PHE D 304 13.82 31.14 -87.78
N GLY D 305 12.76 30.80 -88.50
CA GLY D 305 12.81 29.80 -89.53
C GLY D 305 12.01 28.53 -89.26
N LEU D 306 11.61 28.29 -88.03
CA LEU D 306 10.84 27.08 -87.72
C LEU D 306 9.42 27.28 -88.26
N ALA D 307 9.23 26.87 -89.51
CA ALA D 307 7.89 26.86 -90.07
C ALA D 307 7.15 25.63 -89.60
N ARG D 308 5.83 25.77 -89.43
CA ARG D 308 5.04 24.65 -88.96
C ARG D 308 4.86 23.58 -90.03
N GLU D 309 5.11 23.91 -91.29
CA GLU D 309 5.12 22.88 -92.32
C GLU D 309 6.32 21.95 -92.17
N GLY D 310 7.39 22.38 -91.51
CA GLY D 310 8.60 21.60 -91.36
C GLY D 310 9.76 22.24 -92.11
N ASN D 311 10.96 21.81 -91.74
CA ASN D 311 12.17 22.33 -92.35
C ASN D 311 13.12 21.19 -92.65
N HIS D 312 13.66 21.18 -93.86
CA HIS D 312 14.62 20.17 -94.27
C HIS D 312 15.93 20.83 -94.63
N LYS D 313 17.02 20.17 -94.33
CA LYS D 313 18.29 20.65 -94.83
C LYS D 313 18.41 20.24 -96.31
N PRO D 314 18.98 21.09 -97.16
CA PRO D 314 18.99 20.81 -98.61
C PRO D 314 20.04 19.77 -99.01
N ILE D 315 19.97 18.59 -98.40
CA ILE D 315 20.74 17.43 -98.77
C ILE D 315 19.78 16.26 -98.88
N ASP D 316 20.24 15.20 -99.54
CA ASP D 316 19.38 14.04 -99.76
C ASP D 316 19.21 13.26 -98.46
N TYR D 317 17.96 12.94 -98.13
CA TYR D 317 17.66 12.11 -96.98
C TYR D 317 17.24 10.70 -97.35
N LEU D 318 16.95 10.44 -98.63
CA LEU D 318 16.48 9.13 -99.06
C LEU D 318 17.65 8.24 -99.49
N ASN D 319 18.60 8.09 -98.57
CA ASN D 319 19.77 7.26 -98.79
C ASN D 319 20.09 6.45 -97.54
N ALA E 3 -30.02 4.85 -96.26
CA ALA E 3 -29.53 5.71 -97.32
C ALA E 3 -28.23 5.16 -97.92
N LYS E 4 -27.74 5.83 -98.97
CA LYS E 4 -26.48 5.42 -99.59
C LYS E 4 -25.31 5.65 -98.64
N SER E 5 -25.12 6.89 -98.21
CA SER E 5 -24.21 7.17 -97.11
C SER E 5 -24.90 6.84 -95.79
N ARG E 6 -24.18 7.16 -94.70
CA ARG E 6 -24.52 6.82 -93.31
C ARG E 6 -25.08 5.41 -93.14
N THR E 7 -24.39 4.46 -93.77
CA THR E 7 -24.66 3.04 -93.62
C THR E 7 -23.36 2.46 -93.07
N ILE E 8 -23.24 2.46 -91.76
CA ILE E 8 -21.95 2.30 -91.09
C ILE E 8 -21.75 0.84 -90.71
N GLY E 9 -20.61 0.28 -91.09
CA GLY E 9 -20.13 -0.94 -90.46
C GLY E 9 -18.96 -0.63 -89.55
N ILE E 10 -19.19 -0.64 -88.24
CA ILE E 10 -18.12 -0.33 -87.29
C ILE E 10 -17.16 -1.50 -87.20
N ILE E 11 -15.87 -1.22 -87.33
CA ILE E 11 -14.82 -2.20 -87.09
C ILE E 11 -13.97 -1.68 -85.95
N GLY E 12 -14.05 -2.32 -84.79
CA GLY E 12 -13.14 -2.00 -83.73
C GLY E 12 -11.74 -2.49 -84.05
N ALA E 13 -10.77 -1.89 -83.38
CA ALA E 13 -9.38 -2.29 -83.56
C ALA E 13 -8.57 -1.97 -82.31
N PRO E 14 -8.54 -2.86 -81.33
CA PRO E 14 -7.71 -2.65 -80.13
C PRO E 14 -6.25 -3.03 -80.36
N PHE E 15 -5.48 -2.09 -80.92
CA PHE E 15 -4.09 -2.36 -81.28
C PHE E 15 -3.21 -1.23 -80.81
N SER E 16 -2.09 -1.56 -80.17
CA SER E 16 -1.24 -0.56 -79.53
C SER E 16 0.24 -0.76 -79.81
N LYS E 17 0.62 -1.66 -80.71
CA LYS E 17 2.03 -1.97 -80.93
C LYS E 17 2.62 -1.20 -82.09
N GLY E 18 2.08 -0.01 -82.37
CA GLY E 18 2.68 0.88 -83.34
C GLY E 18 3.08 2.20 -82.71
N GLN E 19 2.70 2.38 -81.46
CA GLN E 19 3.02 3.56 -80.68
C GLN E 19 3.38 3.13 -79.26
N PRO E 20 4.27 3.84 -78.58
CA PRO E 20 4.77 3.34 -77.31
C PRO E 20 3.81 3.51 -76.13
N ARG E 21 2.99 4.55 -76.12
CA ARG E 21 2.13 4.82 -74.97
C ARG E 21 0.93 3.88 -75.01
N GLY E 22 1.04 2.76 -74.31
CA GLY E 22 -0.04 1.81 -74.29
C GLY E 22 -1.24 2.31 -73.52
N GLY E 23 -2.40 1.79 -73.89
CA GLY E 23 -3.63 2.30 -73.37
C GLY E 23 -4.65 2.46 -74.48
N VAL E 24 -4.18 2.55 -75.73
CA VAL E 24 -5.10 2.61 -76.85
C VAL E 24 -5.63 1.24 -77.24
N GLU E 25 -5.19 0.17 -76.55
CA GLU E 25 -5.93 -1.08 -76.56
C GLU E 25 -7.35 -0.87 -76.09
N GLU E 26 -7.55 0.02 -75.12
CA GLU E 26 -8.90 0.45 -74.75
C GLU E 26 -9.31 1.68 -75.55
N GLY E 27 -9.15 1.61 -76.86
CA GLY E 27 -9.59 2.65 -77.74
C GLY E 27 -11.03 2.49 -78.16
N PRO E 28 -11.36 1.36 -78.82
CA PRO E 28 -12.76 1.06 -79.07
C PRO E 28 -13.58 0.80 -77.83
N THR E 29 -12.95 0.36 -76.74
CA THR E 29 -13.69 0.12 -75.51
C THR E 29 -14.31 1.41 -74.98
N VAL E 30 -13.56 2.50 -75.02
CA VAL E 30 -14.11 3.75 -74.50
C VAL E 30 -14.96 4.48 -75.54
N LEU E 31 -14.62 4.37 -76.83
CA LEU E 31 -15.49 4.95 -77.85
C LEU E 31 -16.80 4.18 -78.02
N ARG E 32 -16.90 2.97 -77.51
CA ARG E 32 -18.20 2.30 -77.50
C ARG E 32 -18.91 2.44 -76.17
N LYS E 33 -18.20 2.49 -75.05
CA LYS E 33 -18.89 2.68 -73.78
C LYS E 33 -19.31 4.13 -73.56
N ALA E 34 -18.86 5.05 -74.42
CA ALA E 34 -19.48 6.36 -74.53
C ALA E 34 -20.55 6.39 -75.61
N GLY E 35 -20.92 5.23 -76.14
CA GLY E 35 -22.15 5.10 -76.91
C GLY E 35 -22.10 5.72 -78.27
N LEU E 36 -21.15 5.30 -79.10
CA LEU E 36 -21.13 5.78 -80.47
C LEU E 36 -22.26 5.16 -81.28
N LEU E 37 -22.60 3.91 -80.97
CA LEU E 37 -23.64 3.21 -81.72
C LEU E 37 -25.01 3.84 -81.48
N GLU E 38 -25.38 4.00 -80.22
CA GLU E 38 -26.70 4.55 -79.91
C GLU E 38 -26.81 6.02 -80.27
N LYS E 39 -25.70 6.75 -80.25
CA LYS E 39 -25.75 8.11 -80.77
C LYS E 39 -25.76 8.15 -82.29
N LEU E 40 -25.38 7.05 -82.95
CA LEU E 40 -25.64 6.95 -84.37
C LEU E 40 -27.06 6.52 -84.69
N LYS E 41 -27.72 5.82 -83.77
CA LYS E 41 -28.99 5.20 -84.13
C LYS E 41 -30.20 6.11 -84.02
N GLU E 42 -30.05 7.39 -83.65
CA GLU E 42 -31.19 8.30 -83.76
C GLU E 42 -31.47 8.63 -85.21
N GLN E 43 -30.50 9.24 -85.89
CA GLN E 43 -30.62 9.40 -87.33
C GLN E 43 -30.46 8.06 -88.01
N GLU E 44 -30.95 7.98 -89.25
CA GLU E 44 -31.10 6.71 -89.95
C GLU E 44 -29.73 6.20 -90.39
N CYS E 45 -29.01 5.64 -89.42
CA CYS E 45 -27.72 5.00 -89.65
C CYS E 45 -27.89 3.51 -89.42
N ASP E 46 -27.82 2.72 -90.49
CA ASP E 46 -27.92 1.26 -90.38
C ASP E 46 -26.59 0.74 -89.84
N VAL E 47 -26.42 0.86 -88.52
CA VAL E 47 -25.17 0.53 -87.88
C VAL E 47 -25.12 -0.97 -87.63
N LYS E 48 -24.04 -1.61 -88.11
CA LYS E 48 -23.80 -3.02 -87.86
C LYS E 48 -22.42 -3.15 -87.23
N ASP E 49 -22.38 -3.46 -85.94
CA ASP E 49 -21.11 -3.60 -85.24
C ASP E 49 -20.49 -4.93 -85.63
N TYR E 50 -19.34 -4.87 -86.31
CA TYR E 50 -18.56 -6.05 -86.64
C TYR E 50 -17.62 -6.46 -85.52
N GLY E 51 -17.69 -5.80 -84.38
CA GLY E 51 -16.93 -6.20 -83.22
C GLY E 51 -15.47 -5.84 -83.31
N ASP E 52 -14.80 -5.91 -82.16
CA ASP E 52 -13.37 -5.68 -82.11
C ASP E 52 -12.64 -6.85 -82.75
N LEU E 53 -11.47 -6.57 -83.25
CA LEU E 53 -10.81 -7.69 -83.89
C LEU E 53 -9.99 -8.49 -82.89
N PRO E 54 -9.82 -9.78 -83.12
CA PRO E 54 -8.85 -10.56 -82.35
C PRO E 54 -7.45 -10.43 -82.94
N PHE E 55 -6.57 -9.76 -82.21
CA PHE E 55 -5.20 -9.57 -82.67
C PHE E 55 -4.28 -10.55 -81.96
N ALA E 56 -3.59 -11.37 -82.74
CA ALA E 56 -2.67 -12.35 -82.19
C ALA E 56 -1.44 -11.67 -81.62
N ASP E 57 -0.80 -12.34 -80.67
CA ASP E 57 0.37 -11.82 -79.96
C ASP E 57 1.57 -12.67 -80.37
N ILE E 58 2.39 -12.14 -81.28
CA ILE E 58 3.58 -12.85 -81.75
C ILE E 58 4.64 -12.78 -80.66
N PRO E 59 5.10 -13.92 -80.14
CA PRO E 59 6.07 -13.88 -79.04
C PRO E 59 7.47 -13.49 -79.48
N ASN E 60 7.92 -13.95 -80.65
CA ASN E 60 9.27 -13.68 -81.13
C ASN E 60 9.25 -12.45 -82.03
N ASP E 61 8.92 -11.32 -81.41
CA ASP E 61 8.78 -10.06 -82.13
C ASP E 61 10.14 -9.37 -82.14
N SER E 62 11.02 -9.84 -83.01
CA SER E 62 12.30 -9.19 -83.19
C SER E 62 12.12 -7.91 -83.99
N PRO E 63 12.78 -6.83 -83.61
CA PRO E 63 12.63 -5.56 -84.33
C PRO E 63 13.33 -5.57 -85.67
N PHE E 64 13.13 -4.47 -86.39
CA PHE E 64 13.91 -4.13 -87.56
C PHE E 64 15.13 -3.34 -87.07
N GLN E 65 15.82 -2.60 -87.96
CA GLN E 65 16.92 -1.74 -87.55
C GLN E 65 16.48 -0.71 -86.52
N ILE E 66 15.59 0.19 -86.92
CA ILE E 66 15.04 1.16 -86.00
C ILE E 66 13.56 0.88 -85.69
N VAL E 67 12.83 0.31 -86.64
CA VAL E 67 11.40 0.03 -86.48
C VAL E 67 11.24 -1.11 -85.50
N LYS E 68 10.50 -0.87 -84.42
CA LYS E 68 10.30 -1.88 -83.40
C LYS E 68 8.84 -2.31 -83.34
N ASN E 69 8.65 -3.60 -83.05
CA ASN E 69 7.44 -4.41 -83.23
C ASN E 69 6.92 -4.31 -84.65
N PRO E 70 7.57 -4.90 -85.67
CA PRO E 70 7.06 -4.77 -87.04
C PRO E 70 6.11 -5.89 -87.47
N ARG E 71 6.24 -7.08 -86.89
CA ARG E 71 5.42 -8.19 -87.30
C ARG E 71 4.02 -8.10 -86.74
N SER E 72 3.89 -7.51 -85.55
CA SER E 72 2.57 -7.30 -84.97
C SER E 72 1.77 -6.31 -85.78
N VAL E 73 2.41 -5.25 -86.26
CA VAL E 73 1.70 -4.28 -87.08
C VAL E 73 1.38 -4.87 -88.45
N GLY E 74 2.27 -5.71 -88.98
CA GLY E 74 2.00 -6.34 -90.25
C GLY E 74 0.82 -7.28 -90.20
N LYS E 75 0.73 -8.09 -89.15
CA LYS E 75 -0.38 -9.03 -89.04
C LYS E 75 -1.68 -8.32 -88.69
N ALA E 76 -1.62 -7.30 -87.83
CA ALA E 76 -2.82 -6.55 -87.46
C ALA E 76 -3.39 -5.78 -88.64
N SER E 77 -2.52 -5.16 -89.45
CA SER E 77 -3.03 -4.44 -90.60
C SER E 77 -3.47 -5.37 -91.72
N GLU E 78 -2.91 -6.58 -91.81
CA GLU E 78 -3.42 -7.53 -92.81
C GLU E 78 -4.80 -8.04 -92.41
N GLN E 79 -4.99 -8.31 -91.13
CA GLN E 79 -6.29 -8.74 -90.63
C GLN E 79 -7.33 -7.62 -90.77
N LEU E 80 -6.91 -6.38 -90.52
CA LEU E 80 -7.82 -5.25 -90.65
C LEU E 80 -8.15 -4.96 -92.10
N ALA E 81 -7.19 -5.15 -93.02
CA ALA E 81 -7.48 -4.92 -94.43
C ALA E 81 -8.43 -5.96 -94.98
N GLY E 82 -8.32 -7.21 -94.49
CA GLY E 82 -9.31 -8.21 -94.85
C GLY E 82 -10.70 -7.87 -94.34
N LYS E 83 -10.78 -7.38 -93.10
CA LYS E 83 -12.07 -7.01 -92.53
C LYS E 83 -12.68 -5.78 -93.21
N VAL E 84 -11.84 -4.82 -93.63
CA VAL E 84 -12.36 -3.63 -94.29
C VAL E 84 -12.84 -3.96 -95.70
N ALA E 85 -12.11 -4.82 -96.42
CA ALA E 85 -12.60 -5.24 -97.72
C ALA E 85 -13.87 -6.08 -97.61
N GLU E 86 -14.01 -6.80 -96.48
CA GLU E 86 -15.26 -7.52 -96.20
C GLU E 86 -16.43 -6.55 -96.02
N VAL E 87 -16.23 -5.48 -95.25
CA VAL E 87 -17.36 -4.57 -95.01
C VAL E 87 -17.58 -3.60 -96.16
N LYS E 88 -16.62 -3.45 -97.07
CA LYS E 88 -16.87 -2.62 -98.24
C LYS E 88 -17.42 -3.40 -99.42
N LYS E 89 -17.30 -4.73 -99.41
CA LYS E 89 -18.09 -5.52 -100.33
C LYS E 89 -19.55 -5.64 -99.89
N ASN E 90 -19.85 -5.31 -98.64
CA ASN E 90 -21.23 -5.20 -98.17
C ASN E 90 -21.85 -3.85 -98.45
N GLY E 91 -21.13 -2.94 -99.10
CA GLY E 91 -21.67 -1.65 -99.45
C GLY E 91 -21.73 -0.65 -98.32
N ARG E 92 -21.21 -0.98 -97.15
CA ARG E 92 -21.29 -0.10 -95.99
C ARG E 92 -20.17 0.92 -96.05
N ILE E 93 -20.06 1.74 -95.00
CA ILE E 93 -18.93 2.65 -94.82
C ILE E 93 -18.10 2.09 -93.68
N SER E 94 -16.82 1.84 -93.96
CA SER E 94 -15.93 1.23 -92.98
C SER E 94 -15.55 2.28 -91.95
N LEU E 95 -16.21 2.26 -90.81
CA LEU E 95 -15.76 3.04 -89.66
C LEU E 95 -14.79 2.17 -88.87
N VAL E 96 -13.53 2.42 -89.06
CA VAL E 96 -12.48 1.81 -88.24
C VAL E 96 -12.17 2.79 -87.13
N LEU E 97 -12.05 2.29 -85.91
CA LEU E 97 -11.69 3.16 -84.81
C LEU E 97 -10.75 2.42 -83.88
N GLY E 98 -9.61 3.03 -83.58
CA GLY E 98 -8.54 2.38 -82.87
C GLY E 98 -8.28 2.99 -81.51
N GLY E 99 -7.06 2.80 -81.03
CA GLY E 99 -5.97 2.18 -81.75
C GLY E 99 -4.91 3.21 -82.05
N ASP E 100 -4.23 3.06 -83.18
CA ASP E 100 -3.21 4.01 -83.57
C ASP E 100 -3.09 4.01 -85.09
N HIS E 101 -2.38 5.01 -85.62
CA HIS E 101 -2.21 5.14 -87.06
C HIS E 101 -1.39 4.03 -87.70
N SER E 102 -0.81 3.11 -86.93
CA SER E 102 -0.21 1.92 -87.51
C SER E 102 -1.25 0.97 -88.11
N LEU E 103 -2.53 1.18 -87.82
CA LEU E 103 -3.62 0.43 -88.41
C LEU E 103 -4.06 1.01 -89.74
N ALA E 104 -3.68 2.25 -90.05
CA ALA E 104 -4.16 2.91 -91.26
C ALA E 104 -3.59 2.30 -92.52
N ILE E 105 -2.49 1.55 -92.42
CA ILE E 105 -1.95 0.78 -93.53
C ILE E 105 -3.01 -0.19 -94.06
N GLY E 106 -3.54 -1.02 -93.16
CA GLY E 106 -4.60 -1.92 -93.56
C GLY E 106 -5.93 -1.24 -93.76
N SER E 107 -6.20 -0.17 -93.01
CA SER E 107 -7.46 0.54 -93.14
C SER E 107 -7.61 1.25 -94.47
N ILE E 108 -6.51 1.53 -95.16
CA ILE E 108 -6.58 2.07 -96.50
C ILE E 108 -6.31 1.00 -97.57
N SER E 109 -5.50 -0.02 -97.26
CA SER E 109 -5.25 -1.08 -98.23
C SER E 109 -6.50 -1.91 -98.46
N GLY E 110 -7.21 -2.28 -97.40
CA GLY E 110 -8.46 -3.00 -97.56
C GLY E 110 -9.54 -2.16 -98.18
N HIS E 111 -9.49 -0.84 -97.96
CA HIS E 111 -10.43 0.06 -98.60
C HIS E 111 -10.15 0.17 -100.09
N ALA E 112 -8.89 0.04 -100.49
CA ALA E 112 -8.52 0.10 -101.89
C ALA E 112 -8.59 -1.26 -102.58
N ARG E 113 -8.77 -2.34 -101.82
CA ARG E 113 -9.11 -3.62 -102.42
C ARG E 113 -10.48 -3.61 -103.06
N VAL E 114 -11.35 -2.71 -102.63
CA VAL E 114 -12.70 -2.58 -103.19
C VAL E 114 -12.80 -1.39 -104.13
N HIS E 115 -12.20 -0.26 -103.76
CA HIS E 115 -12.21 0.94 -104.59
C HIS E 115 -10.78 1.37 -104.88
N PRO E 116 -10.22 1.00 -106.03
CA PRO E 116 -8.80 1.27 -106.30
C PRO E 116 -8.47 2.71 -106.63
N ASP E 117 -9.46 3.60 -106.68
CA ASP E 117 -9.24 4.99 -107.08
C ASP E 117 -9.78 5.95 -106.03
N LEU E 118 -9.42 5.70 -104.77
CA LEU E 118 -9.94 6.51 -103.69
C LEU E 118 -9.03 7.71 -103.43
N GLY E 119 -9.44 8.53 -102.46
CA GLY E 119 -8.58 9.56 -101.94
C GLY E 119 -8.61 9.51 -100.42
N VAL E 120 -7.62 10.13 -99.81
CA VAL E 120 -7.49 10.14 -98.36
C VAL E 120 -7.35 11.58 -97.90
N ILE E 121 -8.25 12.01 -97.02
CA ILE E 121 -8.07 13.23 -96.26
C ILE E 121 -7.48 12.83 -94.93
N TRP E 122 -6.26 13.26 -94.67
CA TRP E 122 -5.47 12.80 -93.54
C TRP E 122 -5.39 13.93 -92.53
N VAL E 123 -6.31 13.96 -91.58
CA VAL E 123 -6.28 15.00 -90.55
C VAL E 123 -5.40 14.50 -89.41
N ASP E 124 -4.17 15.01 -89.33
CA ASP E 124 -3.25 14.67 -88.25
C ASP E 124 -2.36 15.87 -88.02
N ALA E 125 -1.81 15.95 -86.80
CA ALA E 125 -0.78 16.94 -86.53
C ALA E 125 0.49 16.64 -87.31
N HIS E 126 0.71 15.38 -87.64
CA HIS E 126 1.93 14.89 -88.23
C HIS E 126 1.63 14.42 -89.64
N THR E 127 2.68 14.24 -90.43
CA THR E 127 2.47 13.74 -91.77
C THR E 127 2.40 12.22 -91.83
N ASP E 128 3.01 11.54 -90.86
CA ASP E 128 3.06 10.08 -90.77
C ASP E 128 3.63 9.44 -92.02
N ILE E 129 4.66 10.05 -92.60
CA ILE E 129 5.12 9.65 -93.93
C ILE E 129 6.57 9.15 -93.90
N ASN E 130 7.10 8.88 -92.70
CA ASN E 130 8.44 8.32 -92.57
C ASN E 130 8.57 6.94 -93.20
N THR E 131 9.72 6.67 -93.78
CA THR E 131 10.10 5.34 -94.19
C THR E 131 10.68 4.63 -92.98
N PRO E 132 10.97 3.31 -93.07
CA PRO E 132 11.81 2.71 -92.04
C PRO E 132 13.26 3.20 -92.06
N LEU E 133 13.70 3.86 -93.13
CA LEU E 133 15.05 4.40 -93.19
C LEU E 133 15.13 5.83 -92.68
N THR E 134 14.19 6.70 -93.05
CA THR E 134 14.21 8.09 -92.66
C THR E 134 13.64 8.33 -91.28
N THR E 135 13.21 7.30 -90.57
CA THR E 135 12.67 7.49 -89.25
C THR E 135 13.78 7.78 -88.25
N THR E 136 13.42 8.55 -87.23
CA THR E 136 14.19 8.63 -86.01
C THR E 136 13.48 7.99 -84.85
N SER E 137 12.15 7.96 -84.89
CA SER E 137 11.37 7.42 -83.79
C SER E 137 11.44 5.90 -83.73
N GLY E 138 11.38 5.25 -84.89
CA GLY E 138 11.28 3.82 -84.91
C GLY E 138 9.91 3.28 -84.61
N ASN E 139 8.89 4.14 -84.55
CA ASN E 139 7.52 3.72 -84.32
C ASN E 139 6.80 3.56 -85.64
N LEU E 140 5.75 2.77 -85.64
CA LEU E 140 4.93 2.62 -86.84
C LEU E 140 3.62 3.38 -86.76
N HIS E 141 3.36 4.14 -85.69
CA HIS E 141 2.28 5.11 -85.79
C HIS E 141 2.72 6.35 -86.53
N GLY E 142 4.00 6.45 -86.83
CA GLY E 142 4.54 7.50 -87.67
C GLY E 142 4.91 7.07 -89.06
N GLN E 143 4.73 5.80 -89.40
CA GLN E 143 4.99 5.45 -90.79
C GLN E 143 3.88 4.79 -91.61
N PRO E 144 2.57 5.13 -91.51
CA PRO E 144 1.64 4.40 -92.37
C PRO E 144 1.62 4.87 -93.82
N VAL E 145 1.81 6.16 -94.06
CA VAL E 145 1.54 6.70 -95.39
C VAL E 145 2.59 6.27 -96.40
N SER E 146 3.83 6.07 -95.94
CA SER E 146 4.92 5.72 -96.84
C SER E 146 4.74 4.34 -97.46
N PHE E 147 4.08 3.42 -96.76
CA PHE E 147 3.75 2.14 -97.36
C PHE E 147 2.62 2.27 -98.38
N LEU E 148 1.75 3.25 -98.20
CA LEU E 148 0.53 3.36 -98.98
C LEU E 148 0.72 4.18 -100.25
N LEU E 149 1.70 5.07 -100.29
CA LEU E 149 1.97 5.82 -101.51
C LEU E 149 2.65 4.92 -102.52
N LYS E 150 2.20 5.01 -103.77
CA LYS E 150 2.79 4.19 -104.83
C LYS E 150 4.17 4.70 -105.22
N GLU E 151 4.43 5.99 -105.03
CA GLU E 151 5.67 6.59 -105.51
C GLU E 151 6.86 6.31 -104.61
N LEU E 152 6.67 5.65 -103.47
CA LEU E 152 7.78 5.30 -102.59
C LEU E 152 8.15 3.83 -102.67
N LYS E 153 7.75 3.14 -103.73
CA LYS E 153 8.19 1.77 -103.93
C LYS E 153 9.68 1.77 -104.32
N GLY E 154 10.44 0.88 -103.69
CA GLY E 154 11.87 0.82 -103.84
C GLY E 154 12.62 1.54 -102.75
N LYS E 155 12.05 2.61 -102.22
CA LYS E 155 12.62 3.31 -101.08
C LYS E 155 12.13 2.76 -99.75
N ILE E 156 11.37 1.67 -99.79
CA ILE E 156 10.88 0.98 -98.60
C ILE E 156 11.51 -0.40 -98.55
N PRO E 157 12.29 -0.72 -97.54
CA PRO E 157 12.83 -2.09 -97.42
C PRO E 157 11.73 -3.08 -97.06
N ASP E 158 12.01 -4.35 -97.31
CA ASP E 158 11.05 -5.42 -97.04
C ASP E 158 11.01 -5.66 -95.55
N VAL E 159 10.12 -4.95 -94.87
CA VAL E 159 9.98 -5.07 -93.41
C VAL E 159 9.33 -6.41 -93.10
N PRO E 160 9.75 -7.12 -92.06
CA PRO E 160 9.03 -8.33 -91.65
C PRO E 160 7.61 -8.02 -91.19
N GLY E 161 6.64 -8.62 -91.86
CA GLY E 161 5.24 -8.38 -91.61
C GLY E 161 4.53 -7.63 -92.71
N PHE E 162 5.24 -6.78 -93.45
CA PHE E 162 4.63 -5.95 -94.48
C PHE E 162 4.92 -6.46 -95.88
N SER E 163 5.06 -7.78 -96.03
CA SER E 163 5.23 -8.35 -97.36
C SER E 163 3.94 -8.36 -98.17
N TRP E 164 2.78 -8.30 -97.51
CA TRP E 164 1.50 -8.29 -98.20
C TRP E 164 1.14 -6.92 -98.74
N VAL E 165 1.78 -5.85 -98.25
CA VAL E 165 1.33 -4.49 -98.51
C VAL E 165 1.64 -4.10 -99.95
N THR E 166 0.64 -4.08 -100.76
CA THR E 166 0.72 -3.49 -102.09
C THR E 166 0.36 -2.02 -101.99
N PRO E 167 1.16 -1.12 -102.57
CA PRO E 167 0.82 0.31 -102.51
C PRO E 167 -0.45 0.61 -103.29
N CYS E 168 -1.25 1.52 -102.73
CA CYS E 168 -2.63 1.66 -103.12
C CYS E 168 -3.00 3.04 -103.65
N ILE E 169 -2.51 4.12 -103.05
CA ILE E 169 -2.87 5.45 -103.47
C ILE E 169 -1.64 6.14 -104.06
N SER E 170 -1.90 7.14 -104.90
CA SER E 170 -0.83 7.93 -105.49
C SER E 170 -0.48 9.10 -104.58
N ALA E 171 0.54 9.85 -104.99
CA ALA E 171 0.96 11.00 -104.19
C ALA E 171 -0.02 12.15 -104.27
N LYS E 172 -0.70 12.30 -105.41
CA LYS E 172 -1.65 13.39 -105.59
C LYS E 172 -3.07 13.01 -105.23
N ASP E 173 -3.26 11.91 -104.49
CA ASP E 173 -4.57 11.50 -104.02
C ASP E 173 -4.64 11.42 -102.50
N ILE E 174 -3.83 12.22 -101.81
CA ILE E 174 -3.86 12.30 -100.36
C ILE E 174 -3.69 13.76 -99.95
N VAL E 175 -4.55 14.24 -99.06
CA VAL E 175 -4.55 15.63 -98.63
C VAL E 175 -4.41 15.65 -97.12
N TYR E 176 -3.41 16.38 -96.64
CA TYR E 176 -3.22 16.55 -95.21
C TYR E 176 -3.90 17.83 -94.74
N ILE E 177 -4.48 17.78 -93.55
CA ILE E 177 -5.04 18.94 -92.90
C ILE E 177 -4.55 18.96 -91.47
N GLY E 178 -3.89 20.03 -91.07
CA GLY E 178 -3.50 20.22 -89.70
C GLY E 178 -2.07 19.89 -89.37
N LEU E 179 -1.16 19.96 -90.34
CA LEU E 179 0.23 19.59 -90.10
C LEU E 179 0.93 20.66 -89.28
N ARG E 180 1.47 20.28 -88.13
CA ARG E 180 2.22 21.24 -87.33
C ARG E 180 3.41 20.62 -86.62
N ASP E 181 3.71 19.34 -86.82
CA ASP E 181 4.87 18.69 -86.21
C ASP E 181 5.41 17.72 -87.26
N VAL E 182 6.32 18.21 -88.09
CA VAL E 182 6.79 17.49 -89.26
C VAL E 182 8.30 17.30 -89.12
N ASP E 183 8.78 16.09 -89.41
CA ASP E 183 10.20 15.82 -89.39
C ASP E 183 10.89 16.53 -90.55
N PRO E 184 12.22 16.64 -90.51
CA PRO E 184 12.93 17.04 -91.75
C PRO E 184 12.79 16.02 -92.86
N GLY E 185 12.86 14.72 -92.54
CA GLY E 185 12.68 13.71 -93.55
C GLY E 185 11.28 13.70 -94.11
N GLU E 186 10.30 13.96 -93.26
CA GLU E 186 8.91 13.97 -93.70
C GLU E 186 8.62 15.15 -94.60
N HIS E 187 9.16 16.32 -94.28
CA HIS E 187 8.93 17.47 -95.14
C HIS E 187 9.74 17.40 -96.43
N TYR E 188 10.86 16.67 -96.44
CA TYR E 188 11.56 16.45 -97.70
C TYR E 188 10.76 15.54 -98.63
N ILE E 189 10.17 14.48 -98.08
CA ILE E 189 9.28 13.62 -98.87
C ILE E 189 8.05 14.39 -99.30
N LEU E 190 7.53 15.25 -98.43
CA LEU E 190 6.29 15.98 -98.68
C LEU E 190 6.48 17.04 -99.76
N LYS E 191 7.69 17.56 -99.91
CA LYS E 191 7.94 18.50 -101.01
C LYS E 191 8.49 17.84 -102.25
N THR E 192 9.10 16.66 -102.13
CA THR E 192 9.56 15.97 -103.33
C THR E 192 8.40 15.35 -104.09
N LEU E 193 7.47 14.72 -103.38
CA LEU E 193 6.32 14.11 -104.05
C LEU E 193 5.27 15.12 -104.44
N GLY E 194 5.33 16.34 -103.92
CA GLY E 194 4.35 17.36 -104.30
C GLY E 194 2.97 17.13 -103.76
N ILE E 195 2.85 16.51 -102.58
CA ILE E 195 1.56 16.21 -101.98
C ILE E 195 0.88 17.50 -101.57
N LYS E 196 -0.39 17.65 -101.94
CA LYS E 196 -1.16 18.85 -101.60
C LYS E 196 -1.55 18.77 -100.13
N TYR E 197 -0.81 19.45 -99.27
CA TYR E 197 -1.06 19.48 -97.85
C TYR E 197 -1.64 20.82 -97.44
N PHE E 198 -2.41 20.82 -96.36
CA PHE E 198 -2.91 22.06 -95.76
C PHE E 198 -2.45 22.08 -94.31
N SER E 199 -1.24 22.57 -94.09
CA SER E 199 -0.70 22.70 -92.75
C SER E 199 -1.34 23.89 -92.04
N MET E 200 -0.94 24.12 -90.80
CA MET E 200 -1.60 25.14 -89.99
C MET E 200 -1.29 26.55 -90.46
N THR E 201 -0.22 26.74 -91.23
CA THR E 201 -0.02 28.01 -91.91
C THR E 201 -1.14 28.28 -92.91
N GLU E 202 -1.46 27.30 -93.74
CA GLU E 202 -2.49 27.49 -94.75
C GLU E 202 -3.88 27.50 -94.13
N VAL E 203 -4.07 26.79 -93.02
CA VAL E 203 -5.36 26.81 -92.34
C VAL E 203 -5.59 28.16 -91.68
N ASP E 204 -4.54 28.75 -91.11
CA ASP E 204 -4.69 30.10 -90.56
C ASP E 204 -4.80 31.15 -91.66
N ARG E 205 -4.13 30.94 -92.79
CA ARG E 205 -4.22 31.86 -93.92
C ARG E 205 -5.63 31.90 -94.49
N LEU E 206 -6.13 30.73 -94.89
CA LEU E 206 -7.32 30.67 -95.71
C LEU E 206 -8.59 30.57 -94.88
N GLY E 207 -8.49 30.10 -93.65
CA GLY E 207 -9.70 29.71 -92.94
C GLY E 207 -10.17 28.34 -93.38
N ILE E 208 -10.86 27.64 -92.46
CA ILE E 208 -11.19 26.24 -92.70
C ILE E 208 -12.27 26.09 -93.78
N GLY E 209 -13.00 27.16 -94.09
CA GLY E 209 -13.93 27.11 -95.21
C GLY E 209 -13.22 27.03 -96.55
N LYS E 210 -12.23 27.91 -96.76
CA LYS E 210 -11.47 27.90 -97.99
C LYS E 210 -10.58 26.67 -98.08
N VAL E 211 -10.09 26.17 -96.94
CA VAL E 211 -9.26 24.97 -96.93
C VAL E 211 -10.07 23.75 -97.34
N MET E 212 -11.27 23.59 -96.78
CA MET E 212 -12.09 22.45 -97.17
C MET E 212 -12.62 22.60 -98.59
N GLU E 213 -12.85 23.82 -99.05
CA GLU E 213 -13.25 24.02 -100.44
C GLU E 213 -12.14 23.62 -101.40
N GLU E 214 -10.90 24.02 -101.11
CA GLU E 214 -9.79 23.62 -101.97
C GLU E 214 -9.46 22.14 -101.85
N THR E 215 -9.71 21.54 -100.69
CA THR E 215 -9.50 20.10 -100.53
C THR E 215 -10.48 19.30 -101.38
N LEU E 216 -11.76 19.63 -101.29
CA LEU E 216 -12.76 18.90 -102.07
C LEU E 216 -12.66 19.22 -103.55
N SER E 217 -12.18 20.41 -103.91
CA SER E 217 -11.93 20.68 -105.32
C SER E 217 -10.69 19.95 -105.82
N TYR E 218 -9.73 19.67 -104.93
CA TYR E 218 -8.53 18.96 -105.35
C TYR E 218 -8.79 17.47 -105.52
N LEU E 219 -9.60 16.87 -104.65
CA LEU E 219 -9.82 15.44 -104.73
C LEU E 219 -11.02 15.06 -105.58
N LEU E 220 -12.07 15.88 -105.59
CA LEU E 220 -13.31 15.53 -106.26
C LEU E 220 -13.61 16.41 -107.46
N GLY E 221 -12.81 17.43 -107.71
CA GLY E 221 -13.06 18.32 -108.83
C GLY E 221 -12.82 17.67 -110.18
N ARG E 222 -11.95 16.68 -110.23
CA ARG E 222 -11.67 15.99 -111.49
C ARG E 222 -12.71 14.91 -111.76
N LYS E 223 -13.01 14.09 -110.76
CA LYS E 223 -13.88 12.94 -110.94
C LYS E 223 -14.42 12.52 -109.58
N LYS E 224 -15.69 12.13 -109.54
CA LYS E 224 -16.28 11.62 -108.32
C LYS E 224 -15.64 10.30 -107.94
N ARG E 225 -15.25 10.17 -106.67
CA ARG E 225 -14.52 9.01 -106.19
C ARG E 225 -14.67 8.94 -104.68
N PRO E 226 -14.48 7.75 -104.08
CA PRO E 226 -14.60 7.65 -102.62
C PRO E 226 -13.52 8.46 -101.89
N ILE E 227 -13.89 8.96 -100.72
CA ILE E 227 -13.03 9.75 -99.86
C ILE E 227 -12.87 9.01 -98.54
N HIS E 228 -11.64 8.88 -98.08
CA HIS E 228 -11.34 8.14 -96.87
C HIS E 228 -10.73 9.09 -95.85
N LEU E 229 -11.58 9.71 -95.03
CA LEU E 229 -11.11 10.57 -93.95
C LEU E 229 -10.44 9.70 -92.89
N SER E 230 -9.12 9.80 -92.80
CA SER E 230 -8.38 9.06 -91.76
C SER E 230 -8.07 10.07 -90.66
N PHE E 231 -9.05 10.31 -89.81
CA PHE E 231 -8.93 11.33 -88.79
C PHE E 231 -8.03 10.86 -87.67
N ASP E 232 -7.39 11.81 -87.00
CA ASP E 232 -6.53 11.54 -85.85
C ASP E 232 -6.83 12.58 -84.78
N VAL E 233 -6.70 12.20 -83.52
CA VAL E 233 -7.20 13.07 -82.46
C VAL E 233 -6.09 13.85 -81.79
N ASP E 234 -4.89 13.84 -82.37
CA ASP E 234 -3.94 14.90 -82.08
C ASP E 234 -3.90 15.92 -83.20
N GLY E 235 -4.67 15.68 -84.27
CA GLY E 235 -4.89 16.70 -85.27
C GLY E 235 -5.76 17.84 -84.78
N LEU E 236 -6.48 17.62 -83.68
CA LEU E 236 -7.17 18.69 -83.00
C LEU E 236 -6.27 19.30 -81.92
N ASP E 237 -6.73 20.39 -81.36
CA ASP E 237 -5.95 21.08 -80.35
C ASP E 237 -6.01 20.31 -79.04
N PRO E 238 -4.91 20.26 -78.28
CA PRO E 238 -4.91 19.51 -77.01
C PRO E 238 -5.78 20.10 -75.92
N SER E 239 -6.31 21.32 -76.10
CA SER E 239 -7.35 21.78 -75.21
C SER E 239 -8.69 21.13 -75.49
N PHE E 240 -8.83 20.43 -76.62
CA PHE E 240 -10.03 19.67 -76.91
C PHE E 240 -9.85 18.17 -76.80
N THR E 241 -8.71 17.64 -77.23
CA THR E 241 -8.40 16.21 -77.09
C THR E 241 -7.06 16.06 -76.39
N PRO E 242 -7.00 16.23 -75.07
CA PRO E 242 -5.70 16.07 -74.37
C PRO E 242 -5.30 14.63 -74.19
N ALA E 243 -6.23 13.69 -74.22
CA ALA E 243 -5.91 12.28 -73.95
C ALA E 243 -5.57 11.55 -75.25
N THR E 244 -4.57 12.07 -75.95
CA THR E 244 -4.06 11.45 -77.15
C THR E 244 -2.56 11.21 -76.99
N GLY E 245 -2.00 10.43 -77.91
CA GLY E 245 -0.68 9.85 -77.69
C GLY E 245 0.43 10.87 -77.83
N THR E 246 0.42 11.64 -78.92
CA THR E 246 1.46 12.62 -79.20
C THR E 246 0.81 13.99 -79.35
N PRO E 247 0.52 14.67 -78.24
CA PRO E 247 -0.20 15.95 -78.32
C PRO E 247 0.72 17.07 -78.78
N VAL E 248 0.28 17.80 -79.80
CA VAL E 248 1.02 18.94 -80.32
C VAL E 248 0.12 20.16 -80.21
N VAL E 249 0.60 21.19 -79.50
CA VAL E 249 -0.25 22.31 -79.17
C VAL E 249 -0.49 23.20 -80.39
N GLY E 250 -1.61 23.90 -80.35
CA GLY E 250 -1.94 24.86 -81.39
C GLY E 250 -2.37 24.24 -82.70
N GLY E 251 -3.41 23.41 -82.65
CA GLY E 251 -3.92 22.76 -83.82
C GLY E 251 -5.34 23.15 -84.15
N LEU E 252 -6.04 22.25 -84.81
CA LEU E 252 -7.41 22.52 -85.24
C LEU E 252 -8.32 22.59 -84.04
N THR E 253 -9.28 23.51 -84.09
CA THR E 253 -10.25 23.57 -83.02
C THR E 253 -11.29 22.48 -83.20
N TYR E 254 -12.11 22.31 -82.16
CA TYR E 254 -13.29 21.45 -82.22
C TYR E 254 -14.25 21.93 -83.30
N ARG E 255 -14.37 23.24 -83.46
CA ARG E 255 -15.21 23.82 -84.50
C ARG E 255 -14.69 23.47 -85.89
N GLU E 256 -13.39 23.70 -86.12
CA GLU E 256 -12.82 23.43 -87.43
C GLU E 256 -12.79 21.95 -87.73
N GLY E 257 -12.61 21.10 -86.72
CA GLY E 257 -12.68 19.67 -86.92
C GLY E 257 -14.06 19.22 -87.35
N LEU E 258 -15.09 19.74 -86.67
CA LEU E 258 -16.46 19.42 -87.08
C LEU E 258 -16.78 19.98 -88.47
N TYR E 259 -16.17 21.11 -88.85
CA TYR E 259 -16.44 21.65 -90.17
C TYR E 259 -15.82 20.79 -91.26
N ILE E 260 -14.62 20.25 -91.02
CA ILE E 260 -14.00 19.32 -91.96
C ILE E 260 -14.89 18.12 -92.17
N THR E 261 -15.40 17.55 -91.08
CA THR E 261 -16.22 16.35 -91.19
C THR E 261 -17.56 16.62 -91.85
N GLU E 262 -18.15 17.79 -91.60
CA GLU E 262 -19.43 18.13 -92.21
C GLU E 262 -19.28 18.37 -93.70
N GLU E 263 -18.18 18.98 -94.13
CA GLU E 263 -18.00 19.16 -95.56
C GLU E 263 -17.61 17.88 -96.26
N ILE E 264 -17.02 16.92 -95.55
CA ILE E 264 -16.81 15.62 -96.16
C ILE E 264 -18.14 14.88 -96.30
N TYR E 265 -19.03 15.03 -95.31
CA TYR E 265 -20.34 14.39 -95.40
C TYR E 265 -21.19 14.94 -96.53
N LYS E 266 -21.24 16.27 -96.65
CA LYS E 266 -22.14 16.86 -97.64
C LYS E 266 -21.66 16.74 -99.08
N THR E 267 -20.50 16.12 -99.32
CA THR E 267 -20.20 15.62 -100.65
C THR E 267 -21.01 14.37 -100.97
N GLY E 268 -21.38 13.61 -99.93
CA GLY E 268 -22.04 12.34 -100.16
C GLY E 268 -21.14 11.26 -100.70
N LEU E 269 -19.82 11.39 -100.50
CA LEU E 269 -18.87 10.41 -101.00
C LEU E 269 -17.90 9.94 -99.93
N LEU E 270 -18.18 10.20 -98.65
CA LEU E 270 -17.37 9.60 -97.60
C LEU E 270 -17.58 8.11 -97.58
N SER E 271 -16.49 7.36 -97.65
CA SER E 271 -16.61 5.92 -97.84
C SER E 271 -15.65 5.14 -96.95
N GLY E 272 -15.20 5.72 -95.85
CA GLY E 272 -14.29 5.07 -94.95
C GLY E 272 -13.80 6.08 -93.93
N LEU E 273 -13.68 5.68 -92.68
CA LEU E 273 -13.34 6.62 -91.63
C LEU E 273 -12.44 5.95 -90.61
N ASP E 274 -11.48 6.72 -90.10
CA ASP E 274 -10.56 6.23 -89.08
C ASP E 274 -10.60 7.20 -87.92
N ILE E 275 -10.79 6.69 -86.71
CA ILE E 275 -10.67 7.48 -85.49
C ILE E 275 -9.55 6.86 -84.68
N MET E 276 -8.36 7.45 -84.77
CA MET E 276 -7.16 6.82 -84.26
C MET E 276 -6.58 7.62 -83.11
N GLU E 277 -5.66 6.96 -82.39
CA GLU E 277 -4.84 7.52 -81.30
C GLU E 277 -5.66 8.04 -80.13
N VAL E 278 -6.85 7.53 -79.90
CA VAL E 278 -7.58 7.87 -78.69
C VAL E 278 -6.99 7.06 -77.55
N ASN E 279 -6.46 7.73 -76.54
CA ASN E 279 -5.72 7.06 -75.47
C ASN E 279 -6.33 7.47 -74.14
N PRO E 280 -7.24 6.67 -73.59
CA PRO E 280 -8.02 7.09 -72.43
C PRO E 280 -7.28 7.00 -71.10
N SER E 281 -5.98 6.83 -71.10
CA SER E 281 -5.21 6.83 -69.88
C SER E 281 -4.21 7.96 -69.79
N LEU E 282 -4.19 8.87 -70.77
CA LEU E 282 -3.29 10.01 -70.71
C LEU E 282 -4.00 11.28 -70.28
N GLY E 283 -5.29 11.20 -69.96
CA GLY E 283 -5.96 12.32 -69.35
C GLY E 283 -5.49 12.47 -67.92
N LYS E 284 -5.07 13.68 -67.54
CA LYS E 284 -4.58 13.90 -66.19
C LYS E 284 -5.72 13.89 -65.19
N THR E 285 -6.92 14.21 -65.63
CA THR E 285 -8.17 13.90 -64.94
C THR E 285 -8.99 13.02 -65.86
N PRO E 286 -9.96 12.27 -65.33
CA PRO E 286 -10.91 11.58 -66.22
C PRO E 286 -11.80 12.53 -66.99
N GLU E 287 -11.93 13.79 -66.57
CA GLU E 287 -12.65 14.78 -67.35
C GLU E 287 -11.92 15.10 -68.64
N GLU E 288 -10.59 14.98 -68.64
CA GLU E 288 -9.83 15.15 -69.88
C GLU E 288 -10.11 14.02 -70.85
N VAL E 289 -10.23 12.79 -70.33
CA VAL E 289 -10.63 11.65 -71.15
C VAL E 289 -12.05 11.85 -71.66
N THR E 290 -12.90 12.44 -70.82
CA THR E 290 -14.29 12.68 -71.19
C THR E 290 -14.38 13.69 -72.33
N ARG E 291 -13.55 14.75 -72.28
CA ARG E 291 -13.54 15.71 -73.36
C ARG E 291 -12.99 15.11 -74.64
N THR E 292 -11.97 14.25 -74.52
CA THR E 292 -11.39 13.60 -75.70
C THR E 292 -12.40 12.70 -76.39
N VAL E 293 -13.07 11.86 -75.61
CA VAL E 293 -13.95 10.86 -76.20
C VAL E 293 -15.23 11.50 -76.70
N ASN E 294 -15.75 12.52 -76.01
CA ASN E 294 -16.91 13.23 -76.53
C ASN E 294 -16.55 14.00 -77.80
N THR E 295 -15.32 14.49 -77.91
CA THR E 295 -14.89 15.15 -79.12
C THR E 295 -14.83 14.16 -80.29
N ALA E 296 -14.25 12.98 -80.05
CA ALA E 296 -14.13 12.00 -81.12
C ALA E 296 -15.49 11.44 -81.53
N VAL E 297 -16.40 11.26 -80.57
CA VAL E 297 -17.76 10.84 -80.88
C VAL E 297 -18.47 11.90 -81.71
N ALA E 298 -18.31 13.18 -81.34
CA ALA E 298 -18.97 14.24 -82.10
C ALA E 298 -18.39 14.38 -83.51
N ILE E 299 -17.09 14.13 -83.67
CA ILE E 299 -16.47 14.12 -84.99
C ILE E 299 -17.07 13.00 -85.84
N THR E 300 -17.21 11.80 -85.27
CA THR E 300 -17.76 10.67 -86.01
C THR E 300 -19.21 10.90 -86.40
N LEU E 301 -20.00 11.47 -85.48
CA LEU E 301 -21.40 11.75 -85.76
C LEU E 301 -21.55 12.82 -86.82
N ALA E 302 -20.68 13.84 -86.81
CA ALA E 302 -20.75 14.85 -87.85
C ALA E 302 -20.25 14.32 -89.18
N CYS E 303 -19.41 13.28 -89.17
CA CYS E 303 -19.10 12.59 -90.42
C CYS E 303 -20.34 11.92 -90.99
N PHE E 304 -21.18 11.34 -90.13
CA PHE E 304 -22.30 10.55 -90.63
C PHE E 304 -23.64 11.25 -90.48
N GLY E 305 -23.71 12.55 -90.71
CA GLY E 305 -24.96 13.22 -90.95
C GLY E 305 -25.40 14.22 -89.91
N LEU E 306 -24.81 14.19 -88.71
CA LEU E 306 -25.21 15.11 -87.66
C LEU E 306 -24.63 16.48 -88.01
N ALA E 307 -25.41 17.26 -88.75
CA ALA E 307 -25.04 18.64 -89.02
C ALA E 307 -25.38 19.49 -87.82
N ARG E 308 -24.57 20.52 -87.58
CA ARG E 308 -24.81 21.39 -86.44
C ARG E 308 -26.01 22.30 -86.65
N GLU E 309 -26.46 22.46 -87.89
CA GLU E 309 -27.72 23.17 -88.12
C GLU E 309 -28.92 22.37 -87.63
N GLY E 310 -28.81 21.07 -87.49
CA GLY E 310 -29.89 20.21 -87.08
C GLY E 310 -30.33 19.29 -88.20
N ASN E 311 -31.05 18.23 -87.83
CA ASN E 311 -31.53 17.26 -88.79
C ASN E 311 -32.97 16.92 -88.50
N HIS E 312 -33.80 16.91 -89.54
CA HIS E 312 -35.20 16.57 -89.40
C HIS E 312 -35.50 15.35 -90.27
N LYS E 313 -36.37 14.51 -89.78
CA LYS E 313 -36.87 13.45 -90.65
C LYS E 313 -37.90 14.03 -91.60
N PRO E 314 -37.93 13.60 -92.86
CA PRO E 314 -38.82 14.23 -93.85
C PRO E 314 -40.28 13.81 -93.72
N ILE E 315 -40.84 14.02 -92.53
CA ILE E 315 -42.26 13.86 -92.25
C ILE E 315 -42.72 15.11 -91.53
N ASP E 316 -44.04 15.32 -91.51
CA ASP E 316 -44.59 16.52 -90.90
C ASP E 316 -44.49 16.41 -89.37
N TYR E 317 -43.98 17.47 -88.75
CA TYR E 317 -43.92 17.56 -87.31
C TYR E 317 -44.95 18.52 -86.73
N LEU E 318 -45.59 19.34 -87.56
CA LEU E 318 -46.54 20.34 -87.07
C LEU E 318 -47.96 19.78 -87.06
N ASN E 319 -48.11 18.65 -86.36
CA ASN E 319 -49.40 17.99 -86.22
C ASN E 319 -49.58 17.49 -84.80
N GLU F 1 -3.58 2.14 -61.89
CA GLU F 1 -2.62 1.89 -60.80
C GLU F 1 -2.33 0.40 -60.78
N ILE F 2 -1.57 -0.12 -61.74
CA ILE F 2 -1.36 -1.55 -61.84
C ILE F 2 -0.37 -1.96 -60.77
N VAL F 3 -0.78 -2.88 -59.90
CA VAL F 3 0.12 -3.44 -58.91
C VAL F 3 0.92 -4.56 -59.57
N MET F 4 2.24 -4.48 -59.47
CA MET F 4 3.12 -5.50 -60.01
C MET F 4 3.57 -6.42 -58.88
N THR F 5 3.31 -7.72 -59.02
CA THR F 5 3.61 -8.70 -57.99
C THR F 5 4.73 -9.62 -58.46
N GLN F 6 5.68 -9.87 -57.57
CA GLN F 6 6.79 -10.79 -57.83
C GLN F 6 6.58 -12.03 -56.99
N SER F 7 6.62 -13.19 -57.63
CA SER F 7 6.22 -14.41 -56.94
C SER F 7 7.28 -14.93 -55.96
N PRO F 8 8.61 -14.97 -56.28
CA PRO F 8 9.56 -15.23 -55.20
C PRO F 8 9.78 -13.99 -54.37
N ALA F 9 9.22 -13.97 -53.15
CA ALA F 9 9.43 -12.84 -52.26
C ALA F 9 10.88 -12.79 -51.80
N THR F 10 11.43 -13.94 -51.43
CA THR F 10 12.86 -14.10 -51.23
C THR F 10 13.34 -15.25 -52.12
N LEU F 11 14.67 -15.36 -52.22
CA LEU F 11 15.27 -16.41 -53.02
C LEU F 11 16.68 -16.63 -52.51
N SER F 12 17.12 -17.88 -52.51
CA SER F 12 18.47 -18.23 -52.06
C SER F 12 18.93 -19.41 -52.91
N LEU F 13 19.76 -19.13 -53.92
CA LEU F 13 20.19 -20.17 -54.83
C LEU F 13 21.71 -20.12 -54.93
N SER F 14 22.32 -21.30 -54.95
CA SER F 14 23.76 -21.44 -54.89
C SER F 14 24.41 -20.98 -56.19
N PRO F 15 25.74 -20.76 -56.21
CA PRO F 15 26.41 -20.58 -57.51
C PRO F 15 26.31 -21.85 -58.35
N GLY F 16 25.52 -21.78 -59.42
CA GLY F 16 25.09 -23.00 -60.07
C GLY F 16 23.99 -22.82 -61.09
N GLU F 17 22.89 -23.53 -60.89
CA GLU F 17 21.86 -23.72 -61.92
C GLU F 17 20.97 -22.49 -62.06
N ARG F 18 19.86 -22.66 -62.78
CA ARG F 18 18.99 -21.55 -63.16
C ARG F 18 18.24 -21.00 -61.97
N ALA F 19 18.00 -19.69 -61.99
CA ALA F 19 17.40 -18.91 -60.91
C ALA F 19 16.20 -18.14 -61.42
N THR F 20 15.28 -18.86 -62.08
CA THR F 20 14.15 -18.25 -62.77
C THR F 20 13.21 -17.54 -61.80
N LEU F 21 12.76 -16.36 -62.18
CA LEU F 21 11.94 -15.50 -61.35
C LEU F 21 10.62 -15.21 -62.06
N SER F 22 9.76 -14.44 -61.40
CA SER F 22 8.44 -14.16 -61.93
C SER F 22 8.00 -12.76 -61.54
N CYS F 23 7.35 -12.07 -62.48
CA CYS F 23 6.71 -10.78 -62.21
C CYS F 23 5.34 -10.82 -62.85
N ARG F 24 4.29 -10.87 -62.02
CA ARG F 24 2.92 -10.96 -62.51
C ARG F 24 2.28 -9.58 -62.48
N ALA F 25 1.71 -9.17 -63.61
CA ALA F 25 1.03 -7.89 -63.72
C ALA F 25 -0.45 -8.04 -63.37
N SER F 26 -1.12 -6.90 -63.20
CA SER F 26 -2.56 -6.90 -63.01
C SER F 26 -3.32 -6.80 -64.33
N GLN F 27 -2.66 -6.36 -65.40
CA GLN F 27 -3.27 -6.27 -66.72
C GLN F 27 -2.31 -6.85 -67.74
N SER F 28 -2.57 -6.62 -69.01
CA SER F 28 -1.69 -7.08 -70.08
C SER F 28 -0.75 -5.93 -70.40
N VAL F 29 0.47 -5.99 -69.86
CA VAL F 29 1.50 -5.01 -70.18
C VAL F 29 1.98 -5.20 -71.61
N SER F 30 1.94 -6.45 -72.11
CA SER F 30 2.17 -6.83 -73.51
C SER F 30 3.57 -6.43 -73.99
N SER F 31 4.56 -7.10 -73.40
CA SER F 31 5.97 -7.08 -73.83
C SER F 31 6.55 -5.67 -73.69
N TYR F 32 6.38 -5.10 -72.50
CA TYR F 32 6.69 -3.71 -72.26
C TYR F 32 7.25 -3.47 -70.86
N LEU F 33 7.93 -4.44 -70.26
CA LEU F 33 8.43 -4.23 -68.92
C LEU F 33 9.90 -4.62 -68.83
N ALA F 34 10.53 -4.17 -67.74
CA ALA F 34 11.98 -4.17 -67.61
C ALA F 34 12.41 -4.87 -66.32
N TRP F 35 13.71 -5.13 -66.22
CA TRP F 35 14.31 -5.87 -65.14
C TRP F 35 15.58 -5.19 -64.63
N TYR F 36 15.74 -5.13 -63.31
CA TYR F 36 16.84 -4.37 -62.74
C TYR F 36 17.66 -5.20 -61.76
N GLN F 37 18.79 -4.64 -61.33
CA GLN F 37 19.81 -5.37 -60.58
C GLN F 37 20.31 -4.51 -59.41
N GLN F 38 19.40 -4.00 -58.58
CA GLN F 38 19.81 -3.04 -57.54
C GLN F 38 20.61 -3.75 -56.46
N LYS F 39 21.93 -3.62 -56.52
CA LYS F 39 22.76 -3.98 -55.39
C LYS F 39 22.51 -2.96 -54.26
N PRO F 40 22.60 -3.39 -53.01
CA PRO F 40 22.23 -2.50 -51.89
C PRO F 40 23.18 -1.33 -51.75
N GLY F 41 22.61 -0.12 -51.73
CA GLY F 41 23.40 1.09 -51.68
C GLY F 41 23.92 1.57 -53.02
N GLN F 42 23.35 1.07 -54.12
CA GLN F 42 23.83 1.38 -55.45
C GLN F 42 22.67 1.79 -56.33
N ALA F 43 22.98 2.11 -57.58
CA ALA F 43 21.99 2.42 -58.59
C ALA F 43 21.46 1.13 -59.20
N PRO F 44 20.15 1.02 -59.42
CA PRO F 44 19.60 -0.21 -60.01
C PRO F 44 19.98 -0.40 -61.47
N ARG F 45 20.94 -1.29 -61.71
CA ARG F 45 21.42 -1.53 -63.07
C ARG F 45 20.40 -2.31 -63.87
N LEU F 46 20.19 -1.91 -65.11
CA LEU F 46 19.21 -2.55 -65.98
C LEU F 46 19.67 -3.92 -66.45
N LEU F 47 18.78 -4.92 -66.36
CA LEU F 47 19.05 -6.25 -66.90
C LEU F 47 18.45 -6.45 -68.29
N ILE F 48 17.12 -6.37 -68.40
CA ILE F 48 16.39 -6.69 -69.62
C ILE F 48 15.46 -5.52 -69.92
N TYR F 49 15.49 -5.01 -71.15
CA TYR F 49 14.76 -3.78 -71.39
C TYR F 49 13.27 -4.01 -71.68
N ASP F 50 12.93 -4.66 -72.79
CA ASP F 50 11.50 -4.95 -73.02
C ASP F 50 11.29 -6.46 -73.15
N ALA F 51 11.22 -7.13 -72.00
CA ALA F 51 10.90 -8.53 -71.79
C ALA F 51 11.90 -9.53 -72.39
N SER F 52 12.85 -9.04 -73.17
CA SER F 52 13.88 -9.84 -73.82
C SER F 52 14.98 -8.88 -74.24
N ASN F 53 15.86 -9.34 -75.11
CA ASN F 53 16.73 -8.60 -76.01
C ASN F 53 17.96 -7.99 -75.34
N ARG F 54 18.15 -8.15 -74.02
CA ARG F 54 19.48 -8.17 -73.38
C ARG F 54 20.25 -6.85 -73.55
N ALA F 55 19.82 -5.83 -72.79
CA ALA F 55 20.27 -4.45 -72.95
C ALA F 55 21.76 -4.21 -72.77
N THR F 56 22.44 -3.96 -73.90
CA THR F 56 23.59 -3.06 -74.10
C THR F 56 24.62 -3.11 -72.97
N GLY F 57 25.25 -4.27 -72.84
CA GLY F 57 26.31 -4.41 -71.87
C GLY F 57 26.01 -5.45 -70.83
N ILE F 58 24.93 -6.20 -71.03
CA ILE F 58 24.59 -7.30 -70.14
C ILE F 58 25.55 -8.41 -70.60
N PRO F 59 26.14 -9.19 -69.68
CA PRO F 59 27.31 -10.00 -70.08
C PRO F 59 27.07 -11.13 -71.08
N ALA F 60 26.44 -12.23 -70.66
CA ALA F 60 26.17 -13.30 -71.61
C ALA F 60 24.94 -14.15 -71.27
N ARG F 61 24.22 -13.88 -70.20
CA ARG F 61 23.46 -14.96 -69.60
C ARG F 61 22.08 -14.55 -69.07
N PHE F 62 21.57 -13.39 -69.46
CA PHE F 62 20.37 -12.87 -68.81
C PHE F 62 19.21 -12.74 -69.79
N SER F 63 18.89 -13.80 -70.52
CA SER F 63 17.69 -13.79 -71.34
C SER F 63 16.43 -13.85 -70.45
N GLY F 64 15.28 -13.58 -71.06
CA GLY F 64 14.02 -13.58 -70.33
C GLY F 64 12.87 -13.78 -71.28
N SER F 65 11.68 -13.97 -70.69
CA SER F 65 10.47 -14.19 -71.45
C SER F 65 9.32 -13.40 -70.82
N GLY F 66 8.24 -13.28 -71.59
CA GLY F 66 7.11 -12.44 -71.22
C GLY F 66 5.92 -12.64 -72.11
N SER F 67 5.27 -11.54 -72.53
CA SER F 67 4.22 -11.55 -73.56
C SER F 67 3.01 -12.42 -73.24
N GLY F 68 2.10 -11.96 -72.36
CA GLY F 68 2.05 -10.58 -71.88
C GLY F 68 1.54 -10.27 -70.48
N THR F 69 1.49 -11.26 -69.59
CA THR F 69 1.00 -11.01 -68.23
C THR F 69 2.04 -11.29 -67.17
N ASP F 70 2.59 -12.49 -67.14
CA ASP F 70 3.57 -12.91 -66.14
C ASP F 70 4.90 -13.16 -66.84
N PHE F 71 5.93 -12.44 -66.42
CA PHE F 71 7.18 -12.44 -67.18
C PHE F 71 8.24 -13.14 -66.34
N THR F 72 9.12 -13.85 -67.02
CA THR F 72 10.13 -14.67 -66.37
C THR F 72 11.52 -14.14 -66.65
N LEU F 73 12.30 -13.97 -65.60
CA LEU F 73 13.71 -13.59 -65.67
C LEU F 73 14.55 -14.80 -65.34
N THR F 74 15.36 -15.25 -66.30
CA THR F 74 16.17 -16.45 -66.15
C THR F 74 17.63 -16.09 -65.96
N ILE F 75 18.26 -16.74 -64.99
CA ILE F 75 19.69 -16.56 -64.72
C ILE F 75 20.34 -17.91 -64.99
N SER F 76 20.78 -18.14 -66.22
CA SER F 76 21.13 -19.48 -66.64
C SER F 76 22.54 -19.90 -66.24
N SER F 77 23.40 -18.94 -65.92
CA SER F 77 24.83 -19.18 -65.73
C SER F 77 25.29 -18.48 -64.45
N LEU F 78 24.61 -18.82 -63.34
CA LEU F 78 24.26 -17.98 -62.19
C LEU F 78 25.21 -16.85 -61.83
N GLU F 79 26.54 -17.13 -61.82
CA GLU F 79 27.61 -16.13 -61.65
C GLU F 79 27.46 -15.31 -60.37
N PRO F 80 27.96 -15.82 -59.22
CA PRO F 80 27.60 -15.27 -57.88
C PRO F 80 27.90 -13.80 -57.59
N GLU F 81 28.45 -13.04 -58.56
CA GLU F 81 28.42 -11.60 -58.46
C GLU F 81 27.02 -11.01 -58.62
N ASP F 82 26.08 -11.81 -59.11
CA ASP F 82 24.74 -11.34 -59.48
C ASP F 82 23.75 -11.39 -58.33
N PHE F 83 24.24 -11.55 -57.11
CA PHE F 83 23.38 -11.61 -55.93
C PHE F 83 22.92 -10.21 -55.58
N ALA F 84 21.84 -9.77 -56.21
CA ALA F 84 21.34 -8.42 -56.08
C ALA F 84 19.83 -8.44 -56.00
N VAL F 85 19.27 -7.39 -55.38
CA VAL F 85 17.84 -7.27 -55.19
C VAL F 85 17.21 -6.90 -56.53
N TYR F 86 16.66 -7.87 -57.24
CA TYR F 86 16.14 -7.63 -58.57
C TYR F 86 14.78 -6.96 -58.49
N TYR F 87 14.44 -6.21 -59.54
CA TYR F 87 13.17 -5.50 -59.60
C TYR F 87 12.62 -5.57 -61.02
N CYS F 88 11.30 -5.75 -61.11
CA CYS F 88 10.59 -5.62 -62.37
C CYS F 88 9.81 -4.31 -62.38
N GLN F 89 9.54 -3.81 -63.58
CA GLN F 89 8.94 -2.49 -63.77
C GLN F 89 8.04 -2.49 -64.99
N GLN F 90 6.74 -2.31 -64.82
CA GLN F 90 5.90 -2.04 -65.97
C GLN F 90 6.16 -0.63 -66.47
N HIS F 91 5.92 -0.41 -67.76
CA HIS F 91 6.14 0.94 -68.21
C HIS F 91 4.95 1.49 -68.95
N SER F 92 4.22 0.63 -69.64
CA SER F 92 3.27 1.08 -70.64
C SER F 92 1.86 1.20 -70.07
N LEU F 93 1.79 1.90 -68.95
CA LEU F 93 0.57 2.32 -68.27
C LEU F 93 1.04 3.24 -67.15
N LEU F 94 0.23 4.24 -66.84
CA LEU F 94 0.65 5.21 -65.85
C LEU F 94 -0.30 5.19 -64.67
N PRO F 95 0.20 5.32 -63.43
CA PRO F 95 1.61 5.45 -63.07
C PRO F 95 2.42 4.16 -62.83
N ARG F 96 3.19 3.73 -63.83
CA ARG F 96 4.57 3.22 -63.75
C ARG F 96 5.03 2.55 -62.47
N THR F 97 4.25 1.62 -61.91
CA THR F 97 4.70 0.97 -60.68
C THR F 97 5.83 -0.02 -60.97
N PHE F 98 6.68 -0.22 -59.97
CA PHE F 98 7.71 -1.24 -60.09
C PHE F 98 7.22 -2.52 -59.43
N GLY F 99 8.11 -3.49 -59.28
CA GLY F 99 7.83 -4.71 -58.54
C GLY F 99 7.99 -4.50 -57.04
N GLY F 100 8.36 -5.58 -56.36
CA GLY F 100 8.44 -5.52 -54.91
C GLY F 100 9.79 -5.80 -54.31
N GLY F 101 10.59 -6.65 -54.96
CA GLY F 101 11.85 -7.06 -54.39
C GLY F 101 12.04 -8.55 -54.38
N THR F 102 13.18 -9.02 -54.90
CA THR F 102 13.42 -10.42 -55.18
C THR F 102 14.82 -10.77 -54.68
N LYS F 103 15.04 -10.57 -53.37
CA LYS F 103 16.38 -10.55 -52.79
C LYS F 103 17.07 -11.90 -52.88
N VAL F 104 17.86 -12.09 -53.93
CA VAL F 104 18.54 -13.36 -54.17
C VAL F 104 19.71 -13.47 -53.18
N GLU F 105 19.61 -14.43 -52.27
CA GLU F 105 20.61 -14.63 -51.23
C GLU F 105 21.70 -15.56 -51.73
N ILE F 106 22.48 -16.06 -50.76
CA ILE F 106 23.56 -17.03 -51.09
C ILE F 106 23.27 -18.28 -50.29
N LYS F 107 23.55 -19.45 -50.85
CA LYS F 107 23.19 -20.70 -50.17
C LYS F 107 24.43 -21.26 -49.45
N ARG F 108 24.33 -21.49 -48.14
CA ARG F 108 25.37 -22.25 -47.40
C ARG F 108 24.70 -23.21 -46.42
N ALA F 109 25.45 -24.14 -45.82
CA ALA F 109 24.89 -25.05 -44.79
C ALA F 109 24.47 -24.13 -43.64
N ASP F 110 23.36 -24.44 -42.97
CA ASP F 110 22.78 -23.46 -42.06
C ASP F 110 23.64 -23.23 -40.83
N ALA F 111 24.22 -22.02 -40.72
CA ALA F 111 25.11 -21.68 -39.64
C ALA F 111 24.31 -21.26 -38.40
N ALA F 112 24.92 -21.46 -37.24
CA ALA F 112 24.29 -21.14 -35.97
C ALA F 112 24.78 -19.79 -35.45
N PRO F 113 23.89 -18.98 -34.89
CA PRO F 113 24.31 -17.67 -34.40
C PRO F 113 25.08 -17.76 -33.09
N THR F 114 26.04 -16.86 -32.93
CA THR F 114 26.79 -16.74 -31.68
C THR F 114 26.11 -15.70 -30.81
N VAL F 115 25.53 -16.15 -29.71
CA VAL F 115 24.61 -15.35 -28.91
C VAL F 115 25.38 -14.82 -27.69
N SER F 116 25.33 -13.51 -27.49
CA SER F 116 25.96 -12.88 -26.35
C SER F 116 25.24 -11.57 -26.05
N ILE F 117 25.32 -11.16 -24.78
CA ILE F 117 24.53 -10.05 -24.24
C ILE F 117 25.44 -9.18 -23.38
N PHE F 118 25.21 -7.86 -23.39
CA PHE F 118 26.20 -6.94 -22.81
C PHE F 118 25.60 -5.82 -21.97
N PRO F 119 26.19 -5.51 -20.82
CA PRO F 119 25.56 -4.58 -19.87
C PRO F 119 25.83 -3.13 -20.23
N PRO F 120 25.11 -2.20 -19.60
CA PRO F 120 25.48 -0.78 -19.65
C PRO F 120 26.79 -0.49 -18.93
N SER F 121 27.46 0.56 -19.40
CA SER F 121 28.74 0.97 -18.84
C SER F 121 28.55 1.84 -17.60
N SER F 122 29.66 2.02 -16.88
CA SER F 122 29.67 2.97 -15.76
C SER F 122 29.69 4.40 -16.25
N GLU F 123 30.26 4.64 -17.43
CA GLU F 123 30.19 5.96 -18.04
C GLU F 123 28.75 6.28 -18.47
N GLN F 124 27.97 5.25 -18.80
CA GLN F 124 26.55 5.45 -19.03
C GLN F 124 25.83 5.82 -17.73
N LEU F 125 26.29 5.25 -16.61
CA LEU F 125 25.75 5.61 -15.31
C LEU F 125 26.14 7.03 -14.90
N THR F 126 27.17 7.61 -15.51
CA THR F 126 27.43 9.02 -15.37
C THR F 126 26.63 9.87 -16.36
N SER F 127 26.02 9.25 -17.37
CA SER F 127 25.21 9.98 -18.34
C SER F 127 23.73 9.78 -18.15
N GLY F 128 23.29 8.63 -17.63
CA GLY F 128 21.89 8.45 -17.32
C GLY F 128 21.08 7.58 -18.26
N GLY F 129 21.62 6.43 -18.68
CA GLY F 129 20.89 5.53 -19.55
C GLY F 129 21.08 4.08 -19.15
N ALA F 130 20.39 3.21 -19.89
CA ALA F 130 20.60 1.76 -19.85
C ALA F 130 20.50 1.23 -21.27
N SER F 131 21.55 0.55 -21.72
CA SER F 131 21.60 0.08 -23.11
C SER F 131 22.13 -1.35 -23.11
N VAL F 132 21.25 -2.31 -23.41
CA VAL F 132 21.60 -3.72 -23.46
C VAL F 132 21.23 -4.25 -24.84
N VAL F 133 22.19 -4.83 -25.55
CA VAL F 133 21.93 -5.48 -26.84
C VAL F 133 22.40 -6.91 -26.76
N CYS F 134 21.52 -7.83 -27.12
CA CYS F 134 21.88 -9.22 -27.37
C CYS F 134 22.28 -9.35 -28.83
N PHE F 135 23.52 -9.77 -29.06
CA PHE F 135 24.08 -9.85 -30.40
C PHE F 135 24.08 -11.29 -30.89
N LEU F 136 23.70 -11.46 -32.15
CA LEU F 136 23.71 -12.77 -32.80
C LEU F 136 24.47 -12.61 -34.10
N ASN F 137 25.41 -13.51 -34.35
CA ASN F 137 26.41 -13.30 -35.38
C ASN F 137 26.67 -14.61 -36.10
N ASN F 138 26.80 -14.52 -37.44
CA ASN F 138 27.23 -15.60 -38.33
C ASN F 138 26.26 -16.78 -38.31
N PHE F 139 25.03 -16.51 -38.75
CA PHE F 139 24.01 -17.51 -38.93
C PHE F 139 23.48 -17.48 -40.36
N TYR F 140 22.64 -18.47 -40.68
CA TYR F 140 21.96 -18.60 -41.97
C TYR F 140 20.80 -19.56 -41.82
N PRO F 141 19.58 -19.21 -42.28
CA PRO F 141 19.17 -17.94 -42.90
C PRO F 141 18.75 -16.88 -41.89
N LYS F 142 18.07 -15.83 -42.38
CA LYS F 142 17.93 -14.57 -41.65
C LYS F 142 17.02 -14.67 -40.43
N ASP F 143 16.06 -15.60 -40.44
CA ASP F 143 14.89 -15.54 -39.56
C ASP F 143 15.26 -15.87 -38.12
N ILE F 144 15.38 -14.85 -37.29
CA ILE F 144 15.57 -15.01 -35.85
C ILE F 144 14.65 -14.03 -35.11
N ASN F 145 13.88 -14.55 -34.16
CA ASN F 145 13.15 -13.73 -33.19
C ASN F 145 13.89 -13.76 -31.85
N VAL F 146 14.09 -12.59 -31.27
CA VAL F 146 14.78 -12.45 -29.98
C VAL F 146 13.84 -11.78 -28.99
N LYS F 147 13.67 -12.40 -27.83
CA LYS F 147 12.79 -11.88 -26.79
C LYS F 147 13.61 -11.34 -25.63
N TRP F 148 13.15 -10.23 -25.06
CA TRP F 148 13.74 -9.59 -23.89
C TRP F 148 12.80 -9.76 -22.70
N LYS F 149 13.39 -9.75 -21.49
CA LYS F 149 12.63 -9.96 -20.27
C LYS F 149 13.18 -9.11 -19.13
N ILE F 150 12.29 -8.56 -18.30
CA ILE F 150 12.68 -7.86 -17.07
C ILE F 150 12.74 -8.94 -15.99
N ASP F 151 13.91 -9.60 -15.89
CA ASP F 151 14.16 -10.74 -14.99
C ASP F 151 13.15 -11.88 -15.20
N GLY F 152 12.59 -12.00 -16.40
CA GLY F 152 11.52 -12.95 -16.66
C GLY F 152 10.24 -12.37 -17.22
N SER F 153 9.99 -11.06 -17.13
CA SER F 153 8.77 -10.45 -17.63
C SER F 153 9.10 -9.60 -18.86
N GLU F 154 8.36 -9.83 -19.94
CA GLU F 154 8.80 -9.48 -21.29
C GLU F 154 8.85 -7.96 -21.51
N ARG F 155 9.62 -7.57 -22.52
CA ARG F 155 9.90 -6.17 -22.84
C ARG F 155 9.38 -5.86 -24.24
N GLN F 156 8.85 -4.65 -24.39
CA GLN F 156 8.36 -4.17 -25.68
C GLN F 156 8.73 -2.71 -25.85
N ASN F 157 8.47 -2.20 -27.06
CA ASN F 157 8.55 -0.79 -27.46
C ASN F 157 9.96 -0.20 -27.43
N GLY F 158 10.97 -1.01 -27.14
CA GLY F 158 12.35 -0.57 -27.24
C GLY F 158 13.15 -1.64 -27.94
N VAL F 159 12.53 -2.79 -28.11
CA VAL F 159 13.16 -3.96 -28.73
C VAL F 159 13.26 -3.68 -30.23
N LEU F 160 14.48 -3.50 -30.72
CA LEU F 160 14.72 -3.15 -32.11
C LEU F 160 15.73 -4.12 -32.70
N ASN F 161 15.57 -4.43 -33.99
CA ASN F 161 16.42 -5.39 -34.66
C ASN F 161 17.00 -4.78 -35.94
N SER F 162 18.07 -5.38 -36.42
CA SER F 162 18.82 -4.81 -37.52
C SER F 162 19.64 -5.90 -38.21
N TRP F 163 19.48 -6.02 -39.52
CA TRP F 163 20.15 -7.03 -40.32
C TRP F 163 21.14 -6.38 -41.28
N THR F 164 22.17 -7.14 -41.62
CA THR F 164 23.14 -6.71 -42.61
C THR F 164 22.86 -7.34 -43.97
N ASP F 165 23.62 -6.88 -44.96
CA ASP F 165 23.74 -7.61 -46.21
C ASP F 165 24.57 -8.86 -45.96
N GLN F 166 24.40 -9.85 -46.82
CA GLN F 166 25.08 -11.12 -46.63
C GLN F 166 26.56 -10.98 -47.00
N ASP F 167 27.41 -11.59 -46.18
CA ASP F 167 28.84 -11.45 -46.37
C ASP F 167 29.29 -12.22 -47.61
N SER F 168 30.41 -11.77 -48.19
CA SER F 168 30.88 -12.36 -49.43
C SER F 168 31.59 -13.68 -49.19
N LYS F 169 32.23 -13.84 -48.03
CA LYS F 169 33.08 -15.00 -47.80
C LYS F 169 32.34 -16.18 -47.17
N ASP F 170 31.83 -15.99 -45.95
CA ASP F 170 31.15 -17.08 -45.27
C ASP F 170 29.65 -17.11 -45.53
N SER F 171 29.12 -16.06 -46.17
CA SER F 171 27.72 -15.99 -46.62
C SER F 171 26.74 -16.11 -45.46
N THR F 172 26.99 -15.36 -44.40
CA THR F 172 26.21 -15.45 -43.18
C THR F 172 25.48 -14.14 -42.91
N TYR F 173 24.82 -14.08 -41.76
CA TYR F 173 24.04 -12.92 -41.34
C TYR F 173 24.29 -12.62 -39.88
N SER F 174 23.92 -11.41 -39.47
CA SER F 174 24.07 -10.97 -38.10
C SER F 174 22.89 -10.10 -37.73
N MET F 175 22.49 -10.18 -36.45
CA MET F 175 21.40 -9.35 -35.95
C MET F 175 21.68 -8.89 -34.53
N SER F 176 21.59 -7.59 -34.33
CA SER F 176 21.60 -7.00 -33.00
C SER F 176 20.18 -6.78 -32.53
N SER F 177 19.92 -7.16 -31.27
CA SER F 177 18.64 -6.92 -30.64
C SER F 177 18.78 -5.62 -29.85
N THR F 178 18.58 -4.51 -30.54
CA THR F 178 18.80 -3.19 -29.95
C THR F 178 17.71 -2.89 -28.93
N LEU F 179 18.13 -2.51 -27.72
CA LEU F 179 17.22 -2.20 -26.62
C LEU F 179 17.85 -1.16 -25.72
N THR F 180 17.10 -0.10 -25.42
CA THR F 180 17.60 0.99 -24.59
C THR F 180 16.58 1.33 -23.52
N LEU F 181 17.01 1.34 -22.26
CA LEU F 181 16.21 1.75 -21.13
C LEU F 181 16.86 2.95 -20.44
N THR F 182 16.34 3.31 -19.27
CA THR F 182 16.85 4.45 -18.52
C THR F 182 17.70 3.97 -17.34
N LYS F 183 18.45 4.92 -16.78
CA LYS F 183 19.34 4.64 -15.65
C LYS F 183 18.57 4.18 -14.42
N ASP F 184 17.41 4.77 -14.17
CA ASP F 184 16.60 4.40 -13.01
C ASP F 184 16.02 3.00 -13.17
N GLU F 185 15.72 2.61 -14.42
CA GLU F 185 15.25 1.26 -14.68
C GLU F 185 16.38 0.24 -14.66
N TYR F 186 17.63 0.69 -14.76
CA TYR F 186 18.75 -0.23 -14.80
C TYR F 186 19.07 -0.80 -13.42
N GLU F 187 19.06 0.05 -12.39
CA GLU F 187 19.40 -0.40 -11.06
C GLU F 187 18.29 -1.18 -10.37
N ARG F 188 17.10 -1.24 -10.99
CA ARG F 188 16.00 -1.99 -10.39
C ARG F 188 16.20 -3.49 -10.53
N HIS F 189 16.70 -3.94 -11.68
CA HIS F 189 16.72 -5.36 -12.02
C HIS F 189 18.13 -5.77 -12.44
N ASN F 190 18.41 -7.06 -12.27
CA ASN F 190 19.76 -7.58 -12.46
C ASN F 190 19.84 -8.58 -13.61
N SER F 191 19.03 -9.64 -13.60
CA SER F 191 19.17 -10.76 -14.52
C SER F 191 18.54 -10.41 -15.86
N TYR F 192 19.34 -9.80 -16.75
CA TYR F 192 18.85 -9.35 -18.04
C TYR F 192 19.09 -10.46 -19.05
N THR F 193 18.02 -10.95 -19.67
CA THR F 193 18.05 -12.18 -20.46
C THR F 193 17.82 -11.90 -21.93
N CYS F 194 18.28 -12.84 -22.76
CA CYS F 194 18.12 -12.81 -24.21
C CYS F 194 17.71 -14.19 -24.69
N GLU F 195 16.53 -14.30 -25.29
CA GLU F 195 16.03 -15.57 -25.79
C GLU F 195 16.17 -15.61 -27.31
N ALA F 196 17.20 -16.30 -27.79
CA ALA F 196 17.44 -16.45 -29.22
C ALA F 196 16.53 -17.53 -29.80
N THR F 197 16.32 -17.48 -31.11
CA THR F 197 15.52 -18.49 -31.80
C THR F 197 16.00 -18.57 -33.26
N HIS F 198 16.79 -19.60 -33.56
CA HIS F 198 17.23 -19.86 -34.92
C HIS F 198 16.81 -21.27 -35.30
N LYS F 199 16.77 -21.55 -36.60
CA LYS F 199 16.37 -22.87 -37.07
C LYS F 199 17.38 -23.95 -36.69
N THR F 200 18.66 -23.61 -36.62
CA THR F 200 19.67 -24.52 -36.11
C THR F 200 19.55 -24.72 -34.61
N SER F 201 19.01 -23.75 -33.88
CA SER F 201 18.83 -23.85 -32.44
C SER F 201 17.53 -24.59 -32.17
N THR F 202 17.64 -25.88 -31.84
CA THR F 202 16.45 -26.65 -31.48
C THR F 202 15.84 -26.17 -30.18
N SER F 203 16.67 -25.74 -29.25
CA SER F 203 16.32 -25.08 -28.02
C SER F 203 16.58 -23.59 -28.15
N PRO F 204 15.75 -22.74 -27.53
CA PRO F 204 16.00 -21.30 -27.55
C PRO F 204 17.23 -20.94 -26.73
N ILE F 205 18.22 -20.33 -27.37
CA ILE F 205 19.48 -20.02 -26.72
C ILE F 205 19.26 -18.85 -25.77
N VAL F 206 19.40 -19.11 -24.47
CA VAL F 206 19.20 -18.09 -23.44
C VAL F 206 20.56 -17.66 -22.94
N LYS F 207 20.98 -16.47 -23.32
CA LYS F 207 22.22 -15.87 -22.85
C LYS F 207 21.88 -14.67 -21.99
N SER F 208 22.37 -14.67 -20.75
CA SER F 208 22.00 -13.64 -19.79
C SER F 208 23.22 -13.25 -18.96
N PHE F 209 23.10 -12.11 -18.29
CA PHE F 209 24.07 -11.66 -17.30
C PHE F 209 23.31 -11.19 -16.07
N ASN F 210 24.06 -10.82 -15.04
CA ASN F 210 23.51 -10.10 -13.91
C ASN F 210 24.15 -8.71 -13.84
N ARG F 211 23.46 -7.79 -13.19
CA ARG F 211 23.98 -6.45 -13.03
C ARG F 211 25.14 -6.46 -12.04
N ASN F 212 26.27 -5.87 -12.46
CA ASN F 212 27.56 -5.91 -11.74
C ASN F 212 28.03 -7.33 -11.46
N GLU F 213 27.77 -8.25 -12.40
CA GLU F 213 28.30 -9.59 -12.29
C GLU F 213 29.72 -9.67 -12.83
N CYS F 214 29.97 -9.02 -13.97
CA CYS F 214 31.29 -8.98 -14.58
C CYS F 214 31.58 -7.59 -15.12
N GLU G 1 -25.16 26.15 -50.34
CA GLU G 1 -25.32 24.97 -49.45
C GLU G 1 -26.58 25.20 -48.64
N ILE G 2 -27.76 25.07 -49.23
CA ILE G 2 -29.00 25.38 -48.53
C ILE G 2 -29.29 24.26 -47.56
N VAL G 3 -29.42 24.59 -46.29
CA VAL G 3 -29.83 23.62 -45.28
C VAL G 3 -31.35 23.54 -45.30
N MET G 4 -31.88 22.32 -45.45
CA MET G 4 -33.31 22.09 -45.43
C MET G 4 -33.71 21.58 -44.05
N THR G 5 -34.64 22.27 -43.42
CA THR G 5 -35.07 21.96 -42.06
C THR G 5 -36.51 21.46 -42.08
N GLN G 6 -36.76 20.38 -41.34
CA GLN G 6 -38.09 19.80 -41.20
C GLN G 6 -38.56 20.08 -39.78
N SER G 7 -39.76 20.67 -39.65
CA SER G 7 -40.18 21.15 -38.35
C SER G 7 -40.65 20.04 -37.40
N PRO G 8 -41.44 19.01 -37.82
CA PRO G 8 -41.62 17.87 -36.92
C PRO G 8 -40.40 16.96 -36.98
N ALA G 9 -39.59 17.01 -35.92
CA ALA G 9 -38.43 16.12 -35.86
C ALA G 9 -38.87 14.67 -35.71
N THR G 10 -39.85 14.42 -34.84
CA THR G 10 -40.56 13.16 -34.78
C THR G 10 -42.04 13.43 -34.92
N LEU G 11 -42.81 12.37 -35.12
CA LEU G 11 -44.25 12.48 -35.26
C LEU G 11 -44.86 11.13 -34.93
N SER G 12 -46.01 11.15 -34.28
CA SER G 12 -46.72 9.92 -33.91
C SER G 12 -48.21 10.22 -34.00
N LEU G 13 -48.84 9.79 -35.09
CA LEU G 13 -50.23 10.08 -35.32
C LEU G 13 -50.97 8.78 -35.62
N SER G 14 -52.16 8.64 -35.06
CA SER G 14 -52.92 7.41 -35.12
C SER G 14 -53.46 7.19 -36.54
N PRO G 15 -53.93 5.97 -36.86
CA PRO G 15 -54.69 5.80 -38.10
C PRO G 15 -55.97 6.61 -38.07
N GLY G 16 -56.03 7.67 -38.87
CA GLY G 16 -57.04 8.69 -38.66
C GLY G 16 -56.84 9.96 -39.45
N GLU G 17 -56.77 11.08 -38.73
CA GLU G 17 -56.89 12.42 -39.32
C GLU G 17 -55.59 12.84 -40.00
N ARG G 18 -55.51 14.13 -40.34
CA ARG G 18 -54.43 14.67 -41.16
C ARG G 18 -53.11 14.70 -40.39
N ALA G 19 -52.02 14.49 -41.13
CA ALA G 19 -50.67 14.35 -40.59
C ALA G 19 -49.74 15.35 -41.28
N THR G 20 -50.14 16.62 -41.28
CA THR G 20 -49.44 17.65 -42.03
C THR G 20 -48.03 17.89 -41.50
N LEU G 21 -47.09 18.04 -42.43
CA LEU G 21 -45.68 18.16 -42.13
C LEU G 21 -45.16 19.49 -42.67
N SER G 22 -43.86 19.73 -42.45
CA SER G 22 -43.26 20.99 -42.87
C SER G 22 -41.82 20.77 -43.27
N CYS G 23 -41.40 21.47 -44.32
CA CYS G 23 -40.01 21.50 -44.75
C CYS G 23 -39.66 22.95 -45.07
N ARG G 24 -38.84 23.56 -44.22
CA ARG G 24 -38.47 24.97 -44.37
C ARG G 24 -37.11 25.06 -45.04
N ALA G 25 -37.03 25.85 -46.10
CA ALA G 25 -35.78 26.07 -46.82
C ALA G 25 -35.04 27.27 -46.26
N SER G 26 -33.79 27.41 -46.67
CA SER G 26 -33.01 28.60 -46.32
C SER G 26 -33.16 29.71 -47.34
N GLN G 27 -33.62 29.39 -48.55
CA GLN G 27 -33.85 30.38 -49.59
C GLN G 27 -35.20 30.12 -50.23
N SER G 28 -35.47 30.75 -51.37
CA SER G 28 -36.71 30.52 -52.09
C SER G 28 -36.43 29.46 -53.14
N VAL G 29 -36.80 28.21 -52.83
CA VAL G 29 -36.69 27.11 -53.78
C VAL G 29 -37.70 27.29 -54.91
N SER G 30 -38.85 27.90 -54.61
CA SER G 30 -39.87 28.35 -55.56
C SER G 30 -40.44 27.18 -56.37
N SER G 31 -41.16 26.32 -55.65
CA SER G 31 -41.99 25.25 -56.21
C SER G 31 -41.14 24.24 -56.96
N TYR G 32 -40.10 23.76 -56.29
CA TYR G 32 -39.08 22.94 -56.91
C TYR G 32 -38.54 21.86 -55.99
N LEU G 33 -39.34 21.37 -55.05
CA LEU G 33 -38.81 20.37 -54.14
C LEU G 33 -39.77 19.18 -54.05
N ALA G 34 -39.24 18.08 -53.51
CA ALA G 34 -39.87 16.77 -53.59
C ALA G 34 -40.04 16.15 -52.21
N TRP G 35 -40.80 15.06 -52.18
CA TRP G 35 -41.17 14.38 -50.94
C TRP G 35 -41.02 12.87 -51.09
N TYR G 36 -40.47 12.21 -50.07
CA TYR G 36 -40.15 10.79 -50.18
C TYR G 36 -40.74 10.00 -49.03
N GLN G 37 -40.67 8.67 -49.15
CA GLN G 37 -41.36 7.74 -48.26
C GLN G 37 -40.42 6.59 -47.87
N GLN G 38 -39.23 6.91 -47.36
CA GLN G 38 -38.25 5.86 -47.11
C GLN G 38 -38.68 4.99 -45.93
N LYS G 39 -39.23 3.82 -46.24
CA LYS G 39 -39.39 2.80 -45.23
C LYS G 39 -38.01 2.26 -44.85
N PRO G 40 -37.82 1.86 -43.59
CA PRO G 40 -36.46 1.49 -43.12
C PRO G 40 -35.96 0.22 -43.80
N GLY G 41 -34.77 0.32 -44.39
CA GLY G 41 -34.20 -0.78 -45.13
C GLY G 41 -34.67 -0.89 -46.56
N GLN G 42 -35.27 0.17 -47.11
CA GLN G 42 -35.86 0.14 -48.44
C GLN G 42 -35.38 1.36 -49.23
N ALA G 43 -35.85 1.44 -50.46
CA ALA G 43 -35.59 2.58 -51.33
C ALA G 43 -36.60 3.68 -51.03
N PRO G 44 -36.15 4.94 -50.97
CA PRO G 44 -37.08 6.04 -50.68
C PRO G 44 -38.07 6.31 -51.81
N ARG G 45 -39.30 5.86 -51.65
CA ARG G 45 -40.31 6.02 -52.67
C ARG G 45 -40.78 7.46 -52.75
N LEU G 46 -40.93 7.96 -53.96
CA LEU G 46 -41.33 9.35 -54.17
C LEU G 46 -42.81 9.57 -53.86
N LEU G 47 -43.11 10.63 -53.09
CA LEU G 47 -44.48 11.03 -52.82
C LEU G 47 -44.97 12.13 -53.76
N ILE G 48 -44.34 13.30 -53.72
CA ILE G 48 -44.76 14.49 -54.44
C ILE G 48 -43.58 15.04 -55.20
N TYR G 49 -43.75 15.30 -56.50
CA TYR G 49 -42.57 15.63 -57.28
C TYR G 49 -42.17 17.10 -57.19
N ASP G 50 -43.01 18.03 -57.68
CA ASP G 50 -42.65 19.44 -57.50
C ASP G 50 -43.75 20.17 -56.73
N ALA G 51 -43.71 20.01 -55.40
CA ALA G 51 -44.54 20.67 -54.40
C ALA G 51 -46.03 20.35 -54.46
N SER G 52 -46.46 19.66 -55.51
CA SER G 52 -47.83 19.26 -55.73
C SER G 52 -47.82 18.15 -56.78
N ASN G 53 -48.98 17.86 -57.34
CA ASN G 53 -49.22 17.19 -58.61
C ASN G 53 -49.04 15.67 -58.58
N ARG G 54 -48.67 15.07 -57.43
CA ARG G 54 -49.03 13.68 -57.09
C ARG G 54 -48.46 12.65 -58.07
N ALA G 55 -47.15 12.41 -57.96
CA ALA G 55 -46.39 11.63 -58.93
C ALA G 55 -46.82 10.18 -59.13
N THR G 56 -47.46 9.93 -60.28
CA THR G 56 -47.40 8.71 -61.11
C THR G 56 -47.43 7.41 -60.30
N GLY G 57 -48.55 7.20 -59.63
CA GLY G 57 -48.72 5.96 -58.91
C GLY G 57 -48.92 6.18 -57.43
N ILE G 58 -49.07 7.43 -57.02
CA ILE G 58 -49.35 7.76 -55.63
C ILE G 58 -50.85 7.46 -55.51
N PRO G 59 -51.31 6.85 -54.40
CA PRO G 59 -52.66 6.24 -54.44
C PRO G 59 -53.85 7.19 -54.59
N ALA G 60 -54.19 7.94 -53.54
CA ALA G 60 -55.31 8.88 -53.67
C ALA G 60 -55.23 10.10 -52.75
N ARG G 61 -54.20 10.24 -51.93
CA ARG G 61 -54.39 11.02 -50.72
C ARG G 61 -53.19 11.89 -50.34
N PHE G 62 -52.24 12.10 -51.24
CA PHE G 62 -51.00 12.74 -50.83
C PHE G 62 -50.78 14.08 -51.54
N SER G 63 -51.76 14.97 -51.51
CA SER G 63 -51.55 16.31 -52.00
C SER G 63 -50.60 17.09 -51.08
N GLY G 64 -50.12 18.23 -51.57
CA GLY G 64 -49.21 19.07 -50.81
C GLY G 64 -49.23 20.49 -51.30
N SER G 65 -48.54 21.35 -50.55
CA SER G 65 -48.47 22.77 -50.89
C SER G 65 -47.06 23.27 -50.66
N GLY G 66 -46.79 24.46 -51.21
CA GLY G 66 -45.46 25.02 -51.22
C GLY G 66 -45.44 26.47 -51.67
N SER G 67 -44.49 26.83 -52.53
CA SER G 67 -44.44 28.12 -53.24
C SER G 67 -44.39 29.35 -52.31
N GLY G 68 -43.22 29.65 -51.73
CA GLY G 68 -41.94 29.07 -52.11
C GLY G 68 -40.84 28.90 -51.07
N THR G 69 -41.17 28.93 -49.79
CA THR G 69 -40.14 28.77 -48.75
C THR G 69 -40.38 27.57 -47.87
N ASP G 70 -41.54 27.47 -47.24
CA ASP G 70 -41.88 26.38 -46.33
C ASP G 70 -43.01 25.56 -46.94
N PHE G 71 -42.76 24.28 -47.15
CA PHE G 71 -43.69 23.48 -47.93
C PHE G 71 -44.35 22.48 -47.01
N THR G 72 -45.61 22.17 -47.29
CA THR G 72 -46.42 21.33 -46.43
C THR G 72 -46.81 20.05 -47.15
N LEU G 73 -46.58 18.92 -46.49
CA LEU G 73 -46.99 17.61 -46.96
C LEU G 73 -48.17 17.14 -46.12
N THR G 74 -49.31 16.94 -46.76
CA THR G 74 -50.54 16.58 -46.07
C THR G 74 -50.87 15.11 -46.33
N ILE G 75 -51.24 14.42 -45.26
CA ILE G 75 -51.65 13.02 -45.34
C ILE G 75 -53.10 12.99 -44.88
N SER G 76 -54.03 13.13 -45.82
CA SER G 76 -55.42 13.42 -45.45
C SER G 76 -56.22 12.19 -45.09
N SER G 77 -55.75 11.00 -45.48
CA SER G 77 -56.53 9.77 -45.39
C SER G 77 -55.65 8.67 -44.79
N LEU G 78 -55.09 8.96 -43.61
CA LEU G 78 -53.77 8.57 -43.10
C LEU G 78 -53.20 7.24 -43.58
N GLU G 79 -54.04 6.16 -43.59
CA GLU G 79 -53.71 4.85 -44.16
C GLU G 79 -52.44 4.24 -43.55
N PRO G 80 -52.56 3.54 -42.40
CA PRO G 80 -51.38 3.18 -41.57
C PRO G 80 -50.28 2.32 -42.21
N GLU G 81 -50.40 1.98 -43.49
CA GLU G 81 -49.24 1.48 -44.22
C GLU G 81 -48.19 2.57 -44.48
N ASP G 82 -48.57 3.84 -44.32
CA ASP G 82 -47.75 4.98 -44.70
C ASP G 82 -46.80 5.42 -43.59
N PHE G 83 -46.61 4.61 -42.57
CA PHE G 83 -45.73 4.94 -41.45
C PHE G 83 -44.29 4.75 -41.90
N ALA G 84 -43.73 5.79 -42.50
CA ALA G 84 -42.41 5.73 -43.09
C ALA G 84 -41.66 7.03 -42.81
N VAL G 85 -40.33 6.93 -42.82
CA VAL G 85 -39.47 8.08 -42.53
C VAL G 85 -39.49 8.99 -43.75
N TYR G 86 -40.28 10.06 -43.70
CA TYR G 86 -40.45 10.92 -44.85
C TYR G 86 -39.25 11.86 -44.98
N TYR G 87 -38.99 12.30 -46.21
CA TYR G 87 -37.88 13.21 -46.48
C TYR G 87 -38.30 14.23 -47.51
N CYS G 88 -37.85 15.46 -47.32
CA CYS G 88 -37.98 16.51 -48.32
C CYS G 88 -36.63 16.77 -48.95
N GLN G 89 -36.64 17.29 -50.18
CA GLN G 89 -35.45 17.45 -50.99
C GLN G 89 -35.57 18.67 -51.87
N GLN G 90 -34.73 19.69 -51.64
CA GLN G 90 -34.65 20.76 -52.62
C GLN G 90 -33.92 20.26 -53.86
N HIS G 91 -34.21 20.88 -54.99
CA HIS G 91 -33.48 20.41 -56.16
C HIS G 91 -32.84 21.56 -56.92
N SER G 92 -33.46 22.71 -56.89
CA SER G 92 -33.09 23.77 -57.83
C SER G 92 -32.09 24.74 -57.24
N LEU G 93 -31.02 24.16 -56.70
CA LEU G 93 -29.83 24.82 -56.22
C LEU G 93 -28.85 23.72 -55.89
N LEU G 94 -27.57 23.98 -56.09
CA LEU G 94 -26.60 22.92 -55.89
C LEU G 94 -25.63 23.32 -54.77
N PRO G 95 -25.22 22.39 -53.91
CA PRO G 95 -25.63 20.98 -53.88
C PRO G 95 -26.88 20.60 -53.07
N ARG G 96 -28.02 20.44 -53.76
CA ARG G 96 -29.03 19.38 -53.60
C ARG G 96 -29.18 18.73 -52.22
N THR G 97 -29.28 19.50 -51.14
CA THR G 97 -29.43 18.86 -49.85
C THR G 97 -30.85 18.31 -49.67
N PHE G 98 -30.96 17.26 -48.86
CA PHE G 98 -32.28 16.75 -48.52
C PHE G 98 -32.72 17.34 -47.20
N GLY G 99 -33.82 16.82 -46.65
CA GLY G 99 -34.28 17.19 -45.33
C GLY G 99 -33.54 16.43 -44.25
N GLY G 100 -34.22 16.20 -43.13
CA GLY G 100 -33.57 15.58 -42.00
C GLY G 100 -34.16 14.26 -41.53
N GLY G 101 -35.47 14.09 -41.69
CA GLY G 101 -36.12 12.91 -41.17
C GLY G 101 -37.35 13.23 -40.35
N THR G 102 -38.47 12.59 -40.67
CA THR G 102 -39.78 12.94 -40.15
C THR G 102 -40.48 11.64 -39.72
N LYS G 103 -39.85 10.90 -38.81
CA LYS G 103 -40.21 9.51 -38.53
C LYS G 103 -41.60 9.38 -37.94
N VAL G 104 -42.59 9.15 -38.80
CA VAL G 104 -43.98 9.05 -38.37
C VAL G 104 -44.17 7.72 -37.66
N GLU G 105 -44.47 7.76 -36.37
CA GLU G 105 -44.62 6.58 -35.54
C GLU G 105 -46.07 6.11 -35.57
N ILE G 106 -46.38 5.23 -34.63
CA ILE G 106 -47.78 4.73 -34.50
C ILE G 106 -48.23 5.09 -33.09
N LYS G 107 -49.50 5.45 -32.93
CA LYS G 107 -49.98 5.91 -31.63
C LYS G 107 -50.68 4.74 -30.90
N ARG G 108 -50.22 4.43 -29.68
CA ARG G 108 -50.96 3.48 -28.80
C ARG G 108 -50.93 4.02 -27.36
N ALA G 109 -51.74 3.45 -26.46
CA ALA G 109 -51.70 3.84 -25.03
C ALA G 109 -50.30 3.49 -24.54
N ASP G 110 -49.71 4.30 -23.67
CA ASP G 110 -48.28 4.16 -23.41
C ASP G 110 -47.97 2.86 -22.65
N ALA G 111 -47.28 1.96 -23.33
CA ALA G 111 -46.95 0.66 -22.75
C ALA G 111 -45.71 0.76 -21.87
N ALA G 112 -45.64 -0.13 -20.89
CA ALA G 112 -44.53 -0.16 -19.94
C ALA G 112 -43.51 -1.22 -20.35
N PRO G 113 -42.22 -0.92 -20.23
CA PRO G 113 -41.19 -1.89 -20.63
C PRO G 113 -41.06 -3.01 -19.61
N THR G 114 -40.75 -4.20 -20.12
CA THR G 114 -40.47 -5.36 -19.27
C THR G 114 -38.97 -5.42 -19.05
N VAL G 115 -38.54 -5.17 -17.82
CA VAL G 115 -37.14 -4.94 -17.49
C VAL G 115 -36.55 -6.23 -16.90
N SER G 116 -35.45 -6.69 -17.48
CA SER G 116 -34.76 -7.88 -16.98
C SER G 116 -33.28 -7.79 -17.38
N ILE G 117 -32.46 -8.46 -16.58
CA ILE G 117 -31.00 -8.32 -16.66
C ILE G 117 -30.39 -9.72 -16.56
N PHE G 118 -29.28 -9.94 -17.28
CA PHE G 118 -28.79 -11.31 -17.46
C PHE G 118 -27.27 -11.47 -17.33
N PRO G 119 -26.81 -12.51 -16.65
CA PRO G 119 -25.39 -12.62 -16.31
C PRO G 119 -24.57 -13.19 -17.46
N PRO G 120 -23.23 -13.10 -17.36
CA PRO G 120 -22.35 -13.87 -18.25
C PRO G 120 -22.44 -15.37 -18.02
N SER G 121 -22.16 -16.12 -19.08
CA SER G 121 -22.21 -17.57 -19.03
C SER G 121 -20.92 -18.15 -18.48
N SER G 122 -20.97 -19.43 -18.14
CA SER G 122 -19.77 -20.17 -17.77
C SER G 122 -18.89 -20.47 -18.98
N GLU G 123 -19.51 -20.60 -20.16
CA GLU G 123 -18.74 -20.74 -21.39
C GLU G 123 -18.02 -19.44 -21.72
N GLN G 124 -18.58 -18.30 -21.31
CA GLN G 124 -17.85 -17.04 -21.39
C GLN G 124 -16.65 -17.03 -20.45
N LEU G 125 -16.81 -17.64 -19.28
CA LEU G 125 -15.70 -17.78 -18.36
C LEU G 125 -14.62 -18.73 -18.87
N THR G 126 -14.93 -19.59 -19.83
CA THR G 126 -13.92 -20.33 -20.56
C THR G 126 -13.33 -19.55 -21.72
N SER G 127 -13.98 -18.44 -22.12
CA SER G 127 -13.48 -17.62 -23.21
C SER G 127 -12.83 -16.32 -22.74
N GLY G 128 -13.27 -15.77 -21.62
CA GLY G 128 -12.61 -14.61 -21.06
C GLY G 128 -13.30 -13.27 -21.23
N GLY G 129 -14.62 -13.20 -20.99
CA GLY G 129 -15.34 -11.96 -21.10
C GLY G 129 -16.37 -11.80 -19.99
N ALA G 130 -17.02 -10.64 -20.00
CA ALA G 130 -18.20 -10.37 -19.18
C ALA G 130 -19.19 -9.58 -20.02
N SER G 131 -20.40 -10.10 -20.16
CA SER G 131 -21.41 -9.49 -21.02
C SER G 131 -22.74 -9.48 -20.29
N VAL G 132 -23.18 -8.29 -19.88
CA VAL G 132 -24.46 -8.12 -19.17
C VAL G 132 -25.29 -7.12 -19.96
N VAL G 133 -26.50 -7.49 -20.34
CA VAL G 133 -27.44 -6.58 -20.98
C VAL G 133 -28.72 -6.55 -20.18
N CYS G 134 -29.17 -5.36 -19.83
CA CYS G 134 -30.50 -5.13 -19.32
C CYS G 134 -31.45 -4.89 -20.49
N PHE G 135 -32.45 -5.74 -20.61
CA PHE G 135 -33.36 -5.71 -21.73
C PHE G 135 -34.68 -5.06 -21.32
N LEU G 136 -35.19 -4.20 -22.19
CA LEU G 136 -36.48 -3.55 -21.99
C LEU G 136 -37.29 -3.78 -23.25
N ASN G 137 -38.54 -4.21 -23.07
CA ASN G 137 -39.31 -4.76 -24.17
C ASN G 137 -40.75 -4.30 -24.06
N ASN G 138 -41.33 -3.95 -25.21
CA ASN G 138 -42.75 -3.65 -25.39
C ASN G 138 -43.18 -2.43 -24.57
N PHE G 139 -42.60 -1.28 -24.92
CA PHE G 139 -42.95 0.01 -24.36
C PHE G 139 -43.32 0.99 -25.47
N TYR G 140 -43.82 2.15 -25.06
CA TYR G 140 -44.17 3.26 -25.95
C TYR G 140 -44.28 4.54 -25.13
N PRO G 141 -43.63 5.64 -25.53
CA PRO G 141 -42.75 5.83 -26.69
C PRO G 141 -41.29 5.47 -26.41
N LYS G 142 -40.40 5.90 -27.31
CA LYS G 142 -39.05 5.34 -27.40
C LYS G 142 -38.16 5.72 -26.21
N ASP G 143 -38.41 6.86 -25.58
CA ASP G 143 -37.41 7.53 -24.74
C ASP G 143 -37.21 6.79 -23.43
N ILE G 144 -36.11 6.03 -23.34
CA ILE G 144 -35.68 5.39 -22.10
C ILE G 144 -34.18 5.60 -21.92
N ASN G 145 -33.78 6.08 -20.75
CA ASN G 145 -32.39 6.09 -20.33
C ASN G 145 -32.18 4.96 -19.32
N VAL G 146 -31.11 4.19 -19.52
CA VAL G 146 -30.76 3.07 -18.65
C VAL G 146 -29.36 3.30 -18.09
N LYS G 147 -29.23 3.22 -16.77
CA LYS G 147 -27.97 3.43 -16.09
C LYS G 147 -27.42 2.11 -15.55
N TRP G 148 -26.11 1.94 -15.66
CA TRP G 148 -25.39 0.80 -15.15
C TRP G 148 -24.53 1.21 -13.96
N LYS G 149 -24.27 0.26 -13.05
CA LYS G 149 -23.52 0.53 -11.83
C LYS G 149 -22.64 -0.65 -11.46
N ILE G 150 -21.44 -0.36 -10.97
CA ILE G 150 -20.53 -1.38 -10.41
C ILE G 150 -20.90 -1.49 -8.93
N ASP G 151 -21.91 -2.32 -8.64
CA ASP G 151 -22.50 -2.51 -7.31
C ASP G 151 -22.98 -1.18 -6.69
N GLY G 152 -23.33 -0.21 -7.52
CA GLY G 152 -23.67 1.12 -7.06
C GLY G 152 -22.87 2.26 -7.67
N SER G 153 -21.72 2.02 -8.29
CA SER G 153 -20.90 3.07 -8.87
C SER G 153 -20.96 2.96 -10.39
N GLU G 154 -21.26 4.09 -11.05
CA GLU G 154 -21.79 4.08 -12.41
C GLU G 154 -20.76 3.62 -13.45
N ARG G 155 -21.29 3.21 -14.60
CA ARG G 155 -20.50 2.63 -15.68
C ARG G 155 -20.64 3.49 -16.93
N GLN G 156 -19.54 3.63 -17.66
CA GLN G 156 -19.51 4.38 -18.92
C GLN G 156 -18.65 3.63 -19.93
N ASN G 157 -18.68 4.14 -21.16
CA ASN G 157 -17.82 3.77 -22.30
C ASN G 157 -18.02 2.35 -22.79
N GLY G 158 -18.99 1.61 -22.24
CA GLY G 158 -19.35 0.31 -22.76
C GLY G 158 -20.86 0.21 -22.84
N VAL G 159 -21.52 1.20 -22.24
CA VAL G 159 -22.99 1.25 -22.19
C VAL G 159 -23.49 1.63 -23.58
N LEU G 160 -24.14 0.69 -24.25
CA LEU G 160 -24.60 0.89 -25.61
C LEU G 160 -26.08 0.55 -25.68
N ASN G 161 -26.81 1.26 -26.53
CA ASN G 161 -28.25 1.08 -26.66
C ASN G 161 -28.62 0.86 -28.11
N SER G 162 -29.81 0.30 -28.32
CA SER G 162 -30.21 -0.13 -29.66
C SER G 162 -31.73 -0.23 -29.71
N TRP G 163 -32.34 0.43 -30.69
CA TRP G 163 -33.77 0.47 -30.86
C TRP G 163 -34.18 -0.24 -32.15
N THR G 164 -35.40 -0.77 -32.15
CA THR G 164 -35.97 -1.39 -33.32
C THR G 164 -36.91 -0.43 -34.03
N ASP G 165 -37.36 -0.87 -35.20
CA ASP G 165 -38.53 -0.28 -35.83
C ASP G 165 -39.77 -0.69 -35.04
N GLN G 166 -40.82 0.11 -35.16
CA GLN G 166 -42.03 -0.14 -34.39
C GLN G 166 -42.78 -1.34 -34.97
N ASP G 167 -43.29 -2.19 -34.08
CA ASP G 167 -43.95 -3.42 -34.50
C ASP G 167 -45.30 -3.09 -35.14
N SER G 168 -45.74 -4.00 -36.02
CA SER G 168 -46.97 -3.76 -36.77
C SER G 168 -48.20 -4.03 -35.93
N LYS G 169 -48.10 -4.96 -34.97
CA LYS G 169 -49.29 -5.42 -34.26
C LYS G 169 -49.54 -4.62 -32.98
N ASP G 170 -48.62 -4.69 -32.02
CA ASP G 170 -48.83 -4.00 -30.75
C ASP G 170 -48.26 -2.60 -30.74
N SER G 171 -47.49 -2.22 -31.78
CA SER G 171 -46.98 -0.87 -32.00
C SER G 171 -46.09 -0.41 -30.85
N THR G 172 -45.16 -1.26 -30.44
CA THR G 172 -44.32 -1.01 -29.28
C THR G 172 -42.86 -0.90 -29.71
N TYR G 173 -41.98 -0.77 -28.71
CA TYR G 173 -40.56 -0.63 -28.92
C TYR G 173 -39.79 -1.47 -27.92
N SER G 174 -38.51 -1.70 -28.23
CA SER G 174 -37.64 -2.48 -27.37
C SER G 174 -36.25 -1.88 -27.40
N MET G 175 -35.56 -1.98 -26.26
CA MET G 175 -34.19 -1.48 -26.17
C MET G 175 -33.35 -2.40 -25.31
N SER G 176 -32.22 -2.82 -25.86
CA SER G 176 -31.19 -3.52 -25.11
C SER G 176 -30.13 -2.52 -24.65
N SER G 177 -29.75 -2.64 -23.39
CA SER G 177 -28.67 -1.84 -22.82
C SER G 177 -27.40 -2.69 -22.92
N THR G 178 -26.77 -2.61 -24.09
CA THR G 178 -25.60 -3.45 -24.38
C THR G 178 -24.40 -2.98 -23.58
N LEU G 179 -23.78 -3.91 -22.85
CA LEU G 179 -22.62 -3.63 -22.01
C LEU G 179 -21.73 -4.85 -21.94
N THR G 180 -20.44 -4.66 -22.19
CA THR G 180 -19.47 -5.75 -22.20
C THR G 180 -18.26 -5.36 -21.37
N LEU G 181 -17.90 -6.22 -20.42
CA LEU G 181 -16.70 -6.06 -19.60
C LEU G 181 -15.79 -7.27 -19.82
N THR G 182 -14.75 -7.38 -19.00
CA THR G 182 -13.79 -8.47 -19.09
C THR G 182 -14.03 -9.49 -17.98
N LYS G 183 -13.41 -10.67 -18.16
CA LYS G 183 -13.55 -11.76 -17.20
C LYS G 183 -12.99 -11.40 -15.83
N ASP G 184 -11.87 -10.68 -15.81
CA ASP G 184 -11.26 -10.29 -14.54
C ASP G 184 -12.11 -9.27 -13.81
N GLU G 185 -12.83 -8.41 -14.55
CA GLU G 185 -13.75 -7.47 -13.94
C GLU G 185 -15.05 -8.13 -13.52
N TYR G 186 -15.35 -9.33 -14.02
CA TYR G 186 -16.60 -9.99 -13.68
C TYR G 186 -16.57 -10.59 -12.28
N GLU G 187 -15.46 -11.23 -11.93
CA GLU G 187 -15.36 -11.89 -10.63
C GLU G 187 -15.13 -10.91 -9.48
N ARG G 188 -14.89 -9.63 -9.78
CA ARG G 188 -14.66 -8.65 -8.73
C ARG G 188 -15.97 -8.30 -8.03
N HIS G 189 -17.06 -8.15 -8.78
CA HIS G 189 -18.29 -7.60 -8.25
C HIS G 189 -19.47 -8.52 -8.57
N ASN G 190 -20.50 -8.40 -7.74
CA ASN G 190 -21.62 -9.34 -7.79
C ASN G 190 -22.93 -8.66 -8.18
N SER G 191 -23.35 -7.61 -7.46
CA SER G 191 -24.68 -7.04 -7.60
C SER G 191 -24.71 -6.11 -8.81
N TYR G 192 -25.01 -6.67 -9.96
CA TYR G 192 -25.01 -5.91 -11.22
C TYR G 192 -26.43 -5.38 -11.45
N THR G 193 -26.56 -4.06 -11.53
CA THR G 193 -27.86 -3.40 -11.48
C THR G 193 -28.20 -2.74 -12.81
N CYS G 194 -29.50 -2.53 -13.01
CA CYS G 194 -30.05 -1.86 -14.19
C CYS G 194 -31.12 -0.88 -13.76
N GLU G 195 -30.91 0.40 -14.02
CA GLU G 195 -31.86 1.45 -13.65
C GLU G 195 -32.63 1.89 -14.89
N ALA G 196 -33.85 1.40 -15.03
CA ALA G 196 -34.72 1.78 -16.14
C ALA G 196 -35.37 3.13 -15.88
N THR G 197 -35.81 3.78 -16.95
CA THR G 197 -36.51 5.07 -16.83
C THR G 197 -37.45 5.21 -18.04
N HIS G 198 -38.73 4.98 -17.82
CA HIS G 198 -39.75 5.17 -18.85
C HIS G 198 -40.80 6.14 -18.30
N LYS G 199 -41.57 6.75 -19.20
CA LYS G 199 -42.59 7.70 -18.79
C LYS G 199 -43.71 7.03 -18.01
N THR G 200 -44.03 5.78 -18.32
CA THR G 200 -44.97 5.00 -17.53
C THR G 200 -44.40 4.61 -16.17
N SER G 201 -43.08 4.51 -16.06
CA SER G 201 -42.44 4.16 -14.80
C SER G 201 -42.26 5.43 -13.98
N THR G 202 -43.14 5.63 -13.00
CA THR G 202 -43.02 6.79 -12.11
C THR G 202 -41.77 6.67 -11.23
N SER G 203 -41.44 5.47 -10.84
CA SER G 203 -40.22 5.11 -10.15
C SER G 203 -39.26 4.45 -11.14
N PRO G 204 -37.95 4.67 -10.99
CA PRO G 204 -36.99 3.98 -11.86
C PRO G 204 -36.93 2.49 -11.55
N ILE G 205 -37.22 1.68 -12.57
CA ILE G 205 -37.28 0.23 -12.37
C ILE G 205 -35.87 -0.31 -12.23
N VAL G 206 -35.55 -0.83 -11.04
CA VAL G 206 -34.23 -1.36 -10.75
C VAL G 206 -34.33 -2.88 -10.76
N LYS G 207 -33.78 -3.50 -11.81
CA LYS G 207 -33.70 -4.94 -11.93
C LYS G 207 -32.25 -5.35 -11.85
N SER G 208 -31.93 -6.24 -10.92
CA SER G 208 -30.54 -6.61 -10.66
C SER G 208 -30.45 -8.10 -10.37
N PHE G 209 -29.24 -8.62 -10.45
CA PHE G 209 -28.92 -9.97 -10.03
C PHE G 209 -27.65 -9.92 -9.18
N ASN G 210 -27.27 -11.07 -8.66
CA ASN G 210 -25.95 -11.25 -8.06
C ASN G 210 -25.18 -12.28 -8.88
N ARG G 211 -23.86 -12.22 -8.77
CA ARG G 211 -23.01 -13.17 -9.47
C ARG G 211 -23.14 -14.54 -8.81
N ASN G 212 -23.41 -15.56 -9.63
CA ASN G 212 -23.72 -16.94 -9.21
C ASN G 212 -24.91 -16.98 -8.25
N GLU G 213 -25.89 -16.11 -8.47
CA GLU G 213 -27.13 -16.19 -7.68
C GLU G 213 -28.09 -17.19 -8.29
N CYS G 214 -28.22 -17.20 -9.61
CA CYS G 214 -29.08 -18.14 -10.31
C CYS G 214 -28.40 -18.64 -11.57
N ALA H 3 41.23 -45.38 79.96
CA ALA H 3 40.58 -45.76 81.21
C ALA H 3 39.82 -47.08 81.04
N LYS H 4 39.25 -47.57 82.15
CA LYS H 4 38.46 -48.80 82.11
C LYS H 4 37.19 -48.59 81.30
N SER H 5 36.36 -47.64 81.73
CA SER H 5 35.26 -47.19 80.90
C SER H 5 35.79 -46.22 79.85
N ARG H 6 34.83 -45.65 79.09
CA ARG H 6 35.04 -44.80 77.91
C ARG H 6 36.17 -45.31 77.00
N THR H 7 36.13 -46.60 76.73
CA THR H 7 37.02 -47.25 75.77
C THR H 7 36.07 -47.85 74.73
N ILE H 8 35.73 -47.07 73.72
CA ILE H 8 34.58 -47.33 72.87
C ILE H 8 35.04 -48.07 71.61
N GLY H 9 34.38 -49.18 71.32
CA GLY H 9 34.44 -49.75 69.97
C GLY H 9 33.13 -49.51 69.26
N ILE H 10 33.11 -48.57 68.31
CA ILE H 10 31.89 -48.26 67.59
C ILE H 10 31.59 -49.35 66.58
N ILE H 11 30.37 -49.86 66.59
CA ILE H 11 29.88 -50.79 65.58
C ILE H 11 28.71 -50.12 64.90
N GLY H 12 28.89 -49.74 63.65
CA GLY H 12 27.76 -49.28 62.87
C GLY H 12 26.84 -50.42 62.51
N ALA H 13 25.59 -50.07 62.20
CA ALA H 13 24.63 -51.07 61.80
C ALA H 13 23.56 -50.45 60.91
N PRO H 14 23.79 -50.38 59.61
CA PRO H 14 22.77 -49.86 58.67
C PRO H 14 21.72 -50.91 58.32
N PHE H 15 20.71 -51.06 59.18
CA PHE H 15 19.70 -52.08 58.99
C PHE H 15 18.31 -51.50 59.19
N SER H 16 17.40 -51.80 58.27
CA SER H 16 16.08 -51.18 58.26
C SER H 16 14.94 -52.16 58.04
N LYS H 17 15.19 -53.46 58.06
CA LYS H 17 14.16 -54.43 57.75
C LYS H 17 13.49 -54.99 58.99
N GLY H 18 13.42 -54.19 60.06
CA GLY H 18 12.65 -54.55 61.23
C GLY H 18 11.59 -53.51 61.52
N GLN H 19 11.62 -52.42 60.77
CA GLN H 19 10.65 -51.35 60.86
C GLN H 19 10.30 -50.87 59.46
N PRO H 20 9.08 -50.41 59.23
CA PRO H 20 8.66 -50.12 57.86
C PRO H 20 9.22 -48.83 57.28
N ARG H 21 9.43 -47.80 58.10
CA ARG H 21 9.86 -46.50 57.59
C ARG H 21 11.34 -46.55 57.27
N GLY H 22 11.66 -46.83 56.01
CA GLY H 22 13.04 -46.91 55.60
C GLY H 22 13.71 -45.54 55.58
N GLY H 23 15.02 -45.57 55.76
CA GLY H 23 15.76 -44.35 55.95
C GLY H 23 16.76 -44.51 57.08
N VAL H 24 16.51 -45.46 57.98
CA VAL H 24 17.47 -45.74 59.05
C VAL H 24 18.63 -46.58 58.57
N GLU H 25 18.64 -46.99 57.29
CA GLU H 25 19.88 -47.42 56.65
C GLU H 25 20.94 -46.33 56.72
N GLU H 26 20.53 -45.07 56.60
CA GLU H 26 21.42 -43.96 56.87
C GLU H 26 21.33 -43.52 58.32
N GLY H 27 21.44 -44.48 59.23
CA GLY H 27 21.48 -44.21 60.64
C GLY H 27 22.88 -43.91 61.13
N PRO H 28 23.80 -44.87 60.96
CA PRO H 28 25.21 -44.58 61.25
C PRO H 28 25.82 -43.57 60.33
N THR H 29 25.31 -43.42 59.11
CA THR H 29 25.84 -42.43 58.19
C THR H 29 25.68 -41.02 58.74
N VAL H 30 24.53 -40.72 59.30
CA VAL H 30 24.32 -39.37 59.81
C VAL H 30 24.89 -39.22 61.23
N LEU H 31 24.86 -40.26 62.05
CA LEU H 31 25.51 -40.17 63.36
C LEU H 31 27.03 -40.15 63.27
N ARG H 32 27.63 -40.51 62.14
CA ARG H 32 29.05 -40.31 61.96
C ARG H 32 29.38 -39.04 61.20
N LYS H 33 28.54 -38.61 60.26
CA LYS H 33 28.84 -37.36 59.57
C LYS H 33 28.48 -36.15 60.40
N ALA H 34 27.81 -36.34 61.54
CA ALA H 34 27.74 -35.33 62.58
C ALA H 34 28.83 -35.50 63.61
N GLY H 35 29.79 -36.38 63.35
CA GLY H 35 31.04 -36.40 64.08
C GLY H 35 30.93 -36.91 65.49
N LEU H 36 30.45 -38.14 65.66
CA LEU H 36 30.44 -38.75 66.98
C LEU H 36 31.85 -39.12 67.41
N LEU H 37 32.69 -39.53 66.46
CA LEU H 37 34.04 -39.96 66.78
C LEU H 37 34.88 -38.80 67.28
N GLU H 38 34.91 -37.70 66.52
CA GLU H 38 35.74 -36.57 66.90
C GLU H 38 35.21 -35.85 68.12
N LYS H 39 33.89 -35.90 68.35
CA LYS H 39 33.37 -35.39 69.60
C LYS H 39 33.62 -36.33 70.76
N LEU H 40 33.94 -37.60 70.49
CA LEU H 40 34.45 -38.46 71.54
C LEU H 40 35.93 -38.27 71.79
N LYS H 41 36.68 -37.80 70.79
CA LYS H 41 38.13 -37.84 70.92
C LYS H 41 38.72 -36.65 71.66
N GLU H 42 37.92 -35.70 72.16
CA GLU H 42 38.50 -34.69 73.04
C GLU H 42 38.83 -35.29 74.40
N GLN H 43 37.82 -35.80 75.10
CA GLN H 43 38.09 -36.57 76.30
C GLN H 43 38.71 -37.90 75.93
N GLU H 44 39.37 -38.52 76.90
CA GLU H 44 40.22 -39.69 76.65
C GLU H 44 39.35 -40.91 76.38
N CYS H 45 38.83 -40.96 75.16
CA CYS H 45 38.06 -42.10 74.66
C CYS H 45 38.87 -42.77 73.57
N ASP H 46 39.36 -43.98 73.86
CA ASP H 46 40.11 -44.76 72.88
C ASP H 46 39.12 -45.34 71.87
N VAL H 47 38.70 -44.50 70.94
CA VAL H 47 37.67 -44.86 69.99
C VAL H 47 38.30 -45.65 68.85
N LYS H 48 37.75 -46.83 68.58
CA LYS H 48 38.16 -47.66 67.45
C LYS H 48 36.93 -47.96 66.62
N ASP H 49 36.82 -47.33 65.45
CA ASP H 49 35.67 -47.56 64.59
C ASP H 49 35.82 -48.91 63.91
N TYR H 50 34.92 -49.84 64.23
CA TYR H 50 34.86 -51.13 63.56
C TYR H 50 34.05 -51.10 62.28
N GLY H 51 33.60 -49.92 61.86
CA GLY H 51 32.94 -49.77 60.58
C GLY H 51 31.52 -50.28 60.59
N ASP H 52 30.78 -49.89 59.56
CA ASP H 52 29.43 -50.38 59.39
C ASP H 52 29.45 -51.84 58.97
N LEU H 53 28.39 -52.52 59.27
CA LEU H 53 28.46 -53.93 58.92
C LEU H 53 27.97 -54.16 57.50
N PRO H 54 28.48 -55.17 56.81
CA PRO H 54 27.87 -55.60 55.55
C PRO H 54 26.70 -56.54 55.80
N PHE H 55 25.49 -56.07 55.49
CA PHE H 55 24.30 -56.88 55.68
C PHE H 55 23.85 -57.44 54.35
N ALA H 56 23.78 -58.77 54.27
CA ALA H 56 23.35 -59.43 53.05
C ALA H 56 21.86 -59.22 52.82
N ASP H 57 21.47 -59.31 51.54
CA ASP H 57 20.09 -59.08 51.12
C ASP H 57 19.53 -60.42 50.65
N ILE H 58 18.72 -61.05 51.49
CA ILE H 58 18.10 -62.33 51.15
C ILE H 58 16.97 -62.08 50.17
N PRO H 59 17.03 -62.66 48.96
CA PRO H 59 15.97 -62.37 47.97
C PRO H 59 14.66 -63.06 48.27
N ASN H 60 14.69 -64.30 48.76
CA ASN H 60 13.47 -65.06 49.02
C ASN H 60 13.05 -64.88 50.47
N ASP H 61 12.71 -63.63 50.79
CA ASP H 61 12.35 -63.26 52.16
C ASP H 61 10.85 -63.47 52.33
N SER H 62 10.48 -64.73 52.51
CA SER H 62 9.08 -65.04 52.79
C SER H 62 8.76 -64.69 54.24
N PRO H 63 7.61 -64.09 54.51
CA PRO H 63 7.27 -63.69 55.87
C PRO H 63 6.89 -64.89 56.74
N PHE H 64 6.67 -64.59 58.01
CA PHE H 64 6.03 -65.50 58.95
C PHE H 64 4.52 -65.26 58.84
N GLN H 65 3.72 -65.70 59.81
CA GLN H 65 2.29 -65.42 59.85
C GLN H 65 2.01 -63.92 59.81
N ILE H 66 2.43 -63.21 60.87
CA ILE H 66 2.29 -61.77 60.91
C ILE H 66 3.64 -61.07 60.79
N VAL H 67 4.70 -61.68 61.29
CA VAL H 67 6.04 -61.11 61.27
C VAL H 67 6.57 -61.10 59.85
N LYS H 68 6.91 -59.91 59.35
CA LYS H 68 7.38 -59.79 57.98
C LYS H 68 8.83 -59.33 57.97
N ASN H 69 9.56 -59.85 56.96
CA ASN H 69 11.02 -59.90 56.83
C ASN H 69 11.67 -60.52 58.07
N PRO H 70 11.56 -61.83 58.31
CA PRO H 70 12.18 -62.39 59.52
C PRO H 70 13.59 -62.92 59.32
N ARG H 71 13.93 -63.33 58.11
CA ARG H 71 15.25 -63.91 57.88
C ARG H 71 16.32 -62.84 57.80
N SER H 72 15.95 -61.65 57.31
CA SER H 72 16.89 -60.55 57.27
C SER H 72 17.26 -60.10 58.68
N VAL H 73 16.29 -60.06 59.57
CA VAL H 73 16.58 -59.66 60.95
C VAL H 73 17.36 -60.74 61.66
N GLY H 74 17.08 -62.01 61.34
CA GLY H 74 17.83 -63.10 61.94
C GLY H 74 19.29 -63.09 61.55
N LYS H 75 19.57 -62.88 60.26
CA LYS H 75 20.95 -62.87 59.80
C LYS H 75 21.68 -61.61 60.26
N ALA H 76 21.00 -60.45 60.26
CA ALA H 76 21.62 -59.21 60.69
C ALA H 76 21.95 -59.23 62.18
N SER H 77 21.04 -59.78 63.00
CA SER H 77 21.34 -59.85 64.42
C SER H 77 22.35 -60.93 64.75
N GLU H 78 22.45 -61.99 63.94
CA GLU H 78 23.50 -62.98 64.19
C GLU H 78 24.87 -62.40 63.86
N GLN H 79 24.96 -61.65 62.75
CA GLN H 79 26.19 -60.99 62.38
C GLN H 79 26.58 -59.92 63.39
N LEU H 80 25.60 -59.19 63.91
CA LEU H 80 25.87 -58.16 64.91
C LEU H 80 26.27 -58.78 66.24
N ALA H 81 25.68 -59.91 66.62
CA ALA H 81 26.05 -60.55 67.87
C ALA H 81 27.47 -61.11 67.81
N GLY H 82 27.88 -61.61 66.64
CA GLY H 82 29.27 -61.99 66.47
C GLY H 82 30.22 -60.81 66.58
N LYS H 83 29.84 -59.68 65.98
CA LYS H 83 30.70 -58.49 66.05
C LYS H 83 30.75 -57.90 67.46
N VAL H 84 29.64 -57.97 68.21
CA VAL H 84 29.64 -57.43 69.56
C VAL H 84 30.45 -58.32 70.51
N ALA H 85 30.35 -59.63 70.36
CA ALA H 85 31.19 -60.52 71.16
C ALA H 85 32.66 -60.35 70.79
N GLU H 86 32.94 -60.02 69.53
CA GLU H 86 34.31 -59.69 69.11
C GLU H 86 34.84 -58.46 69.84
N VAL H 87 34.04 -57.39 69.89
CA VAL H 87 34.53 -56.17 70.51
C VAL H 87 34.46 -56.21 72.03
N LYS H 88 33.72 -57.14 72.62
CA LYS H 88 33.73 -57.27 74.07
C LYS H 88 34.78 -58.26 74.56
N LYS H 89 35.30 -59.11 73.68
CA LYS H 89 36.52 -59.82 74.03
C LYS H 89 37.75 -58.95 73.93
N ASN H 90 37.65 -57.80 73.26
CA ASN H 90 38.72 -56.80 73.25
C ASN H 90 38.65 -55.86 74.44
N GLY H 91 37.72 -56.06 75.36
CA GLY H 91 37.62 -55.24 76.54
C GLY H 91 37.01 -53.87 76.35
N ARG H 92 36.53 -53.56 75.15
CA ARG H 92 35.99 -52.25 74.88
C ARG H 92 34.53 -52.17 75.33
N ILE H 93 33.88 -51.05 75.05
CA ILE H 93 32.45 -50.90 75.26
C ILE H 93 31.79 -50.89 73.89
N SER H 94 30.86 -51.81 73.68
CA SER H 94 30.20 -51.97 72.39
C SER H 94 29.20 -50.84 72.20
N LEU H 95 29.60 -49.81 71.47
CA LEU H 95 28.65 -48.80 71.03
C LEU H 95 28.10 -49.27 69.69
N VAL H 96 26.90 -49.82 69.72
CA VAL H 96 26.15 -50.15 68.52
C VAL H 96 25.23 -48.98 68.24
N LEU H 97 25.15 -48.56 67.00
CA LEU H 97 24.25 -47.48 66.65
C LEU H 97 23.64 -47.76 65.31
N GLY H 98 22.31 -47.72 65.23
CA GLY H 98 21.57 -48.16 64.08
C GLY H 98 20.83 -47.03 63.40
N GLY H 99 19.77 -47.39 62.68
CA GLY H 99 19.25 -48.75 62.61
C GLY H 99 17.90 -48.80 63.26
N ASP H 100 17.57 -49.92 63.88
CA ASP H 100 16.30 -50.07 64.57
C ASP H 100 16.46 -51.09 65.68
N HIS H 101 15.46 -51.15 66.56
CA HIS H 101 15.50 -52.09 67.68
C HIS H 101 15.43 -53.55 67.30
N SER H 102 15.22 -53.88 66.02
CA SER H 102 15.37 -55.26 65.57
C SER H 102 16.81 -55.76 65.63
N LEU H 103 17.77 -54.85 65.80
CA LEU H 103 19.17 -55.19 66.00
C LEU H 103 19.50 -55.48 67.45
N ALA H 104 18.64 -55.10 68.38
CA ALA H 104 18.95 -55.26 69.80
C ALA H 104 18.95 -56.70 70.24
N ILE H 105 18.33 -57.60 69.46
CA ILE H 105 18.43 -59.03 69.71
C ILE H 105 19.88 -59.48 69.69
N GLY H 106 20.59 -59.16 68.61
CA GLY H 106 22.00 -59.49 68.54
C GLY H 106 22.86 -58.58 69.40
N SER H 107 22.46 -57.32 69.57
CA SER H 107 23.25 -56.39 70.36
C SER H 107 23.26 -56.75 71.84
N ILE H 108 22.29 -57.51 72.32
CA ILE H 108 22.32 -58.02 73.67
C ILE H 108 22.77 -59.48 73.73
N SER H 109 22.50 -60.28 72.70
CA SER H 109 22.96 -61.67 72.69
C SER H 109 24.47 -61.76 72.60
N GLY H 110 25.07 -60.97 71.71
CA GLY H 110 26.52 -60.95 71.62
C GLY H 110 27.17 -60.33 72.84
N HIS H 111 26.46 -59.40 73.49
CA HIS H 111 26.95 -58.83 74.74
C HIS H 111 26.91 -59.85 75.86
N ALA H 112 25.95 -60.77 75.83
CA ALA H 112 25.85 -61.81 76.84
C ALA H 112 26.66 -63.05 76.50
N ARG H 113 27.20 -63.13 75.28
CA ARG H 113 28.20 -64.15 74.99
C ARG H 113 29.49 -63.92 75.75
N VAL H 114 29.75 -62.69 76.18
CA VAL H 114 30.93 -62.35 76.94
C VAL H 114 30.62 -62.18 78.43
N HIS H 115 29.52 -61.53 78.74
CA HIS H 115 29.09 -61.33 80.12
C HIS H 115 27.70 -61.90 80.33
N PRO H 116 27.59 -63.14 80.83
CA PRO H 116 26.28 -63.79 80.93
C PRO H 116 25.37 -63.27 82.03
N ASP H 117 25.80 -62.31 82.82
CA ASP H 117 25.04 -61.82 83.96
C ASP H 117 24.86 -60.31 83.88
N LEU H 118 24.46 -59.82 82.71
CA LEU H 118 24.34 -58.39 82.52
C LEU H 118 22.95 -57.90 82.91
N GLY H 119 22.74 -56.59 82.80
CA GLY H 119 21.43 -56.01 82.88
C GLY H 119 21.22 -55.06 81.73
N VAL H 120 19.96 -54.74 81.46
CA VAL H 120 19.60 -53.86 80.35
C VAL H 120 18.73 -52.75 80.89
N ILE H 121 19.16 -51.51 80.69
CA ILE H 121 18.29 -50.36 80.87
C ILE H 121 17.74 -50.01 79.50
N TRP H 122 16.44 -50.15 79.33
CA TRP H 122 15.79 -50.06 78.04
C TRP H 122 15.00 -48.76 77.99
N VAL H 123 15.63 -47.70 77.48
CA VAL H 123 14.94 -46.42 77.36
C VAL H 123 14.22 -46.41 76.02
N ASP H 124 12.91 -46.60 76.03
CA ASP H 124 12.09 -46.54 74.83
C ASP H 124 10.71 -46.06 75.24
N ALA H 125 9.99 -45.49 74.27
CA ALA H 125 8.59 -45.19 74.49
C ALA H 125 7.76 -46.45 74.62
N HIS H 126 8.23 -47.54 74.03
CA HIS H 126 7.49 -48.78 73.91
C HIS H 126 8.22 -49.83 74.73
N THR H 127 7.53 -50.94 74.99
CA THR H 127 8.19 -52.02 75.72
C THR H 127 8.96 -52.94 74.81
N ASP H 128 8.59 -53.02 73.53
CA ASP H 128 9.23 -53.86 72.53
C ASP H 128 9.25 -55.34 72.94
N ILE H 129 8.18 -55.81 73.56
CA ILE H 129 8.19 -57.11 74.20
C ILE H 129 7.17 -58.06 73.56
N ASN H 130 6.63 -57.71 72.40
CA ASN H 130 5.71 -58.58 71.67
C ASN H 130 6.36 -59.89 71.24
N THR H 131 5.59 -60.96 71.29
CA THR H 131 5.96 -62.21 70.67
C THR H 131 5.59 -62.15 69.19
N PRO H 132 5.98 -63.13 68.38
CA PRO H 132 5.36 -63.23 67.04
C PRO H 132 3.89 -63.61 67.07
N LEU H 133 3.37 -64.10 68.21
CA LEU H 133 1.95 -64.42 68.33
C LEU H 133 1.12 -63.25 68.84
N THR H 134 1.59 -62.54 69.85
CA THR H 134 0.85 -61.43 70.43
C THR H 134 0.99 -60.13 69.67
N THR H 135 1.73 -60.13 68.57
CA THR H 135 1.89 -58.90 67.81
C THR H 135 0.63 -58.59 67.03
N THR H 136 0.40 -57.30 66.84
CA THR H 136 -0.52 -56.83 65.82
C THR H 136 0.21 -56.14 64.68
N SER H 137 1.37 -55.57 64.96
CA SER H 137 2.12 -54.83 63.95
C SER H 137 2.77 -55.77 62.95
N GLY H 138 3.32 -56.87 63.40
CA GLY H 138 4.10 -57.72 62.53
C GLY H 138 5.49 -57.22 62.24
N ASN H 139 5.94 -56.19 62.94
CA ASN H 139 7.29 -55.67 62.78
C ASN H 139 8.21 -56.29 63.82
N LEU H 140 9.50 -56.28 63.52
CA LEU H 140 10.47 -56.76 64.49
C LEU H 140 11.24 -55.65 65.18
N HIS H 141 10.93 -54.38 64.90
CA HIS H 141 11.42 -53.36 65.81
C HIS H 141 10.57 -53.27 67.06
N GLY H 142 9.46 -54.00 67.10
CA GLY H 142 8.65 -54.14 68.28
C GLY H 142 8.76 -55.47 68.96
N GLN H 143 9.58 -56.38 68.45
CA GLN H 143 9.76 -57.61 69.21
C GLN H 143 11.17 -58.03 69.64
N PRO H 144 12.12 -57.15 70.04
CA PRO H 144 13.42 -57.73 70.41
C PRO H 144 13.46 -58.36 71.78
N VAL H 145 12.72 -57.81 72.75
CA VAL H 145 12.92 -58.20 74.14
C VAL H 145 12.39 -59.61 74.41
N SER H 146 11.33 -60.01 73.69
CA SER H 146 10.71 -61.31 73.93
C SER H 146 11.62 -62.47 73.55
N PHE H 147 12.50 -62.27 72.57
CA PHE H 147 13.50 -63.30 72.29
C PHE H 147 14.59 -63.34 73.34
N LEU H 148 14.85 -62.23 74.00
CA LEU H 148 15.98 -62.11 74.92
C LEU H 148 15.65 -62.51 76.34
N LEU H 149 14.38 -62.44 76.73
CA LEU H 149 14.00 -62.89 78.06
C LEU H 149 14.01 -64.40 78.12
N LYS H 150 14.57 -64.95 79.20
CA LYS H 150 14.62 -66.40 79.35
C LYS H 150 13.25 -66.98 79.68
N GLU H 151 12.39 -66.19 80.31
CA GLU H 151 11.11 -66.70 80.79
C GLU H 151 10.06 -66.84 79.71
N LEU H 152 10.35 -66.41 78.48
CA LEU H 152 9.41 -66.57 77.38
C LEU H 152 9.80 -67.70 76.42
N LYS H 153 10.65 -68.62 76.87
CA LYS H 153 10.94 -69.79 76.06
C LYS H 153 9.73 -70.72 76.05
N GLY H 154 9.39 -71.21 74.86
CA GLY H 154 8.20 -72.01 74.66
C GLY H 154 7.02 -71.21 74.13
N LYS H 155 6.92 -69.94 74.54
CA LYS H 155 5.90 -69.05 74.02
C LYS H 155 6.37 -68.30 72.77
N ILE H 156 7.54 -68.65 72.25
CA ILE H 156 8.09 -68.07 71.04
C ILE H 156 8.19 -69.18 70.00
N PRO H 157 7.50 -69.08 68.87
CA PRO H 157 7.67 -70.09 67.81
C PRO H 157 9.02 -69.96 67.14
N ASP H 158 9.42 -71.03 66.47
CA ASP H 158 10.71 -71.07 65.78
C ASP H 158 10.60 -70.23 64.51
N VAL H 159 10.93 -68.95 64.64
CA VAL H 159 10.85 -68.04 63.51
C VAL H 159 12.01 -68.34 62.56
N PRO H 160 11.81 -68.30 61.24
CA PRO H 160 12.93 -68.44 60.31
C PRO H 160 13.92 -67.31 60.46
N GLY H 161 15.16 -67.66 60.77
CA GLY H 161 16.22 -66.71 61.01
C GLY H 161 16.67 -66.63 62.45
N PHE H 162 15.78 -66.92 63.40
CA PHE H 162 16.09 -66.79 64.82
C PHE H 162 16.32 -68.14 65.48
N SER H 163 16.84 -69.10 64.73
CA SER H 163 17.19 -70.39 65.32
C SER H 163 18.44 -70.32 66.19
N TRP H 164 19.30 -69.32 65.96
CA TRP H 164 20.52 -69.18 66.75
C TRP H 164 20.28 -68.51 68.09
N VAL H 165 19.14 -67.84 68.27
CA VAL H 165 18.92 -66.97 69.42
C VAL H 165 18.71 -67.80 70.68
N THR H 166 19.71 -67.85 71.50
CA THR H 166 19.59 -68.38 72.85
C THR H 166 19.18 -67.24 73.79
N PRO H 167 18.16 -67.44 74.62
CA PRO H 167 17.77 -66.38 75.56
C PRO H 167 18.86 -66.10 76.58
N CYS H 168 19.02 -64.83 76.91
CA CYS H 168 20.22 -64.35 77.57
C CYS H 168 19.98 -63.67 78.90
N ILE H 169 18.95 -62.86 79.04
CA ILE H 169 18.68 -62.15 80.27
C ILE H 169 17.40 -62.67 80.89
N SER H 170 17.29 -62.48 82.20
CA SER H 170 16.10 -62.87 82.94
C SER H 170 15.09 -61.73 82.95
N ALA H 171 13.92 -62.00 83.52
CA ALA H 171 12.88 -60.98 83.55
C ALA H 171 13.19 -59.87 84.54
N LYS H 172 13.90 -60.20 85.62
CA LYS H 172 14.23 -59.23 86.64
C LYS H 172 15.59 -58.56 86.42
N ASP H 173 16.14 -58.67 85.21
CA ASP H 173 17.39 -58.01 84.87
C ASP H 173 17.23 -57.06 83.68
N ILE H 174 16.04 -56.49 83.51
CA ILE H 174 15.78 -55.49 82.49
C ILE H 174 14.87 -54.42 83.08
N VAL H 175 15.24 -53.16 82.89
CA VAL H 175 14.51 -52.04 83.45
C VAL H 175 14.12 -51.12 82.31
N TYR H 176 12.83 -50.82 82.20
CA TYR H 176 12.34 -49.88 81.22
C TYR H 176 12.26 -48.49 81.81
N ILE H 177 12.59 -47.49 81.00
CA ILE H 177 12.39 -46.09 81.37
C ILE H 177 11.72 -45.39 80.21
N GLY H 178 10.58 -44.77 80.46
CA GLY H 178 9.93 -43.96 79.47
C GLY H 178 8.79 -44.61 78.74
N LEU H 179 8.13 -45.62 79.32
CA LEU H 179 7.06 -46.33 78.62
C LEU H 179 5.82 -45.47 78.55
N ARG H 180 5.33 -45.20 77.35
CA ARG H 180 4.09 -44.46 77.21
C ARG H 180 3.23 -44.91 76.04
N ASP H 181 3.63 -45.97 75.33
CA ASP H 181 2.82 -46.51 74.23
C ASP H 181 2.99 -48.02 74.28
N VAL H 182 2.11 -48.68 75.03
CA VAL H 182 2.24 -50.09 75.35
C VAL H 182 1.00 -50.80 74.82
N ASP H 183 1.21 -51.96 74.18
CA ASP H 183 0.11 -52.77 73.71
C ASP H 183 -0.64 -53.39 74.89
N PRO H 184 -1.84 -53.92 74.66
CA PRO H 184 -2.43 -54.79 75.68
C PRO H 184 -1.65 -56.07 75.89
N GLY H 185 -1.14 -56.68 74.82
CA GLY H 185 -0.33 -57.88 74.98
C GLY H 185 0.98 -57.59 75.67
N GLU H 186 1.56 -56.43 75.39
CA GLU H 186 2.82 -56.07 76.00
C GLU H 186 2.67 -55.79 77.49
N HIS H 187 1.59 -55.11 77.88
CA HIS H 187 1.39 -54.87 79.30
C HIS H 187 0.95 -56.11 80.05
N TYR H 188 0.32 -57.08 79.38
CA TYR H 188 0.04 -58.35 80.04
C TYR H 188 1.32 -59.13 80.31
N ILE H 189 2.23 -59.15 79.35
CA ILE H 189 3.54 -59.78 79.57
C ILE H 189 4.32 -59.02 80.63
N LEU H 190 4.21 -57.69 80.62
CA LEU H 190 4.98 -56.84 81.52
C LEU H 190 4.50 -56.97 82.96
N LYS H 191 3.23 -57.31 83.18
CA LYS H 191 2.76 -57.55 84.53
C LYS H 191 2.80 -59.02 84.93
N THR H 192 2.81 -59.93 83.97
CA THR H 192 2.93 -61.35 84.34
C THR H 192 4.36 -61.68 84.74
N LEU H 193 5.35 -61.18 84.00
CA LEU H 193 6.74 -61.46 84.35
C LEU H 193 7.24 -60.60 85.49
N GLY H 194 6.53 -59.55 85.87
CA GLY H 194 6.95 -58.72 86.98
C GLY H 194 8.17 -57.87 86.71
N ILE H 195 8.36 -57.44 85.47
CA ILE H 195 9.52 -56.65 85.09
C ILE H 195 9.44 -55.27 85.73
N LYS H 196 10.53 -54.84 86.36
CA LYS H 196 10.55 -53.53 87.01
C LYS H 196 10.69 -52.46 85.95
N TYR H 197 9.58 -51.83 85.60
CA TYR H 197 9.54 -50.78 84.60
C TYR H 197 9.34 -49.43 85.27
N PHE H 198 9.82 -48.37 84.61
CA PHE H 198 9.57 -47.01 85.05
C PHE H 198 8.92 -46.27 83.89
N SER H 199 7.60 -46.39 83.80
CA SER H 199 6.84 -45.69 82.76
C SER H 199 6.72 -44.21 83.12
N MET H 200 6.04 -43.46 82.26
CA MET H 200 6.00 -42.02 82.43
C MET H 200 5.14 -41.59 83.62
N THR H 201 4.26 -42.48 84.10
CA THR H 201 3.59 -42.22 85.37
C THR H 201 4.60 -42.18 86.51
N GLU H 202 5.49 -43.18 86.57
CA GLU H 202 6.46 -43.22 87.66
C GLU H 202 7.56 -42.19 87.49
N VAL H 203 7.87 -41.81 86.24
CA VAL H 203 8.86 -40.78 86.00
C VAL H 203 8.31 -39.41 86.41
N ASP H 204 7.03 -39.16 86.14
CA ASP H 204 6.42 -37.93 86.62
C ASP H 204 6.20 -37.94 88.14
N ARG H 205 5.92 -39.11 88.71
CA ARG H 205 5.75 -39.22 90.15
C ARG H 205 7.04 -38.93 90.89
N LEU H 206 8.10 -39.66 90.56
CA LEU H 206 9.30 -39.67 91.36
C LEU H 206 10.30 -38.62 90.94
N GLY H 207 10.23 -38.16 89.70
CA GLY H 207 11.35 -37.39 89.16
C GLY H 207 12.48 -38.29 88.72
N ILE H 208 13.24 -37.81 87.73
CA ILE H 208 14.23 -38.66 87.09
C ILE H 208 15.41 -38.97 88.01
N GLY H 209 15.60 -38.17 89.06
CA GLY H 209 16.61 -38.50 90.06
C GLY H 209 16.25 -39.73 90.86
N LYS H 210 15.03 -39.78 91.37
CA LYS H 210 14.57 -40.93 92.14
C LYS H 210 14.40 -42.16 91.25
N VAL H 211 14.02 -41.95 89.99
CA VAL H 211 13.87 -43.06 89.04
C VAL H 211 15.22 -43.70 88.75
N MET H 212 16.24 -42.88 88.47
CA MET H 212 17.56 -43.45 88.20
C MET H 212 18.18 -44.03 89.46
N GLU H 213 17.89 -43.47 90.64
CA GLU H 213 18.37 -44.06 91.87
C GLU H 213 17.76 -45.43 92.12
N GLU H 214 16.46 -45.58 91.89
CA GLU H 214 15.83 -46.89 92.07
C GLU H 214 16.22 -47.86 90.97
N THR H 215 16.53 -47.36 89.78
CA THR H 215 17.00 -48.24 88.70
C THR H 215 18.36 -48.83 89.02
N LEU H 216 19.30 -47.97 89.42
CA LEU H 216 20.64 -48.46 89.74
C LEU H 216 20.65 -49.28 91.03
N SER H 217 19.73 -48.99 91.96
CA SER H 217 19.63 -49.85 93.13
C SER H 217 18.98 -51.19 92.80
N TYR H 218 18.14 -51.23 91.76
CA TYR H 218 17.51 -52.49 91.38
C TYR H 218 18.47 -53.39 90.62
N LEU H 219 19.30 -52.82 89.74
CA LEU H 219 20.19 -53.64 88.94
C LEU H 219 21.55 -53.87 89.58
N LEU H 220 22.07 -52.89 90.31
CA LEU H 220 23.42 -52.97 90.84
C LEU H 220 23.47 -53.07 92.35
N GLY H 221 22.33 -52.97 93.03
CA GLY H 221 22.33 -53.03 94.48
C GLY H 221 22.65 -54.40 95.03
N ARG H 222 22.37 -55.44 94.26
CA ARG H 222 22.67 -56.80 94.71
C ARG H 222 24.13 -57.16 94.44
N LYS H 223 24.60 -56.88 93.23
CA LYS H 223 25.93 -57.31 92.81
C LYS H 223 26.36 -56.44 91.64
N LYS H 224 27.64 -56.07 91.62
CA LYS H 224 28.18 -55.32 90.50
C LYS H 224 28.20 -56.18 89.25
N ARG H 225 27.70 -55.62 88.15
CA ARG H 225 27.54 -56.36 86.90
C ARG H 225 27.46 -55.36 85.75
N PRO H 226 27.75 -55.78 84.52
CA PRO H 226 27.65 -54.85 83.39
C PRO H 226 26.21 -54.38 83.15
N ILE H 227 26.10 -53.16 82.66
CA ILE H 227 24.83 -52.52 82.34
C ILE H 227 24.83 -52.20 80.86
N HIS H 228 23.74 -52.54 80.18
CA HIS H 228 23.63 -52.36 78.74
C HIS H 228 22.48 -51.39 78.47
N LEU H 229 22.79 -50.10 78.42
CA LEU H 229 21.79 -49.10 78.06
C LEU H 229 21.44 -49.27 76.59
N SER H 230 20.24 -49.74 76.31
CA SER H 230 19.77 -49.87 74.93
C SER H 230 18.84 -48.69 74.68
N PHE H 231 19.43 -47.54 74.41
CA PHE H 231 18.68 -46.31 74.26
C PHE H 231 17.93 -46.30 72.94
N ASP H 232 16.81 -45.57 72.91
CA ASP H 232 16.01 -45.40 71.72
C ASP H 232 15.59 -43.93 71.63
N VAL H 233 15.44 -43.42 70.42
CA VAL H 233 15.28 -41.97 70.29
C VAL H 233 13.84 -41.58 70.05
N ASP H 234 12.91 -42.51 70.23
CA ASP H 234 11.53 -42.12 70.51
C ASP H 234 11.21 -42.23 71.98
N GLY H 235 12.16 -42.71 72.79
CA GLY H 235 12.05 -42.62 74.23
C GLY H 235 12.17 -41.22 74.75
N LEU H 236 12.71 -40.31 73.94
CA LEU H 236 12.68 -38.90 74.24
C LEU H 236 11.45 -38.25 73.65
N ASP H 237 11.22 -37.00 74.01
CA ASP H 237 10.05 -36.30 73.53
C ASP H 237 10.25 -35.89 72.08
N PRO H 238 9.19 -35.95 71.26
CA PRO H 238 9.34 -35.59 69.84
C PRO H 238 9.62 -34.12 69.58
N SER H 239 9.53 -33.25 70.59
CA SER H 239 10.06 -31.91 70.42
C SER H 239 11.58 -31.88 70.49
N PHE H 240 12.22 -32.96 70.91
CA PHE H 240 13.68 -33.06 70.90
C PHE H 240 14.20 -33.99 69.82
N THR H 241 13.55 -35.13 69.58
CA THR H 241 13.92 -36.04 68.51
C THR H 241 12.71 -36.31 67.62
N PRO H 242 12.36 -35.38 66.73
CA PRO H 242 11.21 -35.62 65.85
C PRO H 242 11.51 -36.58 64.72
N ALA H 243 12.76 -36.74 64.33
CA ALA H 243 13.10 -37.58 63.18
C ALA H 243 13.38 -39.01 63.61
N THR H 244 12.38 -39.60 64.26
CA THR H 244 12.43 -41.00 64.66
C THR H 244 11.23 -41.72 64.08
N GLY H 245 11.27 -43.06 64.16
CA GLY H 245 10.37 -43.87 63.38
C GLY H 245 8.95 -43.85 63.90
N THR H 246 8.77 -44.08 65.20
CA THR H 246 7.46 -44.14 65.83
C THR H 246 7.39 -43.10 66.93
N PRO H 247 7.14 -41.83 66.59
CA PRO H 247 7.17 -40.77 67.61
C PRO H 247 5.92 -40.81 68.49
N VAL H 248 6.12 -40.82 69.79
CA VAL H 248 5.03 -40.79 70.76
C VAL H 248 5.22 -39.57 71.63
N VAL H 249 4.20 -38.70 71.66
CA VAL H 249 4.35 -37.40 72.29
C VAL H 249 4.34 -37.53 73.81
N GLY H 250 4.97 -36.57 74.46
CA GLY H 250 4.97 -36.50 75.90
C GLY H 250 5.86 -37.53 76.57
N GLY H 251 7.14 -37.52 76.22
CA GLY H 251 8.09 -38.43 76.78
C GLY H 251 9.18 -37.75 77.57
N LEU H 252 10.33 -38.41 77.62
CA LEU H 252 11.46 -37.89 78.39
C LEU H 252 12.01 -36.65 77.72
N THR H 253 12.41 -35.68 78.54
CA THR H 253 13.04 -34.51 77.97
C THR H 253 14.50 -34.81 77.62
N TYR H 254 15.11 -33.86 76.90
CA TYR H 254 16.54 -33.89 76.65
C TYR H 254 17.33 -33.86 77.94
N ARG H 255 16.84 -33.09 78.91
CA ARG H 255 17.47 -33.03 80.23
C ARG H 255 17.41 -34.37 80.94
N GLU H 256 16.22 -34.98 81.00
CA GLU H 256 16.08 -36.25 81.70
C GLU H 256 16.81 -37.37 80.97
N GLY H 257 16.88 -37.31 79.64
CA GLY H 257 17.65 -38.29 78.90
C GLY H 257 19.13 -38.19 79.21
N LEU H 258 19.67 -36.98 79.25
CA LEU H 258 21.06 -36.80 79.63
C LEU H 258 21.31 -37.20 81.07
N TYR H 259 20.32 -37.04 81.94
CA TYR H 259 20.52 -37.44 83.34
C TYR H 259 20.58 -38.95 83.49
N ILE H 260 19.75 -39.67 82.72
CA ILE H 260 19.81 -41.13 82.71
C ILE H 260 21.19 -41.60 82.28
N THR H 261 21.70 -41.01 81.21
CA THR H 261 23.00 -41.44 80.69
C THR H 261 24.14 -41.08 81.63
N GLU H 262 24.06 -39.93 82.29
CA GLU H 262 25.10 -39.53 83.22
C GLU H 262 25.12 -40.40 84.47
N GLU H 263 23.95 -40.81 84.95
CA GLU H 263 23.95 -41.71 86.10
C GLU H 263 24.34 -43.12 85.74
N ILE H 264 24.17 -43.52 84.48
CA ILE H 264 24.71 -44.80 84.06
C ILE H 264 26.23 -44.74 83.96
N TYR H 265 26.76 -43.60 83.50
CA TYR H 265 28.22 -43.44 83.42
C TYR H 265 28.87 -43.44 84.79
N LYS H 266 28.31 -42.69 85.74
CA LYS H 266 28.97 -42.54 87.03
C LYS H 266 28.86 -43.77 87.92
N THR H 267 28.19 -44.83 87.48
CA THR H 267 28.39 -46.13 88.10
C THR H 267 29.73 -46.73 87.70
N GLY H 268 30.24 -46.36 86.53
CA GLY H 268 31.45 -46.98 86.02
C GLY H 268 31.26 -48.40 85.56
N LEU H 269 30.03 -48.79 85.23
CA LEU H 269 29.76 -50.15 84.79
C LEU H 269 28.97 -50.21 83.50
N LEU H 270 28.86 -49.10 82.76
CA LEU H 270 28.27 -49.15 81.44
C LEU H 270 29.16 -49.96 80.52
N SER H 271 28.59 -50.97 79.87
CA SER H 271 29.41 -51.91 79.12
C SER H 271 28.78 -52.27 77.78
N GLY H 272 27.94 -51.40 77.24
CA GLY H 272 27.31 -51.63 75.96
C GLY H 272 26.24 -50.60 75.74
N LEU H 273 26.11 -50.09 74.53
CA LEU H 273 25.20 -49.00 74.27
C LEU H 273 24.55 -49.17 72.90
N ASP H 274 23.28 -48.81 72.82
CA ASP H 274 22.54 -48.87 71.57
C ASP H 274 21.91 -47.52 71.32
N ILE H 275 22.12 -46.96 70.14
CA ILE H 275 21.44 -45.75 69.71
C ILE H 275 20.62 -46.12 68.48
N MET H 276 19.34 -46.36 68.68
CA MET H 276 18.51 -46.98 67.66
C MET H 276 17.44 -46.01 67.18
N GLU H 277 16.83 -46.37 66.05
CA GLU H 277 15.68 -45.72 65.43
C GLU H 277 15.94 -44.27 65.04
N VAL H 278 17.17 -43.87 64.79
CA VAL H 278 17.43 -42.55 64.24
C VAL H 278 17.11 -42.59 62.76
N ASN H 279 16.16 -41.77 62.32
CA ASN H 279 15.67 -41.83 60.96
C ASN H 279 15.77 -40.44 60.35
N PRO H 280 16.85 -40.17 59.61
CA PRO H 280 17.14 -38.81 59.17
C PRO H 280 16.32 -38.34 57.97
N SER H 281 15.26 -39.05 57.60
CA SER H 281 14.39 -38.61 56.53
C SER H 281 12.97 -38.32 56.99
N LEU H 282 12.69 -38.41 58.29
CA LEU H 282 11.37 -38.08 58.78
C LEU H 282 11.30 -36.71 59.41
N GLY H 283 12.41 -35.96 59.38
CA GLY H 283 12.34 -34.57 59.78
C GLY H 283 11.64 -33.77 58.70
N LYS H 284 10.63 -32.99 59.11
CA LYS H 284 9.88 -32.21 58.14
C LYS H 284 10.69 -31.04 57.61
N THR H 285 11.66 -30.57 58.38
CA THR H 285 12.77 -29.76 57.92
C THR H 285 14.05 -30.51 58.22
N PRO H 286 15.16 -30.17 57.55
CA PRO H 286 16.45 -30.73 57.97
C PRO H 286 16.91 -30.24 59.32
N GLU H 287 16.34 -29.14 59.82
CA GLU H 287 16.64 -28.70 61.18
C GLU H 287 16.06 -29.67 62.20
N GLU H 288 14.97 -30.36 61.86
CA GLU H 288 14.45 -31.40 62.73
C GLU H 288 15.39 -32.58 62.80
N VAL H 289 15.99 -32.94 61.66
CA VAL H 289 17.01 -33.98 61.64
C VAL H 289 18.23 -33.53 62.41
N THR H 290 18.55 -32.24 62.33
CA THR H 290 19.70 -31.70 63.05
C THR H 290 19.49 -31.76 64.56
N ARG H 291 18.26 -31.47 65.02
CA ARG H 291 17.98 -31.58 66.44
C ARG H 291 18.00 -33.03 66.90
N THR H 292 17.50 -33.95 66.07
CA THR H 292 17.51 -35.37 66.42
C THR H 292 18.93 -35.90 66.56
N VAL H 293 19.77 -35.61 65.59
CA VAL H 293 21.11 -36.19 65.57
C VAL H 293 22.00 -35.54 66.60
N ASN H 294 21.85 -34.22 66.83
CA ASN H 294 22.59 -33.59 67.91
C ASN H 294 22.15 -34.10 69.27
N THR H 295 20.87 -34.44 69.41
CA THR H 295 20.40 -35.02 70.65
C THR H 295 20.99 -36.39 70.89
N ALA H 296 21.01 -37.24 69.84
CA ALA H 296 21.56 -38.58 70.00
C ALA H 296 23.06 -38.56 70.21
N VAL H 297 23.77 -37.63 69.57
CA VAL H 297 25.20 -37.46 69.81
C VAL H 297 25.45 -37.02 71.25
N ALA H 298 24.65 -36.08 71.76
CA ALA H 298 24.85 -35.61 73.13
C ALA H 298 24.51 -36.69 74.15
N ILE H 299 23.54 -37.55 73.85
CA ILE H 299 23.23 -38.70 74.69
C ILE H 299 24.42 -39.65 74.75
N THR H 300 25.02 -39.94 73.59
CA THR H 300 26.15 -40.86 73.54
C THR H 300 27.36 -40.30 74.27
N LEU H 301 27.62 -39.01 74.10
CA LEU H 301 28.74 -38.37 74.76
C LEU H 301 28.55 -38.32 76.27
N ALA H 302 27.31 -38.10 76.73
CA ALA H 302 27.07 -38.12 78.16
C ALA H 302 27.11 -39.52 78.72
N CYS H 303 26.88 -40.54 77.89
CA CYS H 303 27.15 -41.91 78.31
C CYS H 303 28.63 -42.12 78.57
N PHE H 304 29.49 -41.54 77.72
CA PHE H 304 30.91 -41.83 77.82
C PHE H 304 31.72 -40.68 78.43
N GLY H 305 31.19 -40.01 79.44
CA GLY H 305 32.00 -39.17 80.30
C GLY H 305 31.73 -37.69 80.23
N LEU H 306 31.04 -37.21 79.20
CA LEU H 306 30.77 -35.77 79.09
C LEU H 306 29.68 -35.44 80.09
N ALA H 307 30.11 -35.08 81.29
CA ALA H 307 29.18 -34.57 82.30
C ALA H 307 28.87 -33.12 82.01
N ARG H 308 27.64 -32.72 82.32
CA ARG H 308 27.24 -31.34 82.07
C ARG H 308 27.88 -30.37 83.05
N GLU H 309 28.42 -30.85 84.16
CA GLU H 309 29.20 -29.99 85.04
C GLU H 309 30.53 -29.60 84.41
N GLY H 310 31.03 -30.37 83.45
CA GLY H 310 32.31 -30.13 82.83
C GLY H 310 33.31 -31.22 83.16
N ASN H 311 34.36 -31.29 82.36
CA ASN H 311 35.41 -32.29 82.56
C ASN H 311 36.77 -31.64 82.42
N HIS H 312 37.66 -31.93 83.35
CA HIS H 312 39.01 -31.42 83.32
C HIS H 312 40.00 -32.57 83.25
N LYS H 313 41.06 -32.38 82.53
CA LYS H 313 42.13 -33.35 82.60
C LYS H 313 42.91 -33.13 83.90
N PRO H 314 43.36 -34.20 84.57
CA PRO H 314 44.00 -34.04 85.89
C PRO H 314 45.44 -33.54 85.81
N ILE H 315 45.62 -32.38 85.17
CA ILE H 315 46.88 -31.65 85.15
C ILE H 315 46.56 -30.21 85.50
N ASP H 316 47.60 -29.46 85.87
CA ASP H 316 47.40 -28.08 86.29
C ASP H 316 47.11 -27.21 85.06
N TYR H 317 46.07 -26.41 85.16
CA TYR H 317 45.73 -25.44 84.13
C TYR H 317 46.06 -24.00 84.51
N LEU H 318 46.37 -23.74 85.78
CA LEU H 318 46.64 -22.39 86.25
C LEU H 318 48.14 -22.07 86.17
N ASN H 319 48.68 -22.25 84.96
CA ASN H 319 50.08 -21.95 84.69
C ASN H 319 50.23 -21.27 83.35
N GLU I 1 18.76 -5.25 58.75
CA GLU I 1 19.32 -5.34 57.38
C GLU I 1 20.14 -4.10 57.13
N ILE I 2 21.32 -3.98 57.74
CA ILE I 2 22.10 -2.76 57.63
C ILE I 2 22.73 -2.72 56.25
N VAL I 3 22.44 -1.66 55.50
CA VAL I 3 23.10 -1.44 54.23
C VAL I 3 24.43 -0.77 54.48
N MET I 4 25.50 -1.37 53.93
CA MET I 4 26.84 -0.82 54.06
C MET I 4 27.18 -0.08 52.76
N THR I 5 27.53 1.18 52.88
CA THR I 5 27.82 2.03 51.73
C THR I 5 29.29 2.41 51.71
N GLN I 6 29.90 2.31 50.53
CA GLN I 6 31.29 2.68 50.31
C GLN I 6 31.31 3.96 49.49
N SER I 7 32.03 4.97 49.99
CA SER I 7 31.93 6.29 49.37
C SER I 7 32.70 6.40 48.05
N PRO I 8 33.95 5.89 47.89
CA PRO I 8 34.50 5.82 46.52
C PRO I 8 33.89 4.64 45.77
N ALA I 9 32.99 4.93 44.84
CA ALA I 9 32.42 3.86 44.03
C ALA I 9 33.46 3.26 43.10
N THR I 10 34.27 4.12 42.46
CA THR I 10 35.48 3.72 41.77
C THR I 10 36.65 4.51 42.34
N LEU I 11 37.85 4.09 41.98
CA LEU I 11 39.06 4.76 42.44
C LEU I 11 40.17 4.42 41.46
N SER I 12 41.04 5.39 41.19
CA SER I 12 42.17 5.19 40.29
C SER I 12 43.32 6.04 40.83
N LEU I 13 44.26 5.40 41.50
CA LEU I 13 45.36 6.10 42.13
C LEU I 13 46.67 5.45 41.70
N SER I 14 47.65 6.29 41.41
CA SER I 14 48.93 5.85 40.86
C SER I 14 49.74 5.09 41.90
N PRO I 15 50.79 4.35 41.48
CA PRO I 15 51.75 3.85 42.47
C PRO I 15 52.45 4.99 43.18
N GLY I 16 52.12 5.18 44.46
CA GLY I 16 52.46 6.42 45.11
C GLY I 16 51.80 6.63 46.46
N GLU I 17 51.08 7.73 46.59
CA GLU I 17 50.64 8.25 47.89
C GLU I 17 49.44 7.47 48.43
N ARG I 18 48.81 8.02 49.47
CA ARG I 18 47.77 7.34 50.22
C ARG I 18 46.49 7.20 49.40
N ALA I 19 45.79 6.09 49.63
CA ALA I 19 44.61 5.70 48.88
C ALA I 19 43.45 5.43 49.84
N THR I 20 43.17 6.42 50.69
CA THR I 20 42.21 6.27 51.78
C THR I 20 40.80 6.06 51.25
N LEU I 21 40.08 5.12 51.86
CA LEU I 21 38.75 4.72 51.45
C LEU I 21 37.76 4.95 52.58
N SER I 22 36.50 4.63 52.32
CA SER I 22 35.45 4.85 53.31
C SER I 22 34.38 3.78 53.20
N CYS I 23 33.88 3.36 54.36
CA CYS I 23 32.74 2.45 54.44
C CYS I 23 31.81 2.99 55.51
N ARG I 24 30.66 3.50 55.09
CA ARG I 24 29.69 4.09 55.99
C ARG I 24 28.59 3.09 56.31
N ALA I 25 28.33 2.88 57.59
CA ALA I 25 27.28 1.97 58.03
C ALA I 25 25.97 2.72 58.20
N SER I 26 24.89 1.95 58.37
CA SER I 26 23.59 2.53 58.68
C SER I 26 23.36 2.65 60.19
N GLN I 27 24.12 1.94 61.00
CA GLN I 27 24.03 2.00 62.45
C GLN I 27 25.42 2.10 63.03
N SER I 28 25.55 1.91 64.33
CA SER I 28 26.85 1.91 64.99
C SER I 28 27.32 0.46 65.07
N VAL I 29 28.18 0.07 64.14
CA VAL I 29 28.78 -1.26 64.17
C VAL I 29 29.77 -1.37 65.33
N SER I 30 30.40 -0.24 65.70
CA SER I 30 31.23 -0.08 66.89
C SER I 30 32.43 -1.03 66.90
N SER I 31 33.33 -0.77 65.96
CA SER I 31 34.66 -1.38 65.88
C SER I 31 34.56 -2.89 65.67
N TYR I 32 33.78 -3.27 64.66
CA TYR I 32 33.41 -4.66 64.44
C TYR I 32 33.31 -5.01 62.97
N LEU I 33 34.07 -4.35 62.09
CA LEU I 33 33.94 -4.66 60.68
C LEU I 33 35.31 -4.88 60.06
N ALA I 34 35.30 -5.48 58.87
CA ALA I 34 36.48 -6.04 58.25
C ALA I 34 36.67 -5.50 56.84
N TRP I 35 37.85 -5.79 56.29
CA TRP I 35 38.28 -5.27 54.99
C TRP I 35 38.91 -6.36 54.14
N TYR I 36 38.58 -6.40 52.86
CA TYR I 36 39.01 -7.50 52.01
C TYR I 36 39.70 -7.00 50.74
N GLN I 37 40.29 -7.93 50.01
CA GLN I 37 41.18 -7.63 48.89
C GLN I 37 40.85 -8.55 47.71
N GLN I 38 39.59 -8.60 47.29
CA GLN I 38 39.22 -9.57 46.26
C GLN I 38 39.80 -9.17 44.91
N LYS I 39 40.89 -9.83 44.52
CA LYS I 39 41.34 -9.77 43.14
C LYS I 39 40.35 -10.52 42.27
N PRO I 40 40.16 -10.08 41.02
CA PRO I 40 39.10 -10.68 40.18
C PRO I 40 39.40 -12.12 39.82
N GLY I 41 38.44 -12.99 40.11
CA GLY I 41 38.61 -14.42 39.88
C GLY I 41 39.32 -15.14 41.00
N GLN I 42 39.42 -14.53 42.17
CA GLN I 42 40.17 -15.09 43.29
C GLN I 42 39.31 -15.05 44.55
N ALA I 43 39.89 -15.55 45.63
CA ALA I 43 39.28 -15.50 46.95
C ALA I 43 39.55 -14.15 47.60
N PRO I 44 38.56 -13.55 48.24
CA PRO I 44 38.77 -12.24 48.87
C PRO I 44 39.67 -12.30 50.09
N ARG I 45 40.92 -11.89 49.92
CA ARG I 45 41.90 -11.94 51.00
C ARG I 45 41.62 -10.87 52.03
N LEU I 46 41.72 -11.24 53.30
CA LEU I 46 41.42 -10.31 54.39
C LEU I 46 42.53 -9.27 54.56
N LEU I 47 42.13 -8.00 54.69
CA LEU I 47 43.07 -6.92 55.00
C LEU I 47 43.13 -6.58 56.48
N ILE I 48 42.01 -6.14 57.05
CA ILE I 48 41.93 -5.64 58.41
C ILE I 48 40.78 -6.34 59.11
N TYR I 49 41.04 -6.91 60.30
CA TYR I 49 40.00 -7.76 60.87
C TYR I 49 38.93 -6.97 61.64
N ASP I 50 39.28 -6.29 62.74
CA ASP I 50 38.25 -5.48 63.41
C ASP I 50 38.72 -4.03 63.48
N ALA I 51 38.53 -3.32 62.36
CA ALA I 51 38.74 -1.88 62.16
C ALA I 51 40.18 -1.42 62.29
N SER I 52 41.08 -2.29 62.74
CA SER I 52 42.48 -2.02 62.93
C SER I 52 43.19 -3.36 63.04
N ASN I 53 44.43 -3.33 63.51
CA ASN I 53 45.19 -4.43 64.12
C ASN I 53 45.75 -5.43 63.12
N ARG I 54 45.53 -5.27 61.80
CA ARG I 54 46.44 -5.75 60.75
C ARG I 54 46.63 -7.27 60.76
N ALA I 55 45.60 -7.97 60.28
CA ALA I 55 45.50 -9.43 60.39
C ALA I 55 46.60 -10.25 59.74
N THR I 56 47.49 -10.81 60.58
CA THR I 56 48.17 -12.10 60.45
C THR I 56 48.68 -12.39 59.03
N GLY I 57 49.62 -11.58 58.61
CA GLY I 57 50.24 -11.82 57.32
C GLY I 57 50.04 -10.67 56.36
N ILE I 58 49.49 -9.57 56.85
CA ILE I 58 49.32 -8.37 56.05
C ILE I 58 50.73 -7.78 56.05
N PRO I 59 51.24 -7.23 54.92
CA PRO I 59 52.69 -6.98 54.83
C PRO I 59 53.27 -5.92 55.75
N ALA I 60 53.03 -4.64 55.48
CA ALA I 60 53.54 -3.60 56.37
C ALA I 60 52.72 -2.32 56.41
N ARG I 61 51.63 -2.21 55.67
CA ARG I 61 51.19 -0.88 55.27
C ARG I 61 49.68 -0.68 55.29
N PHE I 62 48.92 -1.56 55.92
CA PHE I 62 47.48 -1.50 55.77
C PHE I 62 46.77 -1.23 57.09
N SER I 63 47.17 -0.18 57.80
CA SER I 63 46.43 0.25 58.97
C SER I 63 45.08 0.84 58.56
N GLY I 64 44.21 1.03 59.55
CA GLY I 64 42.89 1.58 59.31
C GLY I 64 42.30 2.16 60.56
N SER I 65 41.16 2.84 60.41
CA SER I 65 40.48 3.48 61.51
C SER I 65 38.98 3.25 61.39
N GLY I 66 38.27 3.52 62.48
CA GLY I 66 36.86 3.23 62.59
C GLY I 66 36.23 3.84 63.82
N SER I 67 35.38 3.07 64.52
CA SER I 67 34.85 3.41 65.84
C SER I 67 34.05 4.71 65.89
N GLY I 68 32.80 4.72 65.41
CA GLY I 68 32.05 3.51 65.10
C GLY I 68 31.00 3.52 64.00
N THR I 69 31.03 4.49 63.09
CA THR I 69 30.06 4.55 62.01
C THR I 69 30.69 4.46 60.63
N ASP I 70 31.62 5.35 60.31
CA ASP I 70 32.27 5.40 59.01
C ASP I 70 33.74 5.05 59.18
N PHE I 71 34.19 4.00 58.50
CA PHE I 71 35.50 3.47 58.79
C PHE I 71 36.40 3.73 57.58
N THR I 72 37.67 3.97 57.86
CA THR I 72 38.62 4.37 56.82
C THR I 72 39.70 3.31 56.66
N LEU I 73 39.93 2.92 55.42
CA LEU I 73 41.00 2.00 55.06
C LEU I 73 42.09 2.80 54.34
N THR I 74 43.27 2.83 54.93
CA THR I 74 44.38 3.61 54.41
C THR I 74 45.42 2.71 53.77
N ILE I 75 45.89 3.11 52.59
CA ILE I 75 46.94 2.39 51.86
C ILE I 75 48.10 3.35 51.78
N SER I 76 49.00 3.30 52.76
CA SER I 76 49.98 4.37 52.91
C SER I 76 51.21 4.21 52.03
N SER I 77 51.44 3.02 51.52
CA SER I 77 52.69 2.68 50.83
C SER I 77 52.36 1.94 49.53
N LEU I 78 51.54 2.58 48.69
CA LEU I 78 50.50 2.03 47.81
C LEU I 78 50.75 0.63 47.25
N GLU I 79 51.98 0.36 46.76
CA GLU I 79 52.44 -0.97 46.32
C GLU I 79 51.54 -1.58 45.24
N PRO I 80 51.77 -1.25 43.95
CA PRO I 80 50.79 -1.52 42.88
C PRO I 80 50.36 -2.97 42.62
N GLU I 81 50.87 -3.93 43.41
CA GLU I 81 50.24 -5.24 43.44
C GLU I 81 48.87 -5.22 44.11
N ASP I 82 48.54 -4.16 44.83
CA ASP I 82 47.36 -4.08 45.67
C ASP I 82 46.13 -3.56 44.93
N PHE I 83 46.18 -3.53 43.61
CA PHE I 83 45.07 -3.06 42.78
C PHE I 83 44.01 -4.14 42.74
N ALA I 84 43.13 -4.14 43.74
CA ALA I 84 42.13 -5.18 43.90
C ALA I 84 40.82 -4.55 44.34
N VAL I 85 39.73 -5.24 44.03
CA VAL I 85 38.39 -4.77 44.35
C VAL I 85 38.18 -4.94 45.86
N TYR I 86 38.33 -3.88 46.63
CA TYR I 86 38.26 -3.98 48.07
C TYR I 86 36.79 -4.04 48.52
N TYR I 87 36.58 -4.66 49.68
CA TYR I 87 35.25 -4.80 50.23
C TYR I 87 35.28 -4.61 51.74
N CYS I 88 34.27 -3.93 52.27
CA CYS I 88 34.06 -3.85 53.71
C CYS I 88 32.88 -4.73 54.08
N GLN I 89 32.86 -5.15 55.35
CA GLN I 89 31.90 -6.13 55.84
C GLN I 89 31.57 -5.85 57.29
N GLN I 90 30.31 -5.48 57.58
CA GLN I 90 29.91 -5.47 58.98
C GLN I 90 29.74 -6.90 59.48
N HIS I 91 29.90 -7.07 60.78
CA HIS I 91 29.70 -8.43 61.24
C HIS I 91 28.73 -8.50 62.40
N SER I 92 28.69 -7.46 63.22
CA SER I 92 28.04 -7.57 64.52
C SER I 92 26.61 -7.08 64.47
N LEU I 93 25.88 -7.61 63.50
CA LEU I 93 24.44 -7.48 63.31
C LEU I 93 24.08 -8.43 62.19
N LEU I 94 22.90 -9.00 62.26
CA LEU I 94 22.54 -10.00 61.27
C LEU I 94 21.32 -9.53 60.49
N PRO I 95 21.26 -9.76 59.16
CA PRO I 95 22.29 -10.42 58.35
C PRO I 95 23.40 -9.56 57.75
N ARG I 96 24.57 -9.53 58.39
CA ARG I 96 25.93 -9.61 57.80
C ARG I 96 26.13 -9.10 56.38
N THR I 97 25.66 -7.91 56.04
CA THR I 97 25.86 -7.42 54.69
C THR I 97 27.31 -6.98 54.49
N PHE I 98 27.77 -7.07 53.24
CA PHE I 98 29.08 -6.55 52.92
C PHE I 98 28.94 -5.14 52.36
N GLY I 99 30.04 -4.61 51.83
CA GLY I 99 30.02 -3.33 51.14
C GLY I 99 29.56 -3.48 49.70
N GLY I 100 30.06 -2.62 48.84
CA GLY I 100 29.59 -2.60 47.46
C GLY I 100 30.66 -2.85 46.42
N GLY I 101 31.89 -2.43 46.67
CA GLY I 101 32.93 -2.53 45.67
C GLY I 101 33.68 -1.23 45.48
N THR I 102 35.01 -1.30 45.54
CA THR I 102 35.87 -0.12 45.60
C THR I 102 37.02 -0.33 44.62
N LYS I 103 36.68 -0.52 43.34
CA LYS I 103 37.61 -1.04 42.34
C LYS I 103 38.76 -0.08 42.06
N VAL I 104 39.87 -0.29 42.76
CA VAL I 104 41.03 0.59 42.65
C VAL I 104 41.72 0.28 41.32
N GLU I 105 41.71 1.26 40.41
CA GLU I 105 42.28 1.11 39.09
C GLU I 105 43.76 1.50 39.10
N ILE I 106 44.27 1.69 37.88
CA ILE I 106 45.69 2.13 37.74
C ILE I 106 45.66 3.44 36.98
N LYS I 107 46.54 4.36 37.32
CA LYS I 107 46.51 5.70 36.70
C LYS I 107 47.53 5.76 35.56
N ARG I 108 47.08 6.08 34.35
CA ARG I 108 48.01 6.42 33.23
C ARG I 108 47.47 7.63 32.45
N ALA I 109 48.28 8.20 31.57
CA ALA I 109 47.80 9.32 30.71
C ALA I 109 46.69 8.74 29.86
N ASP I 110 45.63 9.50 29.59
CA ASP I 110 44.44 8.89 29.01
C ASP I 110 44.65 8.41 27.59
N ALA I 111 44.62 7.08 27.40
CA ALA I 111 44.87 6.48 26.10
C ALA I 111 43.61 6.50 25.25
N ALA I 112 43.80 6.52 23.94
CA ALA I 112 42.70 6.55 22.99
C ALA I 112 42.40 5.16 22.45
N PRO I 113 41.13 4.80 22.30
CA PRO I 113 40.80 3.46 21.81
C PRO I 113 41.03 3.33 20.31
N THR I 114 41.44 2.13 19.91
CA THR I 114 41.60 1.79 18.50
C THR I 114 40.31 1.17 18.01
N VAL I 115 39.61 1.88 17.14
CA VAL I 115 38.23 1.56 16.76
C VAL I 115 38.25 0.86 15.40
N SER I 116 37.62 -0.31 15.35
CA SER I 116 37.52 -1.08 14.11
C SER I 116 36.29 -1.97 14.19
N ILE I 117 35.76 -2.29 13.01
CA ILE I 117 34.46 -2.95 12.87
C ILE I 117 34.59 -4.06 11.83
N PHE I 118 33.88 -5.18 12.03
CA PHE I 118 34.15 -6.38 11.22
C PHE I 118 32.91 -7.10 10.74
N PRO I 119 32.89 -7.56 9.49
CA PRO I 119 31.66 -8.10 8.89
C PRO I 119 31.44 -9.55 9.26
N PRO I 120 30.24 -10.07 8.99
CA PRO I 120 30.02 -11.53 9.03
C PRO I 120 30.78 -12.27 7.94
N SER I 121 31.08 -13.52 8.24
CA SER I 121 31.82 -14.38 7.32
C SER I 121 30.88 -15.02 6.28
N SER I 122 31.50 -15.59 5.25
CA SER I 122 30.76 -16.38 4.28
C SER I 122 30.37 -17.74 4.85
N GLU I 123 31.18 -18.25 5.78
CA GLU I 123 30.79 -19.47 6.50
C GLU I 123 29.60 -19.21 7.42
N GLN I 124 29.46 -17.98 7.91
CA GLN I 124 28.24 -17.61 8.62
C GLN I 124 27.05 -17.58 7.68
N LEU I 125 27.27 -17.17 6.43
CA LEU I 125 26.21 -17.21 5.43
C LEU I 125 25.84 -18.64 5.03
N THR I 126 26.70 -19.61 5.30
CA THR I 126 26.32 -21.01 5.20
C THR I 126 25.64 -21.52 6.47
N SER I 127 25.73 -20.78 7.57
CA SER I 127 25.09 -21.18 8.82
C SER I 127 23.83 -20.40 9.13
N GLY I 128 23.75 -19.13 8.70
CA GLY I 128 22.51 -18.40 8.87
C GLY I 128 22.49 -17.33 9.95
N GLY I 129 23.54 -16.52 10.06
CA GLY I 129 23.58 -15.47 11.05
C GLY I 129 24.18 -14.18 10.49
N ALA I 130 24.19 -13.16 11.35
CA ALA I 130 24.92 -11.92 11.11
C ALA I 130 25.54 -11.49 12.43
N SER I 131 26.86 -11.30 12.44
CA SER I 131 27.58 -10.99 13.67
C SER I 131 28.58 -9.89 13.37
N VAL I 132 28.33 -8.67 13.86
CA VAL I 132 29.20 -7.53 13.68
C VAL I 132 29.56 -6.99 15.05
N VAL I 133 30.85 -6.88 15.34
CA VAL I 133 31.33 -6.27 16.58
C VAL I 133 32.28 -5.14 16.22
N CYS I 134 32.02 -3.96 16.78
CA CYS I 134 32.96 -2.86 16.78
C CYS I 134 33.86 -2.99 18.00
N PHE I 135 35.16 -3.12 17.76
CA PHE I 135 36.12 -3.34 18.81
C PHE I 135 36.86 -2.06 19.15
N LEU I 136 37.04 -1.82 20.44
CA LEU I 136 37.80 -0.69 20.93
C LEU I 136 38.83 -1.21 21.90
N ASN I 137 40.07 -0.77 21.75
CA ASN I 137 41.19 -1.44 22.38
C ASN I 137 42.19 -0.39 22.86
N ASN I 138 42.72 -0.60 24.07
CA ASN I 138 43.82 0.16 24.66
C ASN I 138 43.46 1.63 24.87
N PHE I 139 42.46 1.83 25.74
CA PHE I 139 42.04 3.16 26.17
C PHE I 139 42.08 3.25 27.69
N TYR I 140 41.87 4.47 28.19
CA TYR I 140 41.79 4.78 29.61
C TYR I 140 41.13 6.14 29.80
N PRO I 141 40.11 6.26 30.66
CA PRO I 141 39.47 5.24 31.50
C PRO I 141 38.35 4.49 30.79
N LYS I 142 37.53 3.77 31.57
CA LYS I 142 36.66 2.72 31.04
C LYS I 142 35.50 3.25 30.20
N ASP I 143 35.06 4.48 30.46
CA ASP I 143 33.73 4.95 30.05
C ASP I 143 33.68 5.20 28.54
N ILE I 144 33.09 4.26 27.80
CA ILE I 144 32.81 4.43 26.37
C ILE I 144 31.39 3.95 26.08
N ASN I 145 30.60 4.79 25.41
CA ASN I 145 29.33 4.39 24.83
C ASN I 145 29.52 4.21 23.32
N VAL I 146 29.01 3.09 22.79
CA VAL I 146 29.10 2.77 21.37
C VAL I 146 27.69 2.59 20.83
N LYS I 147 27.38 3.30 19.74
CA LYS I 147 26.07 3.24 19.11
C LYS I 147 26.16 2.49 17.79
N TRP I 148 25.12 1.70 17.52
CA TRP I 148 24.97 0.96 16.27
C TRP I 148 23.83 1.55 15.46
N LYS I 149 23.90 1.38 14.14
CA LYS I 149 22.92 1.96 13.23
C LYS I 149 22.66 1.02 12.04
N ILE I 150 21.40 0.94 11.62
CA ILE I 150 21.03 0.22 10.40
C ILE I 150 21.13 1.24 9.27
N ASP I 151 22.34 1.40 8.72
CA ASP I 151 22.70 2.39 7.70
C ASP I 151 22.36 3.82 8.14
N GLY I 152 22.34 4.08 9.44
CA GLY I 152 21.91 5.36 9.97
C GLY I 152 20.78 5.31 10.99
N SER I 153 20.02 4.22 11.09
CA SER I 153 18.92 4.11 12.04
C SER I 153 19.28 3.13 13.14
N GLU I 154 19.13 3.56 14.40
CA GLU I 154 19.82 2.98 15.53
C GLU I 154 19.34 1.56 15.85
N ARG I 155 20.19 0.83 16.56
CA ARG I 155 19.99 -0.57 16.89
C ARG I 155 19.91 -0.75 18.40
N GLN I 156 19.04 -1.65 18.83
CA GLN I 156 18.87 -1.97 20.25
C GLN I 156 18.67 -3.47 20.40
N ASN I 157 18.67 -3.91 21.66
CA ASN I 157 18.31 -5.25 22.14
C ASN I 157 19.27 -6.35 21.67
N GLY I 158 20.35 -6.00 20.99
CA GLY I 158 21.38 -6.96 20.64
C GLY I 158 22.73 -6.34 20.93
N VAL I 159 22.73 -5.04 21.22
CA VAL I 159 23.94 -4.28 21.48
C VAL I 159 24.43 -4.66 22.86
N LEU I 160 25.57 -5.35 22.93
CA LEU I 160 26.11 -5.85 24.18
C LEU I 160 27.56 -5.41 24.30
N ASN I 161 27.99 -5.13 25.53
CA ASN I 161 29.32 -4.64 25.79
C ASN I 161 30.01 -5.50 26.84
N SER I 162 31.34 -5.41 26.87
CA SER I 162 32.13 -6.31 27.71
C SER I 162 33.49 -5.68 27.97
N TRP I 163 33.86 -5.59 29.25
CA TRP I 163 35.10 -4.99 29.67
C TRP I 163 36.03 -6.03 30.29
N THR I 164 37.32 -5.77 30.19
CA THR I 164 38.33 -6.61 30.82
C THR I 164 38.80 -6.01 32.13
N ASP I 165 39.60 -6.79 32.85
CA ASP I 165 40.42 -6.25 33.90
C ASP I 165 41.55 -5.43 33.28
N GLN I 166 42.09 -4.50 34.08
CA GLN I 166 43.10 -3.61 33.55
C GLN I 166 44.43 -4.34 33.41
N ASP I 167 45.12 -4.08 32.30
CA ASP I 167 46.35 -4.79 31.99
C ASP I 167 47.46 -4.34 32.94
N SER I 168 48.44 -5.23 33.13
CA SER I 168 49.50 -4.96 34.09
C SER I 168 50.55 -4.01 33.50
N LYS I 169 50.74 -4.05 32.18
CA LYS I 169 51.85 -3.32 31.58
C LYS I 169 51.47 -1.91 31.15
N ASP I 170 50.53 -1.80 30.19
CA ASP I 170 50.15 -0.49 29.69
C ASP I 170 48.98 0.12 30.44
N SER I 171 48.34 -0.66 31.32
CA SER I 171 47.27 -0.20 32.22
C SER I 171 46.08 0.38 31.46
N THR I 172 45.62 -0.34 30.45
CA THR I 172 44.59 0.12 29.56
C THR I 172 43.35 -0.77 29.68
N TYR I 173 42.36 -0.48 28.82
CA TYR I 173 41.10 -1.21 28.81
C TYR I 173 40.69 -1.49 27.37
N SER I 174 39.75 -2.43 27.23
CA SER I 174 39.23 -2.79 25.92
C SER I 174 37.75 -3.10 26.04
N MET I 175 37.00 -2.79 24.99
CA MET I 175 35.57 -3.08 24.97
C MET I 175 35.13 -3.52 23.59
N SER I 176 34.47 -4.67 23.53
CA SER I 176 33.80 -5.13 22.33
C SER I 176 32.33 -4.74 22.39
N SER I 177 31.83 -4.21 21.28
CA SER I 177 30.42 -3.87 21.14
C SER I 177 29.75 -5.06 20.46
N THR I 178 29.38 -6.05 21.26
CA THR I 178 28.85 -7.31 20.76
C THR I 178 27.45 -7.08 20.19
N LEU I 179 27.24 -7.52 18.95
CA LEU I 179 25.96 -7.36 18.26
C LEU I 179 25.78 -8.52 17.29
N THR I 180 24.62 -9.17 17.36
CA THR I 180 24.32 -10.31 16.50
C THR I 180 22.94 -10.14 15.88
N LEU I 181 22.88 -10.26 14.56
CA LEU I 181 21.64 -10.22 13.80
C LEU I 181 21.48 -11.55 13.05
N THR I 182 20.49 -11.60 12.16
CA THR I 182 20.22 -12.79 11.37
C THR I 182 20.71 -12.62 9.94
N LYS I 183 20.78 -13.76 9.23
CA LYS I 183 21.27 -13.78 7.86
C LYS I 183 20.37 -12.98 6.92
N ASP I 184 19.05 -13.05 7.13
CA ASP I 184 18.11 -12.31 6.30
C ASP I 184 18.22 -10.82 6.54
N GLU I 185 18.56 -10.41 7.76
CA GLU I 185 18.78 -9.00 8.05
C GLU I 185 20.14 -8.52 7.56
N TYR I 186 21.06 -9.44 7.27
CA TYR I 186 22.39 -9.04 6.85
C TYR I 186 22.41 -8.56 5.39
N GLU I 187 21.71 -9.27 4.51
CA GLU I 187 21.72 -8.92 3.10
C GLU I 187 20.84 -7.72 2.78
N ARG I 188 20.06 -7.22 3.75
CA ARG I 188 19.22 -6.06 3.51
C ARG I 188 20.03 -4.78 3.44
N HIS I 189 21.03 -4.64 4.31
CA HIS I 189 21.72 -3.37 4.49
C HIS I 189 23.23 -3.58 4.39
N ASN I 190 23.92 -2.50 4.01
CA ASN I 190 25.35 -2.57 3.69
C ASN I 190 26.20 -1.77 4.66
N SER I 191 25.92 -0.47 4.84
CA SER I 191 26.81 0.44 5.54
C SER I 191 26.60 0.29 7.05
N TYR I 192 27.34 -0.65 7.65
CA TYR I 192 27.20 -0.95 9.07
C TYR I 192 28.20 -0.09 9.84
N THR I 193 27.69 0.75 10.74
CA THR I 193 28.47 1.82 11.36
C THR I 193 28.68 1.56 12.85
N CYS I 194 29.72 2.19 13.38
CA CYS I 194 30.08 2.13 14.79
C CYS I 194 30.44 3.52 15.27
N GLU I 195 29.69 4.05 16.23
CA GLU I 195 29.94 5.39 16.76
C GLU I 195 30.60 5.27 18.13
N ALA I 196 31.92 5.45 18.17
CA ALA I 196 32.67 5.41 19.41
C ALA I 196 32.53 6.73 20.17
N THR I 197 32.79 6.69 21.48
CA THR I 197 32.74 7.89 22.32
C THR I 197 33.69 7.68 23.50
N HIS I 198 34.86 8.28 23.43
CA HIS I 198 35.82 8.25 24.54
C HIS I 198 36.15 9.70 24.91
N LYS I 199 36.68 9.89 26.12
CA LYS I 199 37.02 11.23 26.59
C LYS I 199 38.16 11.83 25.78
N THR I 200 39.10 11.01 25.32
CA THR I 200 40.15 11.47 24.41
C THR I 200 39.61 11.80 23.03
N SER I 201 38.51 11.17 22.63
CA SER I 201 37.90 11.43 21.33
C SER I 201 36.99 12.64 21.45
N THR I 202 37.47 13.80 21.00
CA THR I 202 36.64 15.00 21.01
C THR I 202 35.48 14.89 20.03
N SER I 203 35.71 14.22 18.92
CA SER I 203 34.71 13.83 17.94
C SER I 203 34.39 12.35 18.10
N PRO I 204 33.13 11.95 17.88
CA PRO I 204 32.79 10.53 17.94
C PRO I 204 33.41 9.77 16.77
N ILE I 205 34.23 8.78 17.09
CA ILE I 205 34.94 8.02 16.07
C ILE I 205 33.98 7.10 15.36
N VAL I 206 33.75 7.36 14.08
CA VAL I 206 32.82 6.58 13.26
C VAL I 206 33.64 5.68 12.36
N LYS I 207 33.65 4.38 12.68
CA LYS I 207 34.31 3.38 11.86
C LYS I 207 33.25 2.46 11.27
N SER I 208 33.23 2.35 9.96
CA SER I 208 32.18 1.62 9.26
C SER I 208 32.78 0.83 8.10
N PHE I 209 31.98 -0.13 7.62
CA PHE I 209 32.29 -0.86 6.40
C PHE I 209 31.03 -0.91 5.55
N ASN I 210 31.17 -1.48 4.36
CA ASN I 210 30.02 -1.86 3.55
C ASN I 210 30.00 -3.37 3.39
N ARG I 211 28.82 -3.90 3.09
CA ARG I 211 28.69 -5.33 2.87
C ARG I 211 29.33 -5.71 1.55
N ASN I 212 30.20 -6.73 1.60
CA ASN I 212 31.06 -7.17 0.50
C ASN I 212 31.93 -6.03 -0.05
N GLU I 213 32.40 -5.16 0.83
CA GLU I 213 33.35 -4.12 0.43
C GLU I 213 34.78 -4.66 0.45
N CYS I 214 35.12 -5.43 1.48
CA CYS I 214 36.44 -6.03 1.60
C CYS I 214 36.32 -7.45 2.13
N ALA J 3 8.63 -0.49 100.25
CA ALA J 3 9.10 -1.56 101.12
C ALA J 3 10.63 -1.60 101.15
N LYS J 4 11.19 -2.50 101.97
CA LYS J 4 12.64 -2.67 102.05
C LYS J 4 13.18 -3.23 100.75
N SER J 5 12.70 -4.41 100.37
CA SER J 5 12.94 -4.93 99.04
C SER J 5 12.00 -4.25 98.05
N ARG J 6 12.07 -4.72 96.80
CA ARG J 6 11.40 -4.17 95.61
C ARG J 6 11.42 -2.63 95.56
N THR J 7 12.60 -2.08 95.82
CA THR J 7 12.87 -0.66 95.68
C THR J 7 13.98 -0.59 94.64
N ILE J 8 13.59 -0.51 93.37
CA ILE J 8 14.50 -0.81 92.27
C ILE J 8 15.09 0.49 91.73
N GLY J 9 16.41 0.54 91.62
CA GLY J 9 17.05 1.52 90.77
C GLY J 9 17.58 0.87 89.51
N ILE J 10 16.90 1.08 88.39
CA ILE J 10 17.32 0.46 87.13
C ILE J 10 18.55 1.18 86.60
N ILE J 11 19.58 0.42 86.26
CA ILE J 11 20.76 0.93 85.57
C ILE J 11 20.84 0.21 84.23
N GLY J 12 20.59 0.94 83.16
CA GLY J 12 20.84 0.38 81.85
C GLY J 12 22.33 0.26 81.58
N ALA J 13 22.67 -0.61 80.64
CA ALA J 13 24.05 -0.78 80.25
C ALA J 13 24.15 -1.28 78.82
N PRO J 14 24.15 -0.39 77.84
CA PRO J 14 24.33 -0.80 76.44
C PRO J 14 25.79 -1.05 76.06
N PHE J 15 26.29 -2.24 76.36
CA PHE J 15 27.69 -2.56 76.15
C PHE J 15 27.82 -3.91 75.47
N SER J 16 28.65 -3.97 74.44
CA SER J 16 28.75 -5.17 73.60
C SER J 16 30.18 -5.58 73.28
N LYS J 17 31.18 -4.97 73.91
CA LYS J 17 32.56 -5.25 73.56
C LYS J 17 33.20 -6.28 74.47
N GLY J 18 32.40 -7.19 75.01
CA GLY J 18 32.91 -8.32 75.75
C GLY J 18 32.50 -9.63 75.11
N GLN J 19 31.64 -9.54 74.11
CA GLN J 19 31.17 -10.68 73.35
C GLN J 19 31.11 -10.31 71.87
N PRO J 20 31.33 -11.25 70.97
CA PRO J 20 31.47 -10.87 69.56
C PRO J 20 30.16 -10.55 68.85
N ARG J 21 29.06 -11.19 69.22
CA ARG J 21 27.80 -11.01 68.50
C ARG J 21 27.17 -9.70 68.93
N GLY J 22 27.43 -8.65 68.15
CA GLY J 22 26.88 -7.35 68.48
C GLY J 22 25.39 -7.28 68.25
N GLY J 23 24.76 -6.40 68.98
CA GLY J 23 23.32 -6.35 69.01
C GLY J 23 22.82 -6.19 70.43
N VAL J 24 23.64 -6.57 71.42
CA VAL J 24 23.26 -6.36 72.81
C VAL J 24 23.50 -4.93 73.26
N GLU J 25 24.02 -4.07 72.38
CA GLU J 25 23.88 -2.63 72.58
C GLU J 25 22.43 -2.23 72.69
N GLU J 26 21.55 -2.89 71.94
CA GLU J 26 20.11 -2.74 72.14
C GLU J 26 19.58 -3.78 73.11
N GLY J 27 20.24 -3.89 74.25
CA GLY J 27 19.80 -4.76 75.32
C GLY J 27 18.80 -4.07 76.23
N PRO J 28 19.21 -2.98 76.87
CA PRO J 28 18.23 -2.18 77.62
C PRO J 28 17.18 -1.52 76.76
N THR J 29 17.47 -1.27 75.49
CA THR J 29 16.49 -0.66 74.60
C THR J 29 15.27 -1.56 74.44
N VAL J 30 15.48 -2.85 74.28
CA VAL J 30 14.36 -3.74 74.09
C VAL J 30 13.75 -4.17 75.43
N LEU J 31 14.55 -4.32 76.49
CA LEU J 31 13.98 -4.60 77.79
C LEU J 31 13.24 -3.41 78.40
N ARG J 32 13.43 -2.20 77.88
CA ARG J 32 12.59 -1.10 78.30
C ARG J 32 11.43 -0.83 77.35
N LYS J 33 11.59 -1.06 76.05
CA LYS J 33 10.46 -0.86 75.16
C LYS J 33 9.48 -2.02 75.22
N ALA J 34 9.81 -3.10 75.90
CA ALA J 34 8.83 -4.07 76.33
C ALA J 34 8.31 -3.78 77.73
N GLY J 35 8.63 -2.62 78.27
CA GLY J 35 7.96 -2.09 79.43
C GLY J 35 8.26 -2.80 80.73
N LEU J 36 9.53 -2.85 81.10
CA LEU J 36 9.88 -3.42 82.40
C LEU J 36 9.47 -2.48 83.53
N LEU J 37 9.54 -1.17 83.28
CA LEU J 37 9.22 -0.19 84.31
C LEU J 37 7.74 -0.22 84.66
N GLU J 38 6.88 -0.14 83.64
CA GLU J 38 5.45 -0.09 83.88
C GLU J 38 4.92 -1.43 84.37
N LYS J 39 5.56 -2.54 83.99
CA LYS J 39 5.19 -3.81 84.57
C LYS J 39 5.74 -3.97 85.98
N LEU J 40 6.72 -3.16 86.37
CA LEU J 40 7.08 -3.10 87.79
C LEU J 40 6.16 -2.17 88.58
N LYS J 41 5.53 -1.20 87.93
CA LYS J 41 4.84 -0.17 88.69
C LYS J 41 3.42 -0.54 89.12
N GLU J 42 2.92 -1.73 88.81
CA GLU J 42 1.65 -2.14 89.39
C GLU J 42 1.82 -2.47 90.87
N GLN J 43 2.65 -3.45 91.18
CA GLN J 43 3.02 -3.69 92.56
C GLN J 43 3.94 -2.56 93.04
N GLU J 44 4.02 -2.41 94.35
CA GLU J 44 4.65 -1.25 94.97
C GLU J 44 6.17 -1.34 94.81
N CYS J 45 6.63 -1.02 93.62
CA CYS J 45 8.04 -0.95 93.31
C CYS J 45 8.39 0.51 93.04
N ASP J 46 9.16 1.11 93.94
CA ASP J 46 9.60 2.50 93.78
C ASP J 46 10.73 2.51 92.74
N VAL J 47 10.32 2.45 91.48
CA VAL J 47 11.27 2.33 90.38
C VAL J 47 11.81 3.71 90.03
N LYS J 48 13.13 3.85 90.02
CA LYS J 48 13.79 5.07 89.59
C LYS J 48 14.77 4.71 88.49
N ASP J 49 14.45 5.08 87.26
CA ASP J 49 15.31 4.79 86.12
C ASP J 49 16.49 5.74 86.15
N TYR J 50 17.69 5.19 86.36
CA TYR J 50 18.93 5.94 86.29
C TYR J 50 19.46 6.05 84.87
N GLY J 51 18.71 5.57 83.88
CA GLY J 51 19.08 5.75 82.50
C GLY J 51 20.21 4.84 82.06
N ASP J 52 20.36 4.75 80.74
CA ASP J 52 21.47 3.98 80.18
C ASP J 52 22.78 4.71 80.41
N LEU J 53 23.84 3.97 80.44
CA LEU J 53 25.08 4.69 80.71
C LEU J 53 25.69 5.21 79.42
N PRO J 54 26.43 6.31 79.49
CA PRO J 54 27.26 6.71 78.34
C PRO J 54 28.60 6.01 78.38
N PHE J 55 28.82 5.11 77.41
CA PHE J 55 30.08 4.37 77.34
C PHE J 55 30.96 4.98 76.27
N ALA J 56 32.16 5.40 76.67
CA ALA J 56 33.10 6.00 75.75
C ALA J 56 33.67 4.95 74.81
N ASP J 57 34.11 5.40 73.64
CA ASP J 57 34.63 4.53 72.59
C ASP J 57 36.12 4.81 72.46
N ILE J 58 36.94 3.93 73.02
CA ILE J 58 38.40 4.09 72.96
C ILE J 58 38.86 3.71 71.55
N PRO J 59 39.50 4.63 70.82
CA PRO J 59 39.90 4.30 69.44
C PRO J 59 41.09 3.37 69.35
N ASN J 60 42.08 3.53 70.23
CA ASN J 60 43.29 2.71 70.18
C ASN J 60 43.13 1.51 71.11
N ASP J 61 42.17 0.65 70.74
CA ASP J 61 41.84 -0.51 71.56
C ASP J 61 42.72 -1.67 71.10
N SER J 62 43.97 -1.64 71.54
CA SER J 62 44.87 -2.76 71.27
C SER J 62 44.52 -3.93 72.18
N PRO J 63 44.52 -5.15 71.64
CA PRO J 63 44.16 -6.32 72.46
C PRO J 63 45.26 -6.69 73.44
N PHE J 64 44.93 -7.68 74.25
CA PHE J 64 45.90 -8.40 75.08
C PHE J 64 46.44 -9.55 74.21
N GLN J 65 47.07 -10.57 74.82
CA GLN J 65 47.51 -11.75 74.09
C GLN J 65 46.35 -12.44 73.38
N ILE J 66 45.40 -12.96 74.15
CA ILE J 66 44.21 -13.57 73.59
C ILE J 66 42.97 -12.72 73.83
N VAL J 67 42.92 -11.98 74.94
CA VAL J 67 41.78 -11.17 75.31
C VAL J 67 41.71 -9.96 74.38
N LYS J 68 40.59 -9.82 73.68
CA LYS J 68 40.44 -8.72 72.74
C LYS J 68 39.34 -7.77 73.19
N ASN J 69 39.57 -6.47 72.91
CA ASN J 69 38.94 -5.29 73.47
C ASN J 69 38.98 -5.29 75.00
N PRO J 70 40.16 -5.09 75.65
CA PRO J 70 40.17 -5.12 77.11
C PRO J 70 39.96 -3.77 77.79
N ARG J 71 40.32 -2.68 77.11
CA ARG J 71 40.21 -1.37 77.73
C ARG J 71 38.80 -0.88 77.74
N SER J 72 38.01 -1.26 76.73
CA SER J 72 36.60 -0.90 76.70
C SER J 72 35.84 -1.57 77.83
N VAL J 73 36.15 -2.83 78.11
CA VAL J 73 35.48 -3.53 79.20
C VAL J 73 35.95 -2.98 80.54
N GLY J 74 37.22 -2.60 80.64
CA GLY J 74 37.72 -2.02 81.88
C GLY J 74 37.07 -0.69 82.20
N LYS J 75 36.92 0.19 81.20
CA LYS J 75 36.30 1.49 81.44
C LYS J 75 34.80 1.35 81.67
N ALA J 76 34.13 0.47 80.92
CA ALA J 76 32.70 0.27 81.09
C ALA J 76 32.36 -0.32 82.45
N SER J 77 33.15 -1.28 82.92
CA SER J 77 32.87 -1.85 84.22
C SER J 77 33.28 -0.92 85.35
N GLU J 78 34.26 -0.03 85.14
CA GLU J 78 34.57 0.94 86.18
C GLU J 78 33.46 1.98 86.30
N GLN J 79 32.91 2.42 85.17
CA GLN J 79 31.80 3.35 85.17
C GLN J 79 30.55 2.70 85.76
N LEU J 80 30.32 1.43 85.47
CA LEU J 80 29.17 0.73 86.01
C LEU J 80 29.32 0.47 87.49
N ALA J 81 30.54 0.19 87.96
CA ALA J 81 30.73 -0.03 89.40
C ALA J 81 30.55 1.25 90.18
N GLY J 82 30.94 2.39 89.61
CA GLY J 82 30.63 3.66 90.24
C GLY J 82 29.13 3.92 90.31
N LYS J 83 28.41 3.62 89.23
CA LYS J 83 26.96 3.82 89.21
C LYS J 83 26.23 2.86 90.16
N VAL J 84 26.72 1.63 90.30
CA VAL J 84 26.07 0.68 91.19
C VAL J 84 26.32 1.04 92.66
N ALA J 85 27.53 1.49 92.98
CA ALA J 85 27.77 1.96 94.34
C ALA J 85 26.98 3.23 94.65
N GLU J 86 26.72 4.04 93.62
CA GLU J 86 25.84 5.20 93.78
C GLU J 86 24.42 4.77 94.12
N VAL J 87 23.87 3.79 93.41
CA VAL J 87 22.49 3.40 93.67
C VAL J 87 22.35 2.50 94.89
N LYS J 88 23.43 1.91 95.38
CA LYS J 88 23.35 1.15 96.62
C LYS J 88 23.63 1.97 97.85
N LYS J 89 24.24 3.16 97.70
CA LYS J 89 24.23 4.11 98.80
C LYS J 89 22.88 4.81 98.94
N ASN J 90 22.03 4.73 97.91
CA ASN J 90 20.65 5.21 98.00
C ASN J 90 19.70 4.17 98.59
N GLY J 91 20.20 3.00 98.99
CA GLY J 91 19.37 2.00 99.60
C GLY J 91 18.51 1.20 98.65
N ARG J 92 18.64 1.41 97.35
CA ARG J 92 17.80 0.72 96.38
C ARG J 92 18.38 -0.65 96.07
N ILE J 93 17.76 -1.35 95.13
CA ILE J 93 18.29 -2.61 94.60
C ILE J 93 18.79 -2.32 93.20
N SER J 94 20.06 -2.60 92.96
CA SER J 94 20.69 -2.31 91.67
C SER J 94 20.22 -3.33 90.65
N LEU J 95 19.24 -2.96 89.85
CA LEU J 95 18.89 -3.75 88.68
C LEU J 95 19.74 -3.26 87.52
N VAL J 96 20.79 -3.99 87.23
CA VAL J 96 21.59 -3.76 86.04
C VAL J 96 21.07 -4.68 84.97
N LEU J 97 20.91 -4.17 83.76
CA LEU J 97 20.46 -5.02 82.67
C LEU J 97 21.19 -4.60 81.41
N GLY J 98 21.80 -5.59 80.74
CA GLY J 98 22.69 -5.34 79.64
C GLY J 98 22.17 -5.89 78.33
N GLY J 99 23.09 -6.15 77.40
CA GLY J 99 24.52 -6.05 77.64
C GLY J 99 25.13 -7.44 77.58
N ASP J 100 26.18 -7.66 78.35
CA ASP J 100 26.82 -8.95 78.40
C ASP J 100 27.48 -9.13 79.75
N HIS J 101 27.90 -10.36 80.05
CA HIS J 101 28.53 -10.67 81.33
C HIS J 101 29.89 -10.02 81.53
N SER J 102 30.44 -9.33 80.53
CA SER J 102 31.63 -8.52 80.76
C SER J 102 31.35 -7.30 81.63
N LEU J 103 30.08 -6.97 81.86
CA LEU J 103 29.67 -5.92 82.77
C LEU J 103 29.57 -6.40 84.21
N ALA J 104 29.53 -7.71 84.43
CA ALA J 104 29.32 -8.23 85.78
C ALA J 104 30.51 -7.99 86.69
N ILE J 105 31.69 -7.72 86.12
CA ILE J 105 32.85 -7.31 86.90
C ILE J 105 32.53 -6.07 87.71
N GLY J 106 32.07 -5.02 87.03
CA GLY J 106 31.68 -3.81 87.73
C GLY J 106 30.36 -3.95 88.46
N SER J 107 29.45 -4.76 87.94
CA SER J 107 28.15 -4.93 88.59
C SER J 107 28.25 -5.65 89.93
N ILE J 108 29.32 -6.39 90.17
CA ILE J 108 29.56 -6.98 91.48
C ILE J 108 30.59 -6.18 92.28
N SER J 109 31.56 -5.54 91.62
CA SER J 109 32.54 -4.74 92.34
C SER J 109 31.90 -3.51 92.97
N GLY J 110 31.04 -2.81 92.23
CA GLY J 110 30.35 -1.68 92.80
C GLY J 110 29.32 -2.09 93.83
N HIS J 111 28.77 -3.30 93.70
CA HIS J 111 27.88 -3.83 94.71
C HIS J 111 28.63 -4.16 95.99
N ALA J 112 29.89 -4.56 95.88
CA ALA J 112 30.70 -4.87 97.05
C ALA J 112 31.42 -3.66 97.60
N ARG J 113 31.41 -2.54 96.89
CA ARG J 113 31.84 -1.28 97.48
C ARG J 113 30.92 -0.81 98.59
N VAL J 114 29.66 -1.27 98.59
CA VAL J 114 28.70 -0.91 99.61
C VAL J 114 28.50 -2.05 100.61
N HIS J 115 28.43 -3.29 100.12
CA HIS J 115 28.26 -4.46 100.98
C HIS J 115 29.41 -5.43 100.75
N PRO J 116 30.46 -5.40 101.57
CA PRO J 116 31.65 -6.22 101.31
C PRO J 116 31.48 -7.70 101.60
N ASP J 117 30.33 -8.14 102.07
CA ASP J 117 30.12 -9.53 102.46
C ASP J 117 28.92 -10.13 101.75
N LEU J 118 28.84 -9.92 100.44
CA LEU J 118 27.69 -10.37 99.70
C LEU J 118 27.89 -11.81 99.20
N GLY J 119 26.88 -12.32 98.52
CA GLY J 119 26.99 -13.56 97.78
C GLY J 119 26.42 -13.37 96.39
N VAL J 120 26.79 -14.27 95.50
CA VAL J 120 26.36 -14.20 94.11
C VAL J 120 25.74 -15.53 93.74
N ILE J 121 24.49 -15.50 93.30
CA ILE J 121 23.89 -16.64 92.61
C ILE J 121 24.03 -16.39 91.13
N TRP J 122 24.80 -17.23 90.47
CA TRP J 122 25.23 -17.00 89.09
C TRP J 122 24.49 -18.00 88.21
N VAL J 123 23.34 -17.59 87.67
CA VAL J 123 22.59 -18.47 86.79
C VAL J 123 23.09 -18.25 85.37
N ASP J 124 23.90 -19.18 84.87
CA ASP J 124 24.40 -19.13 83.50
C ASP J 124 24.60 -20.56 83.03
N ALA J 125 24.58 -20.74 81.71
CA ALA J 125 24.96 -22.02 81.15
C ALA J 125 26.44 -22.31 81.37
N HIS J 126 27.23 -21.25 81.51
CA HIS J 126 28.68 -21.33 81.55
C HIS J 126 29.14 -20.90 82.92
N THR J 127 30.38 -21.21 83.26
CA THR J 127 30.90 -20.78 84.54
C THR J 127 31.45 -19.36 84.51
N ASP J 128 31.87 -18.89 83.33
CA ASP J 128 32.43 -17.56 83.12
C ASP J 128 33.64 -17.29 84.03
N ILE J 129 34.48 -18.30 84.22
CA ILE J 129 35.52 -18.23 85.23
C ILE J 129 36.92 -18.31 84.63
N ASN J 130 37.03 -18.17 83.31
CA ASN J 130 38.33 -18.16 82.63
C ASN J 130 39.20 -17.00 83.07
N THR J 131 40.49 -17.25 83.16
CA THR J 131 41.49 -16.20 83.31
C THR J 131 41.80 -15.66 81.92
N PRO J 132 42.58 -14.59 81.80
CA PRO J 132 43.16 -14.26 80.48
C PRO J 132 44.19 -15.26 79.99
N LEU J 133 44.70 -16.14 80.86
CA LEU J 133 45.65 -17.16 80.45
C LEU J 133 44.98 -18.46 80.04
N THR J 134 43.99 -18.92 80.81
CA THR J 134 43.32 -20.19 80.54
C THR J 134 42.22 -20.06 79.50
N THR J 135 42.01 -18.89 78.93
CA THR J 135 40.99 -18.74 77.93
C THR J 135 41.42 -19.34 76.60
N THR J 136 40.44 -19.83 75.85
CA THR J 136 40.62 -20.10 74.43
C THR J 136 39.83 -19.14 73.59
N SER J 137 38.73 -18.60 74.13
CA SER J 137 37.86 -17.72 73.36
C SER J 137 38.50 -16.34 73.18
N GLY J 138 39.13 -15.82 74.22
CA GLY J 138 39.61 -14.46 74.17
C GLY J 138 38.54 -13.41 74.37
N ASN J 139 37.34 -13.81 74.77
CA ASN J 139 36.26 -12.88 75.03
C ASN J 139 36.21 -12.57 76.52
N LEU J 140 35.62 -11.43 76.86
CA LEU J 140 35.43 -11.09 78.26
C LEU J 140 34.01 -11.27 78.73
N HIS J 141 33.10 -11.77 77.90
CA HIS J 141 31.85 -12.25 78.46
C HIS J 141 32.02 -13.63 79.08
N GLY J 142 33.18 -14.25 78.88
CA GLY J 142 33.53 -15.49 79.52
C GLY J 142 34.53 -15.35 80.63
N GLN J 143 35.00 -14.15 80.93
CA GLN J 143 35.88 -14.04 82.08
C GLN J 143 35.49 -13.08 83.22
N PRO J 144 34.22 -12.88 83.65
CA PRO J 144 34.04 -11.92 84.73
C PRO J 144 34.38 -12.47 86.11
N VAL J 145 34.14 -13.75 86.35
CA VAL J 145 34.19 -14.26 87.73
C VAL J 145 35.62 -14.35 88.23
N SER J 146 36.57 -14.60 87.33
CA SER J 146 37.96 -14.78 87.73
C SER J 146 38.58 -13.50 88.27
N PHE J 147 38.12 -12.34 87.80
CA PHE J 147 38.57 -11.09 88.39
C PHE J 147 37.93 -10.85 89.76
N LEU J 148 36.75 -11.40 90.00
CA LEU J 148 35.98 -11.11 91.19
C LEU J 148 36.30 -12.04 92.35
N LEU J 149 36.79 -13.24 92.07
CA LEU J 149 37.18 -14.14 93.15
C LEU J 149 38.48 -13.66 93.78
N LYS J 150 38.53 -13.67 95.11
CA LYS J 150 39.74 -13.24 95.79
C LYS J 150 40.86 -14.27 95.67
N GLU J 151 40.50 -15.54 95.50
CA GLU J 151 41.50 -16.60 95.52
C GLU J 151 42.27 -16.73 94.22
N LEU J 152 41.94 -15.96 93.19
CA LEU J 152 42.68 -15.99 91.93
C LEU J 152 43.59 -14.79 91.76
N LYS J 153 43.92 -14.09 92.85
CA LYS J 153 44.91 -13.02 92.77
C LYS J 153 46.29 -13.62 92.56
N GLY J 154 47.05 -13.04 91.64
CA GLY J 154 48.33 -13.56 91.23
C GLY J 154 48.29 -14.41 89.99
N LYS J 155 47.19 -15.14 89.78
CA LYS J 155 46.97 -15.91 88.57
C LYS J 155 46.27 -15.08 87.49
N ILE J 156 46.08 -13.79 87.73
CA ILE J 156 45.48 -12.88 86.77
C ILE J 156 46.54 -11.84 86.39
N PRO J 157 46.93 -11.75 85.13
CA PRO J 157 47.87 -10.69 84.73
C PRO J 157 47.19 -9.34 84.74
N ASP J 158 48.02 -8.30 84.77
CA ASP J 158 47.52 -6.92 84.81
C ASP J 158 47.03 -6.56 83.42
N VAL J 159 45.74 -6.81 83.19
CA VAL J 159 45.14 -6.53 81.88
C VAL J 159 44.98 -5.02 81.74
N PRO J 160 45.23 -4.43 80.57
CA PRO J 160 44.93 -3.00 80.37
C PRO J 160 43.45 -2.72 80.50
N GLY J 161 43.12 -1.85 81.45
CA GLY J 161 41.74 -1.50 81.76
C GLY J 161 41.27 -2.01 83.10
N PHE J 162 41.81 -3.12 83.58
CA PHE J 162 41.36 -3.74 84.81
C PHE J 162 42.33 -3.51 85.97
N SER J 163 43.01 -2.36 85.97
CA SER J 163 43.88 -2.01 87.08
C SER J 163 43.09 -1.58 88.31
N TRP J 164 41.84 -1.13 88.13
CA TRP J 164 41.02 -0.71 89.27
C TRP J 164 40.38 -1.88 89.99
N VAL J 165 40.33 -3.06 89.38
CA VAL J 165 39.52 -4.16 89.89
C VAL J 165 40.16 -4.76 91.13
N THR J 166 39.61 -4.46 92.25
CA THR J 166 39.95 -5.15 93.49
C THR J 166 39.03 -6.36 93.64
N PRO J 167 39.58 -7.55 93.94
CA PRO J 167 38.72 -8.71 94.12
C PRO J 167 37.82 -8.56 95.33
N CYS J 168 36.60 -9.05 95.18
CA CYS J 168 35.51 -8.68 96.08
C CYS J 168 34.86 -9.84 96.80
N ILE J 169 34.64 -10.97 96.14
CA ILE J 169 33.97 -12.11 96.75
C ILE J 169 34.97 -13.25 96.89
N SER J 170 34.67 -14.14 97.83
CA SER J 170 35.49 -15.33 98.04
C SER J 170 34.98 -16.47 97.16
N ALA J 171 35.70 -17.59 97.20
CA ALA J 171 35.32 -18.73 96.38
C ALA J 171 34.08 -19.43 96.91
N LYS J 172 33.87 -19.40 98.22
CA LYS J 172 32.73 -20.05 98.83
C LYS J 172 31.53 -19.12 99.00
N ASP J 173 31.52 -17.98 98.31
CA ASP J 173 30.40 -17.05 98.34
C ASP J 173 29.81 -16.83 96.96
N ILE J 174 29.91 -17.82 96.07
CA ILE J 174 29.32 -17.75 94.75
C ILE J 174 28.75 -19.13 94.41
N VAL J 175 27.51 -19.16 93.95
CA VAL J 175 26.81 -20.40 93.64
C VAL J 175 26.36 -20.35 92.21
N TYR J 176 26.74 -21.35 91.43
CA TYR J 176 26.30 -21.47 90.05
C TYR J 176 25.06 -22.34 89.97
N ILE J 177 24.15 -21.96 89.08
CA ILE J 177 22.97 -22.77 88.78
C ILE J 177 22.85 -22.84 87.27
N GLY J 178 22.83 -24.05 86.73
CA GLY J 178 22.58 -24.25 85.33
C GLY J 178 23.80 -24.48 84.47
N LEU J 179 24.89 -24.97 85.02
CA LEU J 179 26.12 -25.15 84.25
C LEU J 179 25.98 -26.32 83.31
N ARG J 180 26.16 -26.09 82.01
CA ARG J 180 26.13 -27.20 81.07
C ARG J 180 27.10 -27.02 79.91
N ASP J 181 27.93 -25.98 79.90
CA ASP J 181 28.93 -25.78 78.86
C ASP J 181 30.15 -25.18 79.55
N VAL J 182 31.04 -26.05 80.02
CA VAL J 182 32.15 -25.68 80.87
C VAL J 182 33.44 -26.07 80.15
N ASP J 183 34.42 -25.17 80.16
CA ASP J 183 35.72 -25.46 79.58
C ASP J 183 36.46 -26.48 80.44
N PRO J 184 37.52 -27.10 79.92
CA PRO J 184 38.43 -27.83 80.82
C PRO J 184 39.12 -26.94 81.82
N GLY J 185 39.57 -25.75 81.41
CA GLY J 185 40.18 -24.83 82.35
C GLY J 185 39.21 -24.32 83.40
N GLU J 186 37.97 -24.12 82.98
CA GLU J 186 36.96 -23.64 83.91
C GLU J 186 36.60 -24.68 84.94
N HIS J 187 36.47 -25.94 84.52
CA HIS J 187 36.16 -26.99 85.48
C HIS J 187 37.34 -27.33 86.37
N TYR J 188 38.58 -27.11 85.90
CA TYR J 188 39.72 -27.27 86.79
C TYR J 188 39.74 -26.21 87.88
N ILE J 189 39.45 -24.96 87.52
CA ILE J 189 39.34 -23.90 88.53
C ILE J 189 38.15 -24.17 89.44
N LEU J 190 37.06 -24.68 88.90
CA LEU J 190 35.84 -24.89 89.64
C LEU J 190 35.98 -26.03 90.65
N LYS J 191 36.85 -27.00 90.37
CA LYS J 191 37.11 -28.05 91.35
C LYS J 191 38.29 -27.76 92.26
N THR J 192 39.22 -26.90 91.82
CA THR J 192 40.32 -26.54 92.71
C THR J 192 39.87 -25.59 93.80
N LEU J 193 39.07 -24.59 93.45
CA LEU J 193 38.59 -23.66 94.46
C LEU J 193 37.44 -24.20 95.30
N GLY J 194 36.83 -25.30 94.88
CA GLY J 194 35.76 -25.90 95.66
C GLY J 194 34.48 -25.11 95.67
N ILE J 195 34.18 -24.40 94.57
CA ILE J 195 32.98 -23.57 94.49
C ILE J 195 31.75 -24.45 94.46
N LYS J 196 30.76 -24.13 95.30
CA LYS J 196 29.52 -24.92 95.33
C LYS J 196 28.67 -24.57 94.13
N TYR J 197 28.71 -25.41 93.11
CA TYR J 197 27.96 -25.21 91.89
C TYR J 197 26.80 -26.19 91.83
N PHE J 198 25.75 -25.80 91.12
CA PHE J 198 24.63 -26.69 90.84
C PHE J 198 24.46 -26.77 89.33
N SER J 199 25.21 -27.66 88.71
CA SER J 199 25.12 -27.89 87.27
C SER J 199 23.85 -28.66 86.95
N MET J 200 23.63 -28.92 85.66
CA MET J 200 22.39 -29.53 85.24
C MET J 200 22.27 -31.00 85.65
N THR J 201 23.39 -31.64 85.99
CA THR J 201 23.33 -32.95 86.62
C THR J 201 22.65 -32.85 87.98
N GLU J 202 23.07 -31.89 88.81
CA GLU J 202 22.49 -31.77 90.14
C GLU J 202 21.09 -31.18 90.09
N VAL J 203 20.79 -30.37 89.09
CA VAL J 203 19.44 -29.82 88.94
C VAL J 203 18.48 -30.92 88.52
N ASP J 204 18.92 -31.82 87.63
CA ASP J 204 18.07 -32.96 87.28
C ASP J 204 17.98 -33.98 88.41
N ARG J 205 19.05 -34.13 89.19
CA ARG J 205 19.03 -35.04 90.33
C ARG J 205 18.05 -34.58 91.39
N LEU J 206 18.23 -33.36 91.87
CA LEU J 206 17.54 -32.91 93.07
C LEU J 206 16.21 -32.26 92.78
N GLY J 207 16.02 -31.75 91.57
CA GLY J 207 14.89 -30.87 91.34
C GLY J 207 15.18 -29.46 91.82
N ILE J 208 14.54 -28.49 91.18
CA ILE J 208 14.88 -27.10 91.43
C ILE J 208 14.44 -26.64 92.82
N GLY J 209 13.51 -27.36 93.46
CA GLY J 209 13.18 -27.05 94.83
C GLY J 209 14.31 -27.37 95.80
N LYS J 210 14.87 -28.57 95.69
CA LYS J 210 15.98 -28.96 96.54
C LYS J 210 17.25 -28.18 96.20
N VAL J 211 17.43 -27.82 94.93
CA VAL J 211 18.59 -27.03 94.52
C VAL J 211 18.53 -25.63 95.12
N MET J 212 17.37 -24.97 95.04
CA MET J 212 17.26 -23.64 95.63
C MET J 212 17.30 -23.69 97.15
N GLU J 213 16.80 -24.77 97.75
CA GLU J 213 16.89 -24.92 99.19
C GLU J 213 18.34 -25.06 99.64
N GLU J 214 19.13 -25.87 98.93
CA GLU J 214 20.54 -26.02 99.28
C GLU J 214 21.34 -24.77 98.95
N THR J 215 20.94 -24.02 97.92
CA THR J 215 21.61 -22.77 97.58
C THR J 215 21.42 -21.73 98.67
N LEU J 216 20.18 -21.53 99.10
CA LEU J 216 19.90 -20.54 100.14
C LEU J 216 20.42 -21.00 101.50
N SER J 217 20.49 -22.31 101.74
CA SER J 217 21.13 -22.78 102.97
C SER J 217 22.64 -22.62 102.91
N TYR J 218 23.22 -22.66 101.71
CA TYR J 218 24.66 -22.50 101.59
C TYR J 218 25.09 -21.04 101.74
N LEU J 219 24.31 -20.11 101.19
CA LEU J 219 24.71 -18.71 101.24
C LEU J 219 24.16 -17.98 102.46
N LEU J 220 22.97 -18.32 102.92
CA LEU J 220 22.32 -17.58 103.98
C LEU J 220 22.16 -18.38 105.27
N GLY J 221 22.54 -19.66 105.27
CA GLY J 221 22.39 -20.47 106.46
C GLY J 221 23.35 -20.08 107.58
N ARG J 222 24.49 -19.51 107.22
CA ARG J 222 25.46 -19.09 108.23
C ARG J 222 25.10 -17.72 108.80
N LYS J 223 24.79 -16.76 107.93
CA LYS J 223 24.58 -15.39 108.34
C LYS J 223 23.77 -14.68 107.25
N LYS J 224 22.85 -13.83 107.67
CA LYS J 224 22.08 -13.03 106.72
C LYS J 224 23.00 -12.02 106.03
N ARG J 225 22.90 -11.95 104.71
CA ARG J 225 23.79 -11.12 103.91
C ARG J 225 23.12 -10.86 102.57
N PRO J 226 23.52 -9.80 101.85
CA PRO J 226 22.92 -9.55 100.54
C PRO J 226 23.24 -10.63 99.52
N ILE J 227 22.30 -10.85 98.61
CA ILE J 227 22.40 -11.84 97.55
C ILE J 227 22.32 -11.11 96.23
N HIS J 228 23.24 -11.42 95.32
CA HIS J 228 23.33 -10.74 94.03
C HIS J 228 23.09 -11.77 92.93
N LEU J 229 21.83 -11.95 92.55
CA LEU J 229 21.49 -12.82 91.42
C LEU J 229 22.01 -12.19 90.14
N SER J 230 23.04 -12.78 89.56
CA SER J 230 23.56 -12.30 88.27
C SER J 230 23.02 -13.25 87.22
N PHE J 231 21.78 -13.03 86.82
CA PHE J 231 21.10 -13.92 85.90
C PHE J 231 21.64 -13.74 84.49
N ASP J 232 21.55 -14.80 83.70
CA ASP J 232 21.95 -14.78 82.30
C ASP J 232 20.90 -15.54 81.49
N VAL J 233 20.68 -15.13 80.25
CA VAL J 233 19.53 -15.65 79.53
C VAL J 233 19.92 -16.75 78.54
N ASP J 234 21.15 -17.23 78.62
CA ASP J 234 21.44 -18.55 78.08
C ASP J 234 21.49 -19.60 79.17
N GLY J 235 21.33 -19.18 80.43
CA GLY J 235 21.12 -20.11 81.52
C GLY J 235 19.77 -20.78 81.47
N LEU J 236 18.83 -20.22 80.71
CA LEU J 236 17.58 -20.88 80.42
C LEU J 236 17.71 -21.68 79.13
N ASP J 237 16.68 -22.46 78.85
CA ASP J 237 16.70 -23.32 77.67
C ASP J 237 16.46 -22.47 76.43
N PRO J 238 17.12 -22.78 75.31
CA PRO J 238 16.94 -21.98 74.09
C PRO J 238 15.56 -22.10 73.46
N SER J 239 14.72 -23.03 73.90
CA SER J 239 13.32 -22.97 73.50
C SER J 239 12.56 -21.88 74.22
N PHE J 240 13.12 -21.29 75.26
CA PHE J 240 12.51 -20.15 75.94
C PHE J 240 13.21 -18.83 75.66
N THR J 241 14.54 -18.82 75.59
CA THR J 241 15.31 -17.62 75.24
C THR J 241 16.23 -17.94 74.07
N PRO J 242 15.73 -18.01 72.84
CA PRO J 242 16.61 -18.29 71.71
C PRO J 242 17.45 -17.11 71.29
N ALA J 243 17.04 -15.88 71.59
CA ALA J 243 17.75 -14.69 71.13
C ALA J 243 18.81 -14.26 72.15
N THR J 244 19.70 -15.18 72.44
CA THR J 244 20.84 -14.91 73.32
C THR J 244 22.12 -15.25 72.58
N GLY J 245 23.24 -14.83 73.18
CA GLY J 245 24.49 -14.80 72.45
C GLY J 245 25.09 -16.17 72.22
N THR J 246 25.19 -16.96 73.29
CA THR J 246 25.79 -18.29 73.23
C THR J 246 24.77 -19.31 73.70
N PRO J 247 23.84 -19.73 72.83
CA PRO J 247 22.78 -20.63 73.26
C PRO J 247 23.29 -22.06 73.44
N VAL J 248 23.02 -22.64 74.60
CA VAL J 248 23.39 -24.02 74.88
C VAL J 248 22.12 -24.79 75.20
N VAL J 249 21.86 -25.85 74.45
CA VAL J 249 20.58 -26.54 74.53
C VAL J 249 20.49 -27.36 75.81
N GLY J 250 19.26 -27.57 76.25
CA GLY J 250 19.01 -28.42 77.39
C GLY J 250 19.37 -27.79 78.72
N GLY J 251 18.79 -26.63 79.02
CA GLY J 251 19.05 -25.93 80.23
C GLY J 251 17.83 -25.78 81.10
N LEU J 252 17.83 -24.73 81.92
CA LEU J 252 16.74 -24.49 82.84
C LEU J 252 15.49 -24.10 82.08
N THR J 253 14.34 -24.58 82.56
CA THR J 253 13.10 -24.17 81.94
C THR J 253 12.72 -22.78 82.42
N TYR J 254 11.70 -22.23 81.75
CA TYR J 254 11.06 -20.98 82.19
C TYR J 254 10.47 -21.14 83.58
N ARG J 255 9.92 -22.32 83.87
CA ARG J 255 9.38 -22.61 85.19
C ARG J 255 10.47 -22.62 86.25
N GLU J 256 11.55 -23.35 85.99
CA GLU J 256 12.63 -23.43 86.97
C GLU J 256 13.35 -22.10 87.13
N GLY J 257 13.45 -21.31 86.06
CA GLY J 257 14.03 -19.98 86.18
C GLY J 257 13.19 -19.08 87.05
N LEU J 258 11.86 -19.10 86.86
CA LEU J 258 10.99 -18.32 87.73
C LEU J 258 11.02 -18.82 89.16
N TYR J 259 11.24 -20.12 89.37
CA TYR J 259 11.30 -20.63 90.74
C TYR J 259 12.55 -20.18 91.45
N ILE J 260 13.69 -20.13 90.74
CA ILE J 260 14.93 -19.59 91.30
C ILE J 260 14.72 -18.15 91.75
N THR J 261 14.10 -17.35 90.89
CA THR J 261 13.92 -15.94 91.21
C THR J 261 12.93 -15.72 92.35
N GLU J 262 11.88 -16.55 92.42
CA GLU J 262 10.91 -16.43 93.49
C GLU J 262 11.49 -16.83 94.83
N GLU J 263 12.34 -17.85 94.85
CA GLU J 263 12.96 -18.21 96.12
C GLU J 263 14.04 -17.24 96.54
N ILE J 264 14.64 -16.53 95.59
CA ILE J 264 15.55 -15.45 95.98
C ILE J 264 14.77 -14.28 96.55
N TYR J 265 13.59 -13.99 95.98
CA TYR J 265 12.76 -12.90 96.51
C TYR J 265 12.26 -13.19 97.91
N LYS J 266 11.75 -14.40 98.15
CA LYS J 266 11.13 -14.68 99.43
C LYS J 266 12.13 -14.86 100.57
N THR J 267 13.43 -14.77 100.32
CA THR J 267 14.37 -14.54 101.40
C THR J 267 14.29 -13.11 101.90
N GLY J 268 13.90 -12.18 101.04
CA GLY J 268 13.91 -10.78 101.40
C GLY J 268 15.30 -10.19 101.48
N LEU J 269 16.27 -10.78 100.81
CA LEU J 269 17.64 -10.30 100.84
C LEU J 269 18.25 -10.15 99.46
N LEU J 270 17.44 -10.16 98.41
CA LEU J 270 17.95 -9.84 97.09
C LEU J 270 18.34 -8.37 97.04
N SER J 271 19.58 -8.12 96.64
CA SER J 271 20.10 -6.76 96.75
C SER J 271 20.90 -6.35 95.52
N GLY J 272 20.62 -6.95 94.38
CA GLY J 272 21.31 -6.63 93.14
C GLY J 272 20.96 -7.66 92.10
N LEU J 273 20.75 -7.23 90.87
CA LEU J 273 20.28 -8.14 89.84
C LEU J 273 20.92 -7.78 88.51
N ASP J 274 21.24 -8.81 87.73
CA ASP J 274 21.82 -8.63 86.41
C ASP J 274 20.98 -9.41 85.41
N ILE J 275 20.56 -8.76 84.34
CA ILE J 275 19.91 -9.44 83.23
C ILE J 275 20.79 -9.23 82.02
N MET J 276 21.60 -10.23 81.70
CA MET J 276 22.67 -10.08 80.73
C MET J 276 22.41 -10.94 79.49
N GLU J 277 23.17 -10.62 78.44
CA GLU J 277 23.24 -11.35 77.18
C GLU J 277 21.92 -11.42 76.42
N VAL J 278 21.02 -10.48 76.63
CA VAL J 278 19.83 -10.41 75.80
C VAL J 278 20.21 -9.79 74.47
N ASN J 279 20.02 -10.53 73.39
CA ASN J 279 20.49 -10.10 72.07
C ASN J 279 19.32 -10.13 71.11
N PRO J 280 18.67 -8.99 70.88
CA PRO J 280 17.42 -8.97 70.14
C PRO J 280 17.57 -9.07 68.63
N SER J 281 18.74 -9.42 68.12
CA SER J 281 18.94 -9.61 66.70
C SER J 281 19.30 -11.03 66.33
N LEU J 282 19.34 -11.95 67.29
CA LEU J 282 19.63 -13.34 66.99
C LEU J 282 18.37 -14.20 66.94
N GLY J 283 17.21 -13.60 67.14
CA GLY J 283 15.98 -14.32 66.90
C GLY J 283 15.78 -14.51 65.40
N LYS J 284 15.53 -15.75 64.99
CA LYS J 284 15.36 -16.04 63.57
C LYS J 284 14.02 -15.51 63.06
N THR J 285 13.05 -15.37 63.95
CA THR J 285 11.86 -14.54 63.76
C THR J 285 11.85 -13.49 64.86
N PRO J 286 11.11 -12.39 64.68
CA PRO J 286 10.92 -11.48 65.81
C PRO J 286 10.09 -12.07 66.93
N GLU J 287 9.34 -13.14 66.66
CA GLU J 287 8.64 -13.83 67.73
C GLU J 287 9.61 -14.51 68.67
N GLU J 288 10.78 -14.92 68.17
CA GLU J 288 11.81 -15.47 69.04
C GLU J 288 12.38 -14.41 69.96
N VAL J 289 12.56 -13.19 69.43
CA VAL J 289 12.96 -12.06 70.26
C VAL J 289 11.88 -11.74 71.27
N THR J 290 10.63 -11.88 70.86
CA THR J 290 9.50 -11.60 71.75
C THR J 290 9.46 -12.59 72.91
N ARG J 291 9.72 -13.87 72.62
CA ARG J 291 9.77 -14.87 73.70
C ARG J 291 10.95 -14.63 74.62
N THR J 292 12.09 -14.22 74.06
CA THR J 292 13.26 -13.95 74.89
C THR J 292 13.03 -12.79 75.84
N VAL J 293 12.49 -11.69 75.31
CA VAL J 293 12.37 -10.49 76.12
C VAL J 293 11.22 -10.62 77.11
N ASN J 294 10.13 -11.30 76.73
CA ASN J 294 9.08 -11.56 77.71
C ASN J 294 9.54 -12.50 78.80
N THR J 295 10.44 -13.44 78.46
CA THR J 295 11.00 -14.30 79.48
C THR J 295 11.86 -13.53 80.45
N ALA J 296 12.73 -12.65 79.94
CA ALA J 296 13.61 -11.87 80.81
C ALA J 296 12.84 -10.88 81.66
N VAL J 297 11.78 -10.29 81.10
CA VAL J 297 10.91 -9.40 81.87
C VAL J 297 10.21 -10.17 82.98
N ALA J 298 9.71 -11.38 82.68
CA ALA J 298 9.03 -12.17 83.70
C ALA J 298 9.97 -12.64 84.79
N ILE J 299 11.23 -12.92 84.43
CA ILE J 299 12.26 -13.25 85.42
C ILE J 299 12.51 -12.09 86.36
N THR J 300 12.63 -10.87 85.79
CA THR J 300 12.88 -9.68 86.59
C THR J 300 11.71 -9.37 87.52
N LEU J 301 10.49 -9.52 87.01
CA LEU J 301 9.30 -9.25 87.81
C LEU J 301 9.16 -10.27 88.93
N ALA J 302 9.49 -11.53 88.66
CA ALA J 302 9.44 -12.52 89.72
C ALA J 302 10.56 -12.34 90.73
N CYS J 303 11.66 -11.71 90.33
CA CYS J 303 12.65 -11.31 91.31
C CYS J 303 12.09 -10.26 92.26
N PHE J 304 11.28 -9.33 91.74
CA PHE J 304 10.83 -8.22 92.57
C PHE J 304 9.37 -8.33 92.99
N GLY J 305 8.90 -9.53 93.31
CA GLY J 305 7.67 -9.68 94.06
C GLY J 305 6.53 -10.34 93.32
N LEU J 306 6.58 -10.42 92.00
CA LEU J 306 5.49 -11.05 91.25
C LEU J 306 5.59 -12.55 91.44
N ALA J 307 4.91 -13.03 92.48
CA ALA J 307 4.79 -14.45 92.69
C ALA J 307 3.72 -15.01 91.77
N ARG J 308 3.92 -16.25 91.32
CA ARG J 308 2.95 -16.86 90.42
C ARG J 308 1.67 -17.25 91.13
N GLU J 309 1.68 -17.33 92.45
CA GLU J 309 0.43 -17.51 93.18
C GLU J 309 -0.46 -16.29 93.13
N GLY J 310 0.10 -15.11 92.86
CA GLY J 310 -0.64 -13.87 92.84
C GLY J 310 -0.23 -12.95 93.97
N ASN J 311 -0.57 -11.68 93.81
CA ASN J 311 -0.23 -10.68 94.82
C ASN J 311 -1.43 -9.78 95.07
N HIS J 312 -1.74 -9.55 96.33
CA HIS J 312 -2.84 -8.68 96.71
C HIS J 312 -2.30 -7.52 97.55
N LYS J 313 -2.89 -6.37 97.36
CA LYS J 313 -2.57 -5.28 98.27
C LYS J 313 -3.31 -5.49 99.58
N PRO J 314 -2.70 -5.19 100.73
CA PRO J 314 -3.32 -5.52 102.01
C PRO J 314 -4.44 -4.56 102.41
N ILE J 315 -5.44 -4.44 101.54
CA ILE J 315 -6.68 -3.72 101.81
C ILE J 315 -7.81 -4.64 101.41
N ASP J 316 -9.02 -4.31 101.89
CA ASP J 316 -10.18 -5.15 101.62
C ASP J 316 -10.62 -4.96 100.18
N TYR J 317 -10.82 -6.07 99.47
CA TYR J 317 -11.36 -6.06 98.12
C TYR J 317 -12.82 -6.50 98.05
N LEU J 318 -13.36 -7.07 99.11
CA LEU J 318 -14.73 -7.58 99.10
C LEU J 318 -15.71 -6.52 99.58
N ASN J 319 -15.66 -5.36 98.91
CA ASN J 319 -16.54 -4.25 99.21
C ASN J 319 -17.03 -3.60 97.93
N ALA K 3 -17.19 -51.63 84.95
CA ALA K 3 -16.60 -51.43 86.26
C ALA K 3 -17.30 -50.28 87.01
N LYS K 4 -16.89 -50.05 88.26
CA LYS K 4 -17.45 -48.96 89.05
C LYS K 4 -17.05 -47.62 88.46
N SER K 5 -15.75 -47.37 88.36
CA SER K 5 -15.25 -46.24 87.59
C SER K 5 -15.26 -46.61 86.11
N ARG K 6 -14.73 -45.68 85.31
CA ARG K 6 -14.73 -45.68 83.83
C ARG K 6 -16.06 -46.14 83.24
N THR K 7 -17.15 -45.58 83.78
CA THR K 7 -18.49 -45.77 83.26
C THR K 7 -18.96 -44.37 82.90
N ILE K 8 -18.67 -43.94 81.68
CA ILE K 8 -18.71 -42.53 81.32
C ILE K 8 -20.05 -42.20 80.68
N GLY K 9 -20.71 -41.17 81.17
CA GLY K 9 -21.76 -40.53 80.41
C GLY K 9 -21.29 -39.20 79.88
N ILE K 10 -21.00 -39.11 78.59
CA ILE K 10 -20.51 -37.88 77.99
C ILE K 10 -21.66 -36.89 77.86
N ILE K 11 -21.44 -35.67 78.33
CA ILE K 11 -22.36 -34.56 78.14
C ILE K 11 -21.62 -33.49 77.36
N GLY K 12 -21.98 -33.30 76.11
CA GLY K 12 -21.45 -32.18 75.37
C GLY K 12 -22.03 -30.86 75.89
N ALA K 13 -21.31 -29.78 75.59
CA ALA K 13 -21.77 -28.47 76.00
C ALA K 13 -21.21 -27.40 75.07
N PRO K 14 -21.85 -27.13 73.95
CA PRO K 14 -21.41 -26.05 73.04
C PRO K 14 -21.84 -24.67 73.51
N PHE K 15 -21.08 -24.07 74.42
CA PHE K 15 -21.46 -22.80 75.01
C PHE K 15 -20.26 -21.87 75.02
N SER K 16 -20.46 -20.63 74.59
CA SER K 16 -19.37 -19.68 74.40
C SER K 16 -19.66 -18.29 74.96
N LYS K 17 -20.75 -18.10 75.70
CA LYS K 17 -21.12 -16.77 76.15
C LYS K 17 -20.64 -16.48 77.56
N GLY K 18 -19.53 -17.10 77.97
CA GLY K 18 -18.89 -16.76 79.22
C GLY K 18 -17.48 -16.28 79.00
N GLN K 19 -17.02 -16.37 77.76
CA GLN K 19 -15.71 -15.91 77.36
C GLN K 19 -15.81 -15.23 76.00
N PRO K 20 -14.98 -14.24 75.72
CA PRO K 20 -15.20 -13.44 74.50
C PRO K 20 -14.76 -14.12 73.22
N ARG K 21 -13.72 -14.95 73.25
CA ARG K 21 -13.18 -15.53 72.03
C ARG K 21 -14.07 -16.68 71.59
N GLY K 22 -15.02 -16.38 70.70
CA GLY K 22 -15.92 -17.40 70.23
C GLY K 22 -15.23 -18.41 69.32
N GLY K 23 -15.80 -19.60 69.30
CA GLY K 23 -15.15 -20.71 68.64
C GLY K 23 -15.24 -21.95 69.50
N VAL K 24 -15.43 -21.78 70.82
CA VAL K 24 -15.60 -22.93 71.69
C VAL K 24 -17.01 -23.49 71.63
N GLU K 25 -17.90 -22.87 70.84
CA GLU K 25 -19.12 -23.56 70.40
C GLU K 25 -18.77 -24.85 69.68
N GLU K 26 -17.69 -24.85 68.92
CA GLU K 26 -17.17 -26.10 68.36
C GLU K 26 -16.14 -26.72 69.29
N GLY K 27 -16.49 -26.84 70.55
CA GLY K 27 -15.66 -27.51 71.53
C GLY K 27 -15.89 -29.00 71.55
N PRO K 28 -17.12 -29.43 71.85
CA PRO K 28 -17.45 -30.85 71.72
C PRO K 28 -17.41 -31.36 70.30
N THR K 29 -17.60 -30.48 69.31
CA THR K 29 -17.54 -30.91 67.92
C THR K 29 -16.17 -31.44 67.56
N VAL K 30 -15.12 -30.76 68.01
CA VAL K 30 -13.78 -31.20 67.67
C VAL K 30 -13.29 -32.29 68.62
N LEU K 31 -13.69 -32.25 69.90
CA LEU K 31 -13.33 -33.34 70.80
C LEU K 31 -14.08 -34.63 70.51
N ARG K 32 -15.16 -34.58 69.72
CA ARG K 32 -15.77 -35.82 69.27
C ARG K 32 -15.33 -36.23 67.87
N LYS K 33 -15.04 -35.28 66.99
CA LYS K 33 -14.56 -35.68 65.66
C LYS K 33 -13.10 -36.07 65.69
N ALA K 34 -12.40 -35.86 66.80
CA ALA K 34 -11.13 -36.53 67.05
C ALA K 34 -11.31 -37.81 67.83
N GLY K 35 -12.55 -38.26 68.00
CA GLY K 35 -12.83 -39.62 68.43
C GLY K 35 -12.53 -39.90 69.88
N LEU K 36 -13.14 -39.14 70.78
CA LEU K 36 -12.98 -39.45 72.19
C LEU K 36 -13.74 -40.71 72.56
N LEU K 37 -14.88 -40.95 71.92
CA LEU K 37 -15.71 -42.10 72.24
C LEU K 37 -15.01 -43.39 71.85
N GLU K 38 -14.56 -43.49 70.60
CA GLU K 38 -13.94 -44.71 70.12
C GLU K 38 -12.58 -44.95 70.77
N LYS K 39 -11.88 -43.88 71.17
CA LYS K 39 -10.67 -44.08 71.95
C LYS K 39 -10.98 -44.44 73.39
N LEU K 40 -12.19 -44.19 73.86
CA LEU K 40 -12.61 -44.76 75.13
C LEU K 40 -13.07 -46.20 75.01
N LYS K 41 -13.52 -46.62 73.84
CA LYS K 41 -14.19 -47.91 73.75
C LYS K 41 -13.24 -49.09 73.58
N GLU K 42 -11.93 -48.90 73.56
CA GLU K 42 -11.05 -50.06 73.59
C GLU K 42 -11.02 -50.67 74.98
N GLN K 43 -10.62 -49.90 75.97
CA GLN K 43 -10.76 -50.34 77.35
C GLN K 43 -12.24 -50.31 77.74
N GLU K 44 -12.57 -51.06 78.78
CA GLU K 44 -13.96 -51.32 79.14
C GLU K 44 -14.59 -50.06 79.74
N CYS K 45 -14.94 -49.14 78.87
CA CYS K 45 -15.64 -47.92 79.24
C CYS K 45 -17.03 -47.98 78.65
N ASP K 46 -18.05 -48.12 79.50
CA ASP K 46 -19.44 -48.15 79.06
C ASP K 46 -19.85 -46.73 78.73
N VAL K 47 -19.44 -46.27 77.56
CA VAL K 47 -19.65 -44.89 77.15
C VAL K 47 -21.06 -44.75 76.60
N LYS K 48 -21.81 -43.79 77.15
CA LYS K 48 -23.14 -43.45 76.65
C LYS K 48 -23.16 -41.96 76.35
N ASP K 49 -23.17 -41.62 75.06
CA ASP K 49 -23.18 -40.22 74.65
C ASP K 49 -24.58 -39.66 74.87
N TYR K 50 -24.69 -38.71 75.78
CA TYR K 50 -25.94 -37.99 76.02
C TYR K 50 -26.11 -36.81 75.08
N GLY K 51 -25.21 -36.64 74.12
CA GLY K 51 -25.36 -35.62 73.10
C GLY K 51 -25.05 -34.23 73.59
N ASP K 52 -24.88 -33.32 72.64
CA ASP K 52 -24.67 -31.93 72.98
C ASP K 52 -25.97 -31.31 73.49
N LEU K 53 -25.84 -30.30 74.28
CA LEU K 53 -27.08 -29.77 74.80
C LEU K 53 -27.66 -28.72 73.85
N PRO K 54 -28.97 -28.58 73.83
CA PRO K 54 -29.58 -27.43 73.14
C PRO K 54 -29.61 -26.20 74.05
N PHE K 55 -28.83 -25.19 73.70
CA PHE K 55 -28.76 -23.97 74.50
C PHE K 55 -29.58 -22.89 73.81
N ALA K 56 -30.58 -22.37 74.53
CA ALA K 56 -31.43 -21.32 73.99
C ALA K 56 -30.66 -20.01 73.88
N ASP K 57 -31.11 -19.15 72.98
CA ASP K 57 -30.48 -17.88 72.70
C ASP K 57 -31.42 -16.77 73.17
N ILE K 58 -31.13 -16.19 74.32
CA ILE K 58 -31.94 -15.12 74.88
C ILE K 58 -31.66 -13.84 74.10
N PRO K 59 -32.67 -13.23 73.47
CA PRO K 59 -32.40 -12.04 72.65
C PRO K 59 -32.15 -10.79 73.46
N ASN K 60 -32.87 -10.61 74.58
CA ASN K 60 -32.74 -9.41 75.40
C ASN K 60 -31.73 -9.66 76.52
N ASP K 61 -30.49 -9.89 76.10
CA ASP K 61 -29.41 -10.22 77.04
C ASP K 61 -28.77 -8.92 77.50
N SER K 62 -29.45 -8.25 78.42
CA SER K 62 -28.89 -7.06 79.03
C SER K 62 -27.80 -7.45 80.03
N PRO K 63 -26.68 -6.75 80.06
CA PRO K 63 -25.60 -7.11 80.98
C PRO K 63 -25.92 -6.72 82.41
N PHE K 64 -25.01 -7.11 83.29
CA PHE K 64 -24.95 -6.63 84.66
C PHE K 64 -24.10 -5.35 84.64
N GLN K 65 -23.60 -4.90 85.80
CA GLN K 65 -22.69 -3.76 85.86
C GLN K 65 -21.45 -3.99 85.01
N ILE K 66 -20.64 -4.98 85.38
CA ILE K 66 -19.47 -5.34 84.60
C ILE K 66 -19.65 -6.69 83.91
N VAL K 67 -20.39 -7.61 84.52
CA VAL K 67 -20.60 -8.94 83.98
C VAL K 67 -21.50 -8.86 82.76
N LYS K 68 -21.00 -9.33 81.62
CA LYS K 68 -21.77 -9.27 80.39
C LYS K 68 -22.13 -10.67 79.91
N ASN K 69 -23.32 -10.75 79.31
CA ASN K 69 -24.13 -11.94 79.02
C ASN K 69 -24.33 -12.78 80.28
N PRO K 70 -25.15 -12.35 81.26
CA PRO K 70 -25.32 -13.16 82.46
C PRO K 70 -26.47 -14.15 82.41
N ARG K 71 -27.51 -13.85 81.62
CA ARG K 71 -28.68 -14.72 81.60
C ARG K 71 -28.42 -15.96 80.77
N SER K 72 -27.59 -15.83 79.73
CA SER K 72 -27.23 -16.99 78.93
C SER K 72 -26.44 -17.98 79.74
N VAL K 73 -25.52 -17.50 80.58
CA VAL K 73 -24.73 -18.41 81.41
C VAL K 73 -25.60 -19.00 82.50
N GLY K 74 -26.55 -18.24 83.02
CA GLY K 74 -27.46 -18.76 84.03
C GLY K 74 -28.34 -19.88 83.50
N LYS K 75 -28.89 -19.69 82.31
CA LYS K 75 -29.76 -20.72 81.74
C LYS K 75 -28.95 -21.94 81.28
N ALA K 76 -27.76 -21.71 80.70
CA ALA K 76 -26.93 -22.82 80.24
C ALA K 76 -26.43 -23.66 81.40
N SER K 77 -26.03 -23.03 82.50
CA SER K 77 -25.57 -23.80 83.64
C SER K 77 -26.72 -24.46 84.40
N GLU K 78 -27.93 -23.89 84.35
CA GLU K 78 -29.06 -24.58 84.96
C GLU K 78 -29.44 -25.82 84.17
N GLN K 79 -29.43 -25.71 82.84
CA GLN K 79 -29.70 -26.85 81.98
C GLN K 79 -28.62 -27.92 82.13
N LEU K 80 -27.36 -27.50 82.26
CA LEU K 80 -26.27 -28.44 82.42
C LEU K 80 -26.30 -29.11 83.79
N ALA K 81 -26.70 -28.37 84.83
CA ALA K 81 -26.79 -28.98 86.16
C ALA K 81 -27.92 -30.00 86.24
N GLY K 82 -29.02 -29.74 85.54
CA GLY K 82 -30.06 -30.75 85.42
C GLY K 82 -29.57 -32.00 84.70
N LYS K 83 -28.82 -31.82 83.61
CA LYS K 83 -28.31 -32.96 82.85
C LYS K 83 -27.25 -33.74 83.64
N VAL K 84 -26.43 -33.05 84.43
CA VAL K 84 -25.40 -33.74 85.21
C VAL K 84 -26.02 -34.51 86.37
N ALA K 85 -27.04 -33.95 87.02
CA ALA K 85 -27.73 -34.71 88.05
C ALA K 85 -28.49 -35.88 87.47
N GLU K 86 -28.95 -35.75 86.22
CA GLU K 86 -29.55 -36.88 85.51
C GLU K 86 -28.54 -38.01 85.29
N VAL K 87 -27.33 -37.68 84.83
CA VAL K 87 -26.37 -38.74 84.56
C VAL K 87 -25.68 -39.25 85.81
N LYS K 88 -25.74 -38.53 86.92
CA LYS K 88 -25.19 -39.06 88.16
C LYS K 88 -26.21 -39.83 88.98
N LYS K 89 -27.50 -39.67 88.70
CA LYS K 89 -28.46 -40.63 89.22
C LYS K 89 -28.44 -41.94 88.46
N ASN K 90 -27.84 -41.97 87.27
CA ASN K 90 -27.61 -43.21 86.53
C ASN K 90 -26.33 -43.91 86.95
N GLY K 91 -25.61 -43.39 87.94
CA GLY K 91 -24.41 -44.03 88.43
C GLY K 91 -23.19 -43.87 87.57
N ARG K 92 -23.27 -43.09 86.50
CA ARG K 92 -22.14 -42.94 85.58
C ARG K 92 -21.18 -41.87 86.11
N ILE K 93 -20.16 -41.56 85.33
CA ILE K 93 -19.26 -40.45 85.60
C ILE K 93 -19.56 -39.35 84.60
N SER K 94 -19.90 -38.17 85.09
CA SER K 94 -20.30 -37.06 84.23
C SER K 94 -19.05 -36.49 83.57
N LEU K 95 -18.81 -36.89 82.33
CA LEU K 95 -17.80 -36.22 81.52
C LEU K 95 -18.49 -35.07 80.79
N VAL K 96 -18.32 -33.87 81.31
CA VAL K 96 -18.75 -32.66 80.64
C VAL K 96 -17.56 -32.13 79.87
N LEU K 97 -17.78 -31.72 78.64
CA LEU K 97 -16.69 -31.15 77.86
C LEU K 97 -17.23 -30.02 77.03
N GLY K 98 -16.59 -28.86 77.13
CA GLY K 98 -17.08 -27.64 76.57
C GLY K 98 -16.20 -27.10 75.47
N GLY K 99 -16.30 -25.79 75.24
CA GLY K 99 -17.09 -24.88 76.05
C GLY K 99 -16.18 -23.94 76.79
N ASP K 100 -16.59 -23.52 77.98
CA ASP K 100 -15.76 -22.65 78.80
C ASP K 100 -16.10 -22.87 80.26
N HIS K 101 -15.26 -22.33 81.14
CA HIS K 101 -15.47 -22.49 82.58
C HIS K 101 -16.71 -21.80 83.13
N SER K 102 -17.44 -21.04 82.33
CA SER K 102 -18.74 -20.55 82.75
C SER K 102 -19.78 -21.67 82.87
N LEU K 103 -19.49 -22.85 82.35
CA LEU K 103 -20.32 -24.02 82.51
C LEU K 103 -20.04 -24.78 83.79
N ALA K 104 -18.91 -24.50 84.45
CA ALA K 104 -18.53 -25.27 85.63
C ALA K 104 -19.41 -24.97 86.83
N ILE K 105 -20.14 -23.86 86.81
CA ILE K 105 -21.16 -23.57 87.82
C ILE K 105 -22.19 -24.68 87.86
N GLY K 106 -22.79 -24.98 86.71
CA GLY K 106 -23.74 -26.06 86.65
C GLY K 106 -23.08 -27.43 86.69
N SER K 107 -21.87 -27.56 86.15
CA SER K 107 -21.19 -28.84 86.14
C SER K 107 -20.79 -29.30 87.53
N ILE K 108 -20.68 -28.39 88.49
CA ILE K 108 -20.46 -28.79 89.88
C ILE K 108 -21.73 -28.73 90.70
N SER K 109 -22.68 -27.84 90.37
CA SER K 109 -23.94 -27.78 91.11
C SER K 109 -24.78 -29.03 90.87
N GLY K 110 -24.88 -29.47 89.62
CA GLY K 110 -25.60 -30.70 89.34
C GLY K 110 -24.89 -31.91 89.86
N HIS K 111 -23.56 -31.85 89.95
CA HIS K 111 -22.80 -32.94 90.55
C HIS K 111 -23.03 -33.01 92.05
N ALA K 112 -23.27 -31.87 92.69
CA ALA K 112 -23.54 -31.83 94.12
C ALA K 112 -25.01 -32.00 94.45
N ARG K 113 -25.89 -31.97 93.44
CA ARG K 113 -27.27 -32.40 93.65
C ARG K 113 -27.36 -33.89 93.96
N VAL K 114 -26.37 -34.67 93.55
CA VAL K 114 -26.35 -36.10 93.80
C VAL K 114 -25.39 -36.46 94.94
N HIS K 115 -24.21 -35.82 94.97
CA HIS K 115 -23.23 -36.05 96.02
C HIS K 115 -22.90 -34.75 96.72
N PRO K 116 -23.54 -34.44 97.85
CA PRO K 116 -23.37 -33.13 98.49
C PRO K 116 -22.04 -32.93 99.20
N ASP K 117 -21.15 -33.92 99.22
CA ASP K 117 -19.91 -33.86 99.96
C ASP K 117 -18.72 -34.16 99.05
N LEU K 118 -18.69 -33.52 97.88
CA LEU K 118 -17.66 -33.80 96.91
C LEU K 118 -16.44 -32.89 97.14
N GLY K 119 -15.42 -33.10 96.31
CA GLY K 119 -14.32 -32.18 96.23
C GLY K 119 -14.03 -31.87 94.78
N VAL K 120 -13.31 -30.77 94.56
CA VAL K 120 -12.99 -30.32 93.21
C VAL K 120 -11.49 -30.14 93.12
N ILE K 121 -10.86 -30.82 92.19
CA ILE K 121 -9.50 -30.51 91.78
C ILE K 121 -9.59 -29.63 90.55
N TRP K 122 -9.14 -28.39 90.68
CA TRP K 122 -9.37 -27.36 89.68
C TRP K 122 -8.03 -27.08 89.00
N VAL K 123 -7.78 -27.77 87.89
CA VAL K 123 -6.55 -27.53 87.15
C VAL K 123 -6.80 -26.40 86.16
N ASP K 124 -6.30 -25.21 86.47
CA ASP K 124 -6.42 -24.06 85.58
C ASP K 124 -5.21 -23.18 85.82
N ALA K 125 -4.87 -22.37 84.82
CA ALA K 125 -3.87 -21.33 85.01
C ALA K 125 -4.36 -20.26 85.97
N HIS K 126 -5.67 -20.09 86.06
CA HIS K 126 -6.31 -19.01 86.78
C HIS K 126 -7.07 -19.61 87.94
N THR K 127 -7.44 -18.76 88.89
CA THR K 127 -8.23 -19.25 90.01
C THR K 127 -9.71 -19.29 89.72
N ASP K 128 -10.17 -18.45 88.77
CA ASP K 128 -11.58 -18.35 88.38
C ASP K 128 -12.50 -18.05 89.55
N ILE K 129 -12.05 -17.20 90.48
CA ILE K 129 -12.75 -17.04 91.75
C ILE K 129 -13.26 -15.60 91.93
N ASN K 130 -13.27 -14.81 90.86
CA ASN K 130 -13.81 -13.46 90.91
C ASN K 130 -15.30 -13.44 91.24
N THR K 131 -15.71 -12.43 92.00
CA THR K 131 -17.11 -12.12 92.18
C THR K 131 -17.55 -11.25 91.00
N PRO K 132 -18.86 -10.96 90.87
CA PRO K 132 -19.23 -9.88 89.94
C PRO K 132 -18.80 -8.50 90.40
N LEU K 133 -18.39 -8.33 91.66
CA LEU K 133 -17.91 -7.04 92.14
C LEU K 133 -16.39 -6.89 91.99
N THR K 134 -15.63 -7.92 92.32
CA THR K 134 -14.17 -7.85 92.25
C THR K 134 -13.62 -8.10 90.87
N THR K 135 -14.47 -8.32 89.88
CA THR K 135 -13.98 -8.57 88.54
C THR K 135 -13.49 -7.27 87.90
N THR K 136 -12.50 -7.41 87.04
CA THR K 136 -12.18 -6.38 86.07
C THR K 136 -12.53 -6.80 84.66
N SER K 137 -12.54 -8.11 84.39
CA SER K 137 -12.80 -8.60 83.05
C SER K 137 -14.27 -8.47 82.68
N GLY K 138 -15.16 -8.77 83.62
CA GLY K 138 -16.56 -8.84 83.30
C GLY K 138 -16.99 -10.09 82.58
N ASN K 139 -16.12 -11.09 82.49
CA ASN K 139 -16.45 -12.36 81.86
C ASN K 139 -16.88 -13.34 82.93
N LEU K 140 -17.63 -14.35 82.51
CA LEU K 140 -18.01 -15.41 83.43
C LEU K 140 -17.23 -16.69 83.23
N HIS K 141 -16.25 -16.72 82.32
CA HIS K 141 -15.31 -17.84 82.37
C HIS K 141 -14.27 -17.60 83.46
N GLY K 142 -14.26 -16.43 84.07
CA GLY K 142 -13.44 -16.12 85.21
C GLY K 142 -14.19 -16.07 86.51
N GLN K 143 -15.49 -16.27 86.51
CA GLN K 143 -16.14 -16.33 87.82
C GLN K 143 -16.95 -17.58 88.20
N PRO K 144 -16.56 -18.84 87.89
CA PRO K 144 -17.44 -19.92 88.33
C PRO K 144 -17.31 -20.28 89.79
N VAL K 145 -16.10 -20.18 90.36
CA VAL K 145 -15.86 -20.77 91.67
C VAL K 145 -16.54 -19.95 92.77
N SER K 146 -16.66 -18.64 92.58
CA SER K 146 -17.21 -17.77 93.61
C SER K 146 -18.70 -18.03 93.85
N PHE K 147 -19.42 -18.50 92.82
CA PHE K 147 -20.80 -18.92 93.05
C PHE K 147 -20.87 -20.24 93.78
N LEU K 148 -19.85 -21.09 93.63
CA LEU K 148 -19.90 -22.45 94.13
C LEU K 148 -19.39 -22.58 95.55
N LEU K 149 -18.54 -21.66 96.00
CA LEU K 149 -18.09 -21.69 97.38
C LEU K 149 -19.21 -21.23 98.30
N LYS K 150 -19.40 -21.96 99.41
CA LYS K 150 -20.43 -21.59 100.36
C LYS K 150 -20.06 -20.35 101.16
N GLU K 151 -18.77 -20.10 101.33
CA GLU K 151 -18.32 -19.02 102.18
C GLU K 151 -18.41 -17.64 101.54
N LEU K 152 -18.79 -17.55 100.27
CA LEU K 152 -18.96 -16.27 99.61
C LEU K 152 -20.42 -15.88 99.45
N LYS K 153 -21.32 -16.48 100.22
CA LYS K 153 -22.71 -16.06 100.20
C LYS K 153 -22.83 -14.71 100.90
N GLY K 154 -23.57 -13.79 100.28
CA GLY K 154 -23.69 -12.43 100.74
C GLY K 154 -22.77 -11.47 100.03
N LYS K 155 -21.59 -11.94 99.63
CA LYS K 155 -20.66 -11.15 98.83
C LYS K 155 -20.90 -11.32 97.35
N ILE K 156 -21.96 -12.02 96.96
CA ILE K 156 -22.35 -12.21 95.58
C ILE K 156 -23.70 -11.55 95.37
N PRO K 157 -23.82 -10.55 94.51
CA PRO K 157 -25.13 -9.96 94.22
C PRO K 157 -25.99 -10.92 93.40
N ASP K 158 -27.29 -10.66 93.43
CA ASP K 158 -28.25 -11.51 92.73
C ASP K 158 -28.15 -11.20 91.24
N VAL K 159 -27.29 -11.94 90.56
CA VAL K 159 -27.09 -11.74 89.12
C VAL K 159 -28.31 -12.27 88.37
N PRO K 160 -28.78 -11.60 87.32
CA PRO K 160 -29.85 -12.17 86.50
C PRO K 160 -29.41 -13.46 85.82
N GLY K 161 -30.13 -14.54 86.10
CA GLY K 161 -29.81 -15.86 85.60
C GLY K 161 -29.32 -16.81 86.64
N PHE K 162 -28.66 -16.33 87.70
CA PHE K 162 -28.07 -17.17 88.72
C PHE K 162 -28.88 -17.19 90.00
N SER K 163 -30.20 -17.04 89.89
CA SER K 163 -31.06 -17.17 91.05
C SER K 163 -31.21 -18.60 91.53
N TRP K 164 -30.99 -19.58 90.65
CA TRP K 164 -31.10 -20.98 91.03
C TRP K 164 -29.88 -21.50 91.76
N VAL K 165 -28.74 -20.79 91.67
CA VAL K 165 -27.47 -21.33 92.12
C VAL K 165 -27.41 -21.36 93.64
N THR K 166 -27.54 -22.53 94.19
CA THR K 166 -27.27 -22.77 95.59
C THR K 166 -25.80 -23.14 95.74
N PRO K 167 -25.07 -22.52 96.68
CA PRO K 167 -23.66 -22.88 96.86
C PRO K 167 -23.51 -24.30 97.37
N CYS K 168 -22.49 -24.97 96.87
CA CYS K 168 -22.41 -26.42 96.96
C CYS K 168 -21.17 -26.94 97.67
N ILE K 169 -20.00 -26.35 97.46
CA ILE K 169 -18.79 -26.84 98.07
C ILE K 169 -18.27 -25.79 99.06
N SER K 170 -17.48 -26.26 100.01
CA SER K 170 -16.86 -25.38 101.00
C SER K 170 -15.52 -24.88 100.48
N ALA K 171 -14.90 -23.99 101.26
CA ALA K 171 -13.62 -23.43 100.84
C ALA K 171 -12.49 -24.45 100.95
N LYS K 172 -12.59 -25.37 101.91
CA LYS K 172 -11.54 -26.37 102.12
C LYS K 172 -11.81 -27.66 101.37
N ASP K 173 -12.70 -27.64 100.38
CA ASP K 173 -12.97 -28.81 99.54
C ASP K 173 -12.71 -28.52 98.07
N ILE K 174 -11.79 -27.61 97.77
CA ILE K 174 -11.39 -27.31 96.40
C ILE K 174 -9.89 -27.10 96.38
N VAL K 175 -9.20 -27.75 95.44
CA VAL K 175 -7.75 -27.69 95.35
C VAL K 175 -7.40 -27.21 93.95
N TYR K 176 -6.61 -26.15 93.88
CA TYR K 176 -6.12 -25.65 92.61
C TYR K 176 -4.77 -26.25 92.29
N ILE K 177 -4.54 -26.55 91.01
CA ILE K 177 -3.24 -26.98 90.53
C ILE K 177 -2.92 -26.17 89.28
N GLY K 178 -1.79 -25.48 89.30
CA GLY K 178 -1.33 -24.79 88.12
C GLY K 178 -1.60 -23.31 88.07
N LEU K 179 -1.77 -22.65 89.20
CA LEU K 179 -2.10 -21.23 89.21
C LEU K 179 -0.89 -20.41 88.82
N ARG K 180 -1.02 -19.61 87.77
CA ARG K 180 0.08 -18.73 87.40
C ARG K 180 -0.39 -17.38 86.85
N ASP K 181 -1.69 -17.11 86.83
CA ASP K 181 -2.21 -15.81 86.38
C ASP K 181 -3.41 -15.50 87.27
N VAL K 182 -3.13 -14.81 88.37
CA VAL K 182 -4.10 -14.59 89.44
C VAL K 182 -4.28 -13.09 89.59
N ASP K 183 -5.53 -12.65 89.71
CA ASP K 183 -5.83 -11.25 89.96
C ASP K 183 -5.40 -10.86 91.38
N PRO K 184 -5.32 -9.57 91.66
CA PRO K 184 -5.22 -9.16 93.07
C PRO K 184 -6.46 -9.51 93.88
N GLY K 185 -7.65 -9.33 93.30
CA GLY K 185 -8.87 -9.71 94.00
C GLY K 185 -8.97 -11.21 94.21
N GLU K 186 -8.51 -11.98 93.24
CA GLU K 186 -8.57 -13.42 93.35
C GLU K 186 -7.60 -13.94 94.39
N HIS K 187 -6.40 -13.38 94.47
CA HIS K 187 -5.47 -13.82 95.49
C HIS K 187 -5.85 -13.34 96.88
N TYR K 188 -6.57 -12.22 96.99
CA TYR K 188 -7.08 -11.82 98.29
C TYR K 188 -8.16 -12.78 98.78
N ILE K 189 -9.06 -13.20 97.89
CA ILE K 189 -10.06 -14.21 98.25
C ILE K 189 -9.38 -15.54 98.56
N LEU K 190 -8.33 -15.86 97.80
CA LEU K 190 -7.66 -17.15 97.92
C LEU K 190 -6.86 -17.25 99.22
N LYS K 191 -6.41 -16.13 99.77
CA LYS K 191 -5.75 -16.15 101.06
C LYS K 191 -6.68 -15.87 102.22
N THR K 192 -7.81 -15.22 101.98
CA THR K 192 -8.76 -15.02 103.07
C THR K 192 -9.51 -16.29 103.39
N LEU K 193 -9.95 -17.02 102.37
CA LEU K 193 -10.67 -18.27 102.61
C LEU K 193 -9.75 -19.43 102.97
N GLY K 194 -8.44 -19.29 102.76
CA GLY K 194 -7.52 -20.34 103.11
C GLY K 194 -7.59 -21.57 102.24
N ILE K 195 -7.92 -21.40 100.96
CA ILE K 195 -8.07 -22.52 100.04
C ILE K 195 -6.70 -23.13 99.77
N LYS K 196 -6.60 -24.45 99.88
CA LYS K 196 -5.34 -25.15 99.63
C LYS K 196 -5.09 -25.21 98.13
N TYR K 197 -4.25 -24.31 97.64
CA TYR K 197 -3.90 -24.23 96.23
C TYR K 197 -2.49 -24.75 96.03
N PHE K 198 -2.23 -25.25 94.82
CA PHE K 198 -0.88 -25.65 94.41
C PHE K 198 -0.55 -24.87 93.15
N SER K 199 -0.05 -23.65 93.32
CA SER K 199 0.36 -22.83 92.20
C SER K 199 1.69 -23.33 91.65
N MET K 200 2.19 -22.66 90.60
CA MET K 200 3.37 -23.16 89.91
C MET K 200 4.64 -23.00 90.74
N THR K 201 4.63 -22.14 91.76
CA THR K 201 5.71 -22.13 92.74
C THR K 201 5.78 -23.45 93.48
N GLU K 202 4.64 -23.93 93.99
CA GLU K 202 4.64 -25.17 94.74
C GLU K 202 4.80 -26.39 93.85
N VAL K 203 4.36 -26.30 92.60
CA VAL K 203 4.55 -27.40 91.66
C VAL K 203 6.03 -27.52 91.28
N ASP K 204 6.71 -26.39 91.11
CA ASP K 204 8.15 -26.45 90.85
C ASP K 204 8.93 -26.83 92.10
N ARG K 205 8.45 -26.43 93.28
CA ARG K 205 9.11 -26.79 94.53
C ARG K 205 9.04 -28.30 94.77
N LEU K 206 7.83 -28.84 94.78
CA LEU K 206 7.62 -30.19 95.27
C LEU K 206 7.73 -31.23 94.17
N GLY K 207 7.54 -30.84 92.92
CA GLY K 207 7.34 -31.85 91.89
C GLY K 207 5.92 -32.37 91.90
N ILE K 208 5.46 -32.80 90.72
CA ILE K 208 4.05 -33.14 90.57
C ILE K 208 3.68 -34.43 91.32
N GLY K 209 4.68 -35.25 91.67
CA GLY K 209 4.40 -36.40 92.51
C GLY K 209 4.01 -36.00 93.93
N LYS K 210 4.80 -35.12 94.54
CA LYS K 210 4.50 -34.65 95.89
C LYS K 210 3.26 -33.77 95.91
N VAL K 211 3.01 -33.02 94.82
CA VAL K 211 1.83 -32.17 94.73
C VAL K 211 0.57 -33.02 94.67
N MET K 212 0.56 -34.05 93.83
CA MET K 212 -0.61 -34.91 93.76
C MET K 212 -0.79 -35.75 95.02
N GLU K 213 0.32 -36.12 95.68
CA GLU K 213 0.21 -36.82 96.95
C GLU K 213 -0.42 -35.95 98.03
N GLU K 214 0.00 -34.68 98.12
CA GLU K 214 -0.59 -33.79 99.10
C GLU K 214 -2.01 -33.40 98.73
N THR K 215 -2.34 -33.36 97.44
CA THR K 215 -3.70 -33.07 97.02
C THR K 215 -4.66 -34.19 97.42
N LEU K 216 -4.29 -35.44 97.12
CA LEU K 216 -5.15 -36.55 97.47
C LEU K 216 -5.18 -36.80 98.97
N SER K 217 -4.11 -36.46 99.69
CA SER K 217 -4.15 -36.53 101.14
C SER K 217 -5.01 -35.42 101.73
N TYR K 218 -5.10 -34.28 101.05
CA TYR K 218 -5.91 -33.18 101.55
C TYR K 218 -7.40 -33.43 101.33
N LEU K 219 -7.77 -34.00 100.18
CA LEU K 219 -9.18 -34.20 99.89
C LEU K 219 -9.71 -35.54 100.35
N LEU K 220 -8.90 -36.59 100.30
CA LEU K 220 -9.37 -37.94 100.58
C LEU K 220 -8.76 -38.53 101.84
N GLY K 221 -7.83 -37.83 102.49
CA GLY K 221 -7.21 -38.36 103.69
C GLY K 221 -8.14 -38.41 104.88
N ARG K 222 -9.15 -37.54 104.91
CA ARG K 222 -10.09 -37.54 106.01
C ARG K 222 -11.19 -38.57 105.81
N LYS K 223 -11.76 -38.62 104.60
CA LYS K 223 -12.91 -39.46 104.32
C LYS K 223 -13.01 -39.68 102.82
N LYS K 224 -13.35 -40.89 102.41
CA LYS K 224 -13.56 -41.18 100.99
C LYS K 224 -14.78 -40.43 100.48
N ARG K 225 -14.63 -39.76 99.35
CA ARG K 225 -15.68 -38.90 98.81
C ARG K 225 -15.41 -38.72 97.32
N PRO K 226 -16.43 -38.35 96.53
CA PRO K 226 -16.20 -38.13 95.09
C PRO K 226 -15.28 -36.95 94.83
N ILE K 227 -14.52 -37.06 93.74
CA ILE K 227 -13.57 -36.05 93.30
C ILE K 227 -14.00 -35.58 91.92
N HIS K 228 -14.06 -34.27 91.73
CA HIS K 228 -14.53 -33.67 90.49
C HIS K 228 -13.38 -32.89 89.86
N LEU K 229 -12.58 -33.55 89.03
CA LEU K 229 -11.52 -32.88 88.29
C LEU K 229 -12.14 -31.95 87.26
N SER K 230 -12.05 -30.65 87.48
CA SER K 230 -12.55 -29.68 86.52
C SER K 230 -11.34 -29.16 85.77
N PHE K 231 -10.89 -29.93 84.79
CA PHE K 231 -9.67 -29.62 84.07
C PHE K 231 -9.89 -28.47 83.11
N ASP K 232 -8.83 -27.73 82.83
CA ASP K 232 -8.86 -26.63 81.88
C ASP K 232 -7.61 -26.70 81.02
N VAL K 233 -7.70 -26.28 79.76
CA VAL K 233 -6.60 -26.56 78.83
C VAL K 233 -5.72 -25.34 78.62
N ASP K 234 -5.88 -24.30 79.44
CA ASP K 234 -4.81 -23.34 79.62
C ASP K 234 -4.06 -23.59 80.92
N GLY K 235 -4.52 -24.57 81.71
CA GLY K 235 -3.74 -25.05 82.83
C GLY K 235 -2.50 -25.81 82.42
N LEU K 236 -2.45 -26.27 81.17
CA LEU K 236 -1.24 -26.81 80.60
C LEU K 236 -0.44 -25.71 79.91
N ASP K 237 0.77 -26.06 79.52
CA ASP K 237 1.64 -25.10 78.90
C ASP K 237 1.19 -24.84 77.46
N PRO K 238 1.28 -23.60 76.98
CA PRO K 238 0.83 -23.29 75.61
C PRO K 238 1.67 -23.91 74.51
N SER K 239 2.83 -24.50 74.83
CA SER K 239 3.50 -25.33 73.85
C SER K 239 2.82 -26.67 73.66
N PHE K 240 1.90 -27.05 74.55
CA PHE K 240 1.12 -28.26 74.39
C PHE K 240 -0.32 -28.01 74.00
N THR K 241 -0.96 -26.99 74.55
CA THR K 241 -2.32 -26.61 74.16
C THR K 241 -2.35 -25.13 73.78
N PRO K 242 -1.88 -24.78 72.57
CA PRO K 242 -1.92 -23.37 72.17
C PRO K 242 -3.29 -22.88 71.77
N ALA K 243 -4.20 -23.78 71.37
CA ALA K 243 -5.52 -23.37 70.89
C ALA K 243 -6.52 -23.30 72.04
N THR K 244 -6.19 -22.50 73.03
CA THR K 244 -7.08 -22.24 74.15
C THR K 244 -7.31 -20.75 74.28
N GLY K 245 -8.29 -20.39 75.11
CA GLY K 245 -8.82 -19.04 75.08
C GLY K 245 -7.88 -18.02 75.69
N THR K 246 -7.38 -18.29 76.89
CA THR K 246 -6.50 -17.37 77.61
C THR K 246 -5.19 -18.08 77.90
N PRO K 247 -4.27 -18.14 76.93
CA PRO K 247 -3.03 -18.90 77.13
C PRO K 247 -2.07 -18.13 78.03
N VAL K 248 -1.56 -18.82 79.05
CA VAL K 248 -0.58 -18.24 79.96
C VAL K 248 0.65 -19.13 79.93
N VAL K 249 1.80 -18.54 79.60
CA VAL K 249 2.99 -19.33 79.33
C VAL K 249 3.59 -19.86 80.63
N GLY K 250 4.30 -20.97 80.49
CA GLY K 250 5.01 -21.54 81.62
C GLY K 250 4.13 -22.23 82.63
N GLY K 251 3.35 -23.22 82.17
CA GLY K 251 2.46 -23.95 83.00
C GLY K 251 2.81 -25.42 83.09
N LEU K 252 1.80 -26.23 83.36
CA LEU K 252 1.99 -27.66 83.52
C LEU K 252 2.35 -28.29 82.18
N THR K 253 3.26 -29.25 82.22
CA THR K 253 3.57 -29.97 81.00
C THR K 253 2.48 -30.99 80.69
N TYR K 254 2.58 -31.54 79.48
CA TYR K 254 1.75 -32.68 79.09
C TYR K 254 1.99 -33.88 79.99
N ARG K 255 3.23 -34.07 80.41
CA ARG K 255 3.59 -35.14 81.34
C ARG K 255 2.93 -34.93 82.69
N GLU K 256 3.08 -33.73 83.26
CA GLU K 256 2.51 -33.45 84.57
C GLU K 256 0.99 -33.45 84.54
N GLY K 257 0.40 -33.02 83.42
CA GLY K 257 -1.05 -33.09 83.30
C GLY K 257 -1.55 -34.52 83.28
N LEU K 258 -0.87 -35.39 82.53
CA LEU K 258 -1.24 -36.81 82.53
C LEU K 258 -1.01 -37.44 83.89
N TYR K 259 -0.01 -36.97 84.64
CA TYR K 259 0.24 -37.55 85.96
C TYR K 259 -0.85 -37.16 86.95
N ILE K 260 -1.34 -35.92 86.86
CA ILE K 260 -2.47 -35.50 87.70
C ILE K 260 -3.68 -36.39 87.43
N THR K 261 -3.98 -36.62 86.15
CA THR K 261 -5.16 -37.40 85.80
C THR K 261 -5.01 -38.86 86.19
N GLU K 262 -3.80 -39.42 86.07
CA GLU K 262 -3.58 -40.81 86.44
C GLU K 262 -3.68 -41.01 87.94
N GLU K 263 -3.20 -40.06 88.74
CA GLU K 263 -3.34 -40.21 90.17
C GLU K 263 -4.76 -39.95 90.64
N ILE K 264 -5.55 -39.19 89.89
CA ILE K 264 -6.96 -39.09 90.22
C ILE K 264 -7.69 -40.38 89.89
N TYR K 265 -7.29 -41.03 88.79
CA TYR K 265 -7.92 -42.31 88.42
C TYR K 265 -7.60 -43.40 89.43
N LYS K 266 -6.34 -43.52 89.84
CA LYS K 266 -5.96 -44.64 90.70
C LYS K 266 -6.42 -44.49 92.15
N THR K 267 -7.10 -43.39 92.50
CA THR K 267 -7.89 -43.39 93.72
C THR K 267 -9.15 -44.21 93.55
N GLY K 268 -9.66 -44.31 92.34
CA GLY K 268 -10.93 -44.97 92.12
C GLY K 268 -12.11 -44.17 92.59
N LEU K 269 -11.97 -42.86 92.73
CA LEU K 269 -13.06 -42.01 93.20
C LEU K 269 -13.31 -40.82 92.31
N LEU K 270 -12.77 -40.80 91.09
CA LEU K 270 -13.12 -39.77 90.14
C LEU K 270 -14.58 -39.93 89.74
N SER K 271 -15.35 -38.86 89.89
CA SER K 271 -16.79 -38.97 89.72
C SER K 271 -17.37 -37.81 88.93
N GLY K 272 -16.57 -37.14 88.12
CA GLY K 272 -17.02 -36.03 87.31
C GLY K 272 -15.83 -35.35 86.68
N LEU K 273 -15.95 -34.94 85.43
CA LEU K 273 -14.80 -34.40 84.72
C LEU K 273 -15.25 -33.27 83.81
N ASP K 274 -14.41 -32.25 83.71
CA ASP K 274 -14.67 -31.11 82.84
C ASP K 274 -13.47 -30.91 81.95
N ILE K 275 -13.70 -30.81 80.65
CA ILE K 275 -12.65 -30.45 79.70
C ILE K 275 -13.10 -29.16 79.04
N MET K 276 -12.57 -28.04 79.53
CA MET K 276 -13.10 -26.73 79.19
C MET K 276 -12.08 -25.93 78.39
N GLU K 277 -12.58 -24.86 77.77
CA GLU K 277 -11.82 -23.83 77.05
C GLU K 277 -11.03 -24.38 75.86
N VAL K 278 -11.44 -25.48 75.27
CA VAL K 278 -10.82 -25.91 74.02
C VAL K 278 -11.38 -25.06 72.89
N ASN K 279 -10.51 -24.33 72.21
CA ASN K 279 -10.94 -23.36 71.22
C ASN K 279 -10.23 -23.67 69.91
N PRO K 280 -10.89 -24.41 69.01
CA PRO K 280 -10.20 -24.91 67.81
C PRO K 280 -10.00 -23.90 66.70
N SER K 281 -10.19 -22.62 66.96
CA SER K 281 -9.94 -21.59 65.97
C SER K 281 -8.84 -20.64 66.37
N LEU K 282 -8.18 -20.86 67.50
CA LEU K 282 -7.07 -20.01 67.90
C LEU K 282 -5.72 -20.64 67.61
N GLY K 283 -5.70 -21.83 67.01
CA GLY K 283 -4.45 -22.37 66.52
C GLY K 283 -4.00 -21.61 65.29
N LYS K 284 -2.75 -21.14 65.31
CA LYS K 284 -2.24 -20.37 64.19
C LYS K 284 -2.00 -21.24 62.97
N THR K 285 -1.76 -22.53 63.18
CA THR K 285 -1.88 -23.58 62.19
C THR K 285 -2.94 -24.56 62.68
N PRO K 286 -3.52 -25.37 61.78
CA PRO K 286 -4.37 -26.47 62.27
C PRO K 286 -3.60 -27.54 63.01
N GLU K 287 -2.28 -27.60 62.85
CA GLU K 287 -1.47 -28.51 63.65
C GLU K 287 -1.46 -28.09 65.11
N GLU K 288 -1.60 -26.80 65.39
CA GLU K 288 -1.73 -26.34 66.76
C GLU K 288 -3.04 -26.80 67.37
N VAL K 289 -4.13 -26.77 66.58
CA VAL K 289 -5.41 -27.31 67.02
C VAL K 289 -5.29 -28.81 67.22
N THR K 290 -4.52 -29.48 66.36
CA THR K 290 -4.33 -30.92 66.46
C THR K 290 -3.60 -31.28 67.74
N ARG K 291 -2.58 -30.50 68.12
CA ARG K 291 -1.87 -30.76 69.36
C ARG K 291 -2.76 -30.48 70.57
N THR K 292 -3.59 -29.45 70.50
CA THR K 292 -4.50 -29.13 71.60
C THR K 292 -5.51 -30.24 71.83
N VAL K 293 -6.14 -30.70 70.75
CA VAL K 293 -7.23 -31.64 70.90
C VAL K 293 -6.70 -33.03 71.21
N ASN K 294 -5.53 -33.41 70.66
CA ASN K 294 -4.93 -34.67 71.05
C ASN K 294 -4.47 -34.65 72.51
N THR K 295 -4.05 -33.48 72.99
CA THR K 295 -3.68 -33.36 74.40
C THR K 295 -4.90 -33.53 75.29
N ALA K 296 -6.01 -32.87 74.94
CA ALA K 296 -7.21 -32.97 75.76
C ALA K 296 -7.82 -34.36 75.72
N VAL K 297 -7.74 -35.03 74.57
CA VAL K 297 -8.21 -36.41 74.47
C VAL K 297 -7.34 -37.32 75.32
N ALA K 298 -6.02 -37.13 75.29
CA ALA K 298 -5.14 -37.97 76.10
C ALA K 298 -5.32 -37.73 77.59
N ILE K 299 -5.63 -36.49 77.98
CA ILE K 299 -5.95 -36.18 79.38
C ILE K 299 -7.21 -36.92 79.81
N THR K 300 -8.25 -36.90 78.96
CA THR K 300 -9.51 -37.57 79.29
C THR K 300 -9.34 -39.08 79.38
N LEU K 301 -8.56 -39.65 78.46
CA LEU K 301 -8.32 -41.08 78.47
C LEU K 301 -7.50 -41.50 79.68
N ALA K 302 -6.54 -40.68 80.09
CA ALA K 302 -5.79 -41.02 81.28
C ALA K 302 -6.60 -40.81 82.54
N CYS K 303 -7.63 -39.97 82.49
CA CYS K 303 -8.59 -39.92 83.59
C CYS K 303 -9.34 -41.23 83.71
N PHE K 304 -9.70 -41.84 82.58
CA PHE K 304 -10.56 -43.03 82.62
C PHE K 304 -9.81 -44.32 82.33
N GLY K 305 -8.59 -44.47 82.82
CA GLY K 305 -7.96 -45.77 82.92
C GLY K 305 -6.75 -45.98 82.05
N LEU K 306 -6.53 -45.14 81.03
CA LEU K 306 -5.38 -45.33 80.15
C LEU K 306 -4.15 -44.88 80.92
N ALA K 307 -3.53 -45.83 81.62
CA ALA K 307 -2.25 -45.57 82.25
C ALA K 307 -1.14 -45.66 81.22
N ARG K 308 -0.11 -44.85 81.42
CA ARG K 308 1.00 -44.85 80.47
C ARG K 308 1.86 -46.10 80.60
N GLU K 309 1.75 -46.82 81.70
CA GLU K 309 2.42 -48.11 81.79
C GLU K 309 1.78 -49.15 80.88
N GLY K 310 0.53 -48.96 80.49
CA GLY K 310 -0.19 -49.91 79.67
C GLY K 310 -1.33 -50.56 80.44
N ASN K 311 -2.25 -51.15 79.68
CA ASN K 311 -3.42 -51.80 80.27
C ASN K 311 -3.65 -53.13 79.59
N HIS K 312 -3.87 -54.17 80.39
CA HIS K 312 -4.14 -55.50 79.87
C HIS K 312 -5.51 -55.95 80.34
N LYS K 313 -6.21 -56.65 79.51
CA LYS K 313 -7.42 -57.30 79.98
C LYS K 313 -7.04 -58.54 80.78
N PRO K 314 -7.75 -58.84 81.87
CA PRO K 314 -7.33 -59.94 82.76
C PRO K 314 -7.69 -61.33 82.21
N ILE K 315 -7.20 -61.62 81.00
CA ILE K 315 -7.27 -62.93 80.37
C ILE K 315 -5.87 -63.25 79.86
N ASP K 316 -5.65 -64.53 79.58
CA ASP K 316 -4.32 -64.97 79.15
C ASP K 316 -4.10 -64.53 77.70
N TYR K 317 -2.93 -63.92 77.45
CA TYR K 317 -2.52 -63.54 76.11
C TYR K 317 -1.43 -64.44 75.55
N LEU K 318 -0.81 -65.27 76.37
CA LEU K 318 0.29 -66.12 75.92
C LEU K 318 -0.23 -67.49 75.46
N ASN K 319 -1.16 -67.44 74.52
CA ASN K 319 -1.75 -68.64 73.95
C ASN K 319 -1.92 -68.48 72.45
N GLU L 1 -12.34 -18.42 58.07
CA GLU L 1 -12.36 -17.19 57.24
C GLU L 1 -13.81 -16.87 56.94
N ILE L 2 -14.56 -16.37 57.91
CA ILE L 2 -15.99 -16.14 57.72
C ILE L 2 -16.15 -14.90 56.86
N VAL L 3 -16.83 -15.05 55.74
CA VAL L 3 -17.18 -13.92 54.89
C VAL L 3 -18.44 -13.28 55.45
N MET L 4 -18.38 -11.97 55.70
CA MET L 4 -19.53 -11.22 56.19
C MET L 4 -20.16 -10.48 55.02
N THR L 5 -21.45 -10.72 54.81
CA THR L 5 -22.17 -10.14 53.68
C THR L 5 -23.21 -9.15 54.18
N GLN L 6 -23.28 -8.00 53.52
CA GLN L 6 -24.25 -6.96 53.82
C GLN L 6 -25.26 -6.92 52.69
N SER L 7 -26.54 -7.01 53.04
CA SER L 7 -27.55 -7.19 52.00
C SER L 7 -27.86 -5.90 51.22
N PRO L 8 -28.01 -4.69 51.84
CA PRO L 8 -28.05 -3.49 51.00
C PRO L 8 -26.64 -3.11 50.57
N ALA L 9 -26.33 -3.36 49.29
CA ALA L 9 -25.03 -2.96 48.76
C ALA L 9 -24.91 -1.45 48.70
N THR L 10 -25.95 -0.78 48.23
CA THR L 10 -26.11 0.66 48.35
C THR L 10 -27.43 0.94 49.05
N LEU L 11 -27.62 2.20 49.44
CA LEU L 11 -28.85 2.61 50.10
C LEU L 11 -28.97 4.12 49.93
N SER L 12 -30.20 4.59 49.74
CA SER L 12 -30.47 6.01 49.58
C SER L 12 -31.83 6.29 50.21
N LEU L 13 -31.82 6.83 51.42
CA LEU L 13 -33.05 7.05 52.16
C LEU L 13 -33.07 8.49 52.63
N SER L 14 -34.24 9.12 52.53
CA SER L 14 -34.41 10.54 52.80
C SER L 14 -34.29 10.81 54.30
N PRO L 15 -34.11 12.09 54.69
CA PRO L 15 -34.28 12.41 56.12
C PRO L 15 -35.69 12.15 56.59
N GLY L 16 -35.85 11.12 57.41
CA GLY L 16 -37.18 10.58 57.63
C GLY L 16 -37.21 9.25 58.36
N GLU L 17 -37.82 8.25 57.74
CA GLU L 17 -38.22 7.01 58.40
C GLU L 17 -37.02 6.08 58.60
N ARG L 18 -37.33 4.82 58.96
CA ARG L 18 -36.32 3.86 59.36
C ARG L 18 -35.47 3.41 58.18
N ALA L 19 -34.21 3.13 58.45
CA ALA L 19 -33.18 2.80 57.47
C ALA L 19 -32.51 1.48 57.83
N THR L 20 -33.34 0.46 58.05
CA THR L 20 -32.87 -0.83 58.56
C THR L 20 -31.93 -1.53 57.57
N LEU L 21 -30.86 -2.09 58.10
CA LEU L 21 -29.80 -2.72 57.32
C LEU L 21 -29.66 -4.18 57.72
N SER L 22 -28.72 -4.86 57.06
CA SER L 22 -28.54 -6.28 57.31
C SER L 22 -27.08 -6.65 57.15
N CYS L 23 -26.61 -7.54 58.03
CA CYS L 23 -25.27 -8.13 57.93
C CYS L 23 -25.42 -9.62 58.17
N ARG L 24 -25.25 -10.43 57.13
CA ARG L 24 -25.40 -11.87 57.22
C ARG L 24 -24.04 -12.53 57.36
N ALA L 25 -23.90 -13.38 58.36
CA ALA L 25 -22.66 -14.10 58.60
C ALA L 25 -22.67 -15.44 57.87
N SER L 26 -21.50 -16.08 57.81
CA SER L 26 -21.41 -17.42 57.28
C SER L 26 -21.60 -18.49 58.34
N GLN L 27 -21.45 -18.13 59.62
CA GLN L 27 -21.65 -19.05 60.73
C GLN L 27 -22.49 -18.36 61.79
N SER L 28 -22.55 -18.94 62.97
CA SER L 28 -23.27 -18.34 64.09
C SER L 28 -22.26 -17.54 64.90
N VAL L 29 -22.24 -16.22 64.67
CA VAL L 29 -21.38 -15.34 65.46
C VAL L 29 -21.91 -15.23 66.88
N SER L 30 -23.23 -15.34 67.06
CA SER L 30 -23.94 -15.46 68.34
C SER L 30 -23.70 -14.23 69.23
N SER L 31 -24.25 -13.12 68.76
CA SER L 31 -24.37 -11.86 69.52
C SER L 31 -22.99 -11.30 69.87
N TYR L 32 -22.16 -11.19 68.84
CA TYR L 32 -20.75 -10.87 69.01
C TYR L 32 -20.20 -9.98 67.89
N LEU L 33 -21.04 -9.15 67.28
CA LEU L 33 -20.53 -8.34 66.18
C LEU L 33 -20.92 -6.89 66.37
N ALA L 34 -20.25 -6.02 65.62
CA ALA L 34 -20.27 -4.58 65.85
C ALA L 34 -20.66 -3.82 64.59
N TRP L 35 -20.91 -2.53 64.76
CA TRP L 35 -21.41 -1.65 63.71
C TRP L 35 -20.66 -0.32 63.71
N TYR L 36 -20.30 0.17 62.53
CA TYR L 36 -19.45 1.34 62.44
C TYR L 36 -20.06 2.40 61.53
N GLN L 37 -19.46 3.59 61.55
CA GLN L 37 -20.01 4.78 60.91
C GLN L 37 -18.91 5.53 60.14
N GLN L 38 -18.20 4.84 59.27
CA GLN L 38 -17.04 5.48 58.62
C GLN L 38 -17.49 6.54 57.63
N LYS L 39 -17.42 7.79 58.05
CA LYS L 39 -17.52 8.89 57.10
C LYS L 39 -16.27 8.90 56.22
N PRO L 40 -16.40 9.31 54.95
CA PRO L 40 -15.26 9.20 54.03
C PRO L 40 -14.12 10.12 54.40
N GLY L 41 -12.92 9.55 54.53
CA GLY L 41 -11.76 10.28 54.96
C GLY L 41 -11.62 10.43 56.45
N GLN L 42 -12.35 9.63 57.23
CA GLN L 42 -12.37 9.75 58.68
C GLN L 42 -12.14 8.38 59.31
N ALA L 43 -12.14 8.38 60.63
CA ALA L 43 -12.04 7.15 61.41
C ALA L 43 -13.42 6.52 61.56
N PRO L 44 -13.54 5.21 61.42
CA PRO L 44 -14.86 4.56 61.54
C PRO L 44 -15.39 4.57 62.96
N ARG L 45 -16.34 5.47 63.22
CA ARG L 45 -16.91 5.61 64.55
C ARG L 45 -17.83 4.45 64.87
N LEU L 46 -17.72 3.92 66.09
CA LEU L 46 -18.51 2.78 66.49
C LEU L 46 -19.97 3.14 66.75
N LEU L 47 -20.90 2.35 66.20
CA LEU L 47 -22.33 2.50 66.46
C LEU L 47 -22.82 1.59 67.57
N ILE L 48 -22.74 0.28 67.37
CA ILE L 48 -23.30 -0.73 68.26
C ILE L 48 -22.22 -1.74 68.58
N TYR L 49 -22.01 -2.03 69.87
CA TYR L 49 -20.84 -2.84 70.19
C TYR L 49 -21.10 -4.34 70.05
N ASP L 50 -21.99 -4.94 70.84
CA ASP L 50 -22.27 -6.37 70.64
C ASP L 50 -23.77 -6.56 70.36
N ALA L 51 -24.14 -6.31 69.09
CA ALA L 51 -25.46 -6.53 68.49
C ALA L 51 -26.58 -5.68 69.07
N SER L 52 -26.33 -4.96 70.16
CA SER L 52 -27.28 -4.11 70.84
C SER L 52 -26.47 -3.18 71.74
N ASN L 53 -27.17 -2.53 72.67
CA ASN L 53 -26.66 -1.93 73.91
C ASN L 53 -25.96 -0.59 73.72
N ARG L 54 -25.81 -0.07 72.49
CA ARG L 54 -25.71 1.37 72.22
C ARG L 54 -24.49 2.03 72.87
N ALA L 55 -23.32 1.77 72.29
CA ALA L 55 -22.03 2.12 72.87
C ALA L 55 -21.79 3.61 73.14
N THR L 56 -21.84 3.98 74.42
CA THR L 56 -21.03 5.00 75.11
C THR L 56 -20.85 6.29 74.29
N GLY L 57 -21.97 6.97 74.05
CA GLY L 57 -21.90 8.24 73.37
C GLY L 57 -22.67 8.24 72.07
N ILE L 58 -23.41 7.17 71.82
CA ILE L 58 -24.27 7.09 70.64
C ILE L 58 -25.48 7.94 71.05
N PRO L 59 -26.03 8.77 70.16
CA PRO L 59 -26.95 9.83 70.63
C PRO L 59 -28.27 9.38 71.25
N ALA L 60 -29.22 8.91 70.45
CA ALA L 60 -30.48 8.44 71.01
C ALA L 60 -31.19 7.36 70.20
N ARG L 61 -30.66 6.93 69.07
CA ARG L 61 -31.55 6.37 68.05
C ARG L 61 -30.99 5.16 67.32
N PHE L 62 -29.93 4.53 67.83
CA PHE L 62 -29.25 3.51 67.04
C PHE L 62 -29.31 2.14 67.69
N SER L 63 -30.50 1.68 68.06
CA SER L 63 -30.66 0.31 68.53
C SER L 63 -30.46 -0.67 67.37
N GLY L 64 -30.31 -1.94 67.72
CA GLY L 64 -30.11 -2.99 66.73
C GLY L 64 -30.49 -4.34 67.28
N SER L 65 -30.49 -5.33 66.39
CA SER L 65 -30.85 -6.69 66.75
C SER L 65 -29.91 -7.66 66.06
N GLY L 66 -29.93 -8.91 66.53
CA GLY L 66 -29.00 -9.93 66.11
C GLY L 66 -29.38 -11.31 66.60
N SER L 67 -28.38 -12.08 67.08
CA SER L 67 -28.60 -13.34 67.79
C SER L 67 -29.33 -14.41 66.98
N GLY L 68 -28.66 -15.08 66.03
CA GLY L 68 -27.21 -15.06 65.90
C GLY L 68 -26.56 -15.22 64.53
N THR L 69 -27.31 -15.01 63.44
CA THR L 69 -26.74 -15.16 62.11
C THR L 69 -26.79 -13.87 61.30
N ASP L 70 -27.98 -13.29 61.12
CA ASP L 70 -28.17 -12.09 60.34
C ASP L 70 -28.61 -10.96 61.27
N PHE L 71 -27.84 -9.88 61.30
CA PHE L 71 -28.06 -8.87 62.31
C PHE L 71 -28.57 -7.61 61.64
N THR L 72 -29.44 -6.89 62.33
CA THR L 72 -30.12 -5.73 61.77
C THR L 72 -29.72 -4.47 62.51
N LEU L 73 -29.32 -3.46 61.75
CA LEU L 73 -29.02 -2.13 62.26
C LEU L 73 -30.15 -1.20 61.88
N THR L 74 -30.82 -0.64 62.88
CA THR L 74 -31.98 0.21 62.65
C THR L 74 -31.62 1.67 62.93
N ILE L 75 -32.05 2.54 62.03
CA ILE L 75 -31.85 3.99 62.17
C ILE L 75 -33.24 4.59 62.26
N SER L 76 -33.76 4.71 63.48
CA SER L 76 -35.19 4.99 63.65
C SER L 76 -35.54 6.47 63.53
N SER L 77 -34.55 7.36 63.66
CA SER L 77 -34.78 8.79 63.78
C SER L 77 -33.81 9.53 62.86
N LEU L 78 -33.86 9.17 61.56
CA LEU L 78 -32.77 9.08 60.59
C LEU L 78 -31.61 10.06 60.76
N GLU L 79 -31.92 11.36 61.01
CA GLU L 79 -30.95 12.41 61.35
C GLU L 79 -29.84 12.56 60.30
N PRO L 80 -30.07 13.35 59.23
CA PRO L 80 -29.23 13.31 58.01
C PRO L 80 -27.73 13.63 58.16
N GLU L 81 -27.25 13.89 59.38
CA GLU L 81 -25.81 13.85 59.61
C GLU L 81 -25.25 12.43 59.55
N ASP L 82 -26.10 11.41 59.60
CA ASP L 82 -25.70 10.02 59.72
C ASP L 82 -25.45 9.36 58.39
N PHE L 83 -25.33 10.13 57.31
CA PHE L 83 -25.09 9.60 55.97
C PHE L 83 -23.63 9.20 55.87
N ALA L 84 -23.33 7.97 56.29
CA ALA L 84 -21.96 7.49 56.35
C ALA L 84 -21.91 6.04 55.90
N VAL L 85 -20.74 5.63 55.43
CA VAL L 85 -20.55 4.28 54.92
C VAL L 85 -20.47 3.33 56.11
N TYR L 86 -21.58 2.64 56.41
CA TYR L 86 -21.62 1.81 57.59
C TYR L 86 -20.92 0.48 57.33
N TYR L 87 -20.42 -0.13 58.40
CA TYR L 87 -19.72 -1.40 58.31
C TYR L 87 -20.10 -2.28 59.48
N CYS L 88 -20.25 -3.57 59.21
CA CYS L 88 -20.40 -4.57 60.25
C CYS L 88 -19.11 -5.37 60.37
N GLN L 89 -18.90 -5.96 61.54
CA GLN L 89 -17.64 -6.62 61.88
C GLN L 89 -17.90 -7.79 62.81
N GLN L 90 -17.65 -9.01 62.35
CA GLN L 90 -17.64 -10.12 63.30
C GLN L 90 -16.39 -10.04 64.17
N HIS L 91 -16.48 -10.60 65.36
CA HIS L 91 -15.26 -10.54 66.15
C HIS L 91 -14.88 -11.91 66.70
N SER L 92 -15.85 -12.74 66.96
CA SER L 92 -15.61 -13.94 67.77
C SER L 92 -15.33 -15.16 66.91
N LEU L 93 -14.39 -14.97 65.99
CA LEU L 93 -13.77 -15.99 65.15
C LEU L 93 -12.64 -15.29 64.42
N LEU L 94 -11.57 -16.02 64.17
CA LEU L 94 -10.42 -15.40 63.58
C LEU L 94 -10.13 -16.02 62.22
N PRO L 95 -9.72 -15.24 61.20
CA PRO L 95 -9.55 -13.79 61.24
C PRO L 95 -10.77 -12.91 60.93
N ARG L 96 -11.45 -12.39 61.96
CA ARG L 96 -11.96 -11.02 62.11
C ARG L 96 -12.33 -10.24 60.86
N THR L 97 -13.09 -10.82 59.93
CA THR L 97 -13.44 -10.05 58.73
C THR L 97 -14.50 -9.01 59.05
N PHE L 98 -14.48 -7.93 58.27
CA PHE L 98 -15.53 -6.93 58.41
C PHE L 98 -16.61 -7.21 57.37
N GLY L 99 -17.54 -6.28 57.22
CA GLY L 99 -18.54 -6.33 56.17
C GLY L 99 -18.00 -5.81 54.85
N GLY L 100 -18.89 -5.25 54.05
CA GLY L 100 -18.50 -4.80 52.72
C GLY L 100 -18.68 -3.34 52.43
N GLY L 101 -19.67 -2.70 53.04
CA GLY L 101 -19.97 -1.32 52.72
C GLY L 101 -21.44 -1.09 52.41
N THR L 102 -22.03 -0.12 53.08
CA THR L 102 -23.47 0.09 53.06
C THR L 102 -23.74 1.59 52.87
N LYS L 103 -23.24 2.13 51.75
CA LYS L 103 -23.12 3.57 51.53
C LYS L 103 -24.47 4.26 51.47
N VAL L 104 -24.93 4.76 52.61
CA VAL L 104 -26.23 5.41 52.70
C VAL L 104 -26.14 6.77 52.05
N GLU L 105 -26.86 6.95 50.95
CA GLU L 105 -26.84 8.18 50.16
C GLU L 105 -27.90 9.15 50.68
N ILE L 106 -28.17 10.16 49.86
CA ILE L 106 -29.22 11.14 50.21
C ILE L 106 -30.25 11.10 49.10
N LYS L 107 -31.53 11.26 49.42
CA LYS L 107 -32.57 11.12 48.39
C LYS L 107 -32.98 12.52 47.90
N ARG L 108 -32.88 12.76 46.59
CA ARG L 108 -33.49 13.97 45.97
C ARG L 108 -34.17 13.59 44.65
N ALA L 109 -34.96 14.50 44.07
CA ALA L 109 -35.58 14.25 42.75
C ALA L 109 -34.43 14.09 41.78
N ASP L 110 -34.53 13.20 40.80
CA ASP L 110 -33.34 12.84 40.03
C ASP L 110 -32.85 13.97 39.14
N ALA L 111 -31.67 14.51 39.47
CA ALA L 111 -31.11 15.63 38.74
C ALA L 111 -30.40 15.16 37.48
N ALA L 112 -30.34 16.04 36.49
CA ALA L 112 -29.71 15.74 35.22
C ALA L 112 -28.29 16.31 35.16
N PRO L 113 -27.34 15.56 34.62
CA PRO L 113 -25.96 16.05 34.56
C PRO L 113 -25.77 17.11 33.51
N THR L 114 -24.89 18.05 33.80
CA THR L 114 -24.50 19.10 32.84
C THR L 114 -23.26 18.61 32.10
N VAL L 115 -23.43 18.33 30.81
CA VAL L 115 -22.44 17.63 30.01
C VAL L 115 -21.67 18.65 29.19
N SER L 116 -20.34 18.62 29.30
CA SER L 116 -19.47 19.50 28.53
C SER L 116 -18.10 18.84 28.36
N ILE L 117 -17.42 19.22 27.29
CA ILE L 117 -16.20 18.55 26.85
C ILE L 117 -15.18 19.62 26.46
N PHE L 118 -13.89 19.35 26.73
CA PHE L 118 -12.89 20.42 26.65
C PHE L 118 -11.58 20.02 25.97
N PRO L 119 -11.03 20.87 25.11
CA PRO L 119 -9.88 20.47 24.27
C PRO L 119 -8.56 20.59 25.01
N PRO L 120 -7.49 20.02 24.46
CA PRO L 120 -6.14 20.33 24.93
C PRO L 120 -5.73 21.76 24.65
N SER L 121 -4.84 22.26 25.50
CA SER L 121 -4.35 23.63 25.40
C SER L 121 -3.21 23.73 24.39
N SER L 122 -2.88 24.97 24.02
CA SER L 122 -1.70 25.23 23.20
C SER L 122 -0.42 25.09 24.00
N GLU L 123 -0.49 25.34 25.31
CA GLU L 123 0.66 25.06 26.17
C GLU L 123 0.90 23.56 26.29
N GLN L 124 -0.16 22.75 26.17
CA GLN L 124 0.03 21.31 26.07
C GLN L 124 0.71 20.94 24.77
N LEU L 125 0.40 21.67 23.69
CA LEU L 125 1.08 21.45 22.42
C LEU L 125 2.54 21.90 22.46
N THR L 126 2.93 22.72 23.43
CA THR L 126 4.34 22.97 23.69
C THR L 126 4.95 21.92 24.61
N SER L 127 4.13 21.11 25.27
CA SER L 127 4.63 20.05 26.16
C SER L 127 4.52 18.66 25.56
N GLY L 128 3.54 18.41 24.71
CA GLY L 128 3.48 17.14 24.01
C GLY L 128 2.44 16.15 24.49
N GLY L 129 1.21 16.60 24.75
CA GLY L 129 0.15 15.71 25.18
C GLY L 129 -1.17 16.04 24.51
N ALA L 130 -2.17 15.20 24.83
CA ALA L 130 -3.57 15.46 24.50
C ALA L 130 -4.41 15.03 25.69
N SER L 131 -5.21 15.95 26.21
CA SER L 131 -6.01 15.68 27.42
C SER L 131 -7.40 16.24 27.21
N VAL L 132 -8.38 15.34 27.05
CA VAL L 132 -9.78 15.71 26.86
C VAL L 132 -10.59 15.02 27.94
N VAL L 133 -11.36 15.79 28.71
CA VAL L 133 -12.27 15.23 29.70
C VAL L 133 -13.67 15.76 29.43
N CYS L 134 -14.63 14.85 29.32
CA CYS L 134 -16.04 15.18 29.33
C CYS L 134 -16.53 15.21 30.77
N PHE L 135 -17.02 16.36 31.19
CA PHE L 135 -17.42 16.56 32.57
C PHE L 135 -18.94 16.49 32.70
N LEU L 136 -19.39 15.81 33.74
CA LEU L 136 -20.81 15.71 34.05
C LEU L 136 -20.98 16.12 35.50
N ASN L 137 -21.95 16.99 35.76
CA ASN L 137 -22.00 17.69 37.03
C ASN L 137 -23.46 17.81 37.47
N ASN L 138 -23.69 17.60 38.77
CA ASN L 138 -24.96 17.83 39.46
C ASN L 138 -26.07 16.93 38.92
N PHE L 139 -25.88 15.62 39.11
CA PHE L 139 -26.86 14.61 38.78
C PHE L 139 -27.15 13.74 40.00
N TYR L 140 -28.17 12.89 39.86
CA TYR L 140 -28.58 11.92 40.87
C TYR L 140 -29.45 10.85 40.23
N PRO L 141 -29.16 9.55 40.43
CA PRO L 141 -28.07 8.95 41.20
C PRO L 141 -26.78 8.77 40.40
N LYS L 142 -25.86 7.96 40.94
CA LYS L 142 -24.46 7.96 40.51
C LYS L 142 -24.26 7.38 39.11
N ASP L 143 -25.13 6.50 38.67
CA ASP L 143 -24.83 5.57 37.57
C ASP L 143 -24.83 6.30 36.23
N ILE L 144 -23.64 6.59 35.70
CA ILE L 144 -23.46 7.14 34.36
C ILE L 144 -22.32 6.40 33.67
N ASN L 145 -22.57 5.91 32.47
CA ASN L 145 -21.53 5.42 31.57
C ASN L 145 -21.28 6.47 30.48
N VAL L 146 -20.00 6.77 30.25
CA VAL L 146 -19.58 7.76 29.26
C VAL L 146 -18.68 7.07 28.25
N LYS L 147 -19.00 7.22 26.97
CA LYS L 147 -18.23 6.61 25.89
C LYS L 147 -17.45 7.68 25.12
N TRP L 148 -16.23 7.32 24.75
CA TRP L 148 -15.35 8.16 23.94
C TRP L 148 -15.20 7.57 22.54
N LYS L 149 -14.93 8.44 21.56
CA LYS L 149 -14.83 8.01 20.17
C LYS L 149 -13.75 8.81 19.44
N ILE L 150 -13.01 8.13 18.57
CA ILE L 150 -12.05 8.79 17.67
C ILE L 150 -12.84 9.16 16.42
N ASP L 151 -13.49 10.33 16.46
CA ASP L 151 -14.40 10.83 15.41
C ASP L 151 -15.53 9.84 15.08
N GLY L 152 -15.91 9.00 16.04
CA GLY L 152 -16.86 7.94 15.80
C GLY L 152 -16.39 6.54 16.15
N SER L 153 -15.09 6.28 16.30
CA SER L 153 -14.58 4.95 16.62
C SER L 153 -14.05 4.93 18.05
N GLU L 154 -14.51 3.96 18.83
CA GLU L 154 -14.49 4.04 20.28
C GLU L 154 -13.07 3.98 20.86
N ARG L 155 -12.95 4.47 22.10
CA ARG L 155 -11.68 4.61 22.79
C ARG L 155 -11.67 3.76 24.05
N GLN L 156 -10.53 3.16 24.35
CA GLN L 156 -10.35 2.35 25.55
C GLN L 156 -8.98 2.62 26.15
N ASN L 157 -8.76 2.06 27.34
CA ASN L 157 -7.49 1.98 28.07
C ASN L 157 -6.95 3.34 28.51
N GLY L 158 -7.69 4.42 28.30
CA GLY L 158 -7.32 5.71 28.84
C GLY L 158 -8.55 6.35 29.45
N VAL L 159 -9.71 5.74 29.19
CA VAL L 159 -11.00 6.24 29.66
C VAL L 159 -11.08 5.95 31.16
N LEU L 160 -11.05 7.00 31.97
CA LEU L 160 -11.04 6.88 33.41
C LEU L 160 -12.15 7.74 33.99
N ASN L 161 -12.75 7.27 35.09
CA ASN L 161 -13.87 7.96 35.70
C ASN L 161 -13.59 8.18 37.19
N SER L 162 -14.33 9.12 37.78
CA SER L 162 -14.05 9.55 39.14
C SER L 162 -15.29 10.20 39.73
N TRP L 163 -15.70 9.72 40.90
CA TRP L 163 -16.90 10.21 41.58
C TRP L 163 -16.51 10.91 42.87
N THR L 164 -17.36 11.85 43.28
CA THR L 164 -17.21 12.53 44.55
C THR L 164 -18.12 11.93 45.61
N ASP L 165 -17.93 12.41 46.83
CA ASP L 165 -18.93 12.24 47.86
C ASP L 165 -20.12 13.15 47.55
N GLN L 166 -21.28 12.79 48.09
CA GLN L 166 -22.49 13.54 47.78
C GLN L 166 -22.47 14.86 48.52
N ASP L 167 -22.90 15.92 47.84
CA ASP L 167 -22.86 17.26 48.39
C ASP L 167 -23.90 17.41 49.50
N SER L 168 -23.64 18.33 50.42
CA SER L 168 -24.52 18.50 51.57
C SER L 168 -25.77 19.29 51.21
N LYS L 169 -25.67 20.19 50.23
CA LYS L 169 -26.76 21.12 49.97
C LYS L 169 -27.73 20.59 48.91
N ASP L 170 -27.25 20.39 47.69
CA ASP L 170 -28.14 19.94 46.61
C ASP L 170 -28.18 18.43 46.48
N SER L 171 -27.30 17.72 47.19
CA SER L 171 -27.30 16.25 47.29
C SER L 171 -27.12 15.59 45.92
N THR L 172 -26.15 16.07 45.16
CA THR L 172 -25.92 15.63 43.80
C THR L 172 -24.56 14.95 43.67
N TYR L 173 -24.21 14.60 42.44
CA TYR L 173 -22.97 13.91 42.14
C TYR L 173 -22.34 14.50 40.88
N SER L 174 -21.06 14.21 40.70
CA SER L 174 -20.33 14.68 39.54
C SER L 174 -19.35 13.60 39.10
N MET L 175 -19.11 13.53 37.79
CA MET L 175 -18.16 12.58 37.24
C MET L 175 -17.40 13.18 36.08
N SER L 176 -16.07 13.11 36.17
CA SER L 176 -15.19 13.44 35.07
C SER L 176 -14.82 12.17 34.32
N SER L 177 -14.89 12.25 32.99
CA SER L 177 -14.48 11.16 32.12
C SER L 177 -13.03 11.45 31.72
N THR L 178 -12.11 11.05 32.58
CA THR L 178 -10.70 11.36 32.39
C THR L 178 -10.12 10.56 31.23
N LEU L 179 -9.50 11.25 30.28
CA LEU L 179 -8.91 10.64 29.10
C LEU L 179 -7.70 11.44 28.65
N THR L 180 -6.58 10.75 28.43
CA THR L 180 -5.34 11.41 28.03
C THR L 180 -4.74 10.67 26.85
N LEU L 181 -4.44 11.41 25.79
CA LEU L 181 -3.76 10.90 24.60
C LEU L 181 -2.44 11.66 24.41
N THR L 182 -1.81 11.44 23.26
CA THR L 182 -0.55 12.08 22.94
C THR L 182 -0.76 13.21 21.94
N LYS L 183 0.28 14.06 21.81
CA LYS L 183 0.24 15.21 20.91
C LYS L 183 0.10 14.78 19.46
N ASP L 184 0.78 13.70 19.07
CA ASP L 184 0.71 13.22 17.69
C ASP L 184 -0.67 12.65 17.38
N GLU L 185 -1.34 12.06 18.38
CA GLU L 185 -2.69 11.59 18.18
C GLU L 185 -3.71 12.73 18.22
N TYR L 186 -3.33 13.90 18.73
CA TYR L 186 -4.28 15.00 18.83
C TYR L 186 -4.51 15.66 17.48
N GLU L 187 -3.45 15.89 16.71
CA GLU L 187 -3.57 16.57 15.44
C GLU L 187 -4.14 15.68 14.33
N ARG L 188 -4.32 14.38 14.60
CA ARG L 188 -4.87 13.48 13.59
C ARG L 188 -6.37 13.69 13.42
N HIS L 189 -7.08 13.90 14.52
CA HIS L 189 -8.54 13.89 14.50
C HIS L 189 -9.09 15.15 15.17
N ASN L 190 -10.31 15.50 14.77
CA ASN L 190 -10.91 16.78 15.17
C ASN L 190 -12.14 16.61 16.04
N SER L 191 -13.14 15.85 15.57
CA SER L 191 -14.46 15.81 16.21
C SER L 191 -14.41 14.84 17.40
N TYR L 192 -14.05 15.38 18.57
CA TYR L 192 -13.90 14.57 19.76
C TYR L 192 -15.22 14.59 20.53
N THR L 193 -15.81 13.41 20.71
CA THR L 193 -17.19 13.29 21.17
C THR L 193 -17.25 12.68 22.57
N CYS L 194 -18.37 12.95 23.24
CA CYS L 194 -18.69 12.43 24.57
C CYS L 194 -20.13 11.96 24.60
N GLU L 195 -20.33 10.67 24.85
CA GLU L 195 -21.67 10.10 24.90
C GLU L 195 -22.07 9.86 26.35
N ALA L 196 -22.88 10.76 26.90
CA ALA L 196 -23.37 10.65 28.26
C ALA L 196 -24.53 9.66 28.33
N THR L 197 -24.78 9.13 29.53
CA THR L 197 -25.90 8.21 29.73
C THR L 197 -26.34 8.31 31.20
N HIS L 198 -27.43 9.03 31.45
CA HIS L 198 -28.01 9.13 32.78
C HIS L 198 -29.46 8.67 32.69
N LYS L 199 -30.05 8.31 33.85
CA LYS L 199 -31.42 7.85 33.88
C LYS L 199 -32.41 8.96 33.51
N THR L 200 -32.09 10.21 33.86
CA THR L 200 -32.89 11.34 33.41
C THR L 200 -32.73 11.61 31.92
N SER L 201 -31.60 11.22 31.34
CA SER L 201 -31.35 11.42 29.91
C SER L 201 -31.97 10.25 29.16
N THR L 202 -33.15 10.47 28.57
CA THR L 202 -33.80 9.44 27.77
C THR L 202 -33.00 9.16 26.49
N SER L 203 -32.40 10.19 25.94
CA SER L 203 -31.45 10.12 24.84
C SER L 203 -30.03 10.30 25.38
N PRO L 204 -29.04 9.62 24.79
CA PRO L 204 -27.65 9.82 25.21
C PRO L 204 -27.15 11.20 24.82
N ILE L 205 -26.73 11.98 25.82
CA ILE L 205 -26.31 13.35 25.59
C ILE L 205 -24.94 13.33 24.92
N VAL L 206 -24.90 13.80 23.67
CA VAL L 206 -23.67 13.83 22.89
C VAL L 206 -23.18 15.27 22.86
N LYS L 207 -22.11 15.54 23.60
CA LYS L 207 -21.45 16.84 23.60
C LYS L 207 -20.07 16.69 22.99
N SER L 208 -19.80 17.47 21.95
CA SER L 208 -18.56 17.32 21.20
C SER L 208 -18.03 18.69 20.81
N PHE L 209 -16.75 18.70 20.42
CA PHE L 209 -16.12 19.88 19.83
C PHE L 209 -15.35 19.43 18.59
N ASN L 210 -14.77 20.40 17.90
CA ASN L 210 -13.79 20.13 16.87
C ASN L 210 -12.45 20.72 17.29
N ARG L 211 -11.38 20.18 16.73
CA ARG L 211 -10.05 20.69 17.02
C ARG L 211 -9.88 22.06 16.37
N ASN L 212 -9.43 23.03 17.18
CA ASN L 212 -9.33 24.46 16.82
C ASN L 212 -10.66 25.03 16.35
N GLU L 213 -11.76 24.58 16.95
CA GLU L 213 -13.07 25.16 16.67
C GLU L 213 -13.30 26.40 17.51
N CYS L 214 -12.94 26.34 18.79
CA CYS L 214 -13.09 27.46 19.70
C CYS L 214 -11.87 27.57 20.60
N GLU M 1 14.42 -37.04 47.66
CA GLU M 1 13.46 -36.96 46.54
C GLU M 1 13.87 -37.99 45.52
N ILE M 2 13.67 -39.27 45.78
CA ILE M 2 14.15 -40.32 44.88
C ILE M 2 13.24 -40.34 43.66
N VAL M 3 13.83 -40.17 42.49
CA VAL M 3 13.09 -40.31 41.24
C VAL M 3 13.04 -41.78 40.87
N MET M 4 11.84 -42.29 40.64
CA MET M 4 11.64 -43.67 40.24
C MET M 4 11.43 -43.72 38.73
N THR M 5 12.26 -44.50 38.04
CA THR M 5 12.23 -44.59 36.59
C THR M 5 11.78 -45.97 36.16
N GLN M 6 10.87 -46.00 35.18
CA GLN M 6 10.37 -47.23 34.60
C GLN M 6 10.94 -47.37 33.20
N SER M 7 11.57 -48.51 32.92
CA SER M 7 12.33 -48.62 31.67
C SER M 7 11.43 -48.82 30.44
N PRO M 8 10.36 -49.67 30.45
CA PRO M 8 9.42 -49.60 29.31
C PRO M 8 8.50 -48.40 29.48
N ALA M 9 8.73 -47.36 28.68
CA ALA M 9 7.85 -46.19 28.71
C ALA M 9 6.47 -46.55 28.17
N THR M 10 6.42 -47.29 27.07
CA THR M 10 5.22 -47.93 26.58
C THR M 10 5.50 -49.41 26.42
N LEU M 11 4.43 -50.17 26.21
CA LEU M 11 4.55 -51.61 26.03
C LEU M 11 3.31 -52.08 25.29
N SER M 12 3.48 -53.06 24.39
CA SER M 12 2.36 -53.62 23.63
C SER M 12 2.68 -55.09 23.41
N LEU M 13 2.05 -55.95 24.22
CA LEU M 13 2.32 -57.38 24.16
C LEU M 13 1.01 -58.12 24.02
N SER M 14 1.02 -59.14 23.16
CA SER M 14 -0.19 -59.87 22.80
C SER M 14 -0.68 -60.72 23.97
N PRO M 15 -1.92 -61.22 23.91
CA PRO M 15 -2.32 -62.26 24.88
C PRO M 15 -1.49 -63.51 24.70
N GLY M 16 -0.61 -63.79 25.66
CA GLY M 16 0.45 -64.75 25.42
C GLY M 16 1.53 -64.76 26.47
N GLU M 17 2.77 -64.55 26.04
CA GLU M 17 3.96 -64.84 26.84
C GLU M 17 4.21 -63.75 27.88
N ARG M 18 5.40 -63.80 28.48
CA ARG M 18 5.74 -62.96 29.62
C ARG M 18 5.89 -61.50 29.22
N ALA M 19 5.52 -60.61 30.14
CA ALA M 19 5.45 -59.17 29.93
C ALA M 19 6.26 -58.45 31.00
N THR M 20 7.52 -58.88 31.16
CA THR M 20 8.36 -58.41 32.25
C THR M 20 8.67 -56.92 32.14
N LEU M 21 8.59 -56.23 33.27
CA LEU M 21 8.75 -54.78 33.34
C LEU M 21 9.93 -54.44 34.26
N SER M 22 10.19 -53.15 34.40
CA SER M 22 11.32 -52.69 35.20
C SER M 22 10.99 -51.38 35.89
N CYS M 23 11.44 -51.24 37.12
CA CYS M 23 11.37 -50.00 37.87
C CYS M 23 12.71 -49.77 38.54
N ARG M 24 13.46 -48.80 38.06
CA ARG M 24 14.79 -48.51 38.58
C ARG M 24 14.72 -47.35 39.56
N ALA M 25 15.28 -47.55 40.75
CA ALA M 25 15.31 -46.52 41.76
C ALA M 25 16.59 -45.69 41.65
N SER M 26 16.61 -44.57 42.38
CA SER M 26 17.83 -43.76 42.47
C SER M 26 18.72 -44.19 43.63
N GLN M 27 18.17 -44.91 44.60
CA GLN M 27 18.93 -45.41 45.73
C GLN M 27 18.59 -46.87 45.96
N SER M 28 18.98 -47.42 47.10
CA SER M 28 18.63 -48.79 47.46
C SER M 28 17.36 -48.74 48.30
N VAL M 29 16.22 -48.99 47.66
CA VAL M 29 14.96 -49.08 48.36
C VAL M 29 14.92 -50.34 49.24
N SER M 30 15.61 -51.40 48.80
CA SER M 30 15.88 -52.63 49.55
C SER M 30 14.58 -53.34 49.95
N SER M 31 13.92 -53.85 48.91
CA SER M 31 12.76 -54.76 49.03
C SER M 31 11.59 -54.09 49.75
N TYR M 32 11.24 -52.90 49.26
CA TYR M 32 10.29 -52.04 49.93
C TYR M 32 9.41 -51.27 48.97
N LEU M 33 9.13 -51.82 47.79
CA LEU M 33 8.33 -51.05 46.84
C LEU M 33 7.20 -51.92 46.28
N ALA M 34 6.22 -51.26 45.68
CA ALA M 34 4.94 -51.85 45.35
C ALA M 34 4.61 -51.67 43.88
N TRP M 35 3.57 -52.37 43.43
CA TRP M 35 3.16 -52.42 42.03
C TRP M 35 1.65 -52.27 41.91
N TYR M 36 1.21 -51.48 40.93
CA TYR M 36 -0.21 -51.16 40.83
C TYR M 36 -0.74 -51.44 39.43
N GLN M 37 -2.06 -51.36 39.30
CA GLN M 37 -2.79 -51.79 38.11
C GLN M 37 -3.85 -50.76 37.73
N GLN M 38 -3.47 -49.49 37.59
CA GLN M 38 -4.47 -48.45 37.37
C GLN M 38 -5.07 -48.57 35.97
N LYS M 39 -6.27 -49.14 35.90
CA LYS M 39 -7.06 -49.03 34.70
C LYS M 39 -7.54 -47.59 34.56
N PRO M 40 -7.69 -47.08 33.33
CA PRO M 40 -8.00 -45.66 33.14
C PRO M 40 -9.39 -45.30 33.65
N GLY M 41 -9.44 -44.29 34.51
CA GLY M 41 -10.68 -43.87 35.14
C GLY M 41 -11.05 -44.68 36.35
N GLN M 42 -10.11 -45.41 36.93
CA GLN M 42 -10.39 -46.29 38.06
C GLN M 42 -9.38 -46.06 39.17
N ALA M 43 -9.54 -46.81 40.24
CA ALA M 43 -8.60 -46.80 41.35
C ALA M 43 -7.43 -47.73 41.06
N PRO M 44 -6.20 -47.31 41.36
CA PRO M 44 -5.05 -48.18 41.08
C PRO M 44 -4.98 -49.41 41.97
N ARG M 45 -5.37 -50.56 41.43
CA ARG M 45 -5.39 -51.79 42.20
C ARG M 45 -3.99 -52.30 42.44
N LEU M 46 -3.73 -52.74 43.67
CA LEU M 46 -2.40 -53.22 44.04
C LEU M 46 -2.10 -54.58 43.44
N LEU M 47 -0.89 -54.72 42.86
CA LEU M 47 -0.41 -55.99 42.35
C LEU M 47 0.48 -56.73 43.35
N ILE M 48 1.62 -56.13 43.70
CA ILE M 48 2.66 -56.75 44.51
C ILE M 48 3.01 -55.79 45.63
N TYR M 49 3.00 -56.28 46.88
CA TYR M 49 3.14 -55.32 47.97
C TYR M 49 4.59 -54.96 48.27
N ASP M 50 5.43 -55.90 48.73
CA ASP M 50 6.84 -55.56 48.94
C ASP M 50 7.73 -56.46 48.09
N ALA M 51 7.84 -56.10 46.80
CA ALA M 51 8.71 -56.68 45.78
C ALA M 51 8.41 -58.13 45.42
N SER M 52 7.53 -58.78 46.17
CA SER M 52 7.13 -60.17 45.97
C SER M 52 5.84 -60.36 46.74
N ASN M 53 5.47 -61.62 46.95
CA ASN M 53 4.56 -62.14 47.96
C ASN M 53 3.08 -61.92 47.66
N ARG M 54 2.71 -61.28 46.55
CA ARG M 54 1.43 -61.50 45.85
C ARG M 54 0.21 -61.15 46.71
N ALA M 55 -0.03 -59.85 46.87
CA ALA M 55 -1.02 -59.33 47.82
C ALA M 55 -2.46 -59.76 47.62
N THR M 56 -2.92 -60.65 48.51
CA THR M 56 -4.29 -60.76 49.05
C THR M 56 -5.40 -60.56 48.02
N GLY M 57 -5.44 -61.47 47.07
CA GLY M 57 -6.52 -61.45 46.09
C GLY M 57 -6.00 -61.28 44.68
N ILE M 58 -4.68 -61.36 44.53
CA ILE M 58 -4.07 -61.32 43.20
C ILE M 58 -4.31 -62.72 42.67
N PRO M 59 -4.67 -62.90 41.38
CA PRO M 59 -5.23 -64.20 40.96
C PRO M 59 -4.31 -65.41 41.01
N ALA M 60 -3.36 -65.52 40.09
CA ALA M 60 -2.44 -66.65 40.13
C ALA M 60 -1.06 -66.39 39.53
N ARG M 61 -0.78 -65.20 39.02
CA ARG M 61 0.24 -65.12 37.98
C ARG M 61 1.13 -63.89 38.08
N PHE M 62 1.14 -63.18 39.21
CA PHE M 62 1.82 -61.90 39.25
C PHE M 62 2.98 -61.88 40.24
N SER M 63 3.88 -62.85 40.16
CA SER M 63 5.09 -62.79 40.95
C SER M 63 6.02 -61.68 40.45
N GLY M 64 7.02 -61.37 41.27
CA GLY M 64 7.97 -60.32 40.93
C GLY M 64 9.27 -60.49 41.68
N SER M 65 10.24 -59.67 41.30
CA SER M 65 11.56 -59.72 41.92
C SER M 65 12.06 -58.30 42.15
N GLY M 66 13.11 -58.20 42.97
CA GLY M 66 13.63 -56.92 43.42
C GLY M 66 14.96 -57.06 44.14
N SER M 67 15.12 -56.35 45.26
CA SER M 67 16.23 -56.51 46.20
C SER M 67 17.61 -56.26 45.58
N GLY M 68 18.01 -55.00 45.37
CA GLY M 68 17.33 -53.84 45.92
C GLY M 68 17.36 -52.51 45.17
N THR M 69 17.65 -52.52 43.87
CA THR M 69 17.68 -51.28 43.10
C THR M 69 16.68 -51.26 41.96
N ASP M 70 16.74 -52.24 41.07
CA ASP M 70 15.86 -52.32 39.90
C ASP M 70 14.97 -53.53 40.05
N PHE M 71 13.66 -53.31 40.05
CA PHE M 71 12.74 -54.39 40.41
C PHE M 71 11.96 -54.78 39.17
N THR M 72 11.64 -56.06 39.07
CA THR M 72 11.01 -56.61 37.89
C THR M 72 9.62 -57.13 38.23
N LEU M 73 8.64 -56.72 37.43
CA LEU M 73 7.27 -57.20 37.50
C LEU M 73 7.01 -58.13 36.34
N THR M 74 6.72 -59.39 36.63
CA THR M 74 6.53 -60.40 35.61
C THR M 74 5.05 -60.75 35.47
N ILE M 75 4.58 -60.84 34.23
CA ILE M 75 3.21 -61.22 33.92
C ILE M 75 3.31 -62.52 33.14
N SER M 76 3.30 -63.65 33.84
CA SER M 76 3.68 -64.91 33.22
C SER M 76 2.56 -65.57 32.43
N SER M 77 1.31 -65.19 32.67
CA SER M 77 0.14 -65.88 32.16
C SER M 77 -0.84 -64.85 31.58
N LEU M 78 -0.34 -64.04 30.64
CA LEU M 78 -0.65 -62.63 30.39
C LEU M 78 -2.06 -62.16 30.72
N GLU M 79 -3.09 -62.94 30.31
CA GLU M 79 -4.50 -62.73 30.66
C GLU M 79 -5.00 -61.34 30.27
N PRO M 80 -5.46 -61.16 29.01
CA PRO M 80 -5.67 -59.81 28.44
C PRO M 80 -6.65 -58.86 29.13
N GLU M 81 -7.25 -59.27 30.25
CA GLU M 81 -7.92 -58.30 31.12
C GLU M 81 -6.93 -57.40 31.83
N ASP M 82 -5.64 -57.74 31.85
CA ASP M 82 -4.62 -57.07 32.63
C ASP M 82 -3.98 -55.91 31.90
N PHE M 83 -4.58 -55.45 30.81
CA PHE M 83 -4.05 -54.33 30.02
C PHE M 83 -4.37 -53.04 30.76
N ALA M 84 -3.48 -52.67 31.68
CA ALA M 84 -3.69 -51.52 32.54
C ALA M 84 -2.39 -50.77 32.72
N VAL M 85 -2.50 -49.47 33.01
CA VAL M 85 -1.34 -48.60 33.18
C VAL M 85 -0.70 -48.93 34.51
N TYR M 86 0.38 -49.72 34.50
CA TYR M 86 0.99 -50.18 35.73
C TYR M 86 1.86 -49.07 36.32
N TYR M 87 2.03 -49.12 37.63
CA TYR M 87 2.83 -48.14 38.35
C TYR M 87 3.65 -48.81 39.44
N CYS M 88 4.88 -48.37 39.61
CA CYS M 88 5.70 -48.75 40.74
C CYS M 88 5.79 -47.59 41.72
N GLN M 89 6.07 -47.93 42.98
CA GLN M 89 6.02 -46.96 44.07
C GLN M 89 7.05 -47.32 45.12
N GLN M 90 8.06 -46.48 45.31
CA GLN M 90 8.91 -46.66 46.48
C GLN M 90 8.16 -46.23 47.73
N HIS M 91 8.55 -46.81 48.86
CA HIS M 91 7.84 -46.37 50.04
C HIS M 91 8.79 -45.95 51.15
N SER M 92 9.95 -46.57 51.21
CA SER M 92 10.77 -46.48 52.41
C SER M 92 11.83 -45.38 52.28
N LEU M 93 11.34 -44.21 51.91
CA LEU M 93 12.06 -42.94 51.86
C LEU M 93 11.01 -41.88 51.56
N LEU M 94 11.20 -40.70 52.11
CA LEU M 94 10.18 -39.69 51.94
C LEU M 94 10.78 -38.49 51.20
N PRO M 95 10.03 -37.85 50.28
CA PRO M 95 8.66 -38.21 49.88
C PRO M 95 8.49 -39.23 48.73
N ARG M 96 8.22 -40.49 49.08
CA ARG M 96 7.25 -41.40 48.47
C ARG M 96 6.88 -41.20 47.00
N THR M 97 7.85 -41.06 46.11
CA THR M 97 7.50 -40.89 44.70
C THR M 97 7.02 -42.20 44.10
N PHE M 98 6.17 -42.08 43.09
CA PHE M 98 5.76 -43.27 42.35
C PHE M 98 6.63 -43.41 41.10
N GLY M 99 6.25 -44.33 40.22
CA GLY M 99 6.89 -44.47 38.92
C GLY M 99 6.35 -43.47 37.92
N GLY M 100 6.36 -43.86 36.66
CA GLY M 100 5.97 -42.93 35.61
C GLY M 100 4.79 -43.37 34.76
N GLY M 101 4.62 -44.67 34.57
CA GLY M 101 3.58 -45.15 33.67
C GLY M 101 4.10 -46.15 32.66
N THR M 102 3.43 -47.29 32.57
CA THR M 102 3.90 -48.44 31.83
C THR M 102 2.74 -49.00 30.99
N LYS M 103 2.18 -48.16 30.13
CA LYS M 103 0.89 -48.40 29.50
C LYS M 103 0.91 -49.60 28.57
N VAL M 104 0.54 -50.76 29.10
CA VAL M 104 0.56 -52.01 28.35
C VAL M 104 -0.60 -52.00 27.36
N GLU M 105 -0.29 -51.96 26.07
CA GLU M 105 -1.27 -51.89 25.01
C GLU M 105 -1.70 -53.30 24.59
N ILE M 106 -2.36 -53.34 23.44
CA ILE M 106 -2.79 -54.65 22.89
C ILE M 106 -2.15 -54.77 21.52
N LYS M 107 -1.73 -55.98 21.14
CA LYS M 107 -1.00 -56.15 19.87
C LYS M 107 -1.98 -56.61 18.79
N ARG M 108 -2.07 -55.87 17.67
CA ARG M 108 -2.78 -56.36 16.46
C ARG M 108 -1.98 -55.99 15.21
N ALA M 109 -2.34 -56.55 14.04
CA ALA M 109 -1.66 -56.17 12.78
C ALA M 109 -1.94 -54.70 12.59
N ASP M 110 -0.97 -53.94 12.06
CA ASP M 110 -1.11 -52.48 12.12
C ASP M 110 -2.22 -51.96 11.22
N ALA M 111 -3.28 -51.42 11.83
CA ALA M 111 -4.43 -50.94 11.10
C ALA M 111 -4.19 -49.53 10.59
N ALA M 112 -4.86 -49.20 9.49
CA ALA M 112 -4.73 -47.89 8.86
C ALA M 112 -5.88 -46.98 9.27
N PRO M 113 -5.58 -45.70 9.53
CA PRO M 113 -6.65 -44.78 9.96
C PRO M 113 -7.54 -44.37 8.79
N THR M 114 -8.81 -44.16 9.11
CA THR M 114 -9.78 -43.66 8.15
C THR M 114 -9.84 -42.14 8.29
N VAL M 115 -9.36 -41.44 7.26
CA VAL M 115 -9.10 -40.00 7.33
C VAL M 115 -10.25 -39.27 6.65
N SER M 116 -10.85 -38.32 7.38
CA SER M 116 -11.92 -37.51 6.83
C SER M 116 -11.95 -36.16 7.57
N ILE M 117 -12.47 -35.15 6.89
CA ILE M 117 -12.38 -33.77 7.32
C ILE M 117 -13.74 -33.11 7.11
N PHE M 118 -14.13 -32.20 8.02
CA PHE M 118 -15.52 -31.73 8.02
C PHE M 118 -15.68 -30.23 8.23
N PRO M 119 -16.58 -29.59 7.49
CA PRO M 119 -16.65 -28.12 7.48
C PRO M 119 -17.46 -27.59 8.65
N PRO M 120 -17.38 -26.28 8.89
CA PRO M 120 -18.33 -25.61 9.80
C PRO M 120 -19.75 -25.60 9.25
N SER M 121 -20.71 -25.56 10.18
CA SER M 121 -22.12 -25.56 9.83
C SER M 121 -22.61 -24.16 9.49
N SER M 122 -23.81 -24.09 8.90
CA SER M 122 -24.47 -22.81 8.70
C SER M 122 -25.03 -22.26 9.99
N GLU M 123 -25.39 -23.14 10.93
CA GLU M 123 -25.78 -22.68 12.26
C GLU M 123 -24.60 -22.08 13.00
N GLN M 124 -23.38 -22.56 12.70
CA GLN M 124 -22.19 -21.91 13.22
C GLN M 124 -22.01 -20.52 12.61
N LEU M 125 -22.38 -20.37 11.34
CA LEU M 125 -22.35 -19.08 10.70
C LEU M 125 -23.40 -18.12 11.25
N THR M 126 -24.43 -18.64 11.92
CA THR M 126 -25.34 -17.81 12.70
C THR M 126 -24.81 -17.54 14.10
N SER M 127 -23.80 -18.28 14.55
CA SER M 127 -23.22 -18.08 15.87
C SER M 127 -21.88 -17.37 15.84
N GLY M 128 -21.09 -17.55 14.77
CA GLY M 128 -19.86 -16.80 14.65
C GLY M 128 -18.57 -17.55 14.91
N GLY M 129 -18.42 -18.77 14.39
CA GLY M 129 -17.21 -19.53 14.56
C GLY M 129 -16.80 -20.26 13.30
N ALA M 130 -15.66 -20.93 13.39
CA ALA M 130 -15.19 -21.89 12.38
C ALA M 130 -14.58 -23.07 13.10
N SER M 131 -15.08 -24.27 12.84
CA SER M 131 -14.64 -25.47 13.54
C SER M 131 -14.45 -26.59 12.53
N VAL M 132 -13.19 -26.95 12.26
CA VAL M 132 -12.85 -28.02 11.33
C VAL M 132 -12.00 -29.04 12.08
N VAL M 133 -12.42 -30.30 12.07
CA VAL M 133 -11.64 -31.38 12.65
C VAL M 133 -11.42 -32.44 11.59
N CYS M 134 -10.16 -32.82 11.39
CA CYS M 134 -9.81 -33.99 10.62
C CYS M 134 -9.78 -35.20 11.55
N PHE M 135 -10.62 -36.19 11.26
CA PHE M 135 -10.78 -37.34 12.11
C PHE M 135 -10.04 -38.53 11.53
N LEU M 136 -9.36 -39.26 12.41
CA LEU M 136 -8.66 -40.48 12.05
C LEU M 136 -9.12 -41.57 12.99
N ASN M 137 -9.47 -42.72 12.45
CA ASN M 137 -10.22 -43.72 13.19
C ASN M 137 -9.71 -45.10 12.84
N ASN M 138 -9.58 -45.95 13.86
CA ASN M 138 -9.29 -47.38 13.75
C ASN M 138 -7.92 -47.64 13.13
N PHE M 139 -6.89 -47.18 13.82
CA PHE M 139 -5.49 -47.42 13.46
C PHE M 139 -4.75 -48.06 14.64
N TYR M 140 -3.52 -48.48 14.35
CA TYR M 140 -2.61 -49.07 15.33
C TYR M 140 -1.19 -49.02 14.79
N PRO M 141 -0.19 -48.51 15.55
CA PRO M 141 -0.28 -47.94 16.90
C PRO M 141 -0.61 -46.44 16.91
N LYS M 142 -0.38 -45.80 18.07
CA LYS M 142 -0.98 -44.50 18.36
C LYS M 142 -0.40 -43.36 17.53
N ASP M 143 0.86 -43.49 17.09
CA ASP M 143 1.66 -42.33 16.66
C ASP M 143 1.19 -41.80 15.32
N ILE M 144 0.45 -40.69 15.35
CA ILE M 144 0.06 -39.96 14.14
C ILE M 144 0.25 -38.47 14.38
N ASN M 145 0.97 -37.82 13.46
CA ASN M 145 1.02 -36.37 13.38
C ASN M 145 0.12 -35.88 12.26
N VAL M 146 -0.71 -34.88 12.55
CA VAL M 146 -1.64 -34.30 11.58
C VAL M 146 -1.33 -32.82 11.43
N LYS M 147 -1.14 -32.37 10.19
CA LYS M 147 -0.83 -30.98 9.89
C LYS M 147 -2.03 -30.30 9.24
N TRP M 148 -2.25 -29.04 9.62
CA TRP M 148 -3.28 -28.19 9.08
C TRP M 148 -2.65 -27.09 8.24
N LYS M 149 -3.41 -26.59 7.26
CA LYS M 149 -2.91 -25.58 6.32
C LYS M 149 -4.02 -24.60 5.94
N ILE M 150 -3.66 -23.32 5.82
CA ILE M 150 -4.57 -22.29 5.31
C ILE M 150 -4.36 -22.29 3.79
N ASP M 151 -5.11 -23.18 3.10
CA ASP M 151 -5.00 -23.43 1.66
C ASP M 151 -3.57 -23.78 1.22
N GLY M 152 -2.77 -24.34 2.13
CA GLY M 152 -1.37 -24.60 1.87
C GLY M 152 -0.40 -23.99 2.87
N SER M 153 -0.80 -23.02 3.69
CA SER M 153 0.10 -22.39 4.66
C SER M 153 -0.31 -22.81 6.06
N GLU M 154 0.67 -23.29 6.84
CA GLU M 154 0.41 -24.13 8.00
C GLU M 154 -0.28 -23.37 9.14
N ARG M 155 -0.91 -24.14 10.03
CA ARG M 155 -1.71 -23.63 11.13
C ARG M 155 -1.11 -24.07 12.45
N GLN M 156 -1.16 -23.18 13.45
CA GLN M 156 -0.68 -23.48 14.78
C GLN M 156 -1.63 -22.87 15.81
N ASN M 157 -1.38 -23.21 17.08
CA ASN M 157 -1.99 -22.64 18.28
C ASN M 157 -3.48 -22.91 18.42
N GLY M 158 -4.07 -23.70 17.51
CA GLY M 158 -5.44 -24.15 17.66
C GLY M 158 -5.51 -25.62 17.35
N VAL M 159 -4.41 -26.14 16.83
CA VAL M 159 -4.32 -27.55 16.44
C VAL M 159 -4.21 -28.38 17.70
N LEU M 160 -5.25 -29.16 18.00
CA LEU M 160 -5.32 -29.93 19.22
C LEU M 160 -5.64 -31.38 18.87
N ASN M 161 -5.09 -32.31 19.64
CA ASN M 161 -5.25 -33.73 19.38
C ASN M 161 -5.76 -34.43 20.64
N SER M 162 -6.33 -35.62 20.43
CA SER M 162 -7.00 -36.32 21.52
C SER M 162 -7.08 -37.81 21.18
N TRP M 163 -6.61 -38.64 22.11
CA TRP M 163 -6.58 -40.09 21.94
C TRP M 163 -7.53 -40.76 22.91
N THR M 164 -8.01 -41.93 22.51
CA THR M 164 -8.84 -42.75 23.37
C THR M 164 -8.03 -43.87 24.01
N ASP M 165 -8.68 -44.57 24.92
CA ASP M 165 -8.20 -45.87 25.35
C ASP M 165 -8.41 -46.87 24.22
N GLN M 166 -7.64 -47.94 24.26
CA GLN M 166 -7.70 -48.92 23.18
C GLN M 166 -8.96 -49.76 23.31
N ASP M 167 -9.61 -50.01 22.17
CA ASP M 167 -10.87 -50.73 22.17
C ASP M 167 -10.66 -52.20 22.53
N SER M 168 -11.70 -52.81 23.06
CA SER M 168 -11.59 -54.19 23.53
C SER M 168 -11.67 -55.18 22.38
N LYS M 169 -12.39 -54.83 21.31
CA LYS M 169 -12.67 -55.80 20.26
C LYS M 169 -11.62 -55.76 19.14
N ASP M 170 -11.51 -54.64 18.44
CA ASP M 170 -10.57 -54.55 17.33
C ASP M 170 -9.20 -54.03 17.73
N SER M 171 -9.08 -53.55 18.98
CA SER M 171 -7.80 -53.13 19.58
C SER M 171 -7.14 -52.01 18.79
N THR M 172 -7.91 -50.99 18.46
CA THR M 172 -7.46 -49.90 17.61
C THR M 172 -7.46 -48.59 18.39
N TYR M 173 -7.17 -47.51 17.68
CA TYR M 173 -7.10 -46.17 18.25
C TYR M 173 -7.74 -45.17 17.31
N SER M 174 -8.06 -43.99 17.86
CA SER M 174 -8.67 -42.93 17.09
C SER M 174 -8.11 -41.59 17.57
N MET M 175 -8.00 -40.64 16.64
CA MET M 175 -7.53 -39.31 16.99
C MET M 175 -8.27 -38.26 16.18
N SER M 176 -8.83 -37.29 16.89
CA SER M 176 -9.38 -36.09 16.29
C SER M 176 -8.35 -34.98 16.30
N SER M 177 -8.21 -34.30 15.17
CA SER M 177 -7.33 -33.14 15.05
C SER M 177 -8.21 -31.91 15.29
N THR M 178 -8.39 -31.58 16.56
CA THR M 178 -9.30 -30.50 16.94
C THR M 178 -8.71 -29.15 16.55
N LEU M 179 -9.49 -28.35 15.83
CA LEU M 179 -9.06 -27.04 15.37
C LEU M 179 -10.27 -26.12 15.27
N THR M 180 -10.16 -24.93 15.85
CA THR M 180 -11.25 -23.98 15.88
C THR M 180 -10.74 -22.60 15.45
N LEU M 181 -11.40 -22.00 14.47
CA LEU M 181 -11.11 -20.65 14.01
C LEU M 181 -12.36 -19.79 14.19
N THR M 182 -12.32 -18.58 13.63
CA THR M 182 -13.43 -17.64 13.73
C THR M 182 -14.20 -17.58 12.41
N LYS M 183 -15.39 -17.00 12.49
CA LYS M 183 -16.28 -16.87 11.33
C LYS M 183 -15.66 -16.01 10.24
N ASP M 184 -14.97 -14.93 10.63
CA ASP M 184 -14.35 -14.05 9.65
C ASP M 184 -13.18 -14.72 8.96
N GLU M 185 -12.47 -15.62 9.67
CA GLU M 185 -11.41 -16.38 9.05
C GLU M 185 -11.94 -17.54 8.21
N TYR M 186 -13.21 -17.91 8.38
CA TYR M 186 -13.75 -19.03 7.62
C TYR M 186 -14.06 -18.65 6.18
N GLU M 187 -14.65 -17.47 5.97
CA GLU M 187 -15.04 -17.06 4.63
C GLU M 187 -13.85 -16.57 3.80
N ARG M 188 -12.66 -16.45 4.40
CA ARG M 188 -11.49 -16.01 3.64
C ARG M 188 -10.96 -17.12 2.74
N HIS M 189 -10.97 -18.36 3.22
CA HIS M 189 -10.27 -19.44 2.55
C HIS M 189 -11.21 -20.62 2.36
N ASN M 190 -10.92 -21.44 1.35
CA ASN M 190 -11.81 -22.52 0.95
C ASN M 190 -11.19 -23.90 1.13
N SER M 191 -10.01 -24.15 0.57
CA SER M 191 -9.43 -25.49 0.50
C SER M 191 -8.77 -25.84 1.83
N TYR M 192 -9.55 -26.39 2.75
CA TYR M 192 -9.06 -26.72 4.08
C TYR M 192 -8.56 -28.16 4.08
N THR M 193 -7.27 -28.34 4.38
CA THR M 193 -6.59 -29.60 4.16
C THR M 193 -6.20 -30.27 5.48
N CYS M 194 -6.01 -31.59 5.39
CA CYS M 194 -5.58 -32.41 6.52
C CYS M 194 -4.51 -33.38 6.05
N GLU M 195 -3.31 -33.26 6.61
CA GLU M 195 -2.19 -34.12 6.24
C GLU M 195 -1.99 -35.18 7.32
N ALA M 196 -2.47 -36.39 7.07
CA ALA M 196 -2.30 -37.51 7.99
C ALA M 196 -0.91 -38.12 7.85
N THR M 197 -0.48 -38.82 8.90
CA THR M 197 0.82 -39.51 8.88
C THR M 197 0.74 -40.70 9.82
N HIS M 198 0.59 -41.90 9.26
CA HIS M 198 0.60 -43.13 10.03
C HIS M 198 1.68 -44.03 9.46
N LYS M 199 2.11 -45.02 10.25
CA LYS M 199 3.15 -45.94 9.81
C LYS M 199 2.68 -46.82 8.66
N THR M 200 1.40 -47.17 8.64
CA THR M 200 0.82 -47.88 7.50
C THR M 200 0.70 -46.99 6.27
N SER M 201 0.59 -45.68 6.45
CA SER M 201 0.48 -44.74 5.34
C SER M 201 1.90 -44.41 4.87
N THR M 202 2.31 -45.03 3.76
CA THR M 202 3.62 -44.73 3.19
C THR M 202 3.65 -43.31 2.62
N SER M 203 2.55 -42.87 2.09
CA SER M 203 2.30 -41.50 1.66
C SER M 203 1.42 -40.79 2.68
N PRO M 204 1.64 -39.49 2.90
CA PRO M 204 0.77 -38.74 3.83
C PRO M 204 -0.63 -38.58 3.25
N ILE M 205 -1.62 -39.08 3.97
CA ILE M 205 -3.00 -39.05 3.48
C ILE M 205 -3.53 -37.63 3.58
N VAL M 206 -3.81 -37.04 2.43
CA VAL M 206 -4.30 -35.67 2.35
C VAL M 206 -5.78 -35.73 2.04
N LYS M 207 -6.61 -35.43 3.03
CA LYS M 207 -8.06 -35.35 2.88
C LYS M 207 -8.48 -33.90 3.07
N SER M 208 -9.16 -33.35 2.08
CA SER M 208 -9.50 -31.94 2.09
C SER M 208 -10.91 -31.74 1.53
N PHE M 209 -11.46 -30.56 1.80
CA PHE M 209 -12.71 -30.12 1.20
C PHE M 209 -12.51 -28.68 0.71
N ASN M 210 -13.55 -28.16 0.07
CA ASN M 210 -13.64 -26.74 -0.22
C ASN M 210 -14.83 -26.15 0.54
N ARG M 211 -14.77 -24.84 0.77
CA ARG M 211 -15.87 -24.16 1.44
C ARG M 211 -17.07 -24.09 0.50
N ASN M 212 -18.23 -24.53 1.01
CA ASN M 212 -19.48 -24.69 0.27
C ASN M 212 -19.32 -25.62 -0.94
N GLU M 213 -18.48 -26.65 -0.80
CA GLU M 213 -18.36 -27.65 -1.85
C GLU M 213 -19.45 -28.71 -1.71
N CYS M 214 -19.72 -29.15 -0.49
CA CYS M 214 -20.75 -30.13 -0.22
C CYS M 214 -21.52 -29.77 1.05
N GLN N 1 30.49 9.77 -71.44
CA GLN N 1 29.45 8.76 -71.62
C GLN N 1 28.14 9.23 -71.04
N VAL N 2 27.12 8.39 -71.11
CA VAL N 2 25.79 8.75 -70.65
C VAL N 2 25.73 8.64 -69.14
N GLN N 3 25.52 9.77 -68.47
CA GLN N 3 25.53 9.82 -67.02
C GLN N 3 24.36 10.66 -66.51
N LEU N 4 24.17 10.60 -65.20
CA LEU N 4 23.36 11.57 -64.47
C LEU N 4 24.02 11.77 -63.12
N VAL N 5 24.33 13.02 -62.78
CA VAL N 5 24.98 13.34 -61.52
C VAL N 5 23.98 14.09 -60.66
N GLN N 6 23.87 13.70 -59.40
CA GLN N 6 22.99 14.37 -58.46
C GLN N 6 23.78 15.03 -57.34
N SER N 7 23.15 16.04 -56.74
CA SER N 7 23.69 16.76 -55.60
C SER N 7 22.56 17.54 -54.95
N GLY N 8 22.45 17.45 -53.62
CA GLY N 8 23.30 16.64 -52.77
C GLY N 8 22.50 16.14 -51.59
N ALA N 9 23.16 15.42 -50.68
CA ALA N 9 22.50 14.84 -49.51
C ALA N 9 22.06 15.97 -48.58
N GLU N 10 20.75 16.24 -48.58
CA GLU N 10 20.19 17.39 -47.88
C GLU N 10 19.16 16.91 -46.88
N VAL N 11 19.09 17.58 -45.73
CA VAL N 11 18.10 17.30 -44.70
C VAL N 11 17.29 18.58 -44.43
N LYS N 12 15.97 18.44 -44.45
CA LYS N 12 15.05 19.55 -44.22
C LYS N 12 14.02 19.11 -43.19
N LYS N 13 13.69 20.00 -42.25
CA LYS N 13 13.13 19.54 -40.99
C LYS N 13 11.67 19.07 -41.08
N PRO N 14 10.57 19.92 -41.11
CA PRO N 14 9.49 19.64 -42.07
C PRO N 14 9.42 20.65 -43.20
N GLY N 15 10.43 21.49 -43.35
CA GLY N 15 10.22 22.78 -43.95
C GLY N 15 10.28 22.87 -45.46
N ALA N 16 11.23 23.64 -45.99
CA ALA N 16 11.21 24.01 -47.39
C ALA N 16 11.65 22.84 -48.28
N SER N 17 11.68 23.10 -49.58
CA SER N 17 11.72 22.11 -50.65
C SER N 17 13.05 21.37 -50.66
N VAL N 18 13.07 20.30 -51.45
CA VAL N 18 14.21 19.41 -51.59
C VAL N 18 14.57 19.41 -53.07
N LYS N 19 14.63 20.60 -53.66
CA LYS N 19 15.03 20.77 -55.05
C LYS N 19 16.38 20.11 -55.37
N VAL N 20 16.37 19.06 -56.19
CA VAL N 20 17.53 18.21 -56.42
C VAL N 20 17.95 18.31 -57.89
N SER N 21 19.22 18.62 -58.10
CA SER N 21 19.77 18.66 -59.45
C SER N 21 20.00 17.26 -59.99
N CYS N 22 19.87 17.10 -61.31
CA CYS N 22 20.12 15.84 -61.98
C CYS N 22 20.75 16.18 -63.33
N LYS N 23 22.07 16.31 -63.36
CA LYS N 23 22.77 16.87 -64.51
C LYS N 23 22.95 15.80 -65.59
N ALA N 24 22.44 16.08 -66.78
CA ALA N 24 22.37 15.11 -67.86
C ALA N 24 23.49 15.33 -68.86
N SER N 25 24.44 14.40 -68.90
CA SER N 25 25.59 14.52 -69.77
C SER N 25 25.63 13.35 -70.74
N GLY N 26 26.42 13.50 -71.79
CA GLY N 26 26.66 12.41 -72.72
C GLY N 26 25.68 12.35 -73.87
N TYR N 27 24.39 12.32 -73.57
CA TYR N 27 23.36 12.22 -74.61
C TYR N 27 22.79 13.60 -74.90
N THR N 28 22.07 13.69 -76.01
CA THR N 28 21.42 14.95 -76.36
C THR N 28 20.19 15.17 -75.49
N PHE N 29 20.17 16.28 -74.78
CA PHE N 29 19.00 16.64 -74.01
C PHE N 29 17.98 17.28 -74.96
N THR N 30 16.76 17.51 -74.46
CA THR N 30 15.55 17.78 -75.27
C THR N 30 15.31 16.69 -76.31
N ASN N 31 15.68 15.47 -75.98
CA ASN N 31 15.40 14.34 -76.84
C ASN N 31 15.02 13.14 -75.99
N TYR N 32 14.98 13.29 -74.67
CA TYR N 32 14.55 12.28 -73.74
C TYR N 32 13.89 12.98 -72.57
N GLY N 33 13.26 12.21 -71.70
CA GLY N 33 12.57 12.81 -70.57
C GLY N 33 12.96 12.15 -69.27
N ILE N 34 13.32 12.94 -68.27
CA ILE N 34 13.82 12.41 -67.01
C ILE N 34 12.66 12.24 -66.05
N SER N 35 12.53 11.04 -65.50
CA SER N 35 11.59 10.77 -64.43
C SER N 35 12.32 10.65 -63.10
N TRP N 36 11.54 10.53 -62.03
CA TRP N 36 12.07 10.49 -60.68
C TRP N 36 11.38 9.41 -59.88
N VAL N 37 12.16 8.79 -58.99
CA VAL N 37 11.67 7.63 -58.25
C VAL N 37 12.34 7.61 -56.89
N ARG N 38 11.53 7.45 -55.85
CA ARG N 38 11.98 7.44 -54.46
C ARG N 38 12.19 6.01 -53.98
N GLN N 39 13.00 5.88 -52.93
CA GLN N 39 13.21 4.57 -52.32
C GLN N 39 13.44 4.77 -50.83
N ALA N 40 12.45 4.39 -50.03
CA ALA N 40 12.68 4.27 -48.60
C ALA N 40 13.64 3.12 -48.34
N PRO N 41 14.48 3.21 -47.30
CA PRO N 41 15.47 2.15 -47.04
C PRO N 41 14.81 0.85 -46.64
N GLY N 42 15.21 -0.23 -47.29
CA GLY N 42 14.58 -1.52 -47.07
C GLY N 42 13.18 -1.64 -47.64
N GLN N 43 12.86 -0.83 -48.64
CA GLN N 43 11.53 -0.80 -49.23
C GLN N 43 11.65 -0.83 -50.75
N GLY N 44 10.50 -0.71 -51.41
CA GLY N 44 10.44 -0.69 -52.85
C GLY N 44 10.80 0.66 -53.42
N LEU N 45 10.47 0.84 -54.70
CA LEU N 45 10.79 2.05 -55.44
C LEU N 45 9.50 2.62 -56.00
N GLU N 46 8.97 3.65 -55.33
CA GLU N 46 7.73 4.29 -55.74
C GLU N 46 8.05 5.35 -56.80
N TRP N 47 7.41 5.24 -57.95
CA TRP N 47 7.53 6.24 -58.99
C TRP N 47 6.87 7.53 -58.52
N MET N 48 7.46 8.67 -58.91
CA MET N 48 6.92 9.91 -58.38
C MET N 48 6.91 11.06 -59.40
N GLY N 49 6.87 10.76 -60.69
CA GLY N 49 6.74 11.82 -61.67
C GLY N 49 7.73 11.74 -62.82
N TRP N 50 7.47 12.50 -63.88
CA TRP N 50 8.26 12.41 -65.10
C TRP N 50 8.09 13.70 -65.90
N ILE N 51 9.15 14.45 -66.07
CA ILE N 51 9.13 15.56 -67.01
C ILE N 51 9.72 15.13 -68.33
N SER N 52 9.19 15.68 -69.40
CA SER N 52 9.83 15.56 -70.70
C SER N 52 10.67 16.79 -70.93
N ALA N 53 11.75 16.63 -71.69
CA ALA N 53 12.53 17.78 -72.08
C ALA N 53 12.22 18.26 -73.48
N TYR N 54 11.29 17.58 -74.16
CA TYR N 54 10.79 18.08 -75.44
C TYR N 54 10.03 19.38 -75.25
N ASN N 55 8.93 19.33 -74.48
CA ASN N 55 8.31 20.57 -74.00
C ASN N 55 7.65 20.31 -72.64
N GLY N 56 8.45 20.48 -71.59
CA GLY N 56 8.06 20.70 -70.20
C GLY N 56 6.82 20.08 -69.64
N ASN N 57 6.53 18.84 -70.01
CA ASN N 57 5.26 18.23 -69.65
C ASN N 57 5.36 17.71 -68.22
N THR N 58 4.33 17.95 -67.42
CA THR N 58 4.47 17.81 -65.98
C THR N 58 4.36 16.36 -65.54
N ASN N 59 3.17 15.76 -65.70
CA ASN N 59 2.89 14.33 -65.61
C ASN N 59 3.34 13.72 -64.27
N TYR N 60 2.72 14.16 -63.19
CA TYR N 60 3.14 13.73 -61.87
C TYR N 60 2.45 12.43 -61.49
N ALA N 61 2.54 12.04 -60.23
CA ALA N 61 2.08 10.74 -59.76
C ALA N 61 0.93 10.91 -58.77
N GLN N 62 0.36 9.77 -58.39
CA GLN N 62 -0.70 9.75 -57.40
C GLN N 62 -0.08 9.89 -56.01
N LYS N 63 -0.89 10.42 -55.07
CA LYS N 63 -0.65 10.71 -53.65
C LYS N 63 0.20 11.95 -53.46
N LEU N 64 0.70 12.57 -54.53
CA LEU N 64 1.47 13.80 -54.43
C LEU N 64 1.35 14.50 -55.77
N GLN N 65 0.60 15.61 -55.79
CA GLN N 65 0.01 16.14 -57.01
C GLN N 65 0.54 17.51 -57.46
N GLY N 66 0.49 18.61 -56.69
CA GLY N 66 0.32 18.71 -55.24
C GLY N 66 1.65 19.04 -54.61
N ARG N 67 2.32 18.03 -54.07
CA ARG N 67 3.54 18.28 -53.33
C ARG N 67 4.73 18.50 -54.26
N VAL N 68 4.91 17.64 -55.26
CA VAL N 68 6.02 17.78 -56.21
C VAL N 68 5.74 18.89 -57.20
N THR N 69 6.78 19.64 -57.54
CA THR N 69 6.86 20.37 -58.79
C THR N 69 8.17 19.99 -59.46
N MET N 70 8.16 19.95 -60.79
CA MET N 70 9.30 19.48 -61.55
C MET N 70 9.46 20.31 -62.81
N THR N 71 10.64 20.89 -62.99
CA THR N 71 10.95 21.70 -64.16
C THR N 71 12.22 21.19 -64.81
N THR N 72 12.62 21.84 -65.89
CA THR N 72 13.86 21.54 -66.58
C THR N 72 14.76 22.77 -66.55
N ASP N 73 16.01 22.56 -66.94
CA ASP N 73 16.98 23.64 -67.02
C ASP N 73 17.81 23.48 -68.28
N THR N 74 17.16 23.18 -69.41
CA THR N 74 17.81 22.61 -70.59
C THR N 74 18.90 23.49 -71.25
N SER N 75 19.32 24.65 -70.74
CA SER N 75 20.63 25.16 -71.11
C SER N 75 21.72 24.30 -70.48
N THR N 76 21.76 24.27 -69.16
CA THR N 76 22.63 23.37 -68.41
C THR N 76 21.77 22.20 -67.93
N SER N 77 21.94 21.04 -68.55
CA SER N 77 20.88 20.05 -68.78
C SER N 77 20.23 19.41 -67.55
N THR N 78 20.50 19.94 -66.36
CA THR N 78 19.97 19.44 -65.10
C THR N 78 18.44 19.46 -65.09
N ALA N 79 17.87 18.57 -64.27
CA ALA N 79 16.43 18.49 -64.07
C ALA N 79 16.14 18.55 -62.58
N TYR N 80 15.12 19.32 -62.22
CA TYR N 80 14.86 19.63 -60.82
C TYR N 80 13.56 19.01 -60.36
N MET N 81 13.50 18.67 -59.07
CA MET N 81 12.32 18.11 -58.44
C MET N 81 12.16 18.76 -57.08
N GLU N 82 11.16 19.62 -56.94
CA GLU N 82 10.86 20.22 -55.65
C GLU N 82 9.79 19.41 -54.92
N LEU N 83 9.61 19.71 -53.64
CA LEU N 83 8.58 19.08 -52.84
C LEU N 83 7.98 20.16 -51.95
N ARG N 84 6.72 19.98 -51.58
CA ARG N 84 6.03 20.96 -50.74
C ARG N 84 5.33 20.23 -49.63
N SER N 85 5.26 20.88 -48.46
CA SER N 85 4.68 20.37 -47.22
C SER N 85 5.30 19.03 -46.84
N LEU N 86 6.59 19.11 -46.53
CA LEU N 86 7.41 17.93 -46.27
C LEU N 86 6.95 17.20 -45.01
N ARG N 87 7.29 15.91 -44.95
CA ARG N 87 6.79 15.04 -43.90
C ARG N 87 7.79 13.91 -43.72
N SER N 88 7.84 13.37 -42.50
CA SER N 88 8.81 12.35 -42.10
C SER N 88 8.63 11.01 -42.79
N ASP N 89 7.60 10.82 -43.61
CA ASP N 89 7.54 9.65 -44.48
C ASP N 89 8.49 9.77 -45.66
N ASP N 90 8.96 10.98 -45.97
CA ASP N 90 9.84 11.21 -47.11
C ASP N 90 11.31 11.09 -46.72
N THR N 91 11.66 10.01 -46.02
CA THR N 91 13.05 9.71 -45.72
C THR N 91 13.52 8.69 -46.74
N ALA N 92 13.74 9.16 -47.96
CA ALA N 92 13.97 8.25 -49.06
C ALA N 92 15.16 8.70 -49.89
N VAL N 93 15.66 7.78 -50.70
CA VAL N 93 16.71 8.07 -51.67
C VAL N 93 16.03 8.42 -52.98
N TYR N 94 16.26 9.63 -53.47
CA TYR N 94 15.56 10.14 -54.64
C TYR N 94 16.42 9.93 -55.87
N TYR N 95 16.08 8.90 -56.65
CA TYR N 95 16.76 8.64 -57.90
C TYR N 95 16.09 9.40 -59.03
N CYS N 96 16.88 9.73 -60.04
CA CYS N 96 16.38 10.29 -61.28
C CYS N 96 16.85 9.39 -62.41
N ALA N 97 15.93 9.07 -63.32
CA ALA N 97 16.22 8.24 -64.46
C ALA N 97 15.46 8.78 -65.65
N ARG N 98 15.76 8.27 -66.81
CA ARG N 98 15.35 8.86 -68.08
C ARG N 98 14.36 7.94 -68.78
N GLU N 99 13.11 8.39 -68.90
CA GLU N 99 12.11 7.61 -69.63
C GLU N 99 12.26 7.76 -71.13
N GLY N 100 12.72 8.91 -71.60
CA GLY N 100 12.52 9.24 -72.99
C GLY N 100 11.29 10.11 -73.10
N ALA N 101 11.37 11.16 -73.90
CA ALA N 101 10.21 11.99 -74.15
C ALA N 101 9.19 11.18 -74.92
N TYR N 102 7.95 11.18 -74.46
CA TYR N 102 6.92 10.49 -75.24
C TYR N 102 6.20 11.46 -76.14
N GLY N 103 6.99 12.20 -76.89
CA GLY N 103 6.49 12.98 -77.98
C GLY N 103 6.72 12.17 -79.23
N TYR N 104 7.16 12.82 -80.27
CA TYR N 104 7.11 12.21 -81.58
C TYR N 104 8.47 12.08 -82.24
N ARG N 105 9.40 12.98 -81.98
CA ARG N 105 10.73 12.87 -82.53
C ARG N 105 11.66 12.04 -81.66
N SER N 106 11.28 11.76 -80.45
CA SER N 106 12.22 11.20 -79.50
C SER N 106 12.28 9.68 -79.67
N PRO N 107 13.48 9.10 -79.58
CA PRO N 107 13.64 7.67 -79.84
C PRO N 107 12.94 6.80 -78.81
N TYR N 108 12.72 5.57 -79.23
CA TYR N 108 12.01 4.60 -78.41
C TYR N 108 12.84 4.28 -77.18
N HIS N 109 12.21 4.43 -76.01
CA HIS N 109 12.89 4.29 -74.74
C HIS N 109 11.79 4.14 -73.71
N ASN N 110 11.90 3.12 -72.89
CA ASN N 110 10.94 2.90 -71.81
C ASN N 110 11.65 2.44 -70.54
N TRP N 111 12.98 2.50 -70.48
CA TRP N 111 13.66 1.51 -69.67
C TRP N 111 14.78 2.02 -68.78
N PHE N 112 15.00 3.33 -68.63
CA PHE N 112 15.83 3.92 -67.58
C PHE N 112 17.30 3.48 -67.67
N ASP N 113 18.03 3.96 -68.68
CA ASP N 113 19.45 3.61 -68.60
C ASP N 113 20.46 4.78 -68.54
N PRO N 114 20.26 5.86 -67.77
CA PRO N 114 21.45 6.62 -67.36
C PRO N 114 21.77 6.58 -65.88
N TRP N 115 20.95 5.92 -65.06
CA TRP N 115 20.55 6.29 -63.70
C TRP N 115 21.48 7.13 -62.84
N GLY N 116 20.93 8.18 -62.24
CA GLY N 116 21.68 8.95 -61.27
C GLY N 116 21.98 8.16 -60.01
N GLN N 117 23.04 8.59 -59.32
CA GLN N 117 23.62 7.78 -58.24
C GLN N 117 22.84 7.86 -56.94
N GLY N 118 21.75 8.62 -56.86
CA GLY N 118 20.95 8.66 -55.67
C GLY N 118 21.30 9.82 -54.76
N THR N 119 20.35 10.18 -53.91
CA THR N 119 20.46 11.36 -53.06
C THR N 119 19.85 11.06 -51.70
N LEU N 120 20.64 11.18 -50.65
CA LEU N 120 20.19 10.89 -49.30
C LEU N 120 19.31 12.03 -48.81
N VAL N 121 18.01 11.76 -48.67
CA VAL N 121 17.05 12.74 -48.17
C VAL N 121 16.31 12.09 -47.00
N THR N 122 16.58 12.67 -45.81
CA THR N 122 15.87 12.30 -44.57
C THR N 122 15.20 13.60 -44.12
N VAL N 123 13.89 13.60 -43.90
CA VAL N 123 13.14 14.82 -43.52
C VAL N 123 12.77 14.73 -42.04
N SER N 124 13.44 15.48 -41.18
CA SER N 124 13.23 15.33 -39.71
C SER N 124 13.63 16.63 -39.01
N SER N 125 12.99 16.93 -37.89
CA SER N 125 13.28 18.23 -37.25
C SER N 125 14.33 18.08 -36.16
N ALA N 126 15.11 16.97 -36.16
CA ALA N 126 16.13 16.95 -35.13
C ALA N 126 17.19 18.00 -35.41
N LYS N 127 18.06 18.20 -34.42
CA LYS N 127 19.16 19.16 -34.54
C LYS N 127 20.46 18.43 -34.78
N THR N 128 21.41 19.12 -35.39
CA THR N 128 22.73 18.55 -35.67
C THR N 128 23.47 18.37 -34.34
N THR N 129 23.55 17.13 -33.89
CA THR N 129 24.13 16.81 -32.60
C THR N 129 25.32 15.89 -32.75
N PRO N 130 26.36 16.06 -31.93
CA PRO N 130 27.49 15.15 -31.97
C PRO N 130 27.11 13.81 -31.36
N PRO N 131 27.70 12.72 -31.84
CA PRO N 131 27.37 11.39 -31.29
C PRO N 131 27.92 11.17 -29.90
N SER N 132 27.64 9.99 -29.35
CA SER N 132 28.06 9.67 -27.98
C SER N 132 28.30 8.17 -27.92
N VAL N 133 29.57 7.78 -28.00
CA VAL N 133 29.95 6.37 -28.12
C VAL N 133 29.93 5.75 -26.74
N TYR N 134 29.22 4.62 -26.60
CA TYR N 134 29.04 3.97 -25.30
C TYR N 134 29.26 2.47 -25.33
N PRO N 135 30.52 2.00 -25.36
CA PRO N 135 30.78 0.57 -25.22
C PRO N 135 31.20 0.13 -23.83
N LEU N 136 31.38 -1.18 -23.67
CA LEU N 136 32.54 -1.72 -22.97
C LEU N 136 33.06 -2.91 -23.75
N ALA N 137 34.21 -3.39 -23.32
CA ALA N 137 34.91 -4.52 -23.92
C ALA N 137 35.83 -5.12 -22.88
N PRO N 138 35.45 -6.24 -22.26
CA PRO N 138 36.38 -6.93 -21.34
C PRO N 138 37.38 -7.83 -22.06
N GLY N 139 37.54 -7.62 -23.37
CA GLY N 139 38.46 -8.37 -24.22
C GLY N 139 39.92 -8.30 -23.80
N SER N 140 40.49 -9.45 -23.41
CA SER N 140 39.76 -10.71 -23.39
C SER N 140 39.82 -11.39 -22.04
N ALA N 141 38.71 -11.30 -21.30
CA ALA N 141 38.53 -12.08 -20.09
C ALA N 141 37.94 -13.44 -20.49
N ALA N 142 37.70 -14.30 -19.51
CA ALA N 142 37.12 -15.61 -19.78
C ALA N 142 35.94 -15.77 -18.82
N GLN N 143 34.76 -15.30 -19.26
CA GLN N 143 33.57 -15.37 -18.42
C GLN N 143 32.99 -16.78 -18.46
N THR N 144 32.52 -17.21 -19.63
CA THR N 144 31.96 -18.55 -19.81
C THR N 144 32.43 -19.24 -21.08
N ASN N 145 33.09 -18.54 -21.99
CA ASN N 145 33.32 -19.06 -23.34
C ASN N 145 34.77 -18.83 -23.75
N SER N 146 35.09 -19.25 -24.97
CA SER N 146 36.40 -19.06 -25.54
C SER N 146 36.45 -17.99 -26.63
N MET N 147 35.33 -17.35 -26.93
CA MET N 147 35.23 -16.35 -27.99
C MET N 147 34.58 -15.09 -27.42
N VAL N 148 35.38 -14.18 -26.89
CA VAL N 148 34.90 -12.87 -26.43
C VAL N 148 35.33 -11.84 -27.45
N THR N 149 34.37 -11.23 -28.13
CA THR N 149 34.63 -10.21 -29.13
C THR N 149 34.71 -8.84 -28.43
N LEU N 150 34.63 -7.76 -29.20
CA LEU N 150 34.61 -6.42 -28.64
C LEU N 150 33.85 -5.49 -29.60
N GLY N 151 32.96 -4.68 -29.04
CA GLY N 151 32.07 -3.86 -29.86
C GLY N 151 31.72 -2.55 -29.20
N CYS N 152 31.26 -1.62 -30.04
CA CYS N 152 30.84 -0.29 -29.60
C CYS N 152 29.40 -0.01 -30.02
N LEU N 153 28.78 0.93 -29.30
CA LEU N 153 27.54 1.57 -29.70
C LEU N 153 27.81 3.05 -30.00
N VAL N 154 27.02 3.63 -30.90
CA VAL N 154 27.06 5.06 -31.20
C VAL N 154 25.67 5.61 -30.95
N LYS N 155 25.57 6.59 -30.04
CA LYS N 155 24.28 7.12 -29.60
C LYS N 155 24.14 8.60 -29.93
N GLY N 156 22.97 8.97 -30.44
CA GLY N 156 22.52 10.35 -30.43
C GLY N 156 23.24 11.26 -31.40
N TYR N 157 23.18 10.92 -32.69
CA TYR N 157 23.80 11.73 -33.71
C TYR N 157 22.79 12.04 -34.80
N PHE N 158 22.96 13.19 -35.41
CA PHE N 158 22.08 13.64 -36.46
C PHE N 158 22.84 14.63 -37.35
N PRO N 159 22.77 14.48 -38.67
CA PRO N 159 22.10 13.42 -39.42
C PRO N 159 22.98 12.18 -39.62
N GLU N 160 22.64 11.40 -40.64
CA GLU N 160 23.45 10.27 -41.05
C GLU N 160 24.74 10.74 -41.71
N PRO N 161 25.78 9.89 -41.77
CA PRO N 161 26.09 8.69 -40.99
C PRO N 161 27.32 8.90 -40.11
N VAL N 162 27.70 7.88 -39.33
CA VAL N 162 28.97 7.87 -38.64
C VAL N 162 29.91 6.94 -39.38
N THR N 163 31.21 7.11 -39.11
CA THR N 163 32.26 6.27 -39.67
C THR N 163 33.03 5.65 -38.51
N VAL N 164 32.89 4.34 -38.35
CA VAL N 164 33.46 3.63 -37.20
C VAL N 164 34.56 2.70 -37.70
N THR N 165 35.79 2.95 -37.26
CA THR N 165 36.91 2.06 -37.54
C THR N 165 37.50 1.56 -36.23
N TRP N 166 38.29 0.49 -36.33
CA TRP N 166 38.84 -0.20 -35.17
C TRP N 166 40.35 -0.18 -35.25
N ASN N 167 40.98 0.40 -34.21
CA ASN N 167 42.43 0.66 -34.14
C ASN N 167 42.90 1.42 -35.38
N SER N 168 42.19 2.52 -35.67
CA SER N 168 42.35 3.33 -36.89
C SER N 168 42.20 2.49 -38.16
N GLY N 169 41.29 1.53 -38.14
CA GLY N 169 41.05 0.66 -39.27
C GLY N 169 42.07 -0.44 -39.48
N SER N 170 43.08 -0.54 -38.63
CA SER N 170 44.10 -1.57 -38.81
C SER N 170 43.56 -2.94 -38.42
N LEU N 171 42.87 -3.04 -37.29
CA LEU N 171 42.20 -4.28 -36.90
C LEU N 171 41.00 -4.49 -37.83
N SER N 172 41.11 -5.47 -38.73
CA SER N 172 40.19 -5.59 -39.85
C SER N 172 39.30 -6.83 -39.80
N SER N 173 39.68 -7.88 -39.08
CA SER N 173 38.88 -9.10 -39.04
C SER N 173 37.65 -8.89 -38.16
N GLY N 174 36.50 -9.29 -38.67
CA GLY N 174 35.26 -9.11 -37.96
C GLY N 174 34.69 -7.71 -38.00
N VAL N 175 35.23 -6.82 -38.82
CA VAL N 175 34.71 -5.46 -38.94
C VAL N 175 33.39 -5.52 -39.69
N HIS N 176 32.31 -5.23 -38.98
CA HIS N 176 30.97 -5.18 -39.56
C HIS N 176 30.26 -3.98 -38.94
N THR N 177 30.42 -2.83 -39.56
CA THR N 177 29.78 -1.61 -39.09
C THR N 177 28.28 -1.70 -39.34
N PHE N 178 27.52 -1.67 -38.29
CA PHE N 178 26.09 -1.93 -38.40
C PHE N 178 25.38 -0.66 -38.82
N PRO N 179 24.53 -0.72 -39.86
CA PRO N 179 23.78 0.47 -40.29
C PRO N 179 22.81 0.96 -39.24
N ALA N 180 22.40 2.22 -39.42
CA ALA N 180 21.75 2.98 -38.37
C ALA N 180 20.28 2.58 -38.21
N VAL N 181 19.66 3.15 -37.18
CA VAL N 181 18.25 2.93 -36.89
C VAL N 181 17.74 4.16 -36.13
N LEU N 182 16.56 4.62 -36.53
CA LEU N 182 16.02 5.87 -36.03
C LEU N 182 15.21 5.60 -34.76
N GLN N 183 15.42 6.43 -33.73
CA GLN N 183 14.82 6.20 -32.42
C GLN N 183 13.34 6.61 -32.41
N SER N 184 12.75 6.62 -31.22
CA SER N 184 11.45 7.25 -31.03
C SER N 184 11.58 8.75 -30.84
N ASP N 185 12.78 9.24 -30.48
CA ASP N 185 13.01 10.65 -30.25
C ASP N 185 13.67 11.34 -31.45
N LEU N 186 13.55 10.74 -32.64
CA LEU N 186 14.16 11.21 -33.90
C LEU N 186 15.68 11.33 -33.79
N TYR N 187 16.31 10.40 -33.08
CA TYR N 187 17.75 10.28 -33.07
C TYR N 187 18.14 8.91 -33.61
N THR N 188 19.44 8.69 -33.75
CA THR N 188 19.97 7.56 -34.48
C THR N 188 20.93 6.74 -33.63
N LEU N 189 20.99 5.44 -33.92
CA LEU N 189 21.80 4.48 -33.18
C LEU N 189 22.50 3.54 -34.15
N SER N 190 23.79 3.28 -33.90
CA SER N 190 24.57 2.38 -34.75
C SER N 190 25.62 1.68 -33.91
N SER N 191 26.35 0.76 -34.53
CA SER N 191 27.27 -0.12 -33.81
C SER N 191 28.32 -0.67 -34.77
N SER N 192 29.31 -1.37 -34.20
CA SER N 192 30.34 -2.09 -34.94
C SER N 192 31.03 -3.08 -34.01
N VAL N 193 31.83 -3.98 -34.59
CA VAL N 193 32.60 -4.99 -33.87
C VAL N 193 33.90 -5.32 -34.60
N THR N 194 34.77 -6.04 -33.89
CA THR N 194 35.74 -6.98 -34.44
C THR N 194 35.60 -8.28 -33.64
N VAL N 195 36.33 -9.31 -34.05
CA VAL N 195 36.23 -10.61 -33.38
C VAL N 195 37.62 -11.05 -32.89
N PRO N 196 37.96 -10.84 -31.63
CA PRO N 196 39.00 -11.65 -30.98
C PRO N 196 38.38 -12.84 -30.25
N SER N 197 39.26 -13.71 -29.73
CA SER N 197 38.83 -14.81 -28.90
C SER N 197 38.93 -14.40 -27.42
N SER N 198 38.82 -15.37 -26.51
CA SER N 198 39.07 -15.12 -25.10
C SER N 198 40.55 -15.18 -24.75
N THR N 199 41.41 -15.57 -25.70
CA THR N 199 42.83 -15.75 -25.43
C THR N 199 43.67 -14.58 -25.92
N TRP N 200 43.14 -13.36 -25.85
CA TRP N 200 43.88 -12.16 -26.25
C TRP N 200 43.60 -11.02 -25.27
N PRO N 201 44.11 -11.11 -24.03
CA PRO N 201 43.79 -10.08 -23.04
C PRO N 201 44.49 -8.76 -23.28
N SER N 202 45.64 -8.77 -23.95
CA SER N 202 46.42 -7.56 -24.20
C SER N 202 46.05 -6.92 -25.54
N GLU N 203 44.75 -6.70 -25.75
CA GLU N 203 44.26 -6.01 -26.94
C GLU N 203 43.41 -4.84 -26.46
N THR N 204 44.07 -3.69 -26.25
CA THR N 204 43.39 -2.45 -25.94
C THR N 204 42.94 -1.81 -27.25
N VAL N 205 41.68 -1.98 -27.62
CA VAL N 205 41.17 -1.59 -28.93
C VAL N 205 40.22 -0.43 -28.74
N THR N 206 40.40 0.61 -29.56
CA THR N 206 39.53 1.78 -29.56
C THR N 206 38.74 1.83 -30.85
N CYS N 207 37.42 1.96 -30.73
CA CYS N 207 36.60 2.26 -31.91
C CYS N 207 36.71 3.74 -32.22
N ASN N 208 37.11 4.05 -33.45
CA ASN N 208 37.41 5.41 -33.87
C ASN N 208 36.21 5.93 -34.66
N VAL N 209 35.28 6.56 -33.95
CA VAL N 209 34.00 6.96 -34.51
C VAL N 209 34.08 8.43 -34.88
N ALA N 210 33.72 8.75 -36.12
CA ALA N 210 33.72 10.12 -36.62
C ALA N 210 32.40 10.40 -37.33
N HIS N 211 31.71 11.44 -36.88
CA HIS N 211 30.47 11.91 -37.50
C HIS N 211 30.76 13.28 -38.09
N PRO N 212 31.10 13.37 -39.38
CA PRO N 212 31.58 14.63 -39.94
C PRO N 212 30.49 15.67 -40.15
N ALA N 213 29.21 15.28 -40.12
CA ALA N 213 28.14 16.27 -40.21
C ALA N 213 28.04 17.08 -38.93
N SER N 214 28.45 16.50 -37.80
CA SER N 214 28.70 17.25 -36.59
C SER N 214 30.17 17.53 -36.38
N SER N 215 31.04 16.91 -37.19
CA SER N 215 32.49 17.15 -37.24
C SER N 215 33.17 16.86 -35.90
N THR N 216 32.71 15.83 -35.20
CA THR N 216 33.28 15.42 -33.93
C THR N 216 33.76 13.98 -34.02
N LYS N 217 34.81 13.69 -33.26
CA LYS N 217 35.43 12.37 -33.22
C LYS N 217 35.50 11.90 -31.77
N VAL N 218 35.08 10.66 -31.53
CA VAL N 218 35.13 10.05 -30.21
C VAL N 218 35.94 8.78 -30.32
N ASP N 219 37.11 8.76 -29.70
CA ASP N 219 37.97 7.57 -29.64
C ASP N 219 37.91 7.03 -28.22
N LYS N 220 37.45 5.78 -28.08
CA LYS N 220 37.09 5.23 -26.78
C LYS N 220 38.15 4.21 -26.34
N LYS N 221 39.00 4.62 -25.39
CA LYS N 221 39.88 3.67 -24.73
C LYS N 221 39.09 2.82 -23.75
N ILE N 222 39.24 1.50 -23.85
CA ILE N 222 38.44 0.56 -23.06
C ILE N 222 39.37 -0.30 -22.23
N VAL N 223 39.14 -0.35 -20.92
CA VAL N 223 39.90 -1.19 -20.00
C VAL N 223 38.91 -2.07 -19.22
N PRO N 224 39.12 -3.38 -19.15
CA PRO N 224 38.25 -4.22 -18.32
C PRO N 224 38.48 -3.97 -16.83
N ARG N 225 37.50 -4.39 -16.04
CA ARG N 225 37.52 -4.09 -14.61
C ARG N 225 37.39 -5.35 -13.76
N ASP N 226 37.25 -5.17 -12.44
CA ASP N 226 37.14 -6.28 -11.51
C ASP N 226 35.77 -6.93 -11.58
N GLN O 1 -40.10 -2.48 -67.14
CA GLN O 1 -40.44 -1.19 -66.56
C GLN O 1 -39.18 -0.42 -66.18
N VAL O 2 -39.37 0.77 -65.63
CA VAL O 2 -38.24 1.64 -65.28
C VAL O 2 -37.60 1.15 -64.00
N GLN O 3 -36.35 0.71 -64.09
CA GLN O 3 -35.64 0.14 -62.96
C GLN O 3 -34.22 0.68 -62.88
N LEU O 4 -33.58 0.37 -61.77
CA LEU O 4 -32.12 0.49 -61.65
C LEU O 4 -31.66 -0.66 -60.77
N VAL O 5 -30.73 -1.46 -61.25
CA VAL O 5 -30.22 -2.61 -60.51
C VAL O 5 -28.78 -2.31 -60.13
N GLN O 6 -28.44 -2.56 -58.87
CA GLN O 6 -27.09 -2.36 -58.39
C GLN O 6 -26.45 -3.69 -57.98
N SER O 7 -25.12 -3.70 -58.00
CA SER O 7 -24.32 -4.84 -57.57
C SER O 7 -22.90 -4.36 -57.36
N GLY O 8 -22.29 -4.73 -56.23
CA GLY O 8 -22.92 -5.52 -55.17
C GLY O 8 -22.36 -5.11 -53.83
N ALA O 9 -22.81 -5.79 -52.77
CA ALA O 9 -22.38 -5.47 -51.42
C ALA O 9 -20.90 -5.80 -51.26
N GLU O 10 -20.06 -4.76 -51.25
CA GLU O 10 -18.61 -4.91 -51.28
C GLU O 10 -18.01 -4.24 -50.05
N VAL O 11 -16.95 -4.83 -49.52
CA VAL O 11 -16.21 -4.27 -48.40
C VAL O 11 -14.75 -4.08 -48.81
N LYS O 12 -14.22 -2.89 -48.58
CA LYS O 12 -12.84 -2.53 -48.91
C LYS O 12 -12.21 -1.89 -47.69
N LYS O 13 -10.95 -2.25 -47.42
CA LYS O 13 -10.44 -2.09 -46.06
C LYS O 13 -10.13 -0.62 -45.66
N PRO O 14 -8.98 0.05 -46.03
CA PRO O 14 -9.11 1.44 -46.50
C PRO O 14 -8.85 1.60 -47.99
N GLY O 15 -8.78 0.50 -48.72
CA GLY O 15 -7.99 0.49 -49.94
C GLY O 15 -8.64 0.99 -51.21
N ALA O 16 -8.77 0.12 -52.20
CA ALA O 16 -9.13 0.54 -53.55
C ALA O 16 -10.63 0.87 -53.64
N SER O 17 -11.05 1.25 -54.84
CA SER O 17 -12.30 1.93 -55.12
C SER O 17 -13.50 1.03 -54.88
N VAL O 18 -14.67 1.67 -54.89
CA VAL O 18 -15.95 1.03 -54.64
C VAL O 18 -16.80 1.25 -55.87
N LYS O 19 -16.21 1.04 -57.06
CA LYS O 19 -16.93 1.18 -58.32
C LYS O 19 -18.20 0.34 -58.36
N VAL O 20 -19.36 0.99 -58.41
CA VAL O 20 -20.66 0.35 -58.26
C VAL O 20 -21.45 0.51 -59.55
N SER O 21 -21.94 -0.62 -60.08
CA SER O 21 -22.79 -0.60 -61.25
C SER O 21 -24.19 -0.13 -60.90
N CYS O 22 -24.86 0.53 -61.85
CA CYS O 22 -26.24 0.97 -61.69
C CYS O 22 -26.91 0.83 -63.06
N LYS O 23 -27.46 -0.35 -63.33
CA LYS O 23 -27.90 -0.71 -64.67
C LYS O 23 -29.27 -0.11 -64.94
N ALA O 24 -29.37 0.69 -65.99
CA ALA O 24 -30.56 1.48 -66.27
C ALA O 24 -31.40 0.80 -67.36
N SER O 25 -32.57 0.31 -66.98
CA SER O 25 -33.43 -0.41 -67.90
C SER O 25 -34.77 0.31 -68.02
N GLY O 26 -35.53 -0.03 -69.05
CA GLY O 26 -36.87 0.47 -69.19
C GLY O 26 -36.98 1.77 -69.95
N TYR O 27 -36.25 2.79 -69.53
CA TYR O 27 -36.31 4.09 -70.17
C TYR O 27 -35.14 4.26 -71.12
N THR O 28 -35.24 5.27 -71.98
CA THR O 28 -34.15 5.56 -72.90
C THR O 28 -33.00 6.23 -72.17
N PHE O 29 -31.83 5.61 -72.24
CA PHE O 29 -30.63 6.23 -71.67
C PHE O 29 -30.11 7.25 -72.68
N THR O 30 -29.12 8.04 -72.25
CA THR O 30 -28.71 9.32 -72.91
C THR O 30 -29.88 10.27 -73.08
N ASN O 31 -30.83 10.22 -72.14
CA ASN O 31 -31.93 11.15 -72.13
C ASN O 31 -32.25 11.55 -70.71
N TYR O 32 -31.51 11.04 -69.73
CA TYR O 32 -31.63 11.41 -68.34
C TYR O 32 -30.25 11.30 -67.71
N GLY O 33 -30.12 11.76 -66.49
CA GLY O 33 -28.83 11.73 -65.84
C GLY O 33 -28.90 11.13 -64.47
N ILE O 34 -28.03 10.18 -64.17
CA ILE O 34 -28.09 9.45 -62.91
C ILE O 34 -27.21 10.15 -61.88
N SER O 35 -27.79 10.44 -60.73
CA SER O 35 -27.05 10.95 -59.59
C SER O 35 -26.88 9.84 -58.55
N TRP O 36 -26.11 10.15 -57.52
CA TRP O 36 -25.76 9.20 -56.49
C TRP O 36 -25.88 9.84 -55.12
N VAL O 37 -26.29 9.05 -54.15
CA VAL O 37 -26.59 9.56 -52.81
C VAL O 37 -26.29 8.46 -51.79
N ARG O 38 -25.55 8.83 -50.76
CA ARG O 38 -25.13 7.92 -49.70
C ARG O 38 -26.07 8.02 -48.52
N GLN O 39 -26.08 6.98 -47.70
CA GLN O 39 -26.88 6.98 -46.48
C GLN O 39 -26.15 6.16 -45.43
N ALA O 40 -25.58 6.84 -44.43
CA ALA O 40 -25.13 6.14 -43.24
C ALA O 40 -26.34 5.58 -42.49
N PRO O 41 -26.19 4.44 -41.82
CA PRO O 41 -27.33 3.82 -41.13
C PRO O 41 -27.80 4.68 -39.95
N GLY O 42 -29.11 4.92 -39.91
CA GLY O 42 -29.66 5.80 -38.90
C GLY O 42 -29.35 7.26 -39.11
N GLN O 43 -29.04 7.66 -40.34
CA GLN O 43 -28.65 9.02 -40.65
C GLN O 43 -29.43 9.50 -41.87
N GLY O 44 -29.09 10.71 -42.32
CA GLY O 44 -29.72 11.29 -43.48
C GLY O 44 -29.14 10.76 -44.78
N LEU O 45 -29.43 11.47 -45.85
CA LEU O 45 -29.03 11.07 -47.20
C LEU O 45 -28.23 12.22 -47.82
N GLU O 46 -26.91 12.10 -47.81
CA GLU O 46 -26.03 13.12 -48.35
C GLU O 46 -25.88 12.89 -49.85
N TRP O 47 -26.18 13.92 -50.62
CA TRP O 47 -25.98 13.88 -52.07
C TRP O 47 -24.48 13.86 -52.35
N MET O 48 -24.08 13.12 -53.39
CA MET O 48 -22.66 12.99 -53.62
C MET O 48 -22.27 13.00 -55.10
N GLY O 49 -23.06 13.62 -55.97
CA GLY O 49 -22.65 13.77 -57.35
C GLY O 49 -23.72 13.37 -58.35
N TRP O 50 -23.53 13.74 -59.61
CA TRP O 50 -24.53 13.55 -60.65
C TRP O 50 -23.86 13.58 -62.01
N ILE O 51 -23.90 12.48 -62.73
CA ILE O 51 -23.48 12.49 -64.12
C ILE O 51 -24.69 12.61 -65.01
N SER O 52 -24.53 13.29 -66.13
CA SER O 52 -25.52 13.27 -67.18
C SER O 52 -25.11 12.23 -68.19
N ALA O 53 -26.10 11.64 -68.85
CA ALA O 53 -25.79 10.72 -69.94
C ALA O 53 -25.93 11.39 -71.30
N TYR O 54 -26.31 12.66 -71.33
CA TYR O 54 -26.28 13.41 -72.58
C TYR O 54 -24.85 13.57 -73.07
N ASN O 55 -24.01 14.25 -72.29
CA ASN O 55 -22.57 14.21 -72.54
C ASN O 55 -21.82 14.35 -71.22
N GLY O 56 -21.60 13.21 -70.56
CA GLY O 56 -20.60 12.94 -69.54
C GLY O 56 -20.21 14.02 -68.55
N ASN O 57 -21.18 14.81 -68.09
CA ASN O 57 -20.85 15.98 -67.28
C ASN O 57 -20.63 15.51 -65.85
N THR O 58 -19.57 16.03 -65.21
CA THR O 58 -19.09 15.40 -63.99
C THR O 58 -19.92 15.81 -62.77
N ASN O 59 -19.86 17.09 -62.41
CA ASN O 59 -20.76 17.77 -61.46
C ASN O 59 -20.81 17.08 -60.09
N TYR O 60 -19.69 17.06 -59.40
CA TYR O 60 -19.60 16.34 -58.14
C TYR O 60 -20.07 17.23 -56.99
N ALA O 61 -19.82 16.79 -55.77
CA ALA O 61 -20.35 17.44 -54.58
C ALA O 61 -19.22 18.01 -53.72
N GLN O 62 -19.62 18.73 -52.69
CA GLN O 62 -18.67 19.28 -51.74
C GLN O 62 -18.22 18.17 -50.78
N LYS O 63 -17.01 18.35 -50.23
CA LYS O 63 -16.25 17.51 -49.29
C LYS O 63 -15.64 16.29 -49.97
N LEU O 64 -15.91 16.06 -51.25
CA LEU O 64 -15.32 14.96 -51.98
C LEU O 64 -15.35 15.34 -53.46
N GLN O 65 -14.18 15.63 -54.01
CA GLN O 65 -14.06 16.44 -55.23
C GLN O 65 -13.51 15.71 -56.46
N GLY O 66 -12.31 15.09 -56.46
CA GLY O 66 -11.47 14.67 -55.35
C GLY O 66 -11.58 13.17 -55.20
N ARG O 67 -12.41 12.72 -54.26
CA ARG O 67 -12.46 11.29 -53.98
C ARG O 67 -13.31 10.54 -55.01
N VAL O 68 -14.49 11.05 -55.34
CA VAL O 68 -15.34 10.39 -56.33
C VAL O 68 -14.85 10.65 -57.74
N THR O 69 -14.95 9.63 -58.58
CA THR O 69 -15.01 9.80 -60.02
C THR O 69 -16.23 9.02 -60.51
N MET O 70 -16.86 9.56 -61.55
CA MET O 70 -18.12 9.01 -62.03
C MET O 70 -18.15 9.08 -63.56
N THR O 71 -18.38 7.93 -64.19
CA THR O 71 -18.46 7.84 -65.64
C THR O 71 -19.74 7.14 -66.03
N THR O 72 -19.96 7.00 -67.33
CA THR O 72 -21.09 6.28 -67.88
C THR O 72 -20.60 5.09 -68.68
N ASP O 73 -21.53 4.22 -69.04
CA ASP O 73 -21.23 3.06 -69.85
C ASP O 73 -22.33 2.87 -70.89
N THR O 74 -22.75 3.96 -71.53
CA THR O 74 -24.03 4.02 -72.24
C THR O 74 -24.21 3.04 -73.42
N SER O 75 -23.31 2.11 -73.74
CA SER O 75 -23.74 0.95 -74.51
C SER O 75 -24.60 0.04 -73.65
N THR O 76 -24.04 -0.48 -72.57
CA THR O 76 -24.79 -1.23 -71.56
C THR O 76 -25.02 -0.28 -70.39
N SER O 77 -26.26 0.17 -70.23
CA SER O 77 -26.58 1.51 -69.71
C SER O 77 -26.18 1.81 -68.26
N THR O 78 -25.37 0.95 -67.64
CA THR O 78 -24.91 1.11 -66.27
C THR O 78 -24.16 2.43 -66.07
N ALA O 79 -24.17 2.89 -64.83
CA ALA O 79 -23.44 4.10 -64.43
C ALA O 79 -22.58 3.77 -63.23
N TYR O 80 -21.34 4.26 -63.25
CA TYR O 80 -20.35 3.86 -62.26
C TYR O 80 -19.97 5.03 -61.36
N MET O 81 -19.60 4.68 -60.13
CA MET O 81 -19.16 5.66 -59.14
C MET O 81 -17.97 5.08 -58.41
N GLU O 82 -16.79 5.61 -58.66
CA GLU O 82 -15.60 5.19 -57.93
C GLU O 82 -15.36 6.11 -56.74
N LEU O 83 -14.46 5.68 -55.86
CA LEU O 83 -14.06 6.47 -54.71
C LEU O 83 -12.55 6.32 -54.55
N ARG O 84 -11.92 7.32 -53.97
CA ARG O 84 -10.47 7.29 -53.79
C ARG O 84 -10.15 7.71 -52.36
N SER O 85 -9.10 7.11 -51.80
CA SER O 85 -8.63 7.32 -50.43
C SER O 85 -9.76 7.08 -49.43
N LEU O 86 -10.19 5.81 -49.39
CA LEU O 86 -11.33 5.38 -48.60
C LEU O 86 -11.08 5.56 -47.11
N ARG O 87 -12.17 5.65 -46.36
CA ARG O 87 -12.10 5.98 -44.95
C ARG O 87 -13.34 5.40 -44.28
N SER O 88 -13.21 5.08 -42.99
CA SER O 88 -14.25 4.41 -42.20
C SER O 88 -15.48 5.27 -41.96
N ASP O 89 -15.51 6.53 -42.37
CA ASP O 89 -16.74 7.28 -42.38
C ASP O 89 -17.66 6.88 -43.53
N ASP O 90 -17.13 6.20 -44.54
CA ASP O 90 -17.90 5.78 -45.70
C ASP O 90 -18.52 4.40 -45.52
N THR O 91 -19.17 4.20 -44.38
CA THR O 91 -19.91 2.96 -44.14
C THR O 91 -21.38 3.27 -44.42
N ALA O 92 -21.70 3.38 -45.72
CA ALA O 92 -22.99 3.91 -46.10
C ALA O 92 -23.60 3.03 -47.19
N VAL O 93 -24.91 3.20 -47.37
CA VAL O 93 -25.64 2.56 -48.45
C VAL O 93 -25.65 3.54 -49.61
N TYR O 94 -25.10 3.12 -50.74
CA TYR O 94 -24.92 4.01 -51.89
C TYR O 94 -26.06 3.80 -52.86
N TYR O 95 -27.02 4.72 -52.85
CA TYR O 95 -28.12 4.68 -53.79
C TYR O 95 -27.74 5.44 -55.06
N CYS O 96 -28.34 5.03 -56.16
CA CYS O 96 -28.25 5.76 -57.42
C CYS O 96 -29.67 6.06 -57.86
N ALA O 97 -29.89 7.31 -58.28
CA ALA O 97 -31.18 7.76 -58.75
C ALA O 97 -30.95 8.70 -59.93
N ARG O 98 -32.02 9.04 -60.60
CA ARG O 98 -31.96 9.67 -61.91
C ARG O 98 -32.49 11.10 -61.81
N GLU O 99 -31.61 12.08 -62.01
CA GLU O 99 -32.06 13.48 -62.02
C GLU O 99 -32.71 13.87 -63.32
N GLY O 100 -32.28 13.28 -64.42
CA GLY O 100 -32.58 13.86 -65.71
C GLY O 100 -31.39 14.67 -66.14
N ALA O 101 -31.01 14.58 -67.41
CA ALA O 101 -29.95 15.41 -67.92
C ALA O 101 -30.42 16.85 -67.96
N TYR O 102 -29.62 17.75 -67.41
CA TYR O 102 -30.00 19.15 -67.50
C TYR O 102 -29.34 19.81 -68.69
N GLY O 103 -29.52 19.15 -69.82
CA GLY O 103 -29.19 19.74 -71.09
C GLY O 103 -30.48 20.29 -71.64
N TYR O 104 -30.69 20.09 -72.93
CA TYR O 104 -31.72 20.83 -73.62
C TYR O 104 -32.78 19.94 -74.25
N ARG O 105 -32.42 18.74 -74.68
CA ARG O 105 -33.41 17.82 -75.24
C ARG O 105 -34.08 16.96 -74.19
N SER O 106 -33.54 16.92 -73.00
CA SER O 106 -33.98 15.94 -72.02
C SER O 106 -35.21 16.44 -71.29
N PRO O 107 -36.19 15.56 -71.05
CA PRO O 107 -37.45 15.98 -70.45
C PRO O 107 -37.29 16.48 -69.03
N TYR O 108 -38.29 17.24 -68.61
CA TYR O 108 -38.30 17.85 -67.30
C TYR O 108 -38.36 16.78 -66.23
N HIS O 109 -37.42 16.82 -65.30
CA HIS O 109 -37.26 15.81 -64.28
C HIS O 109 -36.37 16.41 -63.22
N ASN O 110 -36.81 16.35 -61.98
CA ASN O 110 -36.01 16.84 -60.86
C ASN O 110 -36.12 15.90 -59.68
N TRP O 111 -36.67 14.71 -59.84
CA TRP O 111 -37.37 14.13 -58.71
C TRP O 111 -37.12 12.65 -58.42
N PHE O 112 -36.17 11.99 -59.10
CA PHE O 112 -35.66 10.67 -58.71
C PHE O 112 -36.73 9.58 -58.71
N ASP O 113 -37.18 9.18 -59.90
CA ASP O 113 -38.09 8.03 -59.83
C ASP O 113 -37.67 6.75 -60.59
N PRO O 114 -36.41 6.28 -60.57
CA PRO O 114 -36.22 4.84 -60.83
C PRO O 114 -35.73 4.02 -59.66
N TRP O 115 -35.45 4.64 -58.51
CA TRP O 115 -34.35 4.36 -57.59
C TRP O 115 -33.78 2.95 -57.50
N GLY O 116 -32.45 2.85 -57.56
CA GLY O 116 -31.79 1.59 -57.33
C GLY O 116 -31.94 1.11 -55.90
N GLN O 117 -31.83 -0.20 -55.73
CA GLN O 117 -32.20 -0.85 -54.47
C GLN O 117 -31.16 -0.69 -53.36
N GLY O 118 -30.05 -0.02 -53.61
CA GLY O 118 -29.08 0.20 -52.56
C GLY O 118 -27.96 -0.83 -52.55
N THR O 119 -26.84 -0.43 -51.95
CA THR O 119 -25.63 -1.23 -51.97
C THR O 119 -24.92 -1.11 -50.63
N LEU O 120 -24.74 -2.24 -49.95
CA LEU O 120 -24.11 -2.26 -48.64
C LEU O 120 -22.61 -2.06 -48.80
N VAL O 121 -22.12 -0.90 -48.35
CA VAL O 121 -20.71 -0.57 -48.39
C VAL O 121 -20.29 -0.16 -46.98
N THR O 122 -19.45 -1.03 -46.40
CA THR O 122 -18.81 -0.77 -45.08
C THR O 122 -17.32 -0.77 -45.40
N VAL O 123 -16.58 0.28 -45.05
CA VAL O 123 -15.14 0.39 -45.36
C VAL O 123 -14.35 0.19 -44.06
N SER O 124 -13.70 -0.97 -43.90
CA SER O 124 -13.04 -1.29 -42.60
C SER O 124 -11.95 -2.31 -42.84
N SER O 125 -10.89 -2.28 -42.03
CA SER O 125 -9.77 -3.19 -42.31
C SER O 125 -9.89 -4.47 -41.49
N ALA O 126 -11.08 -4.79 -40.95
CA ALA O 126 -11.11 -6.05 -40.24
C ALA O 126 -10.96 -7.22 -41.21
N LYS O 127 -10.78 -8.41 -40.65
CA LYS O 127 -10.65 -9.62 -41.44
C LYS O 127 -11.94 -10.42 -41.38
N THR O 128 -12.15 -11.25 -42.41
CA THR O 128 -13.33 -12.10 -42.47
C THR O 128 -13.23 -13.18 -41.40
N THR O 129 -13.97 -13.02 -40.33
CA THR O 129 -13.90 -13.90 -39.17
C THR O 129 -15.23 -14.58 -38.93
N PRO O 130 -15.21 -15.85 -38.50
CA PRO O 130 -16.46 -16.51 -38.15
C PRO O 130 -17.00 -15.98 -36.83
N PRO O 131 -18.33 -15.95 -36.66
CA PRO O 131 -18.90 -15.44 -35.41
C PRO O 131 -18.68 -16.38 -34.23
N SER O 132 -19.17 -15.96 -33.07
CA SER O 132 -18.98 -16.73 -31.84
C SER O 132 -20.19 -16.47 -30.96
N VAL O 133 -21.13 -17.41 -30.96
CA VAL O 133 -22.41 -17.24 -30.29
C VAL O 133 -22.24 -17.54 -28.81
N TYR O 134 -22.68 -16.62 -27.95
CA TYR O 134 -22.48 -16.74 -26.51
C TYR O 134 -23.72 -16.43 -25.68
N PRO O 135 -24.68 -17.35 -25.61
CA PRO O 135 -25.83 -17.17 -24.70
C PRO O 135 -25.70 -17.92 -23.38
N LEU O 136 -26.69 -17.71 -22.52
CA LEU O 136 -27.33 -18.80 -21.80
C LEU O 136 -28.82 -18.57 -21.80
N ALA O 137 -29.54 -19.57 -21.31
CA ALA O 137 -30.99 -19.59 -21.24
C ALA O 137 -31.41 -20.59 -20.17
N PRO O 138 -31.78 -20.12 -18.98
CA PRO O 138 -32.32 -21.05 -17.96
C PRO O 138 -33.79 -21.36 -18.15
N GLY O 139 -34.32 -21.08 -19.35
CA GLY O 139 -35.71 -21.30 -19.72
C GLY O 139 -36.16 -22.74 -19.60
N SER O 140 -37.12 -23.01 -18.70
CA SER O 140 -37.70 -21.98 -17.85
C SER O 140 -37.60 -22.32 -16.38
N ALA O 141 -36.67 -21.67 -15.70
CA ALA O 141 -36.62 -21.71 -14.25
C ALA O 141 -37.52 -20.61 -13.70
N ALA O 142 -37.61 -20.50 -12.38
CA ALA O 142 -38.42 -19.46 -11.76
C ALA O 142 -37.53 -18.74 -10.75
N GLN O 143 -36.82 -17.71 -11.22
CA GLN O 143 -35.93 -16.98 -10.34
C GLN O 143 -36.70 -15.99 -9.47
N THR O 144 -37.34 -15.01 -10.11
CA THR O 144 -38.15 -14.03 -9.41
C THR O 144 -39.48 -13.72 -10.08
N ASN O 145 -39.70 -14.17 -11.32
CA ASN O 145 -40.81 -13.70 -12.12
C ASN O 145 -41.53 -14.87 -12.77
N SER O 146 -42.56 -14.56 -13.55
CA SER O 146 -43.31 -15.55 -14.30
C SER O 146 -43.04 -15.53 -15.79
N MET O 147 -42.16 -14.64 -16.26
CA MET O 147 -41.85 -14.49 -17.68
C MET O 147 -40.34 -14.54 -17.87
N VAL O 148 -39.79 -15.74 -18.08
CA VAL O 148 -38.39 -15.92 -18.40
C VAL O 148 -38.29 -16.25 -19.89
N THR O 149 -37.68 -15.35 -20.65
CA THR O 149 -37.50 -15.54 -22.08
C THR O 149 -36.20 -16.31 -22.32
N LEU O 150 -35.71 -16.31 -23.56
CA LEU O 150 -34.44 -16.92 -23.89
C LEU O 150 -33.83 -16.22 -25.09
N GLY O 151 -32.53 -15.92 -25.01
CA GLY O 151 -31.87 -15.11 -26.01
C GLY O 151 -30.42 -15.47 -26.21
N CYS O 152 -29.89 -15.05 -27.35
CA CYS O 152 -28.50 -15.29 -27.72
C CYS O 152 -27.79 -13.98 -28.04
N LEU O 153 -26.47 -14.02 -27.93
CA LEU O 153 -25.56 -13.00 -28.45
C LEU O 153 -24.74 -13.60 -29.58
N VAL O 154 -24.35 -12.76 -30.54
CA VAL O 154 -23.44 -13.15 -31.61
C VAL O 154 -22.23 -12.22 -31.55
N LYS O 155 -21.04 -12.79 -31.38
CA LYS O 155 -19.82 -12.02 -31.16
C LYS O 155 -18.80 -12.25 -32.26
N GLY O 156 -18.20 -11.16 -32.73
CA GLY O 156 -16.94 -11.22 -33.48
C GLY O 156 -17.07 -11.77 -34.87
N TYR O 157 -17.87 -11.13 -35.70
CA TYR O 157 -18.05 -11.55 -37.08
C TYR O 157 -17.84 -10.37 -38.00
N PHE O 158 -17.33 -10.66 -39.18
CA PHE O 158 -17.06 -9.63 -40.18
C PHE O 158 -17.10 -10.28 -41.56
N PRO O 159 -17.78 -9.67 -42.53
CA PRO O 159 -18.60 -8.46 -42.42
C PRO O 159 -20.03 -8.76 -41.98
N GLU O 160 -20.92 -7.82 -42.30
CA GLU O 160 -22.35 -8.00 -42.07
C GLU O 160 -22.91 -9.03 -43.06
N PRO O 161 -24.08 -9.62 -42.75
CA PRO O 161 -24.77 -9.80 -41.47
C PRO O 161 -24.80 -11.27 -41.04
N VAL O 162 -25.37 -11.55 -39.88
CA VAL O 162 -25.67 -12.91 -39.48
C VAL O 162 -27.17 -13.15 -39.66
N THR O 163 -27.53 -14.43 -39.71
CA THR O 163 -28.93 -14.86 -39.80
C THR O 163 -29.22 -15.76 -38.62
N VAL O 164 -30.06 -15.28 -37.71
CA VAL O 164 -30.34 -15.97 -36.46
C VAL O 164 -31.79 -16.44 -36.47
N THR O 165 -31.99 -17.74 -36.41
CA THR O 165 -33.32 -18.33 -36.27
C THR O 165 -33.37 -19.17 -35.00
N TRP O 166 -34.59 -19.47 -34.57
CA TRP O 166 -34.84 -20.16 -33.31
C TRP O 166 -35.59 -21.45 -33.57
N ASN O 167 -34.98 -22.57 -33.17
CA ASN O 167 -35.45 -23.93 -33.46
C ASN O 167 -35.67 -24.13 -34.95
N SER O 168 -34.65 -23.76 -35.73
CA SER O 168 -34.69 -23.70 -37.20
C SER O 168 -35.83 -22.83 -37.71
N GLY O 169 -36.10 -21.72 -37.01
CA GLY O 169 -37.15 -20.80 -37.39
C GLY O 169 -38.56 -21.25 -37.05
N SER O 170 -38.73 -22.42 -36.44
CA SER O 170 -40.07 -22.90 -36.12
C SER O 170 -40.66 -22.14 -34.94
N LEU O 171 -39.87 -21.93 -33.89
CA LEU O 171 -40.29 -21.09 -32.77
C LEU O 171 -40.31 -19.63 -33.23
N SER O 172 -41.51 -19.08 -33.40
CA SER O 172 -41.67 -17.81 -34.11
C SER O 172 -42.14 -16.65 -33.24
N SER O 173 -42.78 -16.92 -32.10
CA SER O 173 -43.28 -15.84 -31.25
C SER O 173 -42.14 -15.18 -30.51
N GLY O 174 -42.11 -13.85 -30.53
CA GLY O 174 -41.05 -13.10 -29.90
C GLY O 174 -39.75 -13.05 -30.66
N VAL O 175 -39.73 -13.50 -31.92
CA VAL O 175 -38.53 -13.45 -32.73
C VAL O 175 -38.27 -12.00 -33.13
N HIS O 176 -37.22 -11.42 -32.58
CA HIS O 176 -36.80 -10.05 -32.90
C HIS O 176 -35.29 -10.07 -33.00
N THR O 177 -34.78 -10.35 -34.21
CA THR O 177 -33.35 -10.36 -34.43
C THR O 177 -32.81 -8.94 -34.39
N PHE O 178 -31.94 -8.69 -33.46
CA PHE O 178 -31.50 -7.32 -33.22
C PHE O 178 -30.40 -6.95 -34.20
N PRO O 179 -30.52 -5.82 -34.89
CA PRO O 179 -29.47 -5.38 -35.83
C PRO O 179 -28.14 -5.10 -35.14
N ALA O 180 -27.10 -5.09 -35.96
CA ALA O 180 -25.73 -5.17 -35.48
C ALA O 180 -25.25 -3.82 -34.93
N VAL O 181 -24.06 -3.85 -34.34
CA VAL O 181 -23.41 -2.68 -33.79
C VAL O 181 -21.90 -2.92 -33.83
N LEU O 182 -21.17 -1.89 -34.26
CA LEU O 182 -19.74 -2.02 -34.51
C LEU O 182 -18.98 -1.70 -33.24
N GLN O 183 -17.98 -2.54 -32.92
CA GLN O 183 -17.26 -2.45 -31.66
C GLN O 183 -16.24 -1.30 -31.68
N SER O 184 -15.41 -1.24 -30.66
CA SER O 184 -14.23 -0.40 -30.70
C SER O 184 -13.07 -1.06 -31.43
N ASP O 185 -13.12 -2.39 -31.59
CA ASP O 185 -12.07 -3.15 -32.26
C ASP O 185 -12.43 -3.48 -33.70
N LEU O 186 -13.37 -2.74 -34.29
CA LEU O 186 -13.89 -2.94 -35.66
C LEU O 186 -14.48 -4.34 -35.84
N TYR O 187 -15.14 -4.86 -34.81
CA TYR O 187 -15.93 -6.08 -34.93
C TYR O 187 -17.39 -5.75 -34.62
N THR O 188 -18.24 -6.76 -34.78
CA THR O 188 -19.68 -6.57 -34.77
C THR O 188 -20.35 -7.46 -33.73
N LEU O 189 -21.50 -6.99 -33.22
CA LEU O 189 -22.25 -7.65 -32.18
C LEU O 189 -23.74 -7.60 -32.50
N SER O 190 -24.43 -8.71 -32.32
CA SER O 190 -25.86 -8.77 -32.59
C SER O 190 -26.51 -9.79 -31.64
N SER O 191 -27.83 -9.88 -31.70
CA SER O 191 -28.60 -10.67 -30.74
C SER O 191 -29.95 -11.03 -31.32
N SER O 192 -30.69 -11.87 -30.59
CA SER O 192 -32.07 -12.26 -30.91
C SER O 192 -32.70 -12.89 -29.67
N VAL O 193 -34.03 -13.06 -29.72
CA VAL O 193 -34.82 -13.69 -28.66
C VAL O 193 -36.03 -14.42 -29.22
N THR O 194 -36.65 -15.22 -28.35
CA THR O 194 -38.08 -15.54 -28.36
C THR O 194 -38.61 -15.30 -26.95
N VAL O 195 -39.93 -15.44 -26.79
CA VAL O 195 -40.53 -15.19 -25.47
C VAL O 195 -41.31 -16.43 -25.01
N PRO O 196 -40.73 -17.26 -24.16
CA PRO O 196 -41.53 -18.14 -23.31
C PRO O 196 -41.78 -17.51 -21.95
N SER O 197 -42.62 -18.18 -21.16
CA SER O 197 -42.86 -17.77 -19.77
C SER O 197 -41.91 -18.54 -18.85
N SER O 198 -42.17 -18.46 -17.54
CA SER O 198 -41.45 -19.31 -16.58
C SER O 198 -42.05 -20.70 -16.46
N THR O 199 -43.18 -20.96 -17.10
CA THR O 199 -43.88 -22.23 -16.98
C THR O 199 -43.63 -23.16 -18.16
N TRP O 200 -42.44 -23.12 -18.74
CA TRP O 200 -42.08 -24.01 -19.85
C TRP O 200 -40.64 -24.49 -19.69
N PRO O 201 -40.40 -25.38 -18.72
CA PRO O 201 -39.00 -25.80 -18.48
C PRO O 201 -38.47 -26.76 -19.53
N SER O 202 -39.34 -27.50 -20.21
CA SER O 202 -38.93 -28.47 -21.22
C SER O 202 -38.89 -27.86 -22.61
N GLU O 203 -38.19 -26.73 -22.74
CA GLU O 203 -37.98 -26.07 -24.03
C GLU O 203 -36.48 -25.89 -24.22
N THR O 204 -35.86 -26.91 -24.80
CA THR O 204 -34.45 -26.84 -25.19
C THR O 204 -34.37 -26.18 -26.55
N VAL O 205 -34.06 -24.88 -26.57
CA VAL O 205 -34.12 -24.08 -27.78
C VAL O 205 -32.71 -23.70 -28.19
N THR O 206 -32.40 -23.88 -29.47
CA THR O 206 -31.11 -23.52 -30.04
C THR O 206 -31.29 -22.36 -31.00
N CYS O 207 -30.50 -21.30 -30.81
CA CYS O 207 -30.44 -20.25 -31.82
C CYS O 207 -29.52 -20.70 -32.95
N ASN O 208 -30.05 -20.69 -34.16
CA ASN O 208 -29.38 -21.24 -35.34
C ASN O 208 -28.77 -20.07 -36.10
N VAL O 209 -27.53 -19.73 -35.77
CA VAL O 209 -26.87 -18.54 -36.30
C VAL O 209 -25.98 -18.95 -37.46
N ALA O 210 -26.14 -18.27 -38.60
CA ALA O 210 -25.34 -18.53 -39.79
C ALA O 210 -24.83 -17.22 -40.34
N HIS O 211 -23.52 -17.12 -40.50
CA HIS O 211 -22.85 -15.96 -41.10
C HIS O 211 -22.23 -16.44 -42.42
N PRO O 212 -22.94 -16.27 -43.53
CA PRO O 212 -22.48 -16.89 -44.80
C PRO O 212 -21.28 -16.20 -45.42
N ALA O 213 -20.95 -14.97 -45.01
CA ALA O 213 -19.73 -14.34 -45.51
C ALA O 213 -18.49 -14.99 -44.93
N SER O 214 -18.60 -15.58 -43.74
CA SER O 214 -17.59 -16.50 -43.24
C SER O 214 -18.00 -17.96 -43.43
N SER O 215 -19.26 -18.20 -43.84
CA SER O 215 -19.80 -19.52 -44.21
C SER O 215 -19.72 -20.51 -43.05
N THR O 216 -19.94 -20.04 -41.84
CA THR O 216 -19.93 -20.89 -40.65
C THR O 216 -21.28 -20.80 -39.95
N LYS O 217 -21.66 -21.91 -39.30
CA LYS O 217 -22.92 -22.02 -38.58
C LYS O 217 -22.64 -22.47 -37.16
N VAL O 218 -23.25 -21.80 -36.19
CA VAL O 218 -23.12 -22.15 -34.79
C VAL O 218 -24.52 -22.40 -34.23
N ASP O 219 -24.81 -23.64 -33.89
CA ASP O 219 -26.07 -24.02 -33.27
C ASP O 219 -25.79 -24.32 -31.79
N LYS O 220 -26.44 -23.57 -30.90
CA LYS O 220 -26.09 -23.58 -29.49
C LYS O 220 -27.14 -24.33 -28.68
N LYS O 221 -26.82 -25.54 -28.26
CA LYS O 221 -27.64 -26.26 -27.30
C LYS O 221 -27.44 -25.66 -25.91
N ILE O 222 -28.55 -25.32 -25.24
CA ILE O 222 -28.50 -24.62 -23.97
C ILE O 222 -29.22 -25.47 -22.92
N VAL O 223 -28.53 -25.74 -21.81
CA VAL O 223 -29.10 -26.47 -20.68
C VAL O 223 -28.92 -25.63 -19.42
N PRO O 224 -29.97 -25.41 -18.63
CA PRO O 224 -29.79 -24.69 -17.36
C PRO O 224 -29.03 -25.53 -16.33
N ARG O 225 -28.51 -24.85 -15.32
CA ARG O 225 -27.64 -25.51 -14.35
C ARG O 225 -28.13 -25.30 -12.91
N ASP O 226 -27.32 -25.73 -11.95
CA ASP O 226 -27.67 -25.63 -10.54
C ASP O 226 -27.52 -24.19 -10.04
N GLN P 1 48.73 -25.02 55.40
CA GLN P 1 48.25 -23.74 55.90
C GLN P 1 46.74 -23.70 55.91
N VAL P 2 46.19 -22.56 56.33
CA VAL P 2 44.74 -22.42 56.45
C VAL P 2 44.15 -22.18 55.08
N GLN P 3 43.32 -23.12 54.61
CA GLN P 3 42.75 -23.05 53.28
C GLN P 3 41.28 -23.42 53.31
N LEU P 4 40.62 -23.19 52.18
CA LEU P 4 39.31 -23.77 51.90
C LEU P 4 39.28 -24.08 50.41
N VAL P 5 39.00 -25.32 50.06
CA VAL P 5 38.96 -25.74 48.67
C VAL P 5 37.51 -26.05 48.31
N GLN P 6 37.06 -25.56 47.17
CA GLN P 6 35.71 -25.81 46.70
C GLN P 6 35.74 -26.60 45.40
N SER P 7 34.62 -27.30 45.16
CA SER P 7 34.40 -28.07 43.94
C SER P 7 32.92 -28.36 43.83
N GLY P 8 32.33 -28.15 42.66
CA GLY P 8 33.01 -27.60 41.49
C GLY P 8 32.04 -26.77 40.68
N ALA P 9 32.50 -26.25 39.55
CA ALA P 9 31.67 -25.40 38.70
C ALA P 9 30.55 -26.23 38.08
N GLU P 10 29.33 -26.04 38.60
CA GLU P 10 28.20 -26.87 38.26
C GLU P 10 27.08 -26.00 37.71
N VAL P 11 26.35 -26.52 36.72
CA VAL P 11 25.21 -25.85 36.15
C VAL P 11 23.98 -26.74 36.29
N LYS P 12 22.89 -26.18 36.82
CA LYS P 12 21.64 -26.89 37.03
C LYS P 12 20.51 -26.05 36.46
N LYS P 13 19.56 -26.71 35.78
CA LYS P 13 18.74 -25.99 34.81
C LYS P 13 17.68 -25.06 35.43
N PRO P 14 16.47 -25.49 35.94
CA PRO P 14 16.00 -24.94 37.23
C PRO P 14 16.04 -25.95 38.36
N GLY P 15 16.69 -27.09 38.14
CA GLY P 15 16.30 -28.29 38.88
C GLY P 15 16.89 -28.50 40.25
N ALA P 16 17.67 -29.57 40.41
CA ALA P 16 18.07 -30.03 41.73
C ALA P 16 19.18 -29.14 42.29
N SER P 17 19.62 -29.51 43.50
CA SER P 17 20.41 -28.68 44.39
C SER P 17 21.80 -28.43 43.85
N VAL P 18 22.48 -27.49 44.50
CA VAL P 18 23.82 -27.04 44.12
C VAL P 18 24.70 -27.29 45.34
N LYS P 19 24.58 -28.47 45.94
CA LYS P 19 25.41 -28.86 47.07
C LYS P 19 26.90 -28.73 46.79
N VAL P 20 27.57 -27.80 47.49
CA VAL P 20 28.94 -27.41 47.19
C VAL P 20 29.83 -27.76 48.38
N SER P 21 30.90 -28.50 48.11
CA SER P 21 31.89 -28.83 49.14
C SER P 21 32.75 -27.63 49.45
N CYS P 22 33.20 -27.54 50.69
CA CYS P 22 34.13 -26.49 51.15
C CYS P 22 35.07 -27.13 52.16
N LYS P 23 36.17 -27.70 51.67
CA LYS P 23 37.02 -28.55 52.50
C LYS P 23 37.94 -27.69 53.35
N ALA P 24 37.88 -27.88 54.66
CA ALA P 24 38.56 -27.01 55.61
C ALA P 24 39.84 -27.68 56.11
N SER P 25 40.98 -27.13 55.73
CA SER P 25 42.27 -27.69 56.08
C SER P 25 43.07 -26.69 56.89
N GLY P 26 44.11 -27.19 57.55
CA GLY P 26 45.03 -26.32 58.24
C GLY P 26 44.67 -26.01 59.68
N TYR P 27 43.46 -25.53 59.91
CA TYR P 27 43.02 -25.18 61.25
C TYR P 27 42.17 -26.29 61.83
N THR P 28 41.96 -26.23 63.14
CA THR P 28 41.10 -27.22 63.79
C THR P 28 39.64 -26.93 63.49
N PHE P 29 38.96 -27.92 62.92
CA PHE P 29 37.54 -27.80 62.69
C PHE P 29 36.82 -28.13 64.00
N THR P 30 35.50 -27.90 64.03
CA THR P 30 34.68 -27.81 65.26
C THR P 30 35.25 -26.80 66.24
N ASN P 31 35.85 -25.75 65.71
CA ASN P 31 36.33 -24.65 66.53
C ASN P 31 36.09 -23.33 65.82
N TYR P 32 35.49 -23.36 64.64
CA TYR P 32 35.10 -22.19 63.89
C TYR P 32 33.84 -22.54 63.11
N GLY P 33 33.23 -21.54 62.50
CA GLY P 33 32.00 -21.78 61.77
C GLY P 33 32.05 -21.19 60.39
N ILE P 34 31.71 -21.98 59.39
CA ILE P 34 31.83 -21.54 58.00
C ILE P 34 30.52 -20.91 57.55
N SER P 35 30.60 -19.70 57.02
CA SER P 35 29.47 -19.04 56.40
C SER P 35 29.62 -19.08 54.89
N TRP P 36 28.58 -18.62 54.20
CA TRP P 36 28.53 -18.67 52.75
C TRP P 36 28.01 -17.36 52.21
N VAL P 37 28.52 -16.96 51.05
CA VAL P 37 28.22 -15.67 50.48
C VAL P 37 28.27 -15.76 48.96
N ARG P 38 27.23 -15.25 48.31
CA ARG P 38 27.08 -15.29 46.87
C ARG P 38 27.56 -13.99 46.26
N GLN P 39 27.89 -14.05 44.97
CA GLN P 39 28.28 -12.84 44.24
C GLN P 39 27.83 -12.99 42.80
N ALA P 40 26.80 -12.24 42.42
CA ALA P 40 26.48 -12.09 41.01
C ALA P 40 27.61 -11.31 40.32
N PRO P 41 27.89 -11.60 39.05
CA PRO P 41 28.99 -10.92 38.36
C PRO P 41 28.71 -9.44 38.16
N GLY P 42 29.67 -8.61 38.54
CA GLY P 42 29.49 -7.17 38.50
C GLY P 42 28.56 -6.65 39.56
N GLN P 43 28.39 -7.37 40.65
CA GLN P 43 27.46 -6.99 41.71
C GLN P 43 28.17 -7.13 43.06
N GLY P 44 27.39 -6.90 44.13
CA GLY P 44 27.90 -7.01 45.47
C GLY P 44 27.97 -8.45 45.94
N LEU P 45 28.11 -8.60 47.25
CA LEU P 45 28.27 -9.91 47.89
C LEU P 45 27.18 -10.05 48.94
N GLU P 46 26.13 -10.78 48.60
CA GLU P 46 25.01 -11.01 49.51
C GLU P 46 25.32 -12.19 50.41
N TRP P 47 25.26 -11.95 51.71
CA TRP P 47 25.42 -13.02 52.69
C TRP P 47 24.25 -13.97 52.60
N MET P 48 24.51 -15.26 52.79
CA MET P 48 23.42 -16.21 52.60
C MET P 48 23.42 -17.35 53.61
N GLY P 49 23.99 -17.17 54.80
CA GLY P 49 23.89 -18.20 55.82
C GLY P 49 25.20 -18.54 56.47
N TRP P 50 25.14 -19.25 57.60
CA TRP P 50 26.32 -19.53 58.41
C TRP P 50 26.05 -20.73 59.29
N ILE P 51 26.77 -21.81 59.08
CA ILE P 51 26.73 -22.93 60.02
C ILE P 51 27.90 -22.82 60.97
N SER P 52 27.68 -23.25 62.21
CA SER P 52 28.76 -23.44 63.14
C SER P 52 29.16 -24.90 63.10
N ALA P 53 30.43 -25.18 63.38
CA ALA P 53 30.87 -26.55 63.49
C ALA P 53 30.97 -26.99 64.94
N TYR P 54 30.67 -26.10 65.89
CA TYR P 54 30.57 -26.51 67.28
C TYR P 54 29.39 -27.45 67.49
N ASN P 55 28.18 -26.98 67.21
CA ASN P 55 27.04 -27.89 67.09
C ASN P 55 26.04 -27.33 66.08
N GLY P 56 26.26 -27.66 64.80
CA GLY P 56 25.32 -27.65 63.70
C GLY P 56 24.24 -26.58 63.63
N ASN P 57 24.56 -25.35 64.01
CA ASN P 57 23.54 -24.33 64.12
C ASN P 57 23.24 -23.77 62.75
N THR P 58 21.97 -23.59 62.44
CA THR P 58 21.58 -23.39 61.03
C THR P 58 21.81 -21.95 60.58
N ASN P 59 21.05 -21.02 61.16
CA ASN P 59 21.26 -19.56 61.09
C ASN P 59 21.34 -19.03 59.64
N TYR P 60 20.24 -19.16 58.93
CA TYR P 60 20.23 -18.79 57.52
C TYR P 60 19.93 -17.30 57.37
N ALA P 61 19.66 -16.88 56.14
CA ALA P 61 19.52 -15.47 55.81
C ALA P 61 18.10 -15.16 55.36
N GLN P 62 17.85 -13.86 55.16
CA GLN P 62 16.56 -13.41 54.66
C GLN P 62 16.50 -13.66 53.15
N LYS P 63 15.27 -13.80 52.64
CA LYS P 63 14.82 -14.04 51.25
C LYS P 63 15.06 -15.48 50.82
N LEU P 64 15.70 -16.31 51.65
CA LEU P 64 15.90 -17.71 51.33
C LEU P 64 16.07 -18.44 52.66
N GLN P 65 15.07 -19.23 53.04
CA GLN P 65 14.85 -19.63 54.43
C GLN P 65 15.01 -21.12 54.72
N GLY P 66 14.31 -22.07 54.10
CA GLY P 66 13.56 -22.01 52.85
C GLY P 66 14.35 -22.71 51.77
N ARG P 67 15.05 -21.94 50.95
CA ARG P 67 15.73 -22.53 49.81
C ARG P 67 17.03 -23.20 50.21
N VAL P 68 17.87 -22.54 51.01
CA VAL P 68 19.13 -23.13 51.45
C VAL P 68 18.90 -24.14 52.55
N THR P 69 19.67 -25.23 52.49
CA THR P 69 19.98 -26.04 53.66
C THR P 69 21.49 -26.18 53.74
N MET P 70 22.00 -26.24 54.96
CA MET P 70 23.44 -26.23 55.20
C MET P 70 23.78 -27.17 56.34
N THR P 71 24.67 -28.12 56.09
CA THR P 71 25.11 -29.08 57.08
C THR P 71 26.62 -29.08 57.15
N THR P 72 27.17 -29.91 58.04
CA THR P 72 28.60 -30.10 58.16
C THR P 72 28.94 -31.54 57.87
N ASP P 73 30.24 -31.80 57.72
CA ASP P 73 30.73 -33.15 57.48
C ASP P 73 31.98 -33.37 58.32
N THR P 74 31.96 -32.96 59.58
CA THR P 74 33.17 -32.74 60.38
C THR P 74 34.06 -33.98 60.62
N SER P 75 33.83 -35.17 60.07
CA SER P 75 34.93 -36.12 59.92
C SER P 75 35.90 -35.63 58.87
N THR P 76 35.45 -35.51 57.63
CA THR P 76 36.21 -34.90 56.54
C THR P 76 35.67 -33.49 56.37
N SER P 77 36.46 -32.49 56.80
CA SER P 77 35.97 -31.23 57.36
C SER P 77 35.15 -30.32 56.44
N THR P 78 34.75 -30.81 55.27
CA THR P 78 33.97 -30.06 54.29
C THR P 78 32.65 -29.56 54.89
N ALA P 79 32.15 -28.48 54.30
CA ALA P 79 30.87 -27.90 54.67
C ALA P 79 30.01 -27.74 53.42
N TYR P 80 28.74 -28.10 53.52
CA TYR P 80 27.87 -28.19 52.36
C TYR P 80 26.79 -27.12 52.41
N MET P 81 26.36 -26.69 51.23
CA MET P 81 25.29 -25.72 51.08
C MET P 81 24.41 -26.17 49.93
N GLU P 82 23.20 -26.63 50.24
CA GLU P 82 22.25 -26.99 49.20
C GLU P 82 21.32 -25.82 48.91
N LEU P 83 20.57 -25.95 47.82
CA LEU P 83 19.59 -24.94 47.44
C LEU P 83 18.36 -25.68 46.93
N ARG P 84 17.19 -25.06 47.07
CA ARG P 84 15.96 -25.68 46.64
C ARG P 84 15.16 -24.67 45.83
N SER P 85 14.44 -25.18 44.82
CA SER P 85 13.63 -24.40 43.88
C SER P 85 14.47 -23.32 43.21
N LEU P 86 15.44 -23.80 42.43
CA LEU P 86 16.43 -22.96 41.79
C LEU P 86 15.80 -22.01 40.77
N ARG P 87 16.50 -20.92 40.49
CA ARG P 87 15.96 -19.85 39.68
C ARG P 87 17.14 -19.11 39.04
N SER P 88 16.89 -18.53 37.87
CA SER P 88 17.91 -17.88 37.05
C SER P 88 18.48 -16.60 37.68
N ASP P 89 17.98 -16.15 38.83
CA ASP P 89 18.66 -15.09 39.56
C ASP P 89 19.89 -15.61 40.30
N ASP P 90 20.00 -16.93 40.47
CA ASP P 90 21.12 -17.53 41.19
C ASP P 90 22.27 -17.89 40.25
N THR P 91 22.67 -16.94 39.41
CA THR P 91 23.84 -17.10 38.55
C THR P 91 24.99 -16.38 39.26
N ALA P 92 25.49 -16.99 40.32
CA ALA P 92 26.43 -16.30 41.19
C ALA P 92 27.61 -17.18 41.51
N VAL P 93 28.67 -16.56 42.00
CA VAL P 93 29.85 -17.25 42.50
C VAL P 93 29.64 -17.45 43.99
N TYR P 94 29.62 -18.71 44.42
CA TYR P 94 29.30 -19.04 45.81
C TYR P 94 30.59 -19.22 46.59
N TYR P 95 30.95 -18.21 47.37
CA TYR P 95 32.10 -18.29 48.24
C TYR P 95 31.71 -18.87 49.59
N CYS P 96 32.66 -19.53 50.23
CA CYS P 96 32.52 -19.97 51.60
C CYS P 96 33.66 -19.38 52.40
N ALA P 97 33.34 -18.84 53.57
CA ALA P 97 34.33 -18.24 54.45
C ALA P 97 33.94 -18.58 55.88
N ARG P 98 34.83 -18.29 56.80
CA ARG P 98 34.76 -18.82 58.16
C ARG P 98 34.49 -17.67 59.13
N GLU P 99 33.31 -17.68 59.76
CA GLU P 99 33.01 -16.67 60.77
C GLU P 99 33.67 -16.97 62.10
N GLY P 100 33.84 -18.24 62.43
CA GLY P 100 34.10 -18.60 63.80
C GLY P 100 32.79 -19.02 64.43
N ALA P 101 32.82 -20.09 65.21
CA ALA P 101 31.63 -20.49 65.93
C ALA P 101 31.33 -19.45 66.99
N TYR P 102 30.10 -18.99 67.06
CA TYR P 102 29.75 -18.07 68.13
C TYR P 102 29.15 -18.80 69.30
N GLY P 103 29.87 -19.82 69.72
CA GLY P 103 29.60 -20.47 70.97
C GLY P 103 30.54 -19.88 71.98
N TYR P 104 31.11 -20.73 72.80
CA TYR P 104 31.78 -20.24 73.99
C TYR P 104 33.24 -20.62 74.05
N ARG P 105 33.63 -21.76 73.51
CA ARG P 105 35.03 -22.15 73.49
C ARG P 105 35.77 -21.61 72.28
N SER P 106 35.07 -21.14 71.30
CA SER P 106 35.70 -20.84 70.02
C SER P 106 36.34 -19.46 70.05
N PRO P 107 37.52 -19.30 69.47
CA PRO P 107 38.25 -18.04 69.57
C PRO P 107 37.55 -16.91 68.82
N TYR P 108 37.94 -15.70 69.22
CA TYR P 108 37.33 -14.50 68.68
C TYR P 108 37.67 -14.37 67.20
N HIS P 109 36.64 -14.22 66.39
CA HIS P 109 36.77 -14.22 64.94
C HIS P 109 35.50 -13.62 64.41
N ASN P 110 35.61 -12.63 63.55
CA ASN P 110 34.44 -12.03 62.92
C ASN P 110 34.72 -11.73 61.45
N TRP P 111 35.81 -12.23 60.89
CA TRP P 111 36.42 -11.47 59.82
C TRP P 111 36.87 -12.25 58.58
N PHE P 112 36.54 -13.54 58.45
CA PHE P 112 36.66 -14.30 57.20
C PHE P 112 38.11 -14.38 56.68
N ASP P 113 38.94 -15.15 57.36
CA ASP P 113 40.25 -15.31 56.71
C ASP P 113 40.70 -16.74 56.33
N PRO P 114 39.87 -17.63 55.77
CA PRO P 114 40.46 -18.71 54.98
C PRO P 114 40.18 -18.66 53.49
N TRP P 115 39.39 -17.69 53.02
CA TRP P 115 38.39 -17.81 51.95
C TRP P 115 38.57 -18.85 50.85
N GLY P 116 37.51 -19.61 50.57
CA GLY P 116 37.52 -20.50 49.44
C GLY P 116 37.55 -19.76 48.12
N GLN P 117 38.05 -20.45 47.09
CA GLN P 117 38.40 -19.82 45.83
C GLN P 117 37.21 -19.53 44.94
N GLY P 118 35.99 -19.86 45.36
CA GLY P 118 34.82 -19.54 44.56
C GLY P 118 34.38 -20.68 43.66
N THR P 119 33.11 -20.62 43.28
CA THR P 119 32.48 -21.72 42.53
C THR P 119 31.52 -21.12 41.51
N LEU P 120 31.77 -21.41 40.23
CA LEU P 120 30.95 -20.88 39.15
C LEU P 120 29.61 -21.62 39.11
N VAL P 121 28.54 -20.92 39.46
CA VAL P 121 27.20 -21.48 39.44
C VAL P 121 26.33 -20.54 38.62
N THR P 122 25.90 -21.07 37.47
CA THR P 122 24.94 -20.38 36.56
C THR P 122 23.75 -21.34 36.51
N VAL P 123 22.54 -20.88 36.82
CA VAL P 123 21.33 -21.76 36.84
C VAL P 123 20.48 -21.42 35.62
N SER P 124 20.46 -22.30 34.61
CA SER P 124 19.77 -21.96 33.33
C SER P 124 19.40 -23.26 32.62
N SER P 125 18.31 -23.24 31.85
CA SER P 125 17.87 -24.50 31.23
C SER P 125 18.40 -24.64 29.82
N ALA P 126 19.44 -23.86 29.44
CA ALA P 126 19.92 -24.10 28.09
C ALA P 126 20.59 -25.47 28.00
N LYS P 127 20.89 -25.88 26.77
CA LYS P 127 21.54 -27.15 26.51
C LYS P 127 23.01 -26.92 26.18
N THR P 128 23.82 -27.95 26.42
CA THR P 128 25.25 -27.87 26.12
C THR P 128 25.44 -27.85 24.61
N THR P 129 25.75 -26.67 24.07
CA THR P 129 25.85 -26.46 22.65
C THR P 129 27.26 -26.02 22.27
N PRO P 130 27.76 -26.47 21.11
CA PRO P 130 29.05 -25.99 20.65
C PRO P 130 28.95 -24.55 20.15
N PRO P 131 30.01 -23.77 20.30
CA PRO P 131 29.97 -22.37 19.83
C PRO P 131 29.97 -22.24 18.33
N SER P 132 29.92 -21.00 17.86
CA SER P 132 29.85 -20.74 16.42
C SER P 132 30.55 -19.40 16.17
N VAL P 133 31.80 -19.47 15.73
CA VAL P 133 32.65 -18.29 15.60
C VAL P 133 32.31 -17.57 14.29
N TYR P 134 32.04 -16.28 14.38
CA TYR P 134 31.60 -15.50 13.22
C TYR P 134 32.30 -14.16 13.05
N PRO P 135 33.56 -14.16 12.57
CA PRO P 135 34.22 -12.89 12.24
C PRO P 135 34.18 -12.51 10.77
N LEU P 136 34.71 -11.33 10.47
CA LEU P 136 35.63 -11.16 9.35
C LEU P 136 36.78 -10.27 9.78
N ALA P 137 37.76 -10.18 8.91
CA ALA P 137 38.97 -9.40 9.12
C ALA P 137 39.57 -9.06 7.76
N PRO P 138 39.39 -7.84 7.26
CA PRO P 138 40.06 -7.43 6.02
C PRO P 138 41.50 -6.99 6.23
N GLY P 139 42.08 -7.33 7.38
CA GLY P 139 43.44 -7.01 7.76
C GLY P 139 44.50 -7.53 6.81
N SER P 140 45.23 -6.61 6.17
CA SER P 140 45.02 -5.17 6.34
C SER P 140 44.79 -4.46 5.04
N ALA P 141 43.53 -4.11 4.80
CA ALA P 141 43.16 -3.23 3.71
C ALA P 141 43.27 -1.79 4.22
N ALA P 142 42.99 -0.82 3.35
CA ALA P 142 43.04 0.59 3.75
C ALA P 142 41.70 1.21 3.32
N GLN P 143 40.71 1.12 4.21
CA GLN P 143 39.39 1.67 3.89
C GLN P 143 39.37 3.18 4.06
N THR P 144 39.57 3.64 5.30
CA THR P 144 39.62 5.08 5.59
C THR P 144 40.75 5.46 6.53
N ASN P 145 41.43 4.52 7.16
CA ASN P 145 42.32 4.83 8.27
C ASN P 145 43.64 4.09 8.09
N SER P 146 44.54 4.28 9.07
CA SER P 146 45.82 3.61 9.10
C SER P 146 45.92 2.51 10.14
N MET P 147 44.86 2.27 10.91
CA MET P 147 44.84 1.28 11.97
C MET P 147 43.63 0.36 11.78
N VAL P 148 43.81 -0.73 11.05
CA VAL P 148 42.78 -1.75 10.89
C VAL P 148 43.19 -2.95 11.73
N THR P 149 42.41 -3.25 12.76
CA THR P 149 42.69 -4.37 13.64
C THR P 149 42.02 -5.63 13.06
N LEU P 150 41.89 -6.68 13.87
CA LEU P 150 41.19 -7.88 13.45
C LEU P 150 40.60 -8.57 14.68
N GLY P 151 39.35 -9.00 14.57
CA GLY P 151 38.63 -9.53 15.71
C GLY P 151 37.62 -10.59 15.34
N CYS P 152 37.23 -11.38 16.34
CA CYS P 152 36.25 -12.44 16.19
C CYS P 152 35.08 -12.26 17.15
N LEU P 153 33.96 -12.88 16.80
CA LEU P 153 32.82 -13.09 17.69
C LEU P 153 32.68 -14.58 17.95
N VAL P 154 32.15 -14.93 19.12
CA VAL P 154 31.81 -16.31 19.47
C VAL P 154 30.33 -16.35 19.82
N LYS P 155 29.57 -17.16 19.09
CA LYS P 155 28.12 -17.19 19.22
C LYS P 155 27.61 -18.56 19.66
N GLY P 156 26.68 -18.55 20.61
CA GLY P 156 25.82 -19.69 20.88
C GLY P 156 26.52 -20.86 21.54
N TYR P 157 27.07 -20.63 22.72
CA TYR P 157 27.73 -21.68 23.47
C TYR P 157 27.18 -21.72 24.88
N PHE P 158 27.17 -22.91 25.45
CA PHE P 158 26.67 -23.10 26.80
C PHE P 158 27.32 -24.35 27.37
N PRO P 159 27.83 -24.30 28.62
CA PRO P 159 27.91 -23.13 29.49
C PRO P 159 29.16 -22.28 29.25
N GLU P 160 29.53 -21.52 30.27
CA GLU P 160 30.76 -20.76 30.25
C GLU P 160 31.97 -21.69 30.39
N PRO P 161 33.17 -21.24 29.99
CA PRO P 161 33.54 -20.16 29.08
C PRO P 161 34.18 -20.70 27.80
N VAL P 162 34.55 -19.81 26.88
CA VAL P 162 35.37 -20.18 25.74
C VAL P 162 36.79 -19.67 25.99
N THR P 163 37.74 -20.26 25.25
CA THR P 163 39.14 -19.86 25.30
C THR P 163 39.56 -19.45 23.91
N VAL P 164 39.83 -18.16 23.71
CA VAL P 164 40.11 -17.60 22.40
C VAL P 164 41.56 -17.13 22.38
N THR P 165 42.36 -17.74 21.51
CA THR P 165 43.73 -17.31 21.27
C THR P 165 43.90 -16.93 19.80
N TRP P 166 44.98 -16.21 19.52
CA TRP P 166 45.23 -15.65 18.20
C TRP P 166 46.56 -16.19 17.67
N ASN P 167 46.49 -16.86 16.52
CA ASN P 167 47.62 -17.58 15.91
C ASN P 167 48.24 -18.56 16.91
N SER P 168 47.38 -19.37 17.53
CA SER P 168 47.71 -20.28 18.63
C SER P 168 48.36 -19.54 19.80
N GLY P 169 47.90 -18.32 20.08
CA GLY P 169 48.43 -17.52 21.16
C GLY P 169 49.75 -16.84 20.88
N SER P 170 50.33 -17.02 19.69
CA SER P 170 51.62 -16.41 19.40
C SER P 170 51.48 -14.91 19.16
N LEU P 171 50.47 -14.50 18.40
CA LEU P 171 50.17 -13.09 18.22
C LEU P 171 49.58 -12.56 19.52
N SER P 172 50.35 -11.75 20.24
CA SER P 172 50.03 -11.40 21.62
C SER P 172 49.67 -9.94 21.84
N SER P 173 50.08 -9.03 20.97
CA SER P 173 49.79 -7.61 21.16
C SER P 173 48.32 -7.34 20.86
N GLY P 174 47.66 -6.60 21.75
CA GLY P 174 46.26 -6.30 21.59
C GLY P 174 45.32 -7.43 21.92
N VAL P 175 45.81 -8.51 22.54
CA VAL P 175 44.94 -9.62 22.93
C VAL P 175 44.12 -9.18 24.13
N HIS P 176 42.82 -9.03 23.92
CA HIS P 176 41.88 -8.67 24.98
C HIS P 176 40.62 -9.50 24.76
N THR P 177 40.61 -10.69 25.35
CA THR P 177 39.46 -11.59 25.23
C THR P 177 38.31 -11.01 26.05
N PHE P 178 37.24 -10.71 25.38
CA PHE P 178 36.14 -9.99 26.02
C PHE P 178 35.26 -10.98 26.77
N PRO P 179 34.96 -10.72 28.05
CA PRO P 179 34.08 -11.60 28.82
C PRO P 179 32.67 -11.67 28.25
N ALA P 180 31.97 -12.73 28.66
CA ALA P 180 30.74 -13.14 28.00
C ALA P 180 29.56 -12.26 28.40
N VAL P 181 28.43 -12.50 27.73
CA VAL P 181 27.18 -11.80 27.99
C VAL P 181 26.04 -12.72 27.58
N LEU P 182 25.03 -12.79 28.43
CA LEU P 182 23.94 -13.74 28.27
C LEU P 182 22.85 -13.12 27.40
N GLN P 183 22.35 -13.88 26.43
CA GLN P 183 21.40 -13.37 25.44
C GLN P 183 20.00 -13.25 26.03
N SER P 184 19.03 -12.97 25.16
CA SER P 184 17.63 -13.11 25.54
C SER P 184 17.15 -14.55 25.40
N ASP P 185 17.86 -15.37 24.64
CA ASP P 185 17.51 -16.77 24.43
C ASP P 185 18.30 -17.72 25.31
N LEU P 186 18.86 -17.21 26.42
CA LEU P 186 19.71 -17.96 27.37
C LEU P 186 20.93 -18.57 26.69
N TYR P 187 21.51 -17.87 25.72
CA TYR P 187 22.79 -18.23 25.15
C TYR P 187 23.80 -17.12 25.40
N THR P 188 25.04 -17.37 25.01
CA THR P 188 26.17 -16.53 25.41
C THR P 188 26.93 -16.01 24.20
N LEU P 189 27.54 -14.84 24.36
CA LEU P 189 28.27 -14.15 23.30
C LEU P 189 29.57 -13.59 23.86
N SER P 190 30.66 -13.75 23.12
CA SER P 190 31.96 -13.24 23.53
C SER P 190 32.78 -12.87 22.30
N SER P 191 33.95 -12.30 22.53
CA SER P 191 34.76 -11.73 21.45
C SER P 191 36.22 -11.64 21.90
N SER P 192 37.09 -11.26 20.94
CA SER P 192 38.50 -11.00 21.19
C SER P 192 39.06 -10.23 19.99
N VAL P 193 40.28 -9.70 20.17
CA VAL P 193 41.01 -8.96 19.13
C VAL P 193 42.52 -9.14 19.27
N THR P 194 43.23 -8.71 18.23
CA THR P 194 44.59 -8.18 18.29
C THR P 194 44.61 -6.86 17.53
N VAL P 195 45.74 -6.17 17.57
CA VAL P 195 45.84 -4.87 16.89
C VAL P 195 46.98 -4.88 15.89
N PRO P 196 46.72 -5.10 14.61
CA PRO P 196 47.63 -4.63 13.56
C PRO P 196 47.23 -3.26 13.04
N SER P 197 48.06 -2.70 12.18
CA SER P 197 47.77 -1.44 11.50
C SER P 197 47.13 -1.76 10.14
N SER P 198 47.01 -0.73 9.29
CA SER P 198 46.60 -0.94 7.90
C SER P 198 47.76 -1.36 7.01
N THR P 199 48.98 -1.35 7.51
CA THR P 199 50.16 -1.64 6.71
C THR P 199 50.68 -3.06 6.91
N TRP P 200 49.78 -4.02 7.12
CA TRP P 200 50.17 -5.43 7.28
C TRP P 200 49.15 -6.32 6.56
N PRO P 201 49.15 -6.32 5.22
CA PRO P 201 48.14 -7.11 4.51
C PRO P 201 48.39 -8.60 4.53
N SER P 202 49.63 -9.02 4.70
CA SER P 202 49.99 -10.44 4.70
C SER P 202 49.97 -11.01 6.11
N GLU P 203 48.86 -10.81 6.82
CA GLU P 203 48.66 -11.38 8.14
C GLU P 203 47.36 -12.17 8.12
N THR P 204 47.45 -13.44 7.75
CA THR P 204 46.32 -14.35 7.81
C THR P 204 46.24 -14.91 9.22
N VAL P 205 45.36 -14.35 10.04
CA VAL P 205 45.29 -14.64 11.46
C VAL P 205 44.00 -15.41 11.75
N THR P 206 44.12 -16.50 12.49
CA THR P 206 42.98 -17.31 12.90
C THR P 206 42.78 -17.18 14.40
N CYS P 207 41.57 -16.86 14.82
CA CYS P 207 41.23 -16.95 16.22
C CYS P 207 40.93 -18.41 16.57
N ASN P 208 41.65 -18.92 17.55
CA ASN P 208 41.61 -20.34 17.92
C ASN P 208 40.71 -20.48 19.13
N VAL P 209 39.42 -20.70 18.88
CA VAL P 209 38.40 -20.70 19.93
C VAL P 209 38.11 -22.13 20.33
N ALA P 210 38.17 -22.40 21.64
CA ALA P 210 37.90 -23.72 22.17
C ALA P 210 36.96 -23.60 23.35
N HIS P 211 35.83 -24.31 23.28
CA HIS P 211 34.85 -24.39 24.37
C HIS P 211 34.85 -25.82 24.88
N PRO P 212 35.62 -26.10 25.94
CA PRO P 212 35.82 -27.50 26.35
C PRO P 212 34.61 -28.12 27.03
N ALA P 213 33.64 -27.33 27.49
CA ALA P 213 32.43 -27.90 28.05
C ALA P 213 31.57 -28.52 26.95
N SER P 214 31.67 -28.03 25.72
CA SER P 214 31.16 -28.73 24.55
C SER P 214 32.26 -29.47 23.80
N SER P 215 33.53 -29.25 24.18
CA SER P 215 34.71 -29.96 23.67
C SER P 215 34.86 -29.82 22.16
N THR P 216 34.55 -28.64 21.64
CA THR P 216 34.68 -28.35 20.21
C THR P 216 35.62 -27.17 20.01
N LYS P 217 36.33 -27.19 18.89
CA LYS P 217 37.29 -26.16 18.53
C LYS P 217 36.95 -25.63 17.15
N VAL P 218 36.92 -24.30 17.01
CA VAL P 218 36.66 -23.64 15.73
C VAL P 218 37.83 -22.72 15.44
N ASP P 219 38.60 -23.05 14.40
CA ASP P 219 39.70 -22.23 13.95
C ASP P 219 39.29 -21.58 12.63
N LYS P 220 39.26 -20.26 12.61
CA LYS P 220 38.65 -19.51 11.51
C LYS P 220 39.72 -18.88 10.63
N LYS P 221 39.95 -19.46 9.45
CA LYS P 221 40.77 -18.82 8.44
C LYS P 221 40.00 -17.68 7.80
N ILE P 222 40.61 -16.50 7.75
CA ILE P 222 39.94 -15.29 7.28
C ILE P 222 40.72 -14.72 6.10
N VAL P 223 40.03 -14.51 4.98
CA VAL P 223 40.61 -13.90 3.78
C VAL P 223 39.76 -12.69 3.39
N PRO P 224 40.36 -11.52 3.17
CA PRO P 224 39.57 -10.37 2.69
C PRO P 224 39.11 -10.57 1.25
N ARG P 225 38.10 -9.78 0.87
CA ARG P 225 37.46 -9.96 -0.44
C ARG P 225 37.44 -8.66 -1.23
N ASP P 226 36.76 -8.69 -2.38
CA ASP P 226 36.69 -7.53 -3.27
C ASP P 226 35.76 -6.47 -2.70
N GLN Q 1 -9.60 12.16 76.55
CA GLN Q 1 -10.54 11.09 76.25
C GLN Q 1 -9.83 9.94 75.56
N VAL Q 2 -10.59 8.91 75.21
CA VAL Q 2 -10.02 7.72 74.60
C VAL Q 2 -9.76 7.98 73.13
N GLN Q 3 -8.49 7.95 72.74
CA GLN Q 3 -8.09 8.28 71.38
C GLN Q 3 -7.07 7.27 70.88
N LEU Q 4 -6.79 7.36 69.58
CA LEU Q 4 -5.61 6.75 68.98
C LEU Q 4 -5.14 7.69 67.87
N VAL Q 5 -3.89 8.11 67.93
CA VAL Q 5 -3.33 9.02 66.95
C VAL Q 5 -2.31 8.25 66.12
N GLN Q 6 -2.38 8.41 64.81
CA GLN Q 6 -1.43 7.76 63.91
C GLN Q 6 -0.58 8.79 63.17
N SER Q 7 0.59 8.33 62.73
CA SER Q 7 1.51 9.14 61.94
C SER Q 7 2.50 8.19 61.29
N GLY Q 8 2.76 8.37 60.00
CA GLY Q 8 2.10 9.35 59.15
C GLY Q 8 1.97 8.81 57.75
N ALA Q 9 1.43 9.64 56.84
CA ALA Q 9 1.21 9.23 55.46
C ALA Q 9 2.56 9.02 54.78
N GLU Q 10 2.92 7.76 54.57
CA GLU Q 10 4.25 7.39 54.09
C GLU Q 10 4.10 6.58 52.81
N VAL Q 11 5.05 6.78 51.88
CA VAL Q 11 5.10 6.03 50.64
C VAL Q 11 6.45 5.34 50.53
N LYS Q 12 6.43 4.04 50.25
CA LYS Q 12 7.63 3.22 50.12
C LYS Q 12 7.53 2.43 48.83
N LYS Q 13 8.65 2.34 48.11
CA LYS Q 13 8.55 2.05 46.68
C LYS Q 13 8.19 0.58 46.36
N PRO Q 14 9.10 -0.47 46.37
CA PRO Q 14 8.69 -1.74 46.99
C PRO Q 14 9.39 -2.02 48.31
N GLY Q 15 10.09 -1.04 48.86
CA GLY Q 15 11.21 -1.34 49.72
C GLY Q 15 10.93 -1.62 51.17
N ALA Q 16 11.46 -0.78 52.06
CA ALA Q 16 11.49 -1.08 53.48
C ALA Q 16 10.11 -0.88 54.11
N SER Q 17 10.06 -1.12 55.42
CA SER Q 17 8.84 -1.33 56.18
C SER Q 17 8.00 -0.06 56.28
N VAL Q 18 6.78 -0.25 56.76
CA VAL Q 18 5.79 0.81 56.90
C VAL Q 18 5.41 0.85 58.38
N LYS Q 19 6.42 0.82 59.25
CA LYS Q 19 6.20 0.91 60.69
C LYS Q 19 5.39 2.14 61.09
N VAL Q 20 4.18 1.92 61.59
CA VAL Q 20 3.20 2.98 61.84
C VAL Q 20 2.93 3.07 63.34
N SER Q 21 3.07 4.29 63.88
CA SER Q 21 2.75 4.53 65.28
C SER Q 21 1.23 4.59 65.48
N CYS Q 22 0.78 4.18 66.66
CA CYS Q 22 -0.63 4.25 67.04
C CYS Q 22 -0.67 4.57 68.53
N LYS Q 23 -0.66 5.88 68.85
CA LYS Q 23 -0.45 6.32 70.22
C LYS Q 23 -1.75 6.22 71.00
N ALA Q 24 -1.72 5.48 72.11
CA ALA Q 24 -2.92 5.15 72.85
C ALA Q 24 -3.04 6.04 74.08
N SER Q 25 -4.02 6.92 74.08
CA SER Q 25 -4.21 7.87 75.17
C SER Q 25 -5.58 7.67 75.81
N GLY Q 26 -5.74 8.23 77.01
CA GLY Q 26 -7.04 8.22 77.66
C GLY Q 26 -7.30 7.02 78.53
N TYR Q 27 -7.15 5.82 77.99
CA TYR Q 27 -7.41 4.60 78.73
C TYR Q 27 -6.10 4.00 79.24
N THR Q 28 -6.22 3.07 80.18
CA THR Q 28 -5.04 2.40 80.68
C THR Q 28 -4.52 1.39 79.67
N PHE Q 29 -3.27 1.55 79.27
CA PHE Q 29 -2.65 0.58 78.40
C PHE Q 29 -2.17 -0.60 79.25
N THR Q 30 -1.72 -1.67 78.59
CA THR Q 30 -1.56 -3.02 79.19
C THR Q 30 -2.84 -3.50 79.84
N ASN Q 31 -3.97 -3.11 79.29
CA ASN Q 31 -5.26 -3.60 79.77
C ASN Q 31 -6.18 -3.82 78.59
N TYR Q 32 -5.71 -3.57 77.37
CA TYR Q 32 -6.43 -3.83 76.15
C TYR Q 32 -5.42 -4.20 75.08
N GLY Q 33 -5.91 -4.64 73.94
CA GLY Q 33 -5.00 -5.05 72.88
C GLY Q 33 -5.36 -4.41 71.56
N ILE Q 34 -4.39 -3.82 70.89
CA ILE Q 34 -4.64 -3.09 69.66
C ILE Q 34 -4.49 -4.01 68.48
N SER Q 35 -5.51 -4.06 67.62
CA SER Q 35 -5.43 -4.76 66.36
C SER Q 35 -5.28 -3.76 65.22
N TRP Q 36 -5.09 -4.29 64.02
CA TRP Q 36 -4.83 -3.48 62.85
C TRP Q 36 -5.64 -4.00 61.67
N VAL Q 37 -6.08 -3.09 60.83
CA VAL Q 37 -6.99 -3.43 59.73
C VAL Q 37 -6.73 -2.48 58.57
N ARG Q 38 -6.58 -3.06 57.38
CA ARG Q 38 -6.29 -2.32 56.16
C ARG Q 38 -7.58 -2.05 55.39
N GLN Q 39 -7.52 -1.04 54.53
CA GLN Q 39 -8.65 -0.73 53.66
C GLN Q 39 -8.13 -0.18 52.35
N ALA Q 40 -8.22 -0.99 51.29
CA ALA Q 40 -8.01 -0.47 49.95
C ALA Q 40 -9.15 0.50 49.61
N PRO Q 41 -8.88 1.54 48.83
CA PRO Q 41 -9.92 2.54 48.52
C PRO Q 41 -11.02 1.94 47.67
N GLY Q 42 -12.26 2.16 48.10
CA GLY Q 42 -13.41 1.55 47.44
C GLY Q 42 -13.54 0.07 47.67
N GLN Q 43 -12.97 -0.45 48.75
CA GLN Q 43 -12.98 -1.87 49.04
C GLN Q 43 -13.38 -2.07 50.50
N GLY Q 44 -13.32 -3.34 50.93
CA GLY Q 44 -13.65 -3.70 52.28
C GLY Q 44 -12.51 -3.44 53.24
N LEU Q 45 -12.61 -4.03 54.42
CA LEU Q 45 -11.64 -3.84 55.49
C LEU Q 45 -11.12 -5.21 55.91
N GLU Q 46 -9.93 -5.55 55.43
CA GLU Q 46 -9.30 -6.83 55.74
C GLU Q 46 -8.56 -6.72 57.06
N TRP Q 47 -8.89 -7.59 57.99
CA TRP Q 47 -8.17 -7.67 59.26
C TRP Q 47 -6.76 -8.18 59.01
N MET Q 48 -5.81 -7.65 59.77
CA MET Q 48 -4.43 -8.03 59.48
C MET Q 48 -3.57 -8.23 60.73
N GLY Q 49 -4.16 -8.55 61.87
CA GLY Q 49 -3.35 -8.86 63.03
C GLY Q 49 -3.79 -8.15 64.29
N TRP Q 50 -3.30 -8.61 65.44
CA TRP Q 50 -3.73 -8.10 66.74
C TRP Q 50 -2.67 -8.40 67.77
N ILE Q 51 -2.07 -7.38 68.35
CA ILE Q 51 -1.21 -7.57 69.51
C ILE Q 51 -1.99 -7.29 70.77
N SER Q 52 -1.67 -8.02 71.82
CA SER Q 52 -2.16 -7.68 73.14
C SER Q 52 -1.09 -6.86 73.84
N ALA Q 53 -1.51 -6.00 74.74
CA ALA Q 53 -0.55 -5.27 75.55
C ALA Q 53 -0.41 -5.88 76.93
N TYR Q 54 -1.14 -6.95 77.23
CA TYR Q 54 -0.93 -7.69 78.46
C TYR Q 54 0.44 -8.36 78.44
N ASN Q 55 0.66 -9.27 77.49
CA ASN Q 55 2.03 -9.74 77.22
C ASN Q 55 2.15 -10.09 75.75
N GLY Q 56 2.50 -9.08 74.94
CA GLY Q 56 3.08 -9.15 73.61
C GLY Q 56 2.70 -10.27 72.67
N ASN Q 57 1.45 -10.66 72.65
CA ASN Q 57 1.05 -11.84 71.90
C ASN Q 57 0.88 -11.45 70.43
N THR Q 58 1.39 -12.29 69.54
CA THR Q 58 1.58 -11.83 68.16
C THR Q 58 0.29 -11.89 67.35
N ASN Q 59 -0.22 -13.10 67.12
CA ASN Q 59 -1.57 -13.39 66.61
C ASN Q 59 -1.88 -12.69 65.29
N TYR Q 60 -1.14 -13.05 64.25
CA TYR Q 60 -1.27 -12.36 62.97
C TYR Q 60 -2.39 -13.00 62.16
N ALA Q 61 -2.47 -12.64 60.88
CA ALA Q 61 -3.56 -13.04 60.02
C ALA Q 61 -3.08 -13.93 58.88
N GLN Q 62 -4.04 -14.44 58.13
CA GLN Q 62 -3.74 -15.26 56.97
C GLN Q 62 -3.32 -14.36 55.82
N LYS Q 63 -2.52 -14.93 54.90
CA LYS Q 63 -1.92 -14.38 53.67
C LYS Q 63 -0.74 -13.47 53.98
N LEU Q 64 -0.44 -13.20 55.24
CA LEU Q 64 0.71 -12.39 55.61
C LEU Q 64 1.08 -12.78 57.03
N GLN Q 65 2.21 -13.48 57.17
CA GLN Q 65 2.47 -14.31 58.36
C GLN Q 65 3.65 -13.85 59.23
N GLY Q 66 4.90 -13.69 58.76
CA GLY Q 66 5.37 -13.56 57.39
C GLY Q 66 5.73 -12.11 57.15
N ARG Q 67 4.82 -11.37 56.51
CA ARG Q 67 5.14 -10.01 56.12
C ARG Q 67 5.04 -9.04 57.29
N VAL Q 68 3.95 -9.11 58.06
CA VAL Q 68 3.78 -8.22 59.20
C VAL Q 68 4.63 -8.68 60.38
N THR Q 69 5.20 -7.71 61.10
CA THR Q 69 5.59 -7.88 62.48
C THR Q 69 4.96 -6.75 63.28
N MET Q 70 4.61 -7.06 64.52
CA MET Q 70 3.87 -6.13 65.36
C MET Q 70 4.37 -6.22 66.79
N THR Q 71 4.78 -5.09 67.35
CA THR Q 71 5.27 -5.01 68.72
C THR Q 71 4.51 -3.92 69.46
N THR Q 72 4.85 -3.75 70.73
CA THR Q 72 4.30 -2.69 71.56
C THR Q 72 5.41 -1.78 72.02
N ASP Q 73 5.03 -0.65 72.58
CA ASP Q 73 5.96 0.32 73.13
C ASP Q 73 5.44 0.85 74.46
N THR Q 74 4.94 -0.04 75.31
CA THR Q 74 4.05 0.33 76.41
C THR Q 74 4.65 1.27 77.48
N SER Q 75 5.87 1.82 77.38
CA SER Q 75 6.16 3.04 78.12
C SER Q 75 5.40 4.21 77.52
N THR Q 76 5.68 4.54 76.27
CA THR Q 76 4.92 5.53 75.51
C THR Q 76 3.98 4.75 74.60
N SER Q 77 2.68 4.76 74.93
CA SER Q 77 1.77 3.64 74.68
C SER Q 77 1.49 3.25 73.22
N THR Q 78 2.27 3.79 72.28
CA THR Q 78 2.13 3.53 70.85
C THR Q 78 2.26 2.04 70.55
N ALA Q 79 1.66 1.64 69.43
CA ALA Q 79 1.74 0.27 68.94
C ALA Q 79 2.18 0.31 67.48
N TYR Q 80 3.09 -0.58 67.12
CA TYR Q 80 3.74 -0.53 65.82
C TYR Q 80 3.36 -1.72 64.97
N MET Q 81 3.34 -1.50 63.66
CA MET Q 81 3.05 -2.55 62.68
C MET Q 81 4.01 -2.39 61.52
N GLU Q 82 4.96 -3.32 61.40
CA GLU Q 82 5.87 -3.30 60.28
C GLU Q 82 5.36 -4.23 59.17
N LEU Q 83 5.97 -4.10 58.00
CA LEU Q 83 5.64 -4.95 56.86
C LEU Q 83 6.94 -5.32 56.17
N ARG Q 84 6.95 -6.49 55.53
CA ARG Q 84 8.16 -6.95 54.84
C ARG Q 84 7.78 -7.41 53.45
N SER Q 85 8.70 -7.20 52.50
CA SER Q 85 8.54 -7.53 51.08
C SER Q 85 7.28 -6.88 50.51
N LEU Q 86 7.33 -5.54 50.50
CA LEU Q 86 6.19 -4.73 50.12
C LEU Q 86 5.82 -4.93 48.66
N ARG Q 87 4.56 -4.62 48.34
CA ARG Q 87 4.01 -4.90 47.03
C ARG Q 87 2.88 -3.91 46.78
N SER Q 88 2.64 -3.62 45.49
CA SER Q 88 1.68 -2.61 45.05
C SER Q 88 0.22 -2.98 45.34
N ASP Q 89 -0.06 -4.17 45.86
CA ASP Q 89 -1.41 -4.44 46.37
C ASP Q 89 -1.65 -3.77 47.71
N ASP Q 90 -0.60 -3.34 48.41
CA ASP Q 90 -0.71 -2.72 49.72
C ASP Q 90 -0.85 -1.21 49.62
N THR Q 91 -1.76 -0.75 48.76
CA THR Q 91 -2.08 0.66 48.67
C THR Q 91 -3.36 0.89 49.48
N ALA Q 92 -3.21 0.85 50.80
CA ALA Q 92 -4.38 0.81 51.66
C ALA Q 92 -4.24 1.80 52.80
N VAL Q 93 -5.36 2.10 53.43
CA VAL Q 93 -5.40 2.92 54.63
C VAL Q 93 -5.32 1.97 55.82
N TYR Q 94 -4.28 2.14 56.64
CA TYR Q 94 -4.01 1.21 57.73
C TYR Q 94 -4.59 1.78 59.02
N TYR Q 95 -5.73 1.26 59.43
CA TYR Q 95 -6.34 1.64 60.69
C TYR Q 95 -5.82 0.77 61.80
N CYS Q 96 -5.81 1.33 63.00
CA CYS Q 96 -5.52 0.59 64.22
C CYS Q 96 -6.71 0.77 65.15
N ALA Q 97 -7.15 -0.32 65.75
CA ALA Q 97 -8.26 -0.30 66.69
C ALA Q 97 -7.95 -1.29 67.79
N ARG Q 98 -8.77 -1.26 68.83
CA ARG Q 98 -8.45 -1.91 70.10
C ARG Q 98 -9.43 -3.07 70.32
N GLU Q 99 -8.92 -4.30 70.31
CA GLU Q 99 -9.77 -5.45 70.60
C GLU Q 99 -10.01 -5.63 72.09
N GLY Q 100 -9.04 -5.25 72.91
CA GLY Q 100 -9.03 -5.73 74.27
C GLY Q 100 -8.11 -6.92 74.35
N ALA Q 101 -7.30 -7.00 75.39
CA ALA Q 101 -6.46 -8.16 75.58
C ALA Q 101 -7.34 -9.34 75.91
N TYR Q 102 -7.15 -10.45 75.22
CA TYR Q 102 -7.91 -11.63 75.59
C TYR Q 102 -7.13 -12.51 76.53
N GLY Q 103 -6.66 -11.88 77.59
CA GLY Q 103 -6.13 -12.57 78.71
C GLY Q 103 -7.22 -12.65 79.73
N TYR Q 104 -6.88 -12.42 80.97
CA TYR Q 104 -7.78 -12.77 82.05
C TYR Q 104 -8.19 -11.59 82.92
N ARG Q 105 -7.32 -10.59 83.09
CA ARG Q 105 -7.66 -9.41 83.85
C ARG Q 105 -8.34 -8.35 83.01
N SER Q 106 -8.28 -8.47 81.72
CA SER Q 106 -8.69 -7.37 80.85
C SER Q 106 -10.19 -7.38 80.65
N PRO Q 107 -10.83 -6.21 80.66
CA PRO Q 107 -12.29 -6.15 80.59
C PRO Q 107 -12.82 -6.63 79.25
N TYR Q 108 -14.10 -6.98 79.29
CA TYR Q 108 -14.78 -7.52 78.13
C TYR Q 108 -14.86 -6.47 77.05
N HIS Q 109 -14.38 -6.81 75.86
CA HIS Q 109 -14.27 -5.87 74.75
C HIS Q 109 -14.08 -6.73 73.51
N ASN Q 110 -14.88 -6.48 72.50
CA ASN Q 110 -14.76 -7.19 71.23
C ASN Q 110 -14.96 -6.23 70.06
N TRP Q 111 -14.99 -4.93 70.29
CA TRP Q 111 -15.81 -4.11 69.42
C TRP Q 111 -15.20 -2.81 68.92
N PHE Q 112 -13.91 -2.54 69.16
CA PHE Q 112 -13.15 -1.48 68.48
C PHE Q 112 -13.72 -0.08 68.74
N ASP Q 113 -13.55 0.42 69.97
CA ASP Q 113 -13.99 1.82 70.09
C ASP Q 113 -12.92 2.86 70.53
N PRO Q 114 -11.68 2.86 70.04
CA PRO Q 114 -10.94 4.12 70.08
C PRO Q 114 -10.64 4.75 68.73
N TRP Q 115 -11.03 4.11 67.62
CA TRP Q 115 -10.31 4.02 66.34
C TRP Q 115 -9.36 5.14 65.93
N GLY Q 116 -8.16 4.77 65.52
CA GLY Q 116 -7.23 5.73 64.94
C GLY Q 116 -7.73 6.27 63.61
N GLN Q 117 -7.25 7.47 63.28
CA GLN Q 117 -7.80 8.24 62.17
C GLN Q 117 -7.36 7.76 60.80
N GLY Q 118 -6.51 6.73 60.70
CA GLY Q 118 -6.12 6.22 59.41
C GLY Q 118 -4.81 6.78 58.92
N THR Q 119 -4.19 6.04 58.01
CA THR Q 119 -2.86 6.37 57.53
C THR Q 119 -2.76 6.05 56.05
N LEU Q 120 -2.46 7.06 55.25
CA LEU Q 120 -2.37 6.90 53.79
C LEU Q 120 -1.09 6.18 53.44
N VAL Q 121 -1.21 4.94 52.97
CA VAL Q 121 -0.06 4.13 52.55
C VAL Q 121 -0.34 3.65 51.14
N THR Q 122 0.47 4.18 50.22
CA THR Q 122 0.47 3.75 48.79
C THR Q 122 1.88 3.22 48.57
N VAL Q 123 2.03 2.00 48.09
CA VAL Q 123 3.37 1.37 47.90
C VAL Q 123 3.67 1.33 46.40
N SER Q 124 4.56 2.18 45.91
CA SER Q 124 4.77 2.30 44.43
C SER Q 124 6.16 2.87 44.18
N SER Q 125 6.77 2.50 43.05
CA SER Q 125 8.17 2.95 42.84
C SER Q 125 8.19 4.21 41.98
N ALA Q 126 7.06 4.94 41.86
CA ALA Q 126 7.21 6.16 41.08
C ALA Q 126 8.07 7.16 41.82
N LYS Q 127 8.44 8.23 41.12
CA LYS Q 127 9.25 9.30 41.69
C LYS Q 127 8.37 10.50 42.00
N THR Q 128 8.82 11.32 42.94
CA THR Q 128 8.10 12.53 43.32
C THR Q 128 8.17 13.53 42.18
N THR Q 129 7.07 13.67 41.45
CA THR Q 129 7.03 14.50 40.26
C THR Q 129 6.01 15.62 40.43
N PRO Q 130 6.30 16.80 39.89
CA PRO Q 130 5.30 17.87 39.92
C PRO Q 130 4.19 17.60 38.94
N PRO Q 131 2.96 18.04 39.24
CA PRO Q 131 1.83 17.80 38.32
C PRO Q 131 1.92 18.62 37.06
N SER Q 132 0.93 18.44 36.18
CA SER Q 132 0.92 19.13 34.89
C SER Q 132 -0.55 19.34 34.50
N VAL Q 133 -1.04 20.55 34.74
CA VAL Q 133 -2.46 20.85 34.58
C VAL Q 133 -2.74 21.12 33.10
N TYR Q 134 -3.74 20.42 32.55
CA TYR Q 134 -4.04 20.51 31.12
C TYR Q 134 -5.53 20.67 30.82
N PRO Q 135 -6.08 21.89 30.98
CA PRO Q 135 -7.46 22.14 30.54
C PRO Q 135 -7.58 22.83 29.20
N LEU Q 136 -8.82 22.99 28.75
CA LEU Q 136 -9.26 24.27 28.19
C LEU Q 136 -10.65 24.58 28.74
N ALA Q 137 -11.11 25.78 28.43
CA ALA Q 137 -12.40 26.30 28.86
C ALA Q 137 -12.81 27.41 27.91
N PRO Q 138 -13.71 27.14 26.96
CA PRO Q 138 -14.23 28.22 26.11
C PRO Q 138 -15.35 29.02 26.77
N GLY Q 139 -15.48 28.90 28.10
CA GLY Q 139 -16.47 29.58 28.89
C GLY Q 139 -16.44 31.10 28.80
N SER Q 140 -17.50 31.71 28.27
CA SER Q 140 -18.66 30.96 27.78
C SER Q 140 -18.99 31.30 26.34
N ALA Q 141 -18.63 30.38 25.45
CA ALA Q 141 -19.09 30.44 24.07
C ALA Q 141 -20.44 29.75 23.98
N ALA Q 142 -21.02 29.70 22.79
CA ALA Q 142 -22.32 29.03 22.60
C ALA Q 142 -22.14 28.08 21.42
N GLN Q 143 -21.70 26.86 21.72
CA GLN Q 143 -21.47 25.88 20.66
C GLN Q 143 -22.79 25.26 20.21
N THR Q 144 -23.45 24.54 21.13
CA THR Q 144 -24.74 23.91 20.85
C THR Q 144 -25.75 24.08 21.97
N ASN Q 145 -25.35 24.54 23.15
CA ASN Q 145 -26.19 24.46 24.33
C ASN Q 145 -26.19 25.79 25.07
N SER Q 146 -26.92 25.83 26.18
CA SER Q 146 -26.97 27.01 27.04
C SER Q 146 -26.20 26.85 28.35
N MET Q 147 -25.57 25.70 28.57
CA MET Q 147 -24.84 25.41 29.81
C MET Q 147 -23.44 24.92 29.45
N VAL Q 148 -22.49 25.85 29.34
CA VAL Q 148 -21.08 25.53 29.14
C VAL Q 148 -20.35 25.76 30.45
N THR Q 149 -19.85 24.68 31.04
CA THR Q 149 -19.12 24.75 32.30
C THR Q 149 -17.64 25.01 32.01
N LEU Q 150 -16.77 24.81 32.99
CA LEU Q 150 -15.34 24.93 32.80
C LEU Q 150 -14.62 24.01 33.78
N GLY Q 151 -13.61 23.29 33.28
CA GLY Q 151 -12.96 22.27 34.08
C GLY Q 151 -11.50 22.11 33.72
N CYS Q 152 -10.76 21.50 34.64
CA CYS Q 152 -9.34 21.22 34.49
C CYS Q 152 -9.04 19.74 34.66
N LEU Q 153 -7.91 19.31 34.10
CA LEU Q 153 -7.29 18.02 34.38
C LEU Q 153 -5.96 18.27 35.09
N VAL Q 154 -5.56 17.32 35.93
CA VAL Q 154 -4.25 17.34 36.57
C VAL Q 154 -3.52 16.05 36.19
N LYS Q 155 -2.36 16.17 35.57
CA LYS Q 155 -1.64 15.02 35.02
C LYS Q 155 -0.27 14.86 35.67
N GLY Q 156 0.06 13.62 36.01
CA GLY Q 156 1.43 13.22 36.26
C GLY Q 156 2.01 13.73 37.56
N TYR Q 157 1.39 13.39 38.67
CA TYR Q 157 1.88 13.81 39.98
C TYR Q 157 2.00 12.60 40.88
N PHE Q 158 2.96 12.67 41.78
CA PHE Q 158 3.20 11.58 42.71
C PHE Q 158 3.88 12.16 43.95
N PRO Q 159 3.44 11.80 45.16
CA PRO Q 159 2.27 10.96 45.45
C PRO Q 159 0.97 11.75 45.52
N GLU Q 160 -0.01 11.18 46.21
CA GLU Q 160 -1.27 11.84 46.49
C GLU Q 160 -1.07 12.97 47.49
N PRO Q 161 -2.00 13.95 47.54
CA PRO Q 161 -2.99 14.39 46.57
C PRO Q 161 -2.68 15.79 46.03
N VAL Q 162 -3.50 16.29 45.12
CA VAL Q 162 -3.45 17.68 44.71
C VAL Q 162 -4.61 18.42 45.38
N THR Q 163 -4.49 19.74 45.42
CA THR Q 163 -5.52 20.62 45.95
C THR Q 163 -5.90 21.61 44.86
N VAL Q 164 -7.13 21.48 44.34
CA VAL Q 164 -7.58 22.26 43.19
C VAL Q 164 -8.68 23.20 43.66
N THR Q 165 -8.44 24.50 43.54
CA THR Q 165 -9.45 25.51 43.81
C THR Q 165 -9.67 26.35 42.56
N TRP Q 166 -10.79 27.07 42.55
CA TRP Q 166 -11.23 27.84 41.40
C TRP Q 166 -11.35 29.30 41.77
N ASN Q 167 -10.59 30.15 41.06
CA ASN Q 167 -10.44 31.58 41.36
C ASN Q 167 -10.03 31.80 42.81
N SER Q 168 -8.99 31.08 43.22
CA SER Q 168 -8.51 30.99 44.61
C SER Q 168 -9.61 30.55 45.57
N GLY Q 169 -10.47 29.63 45.12
CA GLY Q 169 -11.56 29.13 45.94
C GLY Q 169 -12.76 30.04 46.06
N SER Q 170 -12.74 31.23 45.43
CA SER Q 170 -13.86 32.15 45.54
C SER Q 170 -15.05 31.67 44.73
N LEU Q 171 -14.81 31.24 43.50
CA LEU Q 171 -15.86 30.62 42.68
C LEU Q 171 -16.20 29.26 43.26
N SER Q 172 -17.36 29.14 43.89
CA SER Q 172 -17.68 27.99 44.73
C SER Q 172 -18.79 27.10 44.19
N SER Q 173 -19.67 27.60 43.33
CA SER Q 173 -20.77 26.80 42.83
C SER Q 173 -20.25 25.79 41.80
N GLY Q 174 -20.67 24.54 41.95
CA GLY Q 174 -20.23 23.48 41.07
C GLY Q 174 -18.84 22.97 41.34
N VAL Q 175 -18.22 23.35 42.46
CA VAL Q 175 -16.89 22.85 42.80
C VAL Q 175 -17.02 21.40 43.24
N HIS Q 176 -16.48 20.50 42.42
CA HIS Q 176 -16.47 19.06 42.72
C HIS Q 176 -15.10 18.54 42.27
N THR Q 177 -14.14 18.59 43.20
CA THR Q 177 -12.80 18.10 42.92
C THR Q 177 -12.84 16.59 42.83
N PHE Q 178 -12.48 16.07 41.69
CA PHE Q 178 -12.64 14.65 41.45
C PHE Q 178 -11.46 13.89 42.02
N PRO Q 179 -11.71 12.85 42.82
CA PRO Q 179 -10.60 12.05 43.37
C PRO Q 179 -9.78 11.35 42.31
N ALA Q 180 -8.58 10.94 42.71
CA ALA Q 180 -7.54 10.55 41.78
C ALA Q 180 -7.77 9.15 41.24
N VAL Q 181 -6.93 8.77 40.27
CA VAL Q 181 -6.95 7.45 39.65
C VAL Q 181 -5.55 7.16 39.14
N LEU Q 182 -5.09 5.93 39.40
CA LEU Q 182 -3.71 5.54 39.13
C LEU Q 182 -3.61 5.02 37.71
N GLN Q 183 -2.59 5.47 36.98
CA GLN Q 183 -2.43 5.16 35.56
C GLN Q 183 -1.92 3.74 35.35
N SER Q 184 -1.58 3.41 34.10
CA SER Q 184 -0.83 2.20 33.82
C SER Q 184 0.67 2.41 34.05
N ASP Q 185 1.13 3.66 34.07
CA ASP Q 185 2.53 3.99 34.26
C ASP Q 185 2.85 4.39 35.70
N LEU Q 186 2.00 4.01 36.65
CA LEU Q 186 2.11 4.34 38.08
C LEU Q 186 2.11 5.84 38.32
N TYR Q 187 1.35 6.59 37.53
CA TYR Q 187 1.11 8.00 37.78
C TYR Q 187 -0.37 8.22 38.03
N THR Q 188 -0.73 9.46 38.37
CA THR Q 188 -2.05 9.78 38.89
C THR Q 188 -2.71 10.88 38.06
N LEU Q 189 -4.04 10.85 38.03
CA LEU Q 189 -4.86 11.76 37.24
C LEU Q 189 -6.05 12.22 38.08
N SER Q 190 -6.35 13.51 38.03
CA SER Q 190 -7.48 14.06 38.76
C SER Q 190 -8.04 15.26 37.99
N SER Q 191 -9.15 15.81 38.51
CA SER Q 191 -9.89 16.84 37.79
C SER Q 191 -10.74 17.64 38.78
N SER Q 192 -11.36 18.71 38.26
CA SER Q 192 -12.32 19.53 38.99
C SER Q 192 -13.10 20.38 38.00
N VAL Q 193 -14.18 21.01 38.48
CA VAL Q 193 -15.04 21.89 37.69
C VAL Q 193 -15.65 22.99 38.57
N THR Q 194 -16.24 23.98 37.89
CA THR Q 194 -17.37 24.77 38.37
C THR Q 194 -18.41 24.77 37.26
N VAL Q 195 -19.57 25.37 37.54
CA VAL Q 195 -20.66 25.39 36.54
C VAL Q 195 -21.09 26.83 36.26
N PRO Q 196 -20.61 27.44 35.18
CA PRO Q 196 -21.32 28.56 34.58
C PRO Q 196 -22.23 28.09 33.45
N SER Q 197 -23.03 29.03 32.93
CA SER Q 197 -23.86 28.77 31.77
C SER Q 197 -23.11 29.19 30.50
N SER Q 198 -23.83 29.25 29.38
CA SER Q 198 -23.28 29.81 28.16
C SER Q 198 -23.36 31.32 28.10
N THR Q 199 -24.03 31.95 29.07
CA THR Q 199 -24.27 33.39 29.07
C THR Q 199 -23.32 34.13 30.00
N TRP Q 200 -22.08 33.66 30.12
CA TRP Q 200 -21.07 34.33 30.95
C TRP Q 200 -19.71 34.31 30.26
N PRO Q 201 -19.55 35.07 29.17
CA PRO Q 201 -18.28 34.99 28.42
C PRO Q 201 -17.12 35.67 29.12
N SER Q 202 -17.38 36.65 29.99
CA SER Q 202 -16.34 37.38 30.68
C SER Q 202 -16.01 36.76 32.04
N GLU Q 203 -15.74 35.46 32.03
CA GLU Q 203 -15.32 34.73 33.22
C GLU Q 203 -13.99 34.04 32.90
N THR Q 204 -12.90 34.76 33.12
CA THR Q 204 -11.56 34.19 33.00
C THR Q 204 -11.22 33.50 34.32
N VAL Q 205 -11.37 32.19 34.37
CA VAL Q 205 -11.28 31.41 35.59
C VAL Q 205 -10.02 30.55 35.53
N THR Q 206 -9.23 30.58 36.60
CA THR Q 206 -8.02 29.78 36.71
C THR Q 206 -8.23 28.72 37.79
N CYS Q 207 -7.96 27.46 37.45
CA CYS Q 207 -7.88 26.43 38.46
C CYS Q 207 -6.54 26.50 39.16
N ASN Q 208 -6.57 26.63 40.48
CA ASN Q 208 -5.38 26.88 41.28
C ASN Q 208 -4.97 25.55 41.91
N VAL Q 209 -4.12 24.81 41.21
CA VAL Q 209 -3.75 23.46 41.59
C VAL Q 209 -2.42 23.49 42.33
N ALA Q 210 -2.39 22.89 43.51
CA ALA Q 210 -1.18 22.82 44.32
C ALA Q 210 -0.97 21.39 44.80
N HIS Q 211 0.20 20.83 44.50
CA HIS Q 211 0.60 19.51 44.95
C HIS Q 211 1.77 19.70 45.91
N PRO Q 212 1.51 19.76 47.21
CA PRO Q 212 2.56 20.14 48.17
C PRO Q 212 3.60 19.06 48.40
N ALA Q 213 3.33 17.80 48.03
CA ALA Q 213 4.36 16.77 48.15
C ALA Q 213 5.46 16.97 47.11
N SER Q 214 5.13 17.59 45.98
CA SER Q 214 6.13 18.12 45.07
C SER Q 214 6.33 19.62 45.23
N SER Q 215 5.47 20.27 46.03
CA SER Q 215 5.57 21.68 46.43
C SER Q 215 5.57 22.62 45.22
N THR Q 216 4.77 22.29 44.21
CA THR Q 216 4.63 23.11 43.02
C THR Q 216 3.18 23.52 42.84
N LYS Q 217 3.00 24.71 42.26
CA LYS Q 217 1.68 25.28 42.02
C LYS Q 217 1.56 25.64 40.54
N VAL Q 218 0.45 25.25 39.92
CA VAL Q 218 0.18 25.57 38.52
C VAL Q 218 -1.15 26.30 38.46
N ASP Q 219 -1.11 27.58 38.12
CA ASP Q 219 -2.31 28.40 37.93
C ASP Q 219 -2.49 28.62 36.44
N LYS Q 220 -3.62 28.17 35.90
CA LYS Q 220 -3.82 28.09 34.45
C LYS Q 220 -4.79 29.18 33.99
N LYS Q 221 -4.24 30.22 33.37
CA LYS Q 221 -5.07 31.21 32.69
C LYS Q 221 -5.59 30.62 31.39
N ILE Q 222 -6.90 30.71 31.17
CA ILE Q 222 -7.56 30.08 30.04
C ILE Q 222 -8.28 31.14 29.22
N VAL Q 223 -7.98 31.19 27.93
CA VAL Q 223 -8.64 32.10 26.99
C VAL Q 223 -9.22 31.29 25.84
N PRO Q 224 -10.49 31.47 25.48
CA PRO Q 224 -11.03 30.77 24.31
C PRO Q 224 -10.46 31.32 23.01
N ARG Q 225 -10.59 30.53 21.95
CA ARG Q 225 -9.96 30.85 20.68
C ARG Q 225 -10.96 30.87 19.53
N ASP Q 226 -10.47 31.03 18.30
CA ASP Q 226 -11.30 31.09 17.12
C ASP Q 226 -11.84 29.72 16.75
N GLN R 1 -16.84 -55.18 52.55
CA GLN R 1 -15.43 -55.38 52.28
C GLN R 1 -14.64 -54.11 52.45
N VAL R 2 -13.34 -54.19 52.20
CA VAL R 2 -12.45 -53.04 52.41
C VAL R 2 -12.61 -52.08 51.24
N GLN R 3 -13.09 -50.88 51.52
CA GLN R 3 -13.37 -49.89 50.48
C GLN R 3 -12.88 -48.52 50.92
N LEU R 4 -12.90 -47.60 49.96
CA LEU R 4 -12.81 -46.16 50.24
C LEU R 4 -13.70 -45.47 49.23
N VAL R 5 -14.63 -44.67 49.70
CA VAL R 5 -15.56 -43.95 48.83
C VAL R 5 -15.22 -42.47 48.91
N GLN R 6 -15.15 -41.81 47.76
CA GLN R 6 -14.88 -40.38 47.70
C GLN R 6 -16.07 -39.63 47.12
N SER R 7 -16.13 -38.35 47.47
CA SER R 7 -17.14 -37.43 46.96
C SER R 7 -16.67 -36.01 47.24
N GLY R 8 -16.75 -35.14 46.24
CA GLY R 8 -17.20 -35.45 44.91
C GLY R 8 -16.47 -34.59 43.90
N ALA R 9 -16.83 -34.72 42.63
CA ALA R 9 -16.17 -33.98 41.55
C ALA R 9 -16.50 -32.50 41.70
N GLU R 10 -15.53 -31.73 42.17
CA GLU R 10 -15.74 -30.33 42.51
C GLU R 10 -14.78 -29.46 41.71
N VAL R 11 -15.26 -28.28 41.32
CA VAL R 11 -14.44 -27.30 40.61
C VAL R 11 -14.43 -26.00 41.41
N LYS R 12 -13.24 -25.46 41.65
CA LYS R 12 -13.03 -24.22 42.40
C LYS R 12 -12.11 -23.32 41.60
N LYS R 13 -12.43 -22.02 41.56
CA LYS R 13 -11.93 -21.19 40.47
C LYS R 13 -10.43 -20.85 40.56
N PRO R 14 -9.92 -19.85 41.39
CA PRO R 14 -8.70 -20.14 42.17
C PRO R 14 -8.96 -20.26 43.66
N GLY R 15 -10.22 -20.35 44.06
CA GLY R 15 -10.58 -19.88 45.39
C GLY R 15 -10.42 -20.85 46.54
N ALA R 16 -11.52 -21.19 47.19
CA ALA R 16 -11.46 -21.90 48.46
C ALA R 16 -11.11 -23.38 48.27
N SER R 17 -11.06 -24.09 49.38
CA SER R 17 -10.43 -25.39 49.52
C SER R 17 -11.18 -26.47 48.75
N VAL R 18 -10.54 -27.62 48.65
CA VAL R 18 -11.03 -28.78 47.91
C VAL R 18 -11.10 -29.92 48.91
N LYS R 19 -11.66 -29.64 50.09
CA LYS R 19 -11.85 -30.65 51.13
C LYS R 19 -12.61 -31.87 50.63
N VAL R 20 -11.94 -33.03 50.57
CA VAL R 20 -12.47 -34.23 49.92
C VAL R 20 -12.64 -35.32 50.97
N SER R 21 -13.85 -35.88 51.04
CA SER R 21 -14.11 -37.01 51.92
C SER R 21 -13.51 -38.30 51.35
N CYS R 22 -13.11 -39.19 52.26
CA CYS R 22 -12.58 -40.51 51.89
C CYS R 22 -13.07 -41.49 52.95
N LYS R 23 -14.26 -42.04 52.75
CA LYS R 23 -14.95 -42.81 53.78
C LYS R 23 -14.39 -44.22 53.86
N ALA R 24 -13.90 -44.61 55.03
CA ALA R 24 -13.16 -45.85 55.21
C ALA R 24 -14.07 -46.91 55.82
N SER R 25 -14.40 -47.93 55.04
CA SER R 25 -15.31 -48.98 55.49
C SER R 25 -14.59 -50.32 55.45
N GLY R 26 -15.17 -51.30 56.13
CA GLY R 26 -14.68 -52.65 56.06
C GLY R 26 -13.63 -53.00 57.10
N TYR R 27 -12.56 -52.22 57.16
CA TYR R 27 -11.47 -52.47 58.10
C TYR R 27 -11.63 -51.58 59.32
N THR R 28 -10.88 -51.92 60.37
CA THR R 28 -10.89 -51.11 61.57
C THR R 28 -10.09 -49.83 61.35
N PHE R 29 -10.75 -48.69 61.55
CA PHE R 29 -10.05 -47.43 61.48
C PHE R 29 -9.35 -47.20 62.83
N THR R 30 -8.50 -46.16 62.90
CA THR R 30 -7.48 -45.97 63.94
C THR R 30 -6.56 -47.19 64.07
N ASN R 31 -6.33 -47.86 62.96
CA ASN R 31 -5.38 -48.95 62.92
C ASN R 31 -4.60 -48.92 61.62
N TYR R 32 -4.86 -47.95 60.77
CA TYR R 32 -4.13 -47.71 59.53
C TYR R 32 -4.11 -46.22 59.27
N GLY R 33 -3.34 -45.80 58.29
CA GLY R 33 -3.24 -44.39 58.00
C GLY R 33 -3.45 -44.10 56.54
N ILE R 34 -4.33 -43.15 56.22
CA ILE R 34 -4.69 -42.87 54.85
C ILE R 34 -3.76 -41.79 54.29
N SER R 35 -3.16 -42.06 53.15
CA SER R 35 -2.39 -41.07 52.41
C SER R 35 -3.17 -40.61 51.20
N TRP R 36 -2.63 -39.62 50.52
CA TRP R 36 -3.29 -38.99 49.39
C TRP R 36 -2.29 -38.78 48.27
N VAL R 37 -2.79 -38.92 47.03
CA VAL R 37 -1.93 -38.88 45.87
C VAL R 37 -2.71 -38.30 44.70
N ARG R 38 -2.11 -37.34 44.01
CA ARG R 38 -2.71 -36.64 42.90
C ARG R 38 -2.26 -37.26 41.58
N GLN R 39 -3.05 -37.03 40.53
CA GLN R 39 -2.68 -37.49 39.20
C GLN R 39 -3.22 -36.50 38.18
N ALA R 40 -2.32 -35.73 37.57
CA ALA R 40 -2.69 -34.97 36.40
C ALA R 40 -2.98 -35.93 35.25
N PRO R 41 -3.91 -35.58 34.35
CA PRO R 41 -4.27 -36.50 33.26
C PRO R 41 -3.12 -36.68 32.28
N GLY R 42 -2.82 -37.94 31.98
CA GLY R 42 -1.68 -38.25 31.14
C GLY R 42 -0.34 -38.04 31.81
N GLN R 43 -0.30 -38.07 33.13
CA GLN R 43 0.92 -37.81 33.89
C GLN R 43 1.07 -38.88 34.96
N GLY R 44 2.10 -38.71 35.78
CA GLY R 44 2.37 -39.63 36.87
C GLY R 44 1.50 -39.37 38.08
N LEU R 45 1.89 -39.96 39.19
CA LEU R 45 1.14 -39.89 40.44
C LEU R 45 2.05 -39.32 41.51
N GLU R 46 1.88 -38.03 41.81
CA GLU R 46 2.69 -37.34 42.81
C GLU R 46 2.06 -37.56 44.18
N TRP R 47 2.86 -38.09 45.11
CA TRP R 47 2.42 -38.23 46.48
C TRP R 47 2.26 -36.86 47.11
N MET R 48 1.26 -36.73 47.98
CA MET R 48 1.01 -35.39 48.52
C MET R 48 0.62 -35.39 50.00
N GLY R 49 1.01 -36.40 50.77
CA GLY R 49 0.76 -36.36 52.20
C GLY R 49 0.15 -37.62 52.75
N TRP R 50 0.17 -37.76 54.07
CA TRP R 50 -0.27 -38.99 54.73
C TRP R 50 -0.63 -38.68 56.18
N ILE R 51 -1.88 -38.86 56.55
CA ILE R 51 -2.27 -38.80 57.95
C ILE R 51 -2.34 -40.21 58.50
N SER R 52 -1.98 -40.35 59.77
CA SER R 52 -2.26 -41.57 60.49
C SER R 52 -3.55 -41.40 61.25
N ALA R 53 -4.25 -42.49 61.46
CA ALA R 53 -5.44 -42.45 62.29
C ALA R 53 -5.17 -42.94 63.70
N TYR R 54 -3.92 -43.35 63.99
CA TYR R 54 -3.55 -43.67 65.36
C TYR R 54 -3.57 -42.42 66.22
N ASN R 55 -2.74 -41.42 65.88
CA ASN R 55 -2.91 -40.09 66.47
C ASN R 55 -2.44 -39.04 65.45
N GLY R 56 -3.37 -38.62 64.60
CA GLY R 56 -3.39 -37.40 63.82
C GLY R 56 -2.10 -36.81 63.30
N ASN R 57 -1.18 -37.65 62.84
CA ASN R 57 0.13 -37.16 62.48
C ASN R 57 0.08 -36.58 61.08
N THR R 58 0.71 -35.42 60.89
CA THR R 58 0.41 -34.62 59.70
C THR R 58 1.16 -35.13 58.48
N ASN R 59 2.50 -35.02 58.50
CA ASN R 59 3.43 -35.68 57.58
C ASN R 59 3.13 -35.36 56.10
N TYR R 60 3.26 -34.10 55.73
CA TYR R 60 2.91 -33.67 54.39
C TYR R 60 4.09 -33.87 53.44
N ALA R 61 3.99 -33.30 52.25
CA ALA R 61 4.95 -33.53 51.18
C ALA R 61 5.68 -32.25 50.82
N GLN R 62 6.68 -32.40 49.96
CA GLN R 62 7.42 -31.26 49.46
C GLN R 62 6.59 -30.55 48.39
N LYS R 63 6.87 -29.25 48.22
CA LYS R 63 6.29 -28.25 47.31
C LYS R 63 4.90 -27.79 47.77
N LEU R 64 4.35 -28.37 48.82
CA LEU R 64 3.06 -27.95 49.35
C LEU R 64 3.04 -28.36 50.82
N GLN R 65 3.13 -27.37 51.71
CA GLN R 65 3.57 -27.59 53.09
C GLN R 65 2.52 -27.33 54.18
N GLY R 66 1.88 -26.15 54.31
CA GLY R 66 1.73 -25.05 53.37
C GLY R 66 0.34 -25.07 52.81
N ARG R 67 0.19 -25.63 51.61
CA ARG R 67 -1.10 -25.57 50.94
C ARG R 67 -2.07 -26.61 51.48
N VAL R 68 -1.64 -27.86 51.63
CA VAL R 68 -2.50 -28.91 52.16
C VAL R 68 -2.64 -28.80 53.67
N THR R 69 -3.85 -29.07 54.14
CA THR R 69 -4.07 -29.51 55.51
C THR R 69 -4.90 -30.77 55.46
N MET R 70 -4.64 -31.67 56.40
CA MET R 70 -5.26 -32.99 56.40
C MET R 70 -5.59 -33.41 57.82
N THR R 71 -6.86 -33.74 58.05
CA THR R 71 -7.34 -34.18 59.35
C THR R 71 -8.07 -35.50 59.20
N THR R 72 -8.54 -36.03 60.33
CA THR R 72 -9.34 -37.24 60.35
C THR R 72 -10.72 -36.92 60.91
N ASP R 73 -11.62 -37.89 60.77
CA ASP R 73 -12.97 -37.76 61.30
C ASP R 73 -13.38 -39.09 61.92
N THR R 74 -12.49 -39.68 62.71
CA THR R 74 -12.57 -41.11 63.06
C THR R 74 -13.83 -41.55 63.85
N SER R 75 -14.84 -40.73 64.13
CA SER R 75 -16.16 -41.29 64.43
C SER R 75 -16.76 -41.89 63.16
N THR R 76 -17.00 -41.05 62.15
CA THR R 76 -17.42 -41.50 60.83
C THR R 76 -16.19 -41.46 59.94
N SER R 77 -15.64 -42.64 59.61
CA SER R 77 -14.21 -42.86 59.39
C SER R 77 -13.55 -42.12 58.23
N THR R 78 -14.24 -41.16 57.63
CA THR R 78 -13.73 -40.37 56.52
C THR R 78 -12.44 -39.63 56.86
N ALA R 79 -11.66 -39.35 55.84
CA ALA R 79 -10.42 -38.58 55.97
C ALA R 79 -10.45 -37.43 54.98
N TYR R 80 -10.02 -36.26 55.44
CA TYR R 80 -10.19 -35.03 54.67
C TYR R 80 -8.83 -34.48 54.24
N MET R 81 -8.84 -33.81 53.09
CA MET R 81 -7.65 -33.17 52.55
C MET R 81 -8.06 -31.81 52.00
N GLU R 82 -7.67 -30.74 52.68
CA GLU R 82 -7.92 -29.40 52.18
C GLU R 82 -6.73 -28.89 51.39
N LEU R 83 -6.94 -27.78 50.68
CA LEU R 83 -5.88 -27.14 49.91
C LEU R 83 -6.05 -25.64 50.10
N ARG R 84 -4.94 -24.91 50.00
CA ARG R 84 -4.99 -23.47 50.18
C ARG R 84 -4.20 -22.82 49.05
N SER R 85 -4.68 -21.64 48.63
CA SER R 85 -4.12 -20.85 47.53
C SER R 85 -4.04 -21.68 46.25
N LEU R 86 -5.23 -22.04 45.77
CA LEU R 86 -5.38 -22.94 44.63
C LEU R 86 -4.84 -22.32 43.35
N ARG R 87 -4.50 -23.19 42.41
CA ARG R 87 -3.81 -22.78 41.20
C ARG R 87 -4.13 -23.80 40.11
N SER R 88 -4.11 -23.33 38.86
CA SER R 88 -4.49 -24.11 37.69
C SER R 88 -3.56 -25.28 37.38
N ASP R 89 -2.45 -25.45 38.11
CA ASP R 89 -1.68 -26.68 38.01
C ASP R 89 -2.34 -27.83 38.74
N ASP R 90 -3.29 -27.54 39.62
CA ASP R 90 -3.97 -28.58 40.40
C ASP R 90 -5.23 -29.08 39.70
N THR R 91 -5.10 -29.42 38.42
CA THR R 91 -6.19 -30.05 37.68
C THR R 91 -5.92 -31.54 37.66
N ALA R 92 -6.13 -32.18 38.81
CA ALA R 92 -5.69 -33.54 38.99
C ALA R 92 -6.80 -34.39 39.61
N VAL R 93 -6.64 -35.70 39.49
CA VAL R 93 -7.52 -36.66 40.15
C VAL R 93 -6.89 -36.99 41.50
N TYR R 94 -7.61 -36.72 42.57
CA TYR R 94 -7.07 -36.85 43.92
C TYR R 94 -7.49 -38.20 44.48
N TYR R 95 -6.57 -39.15 44.48
CA TYR R 95 -6.82 -40.46 45.07
C TYR R 95 -6.44 -40.43 46.55
N CYS R 96 -7.11 -41.28 47.31
CA CYS R 96 -6.75 -41.54 48.70
C CYS R 96 -6.52 -43.02 48.84
N ALA R 97 -5.42 -43.38 49.52
CA ALA R 97 -5.08 -44.76 49.76
C ALA R 97 -4.50 -44.87 51.15
N ARG R 98 -4.31 -46.08 51.60
CA ARG R 98 -4.05 -46.37 53.01
C ARG R 98 -2.63 -46.91 53.17
N GLU R 99 -1.77 -46.13 53.83
CA GLU R 99 -0.42 -46.61 54.11
C GLU R 99 -0.36 -47.58 55.27
N GLY R 100 -1.25 -47.43 56.23
CA GLY R 100 -1.02 -48.05 57.52
C GLY R 100 -0.39 -47.03 58.44
N ALA R 101 -0.84 -46.99 59.68
CA ALA R 101 -0.23 -46.11 60.65
C ALA R 101 1.17 -46.62 60.95
N TYR R 102 2.15 -45.74 60.88
CA TYR R 102 3.49 -46.17 61.25
C TYR R 102 3.78 -45.85 62.71
N GLY R 103 2.85 -46.29 63.54
CA GLY R 103 3.07 -46.32 64.95
C GLY R 103 3.49 -47.71 65.30
N TYR R 104 2.96 -48.22 66.38
CA TYR R 104 3.52 -49.42 66.96
C TYR R 104 2.54 -50.58 67.04
N ARG R 105 1.25 -50.31 67.22
CA ARG R 105 0.26 -51.37 67.25
C ARG R 105 -0.25 -51.73 65.86
N SER R 106 0.00 -50.90 64.89
CA SER R 106 -0.66 -51.05 63.60
C SER R 106 0.06 -52.08 62.74
N PRO R 107 -0.68 -52.93 62.04
CA PRO R 107 -0.06 -54.02 61.28
C PRO R 107 0.79 -53.52 60.13
N TYR R 108 1.67 -54.42 59.70
CA TYR R 108 2.62 -54.11 58.64
C TYR R 108 1.87 -53.88 57.34
N HIS R 109 2.13 -52.72 56.74
CA HIS R 109 1.41 -52.28 55.55
C HIS R 109 2.25 -51.18 54.95
N ASN R 110 2.54 -51.28 53.66
CA ASN R 110 3.28 -50.25 52.95
C ASN R 110 2.71 -50.03 51.57
N TRP R 111 1.53 -50.57 51.26
CA TRP R 111 1.30 -50.94 49.88
C TRP R 111 -0.05 -50.58 49.28
N PHE R 112 -0.90 -49.81 49.97
CA PHE R 112 -2.09 -49.17 49.38
C PHE R 112 -3.09 -50.18 48.82
N ASP R 113 -3.79 -50.90 49.70
CA ASP R 113 -4.84 -51.72 49.09
C ASP R 113 -6.29 -51.47 49.56
N PRO R 114 -6.79 -50.23 49.73
CA PRO R 114 -8.24 -50.07 49.64
C PRO R 114 -8.75 -49.27 48.45
N TRP R 115 -7.84 -48.74 47.61
CA TRP R 115 -7.92 -47.43 46.96
C TRP R 115 -9.27 -46.81 46.65
N GLY R 116 -9.43 -45.54 47.00
CA GLY R 116 -10.61 -44.80 46.61
C GLY R 116 -10.68 -44.58 45.11
N GLN R 117 -11.90 -44.37 44.62
CA GLN R 117 -12.18 -44.40 43.19
C GLN R 117 -11.76 -43.13 42.46
N GLY R 118 -11.22 -42.13 43.15
CA GLY R 118 -10.76 -40.94 42.47
C GLY R 118 -11.78 -39.82 42.47
N THR R 119 -11.29 -38.60 42.29
CA THR R 119 -12.12 -37.41 42.41
C THR R 119 -11.66 -36.39 41.36
N LEU R 120 -12.58 -36.01 40.48
CA LEU R 120 -12.27 -35.06 39.41
C LEU R 120 -12.16 -33.66 39.98
N VAL R 121 -10.95 -33.12 40.00
CA VAL R 121 -10.71 -31.77 40.48
C VAL R 121 -9.94 -31.02 39.39
N THR R 122 -10.65 -30.03 38.82
CA THR R 122 -10.07 -29.10 37.82
C THR R 122 -10.23 -27.73 38.50
N VAL R 123 -9.14 -26.97 38.63
CA VAL R 123 -9.18 -25.65 39.32
C VAL R 123 -9.05 -24.55 38.26
N SER R 124 -10.15 -23.85 37.94
CA SER R 124 -10.13 -22.88 36.82
C SER R 124 -11.23 -21.84 37.05
N SER R 125 -11.01 -20.62 36.56
CA SER R 125 -12.01 -19.57 36.85
C SER R 125 -13.02 -19.44 35.72
N ALA R 126 -13.14 -20.45 34.82
CA ALA R 126 -14.16 -20.26 33.82
C ALA R 126 -15.54 -20.33 34.45
N LYS R 127 -16.54 -19.97 33.65
CA LYS R 127 -17.93 -20.00 34.09
C LYS R 127 -18.64 -21.21 33.50
N THR R 128 -19.70 -21.64 34.18
CA THR R 128 -20.49 -22.78 33.71
C THR R 128 -21.24 -22.37 32.45
N THR R 129 -20.77 -22.84 31.31
CA THR R 129 -21.31 -22.44 30.02
C THR R 129 -21.85 -23.65 29.27
N PRO R 130 -22.96 -23.49 28.54
CA PRO R 130 -23.45 -24.59 27.72
C PRO R 130 -22.57 -24.80 26.50
N PRO R 131 -22.44 -26.03 26.02
CA PRO R 131 -21.59 -26.29 24.85
C PRO R 131 -22.18 -25.75 23.56
N SER R 132 -21.45 -25.96 22.46
CA SER R 132 -21.87 -25.43 21.16
C SER R 132 -21.34 -26.39 20.10
N VAL R 133 -22.22 -27.27 19.63
CA VAL R 133 -21.82 -28.35 18.72
C VAL R 133 -21.71 -27.80 17.31
N TYR R 134 -20.57 -28.04 16.65
CA TYR R 134 -20.31 -27.48 15.32
C TYR R 134 -19.74 -28.48 14.33
N PRO R 135 -20.58 -29.37 13.77
CA PRO R 135 -20.11 -30.24 12.69
C PRO R 135 -20.48 -29.78 11.30
N LEU R 136 -20.01 -30.52 10.30
CA LEU R 136 -20.84 -30.92 9.17
C LEU R 136 -20.56 -32.38 8.86
N ALA R 137 -21.38 -32.92 7.97
CA ALA R 137 -21.31 -34.31 7.53
C ALA R 137 -21.97 -34.41 6.17
N PRO R 138 -21.19 -34.48 5.08
CA PRO R 138 -21.78 -34.72 3.76
C PRO R 138 -22.07 -36.18 3.48
N GLY R 139 -22.10 -37.01 4.54
CA GLY R 139 -22.37 -38.43 4.47
C GLY R 139 -23.71 -38.80 3.87
N SER R 140 -23.68 -39.49 2.72
CA SER R 140 -22.44 -39.87 2.06
C SER R 140 -22.38 -39.41 0.63
N ALA R 141 -21.60 -38.35 0.41
CA ALA R 141 -21.25 -37.92 -0.94
C ALA R 141 -20.02 -38.70 -1.38
N ALA R 142 -19.55 -38.45 -2.60
CA ALA R 142 -18.35 -39.13 -3.11
C ALA R 142 -17.42 -38.03 -3.63
N GLN R 143 -16.59 -37.50 -2.74
CA GLN R 143 -15.68 -36.43 -3.13
C GLN R 143 -14.47 -36.99 -3.86
N THR R 144 -13.67 -37.80 -3.17
CA THR R 144 -12.50 -38.43 -3.76
C THR R 144 -12.33 -39.90 -3.39
N ASN R 145 -13.10 -40.41 -2.42
CA ASN R 145 -12.80 -41.71 -1.82
C ASN R 145 -14.09 -42.52 -1.71
N SER R 146 -13.95 -43.73 -1.15
CA SER R 146 -15.09 -44.62 -0.91
C SER R 146 -15.48 -44.72 0.56
N MET R 147 -14.78 -44.02 1.45
CA MET R 147 -15.03 -44.08 2.88
C MET R 147 -15.18 -42.66 3.43
N VAL R 148 -16.42 -42.15 3.44
CA VAL R 148 -16.73 -40.86 4.04
C VAL R 148 -17.46 -41.13 5.35
N THR R 149 -16.82 -40.76 6.45
CA THR R 149 -17.38 -40.94 7.78
C THR R 149 -18.25 -39.73 8.13
N LEU R 150 -18.59 -39.56 9.40
CA LEU R 150 -19.32 -38.39 9.86
C LEU R 150 -18.98 -38.13 11.32
N GLY R 151 -18.74 -36.86 11.64
CA GLY R 151 -18.25 -36.51 12.96
C GLY R 151 -18.71 -35.14 13.41
N CYS R 152 -18.64 -34.92 14.72
CA CYS R 152 -19.01 -33.66 15.34
C CYS R 152 -17.87 -33.09 16.17
N LEU R 153 -17.92 -31.78 16.39
CA LEU R 153 -17.12 -31.08 17.38
C LEU R 153 -18.03 -30.55 18.47
N VAL R 154 -17.49 -30.42 19.68
CA VAL R 154 -18.19 -29.80 20.80
C VAL R 154 -17.32 -28.64 21.30
N LYS R 155 -17.88 -27.43 21.28
CA LYS R 155 -17.11 -26.23 21.59
C LYS R 155 -17.67 -25.50 22.82
N GLY R 156 -16.78 -25.07 23.69
CA GLY R 156 -17.09 -24.05 24.67
C GLY R 156 -17.99 -24.50 25.80
N TYR R 157 -17.56 -25.51 26.54
CA TYR R 157 -18.33 -26.01 27.67
C TYR R 157 -17.44 -26.07 28.90
N PHE R 158 -18.06 -25.87 30.05
CA PHE R 158 -17.36 -25.89 31.31
C PHE R 158 -18.34 -26.25 32.41
N PRO R 159 -18.00 -27.17 33.31
CA PRO R 159 -16.77 -27.98 33.33
C PRO R 159 -16.88 -29.25 32.49
N GLU R 160 -16.04 -30.22 32.81
CA GLU R 160 -16.09 -31.53 32.20
C GLU R 160 -17.32 -32.30 32.69
N PRO R 161 -17.77 -33.32 31.95
CA PRO R 161 -17.57 -33.66 30.54
C PRO R 161 -18.86 -33.54 29.74
N VAL R 162 -18.80 -33.80 28.44
CA VAL R 162 -19.99 -33.95 27.62
C VAL R 162 -20.22 -35.42 27.35
N THR R 163 -21.44 -35.75 26.96
CA THR R 163 -21.83 -37.11 26.60
C THR R 163 -22.36 -37.08 25.17
N VAL R 164 -21.63 -37.68 24.24
CA VAL R 164 -21.94 -37.60 22.81
C VAL R 164 -22.34 -38.99 22.34
N THR R 165 -23.58 -39.13 21.88
CA THR R 165 -24.05 -40.36 21.27
C THR R 165 -24.51 -40.07 19.85
N TRP R 166 -24.65 -41.14 19.06
CA TRP R 166 -24.96 -41.04 17.64
C TRP R 166 -26.25 -41.78 17.35
N ASN R 167 -27.23 -41.06 16.82
CA ASN R 167 -28.60 -41.55 16.61
C ASN R 167 -29.18 -42.14 17.89
N SER R 168 -29.08 -41.35 18.97
CA SER R 168 -29.42 -41.76 20.34
C SER R 168 -28.67 -43.01 20.76
N GLY R 169 -27.41 -43.13 20.35
CA GLY R 169 -26.59 -44.28 20.68
C GLY R 169 -26.87 -45.54 19.89
N SER R 170 -27.83 -45.52 18.96
CA SER R 170 -28.14 -46.72 18.21
C SER R 170 -27.07 -47.02 17.17
N LEU R 171 -26.62 -45.99 16.45
CA LEU R 171 -25.50 -46.15 15.52
C LEU R 171 -24.23 -46.32 16.34
N SER R 172 -23.68 -47.55 16.35
CA SER R 172 -22.64 -47.92 17.31
C SER R 172 -21.29 -48.19 16.69
N SER R 173 -21.21 -48.52 15.41
CA SER R 173 -19.93 -48.83 14.78
C SER R 173 -19.13 -47.54 14.56
N GLY R 174 -17.85 -47.57 14.94
CA GLY R 174 -17.01 -46.42 14.82
C GLY R 174 -17.22 -45.35 15.87
N VAL R 175 -17.99 -45.64 16.92
CA VAL R 175 -18.20 -44.67 18.00
C VAL R 175 -16.93 -44.58 18.82
N HIS R 176 -16.26 -43.43 18.73
CA HIS R 176 -15.05 -43.16 19.50
C HIS R 176 -15.15 -41.71 19.96
N THR R 177 -15.75 -41.52 21.14
CA THR R 177 -15.89 -40.19 21.71
C THR R 177 -14.53 -39.71 22.18
N PHE R 178 -14.07 -38.63 21.61
CA PHE R 178 -12.71 -38.19 21.86
C PHE R 178 -12.66 -37.38 23.14
N PRO R 179 -11.75 -37.71 24.06
CA PRO R 179 -11.62 -36.94 25.31
C PRO R 179 -11.21 -35.50 25.08
N ALA R 180 -11.46 -34.69 26.11
CA ALA R 180 -11.45 -33.24 25.98
C ALA R 180 -10.04 -32.69 25.94
N VAL R 181 -9.96 -31.38 25.69
CA VAL R 181 -8.70 -30.65 25.66
C VAL R 181 -8.99 -29.20 26.01
N LEU R 182 -8.16 -28.63 26.87
CA LEU R 182 -8.40 -27.31 27.43
C LEU R 182 -7.78 -26.26 26.51
N GLN R 183 -8.54 -25.19 26.24
CA GLN R 183 -8.14 -24.17 25.28
C GLN R 183 -7.09 -23.23 25.86
N SER R 184 -6.78 -22.17 25.13
CA SER R 184 -6.02 -21.06 25.70
C SER R 184 -6.91 -20.11 26.48
N ASP R 185 -8.22 -20.15 26.27
CA ASP R 185 -9.18 -19.29 26.94
C ASP R 185 -9.87 -19.98 28.10
N LEU R 186 -9.28 -21.06 28.61
CA LEU R 186 -9.82 -21.89 29.70
C LEU R 186 -11.19 -22.48 29.35
N TYR R 187 -11.39 -22.84 28.09
CA TYR R 187 -12.56 -23.60 27.67
C TYR R 187 -12.11 -24.94 27.10
N THR R 188 -13.10 -25.76 26.77
CA THR R 188 -12.86 -27.17 26.46
C THR R 188 -13.40 -27.52 25.08
N LEU R 189 -12.77 -28.52 24.45
CA LEU R 189 -13.11 -28.97 23.11
C LEU R 189 -13.07 -30.49 23.06
N SER R 190 -14.08 -31.09 22.41
CA SER R 190 -14.16 -32.53 22.28
C SER R 190 -14.84 -32.88 20.97
N SER R 191 -14.90 -34.18 20.67
CA SER R 191 -15.37 -34.65 19.36
C SER R 191 -15.83 -36.10 19.48
N SER R 192 -16.42 -36.61 18.39
CA SER R 192 -16.81 -38.01 18.23
C SER R 192 -17.06 -38.28 16.75
N VAL R 193 -17.20 -39.58 16.42
CA VAL R 193 -17.48 -40.06 15.07
C VAL R 193 -18.29 -41.34 15.09
N THR R 194 -18.80 -41.71 13.90
CA THR R 194 -19.06 -43.07 13.48
C THR R 194 -18.42 -43.24 12.10
N VAL R 195 -18.46 -44.47 11.58
CA VAL R 195 -17.85 -44.73 10.27
C VAL R 195 -18.88 -45.33 9.32
N PRO R 196 -19.49 -44.53 8.44
CA PRO R 196 -20.07 -45.07 7.21
C PRO R 196 -19.09 -44.98 6.06
N SER R 197 -19.48 -45.58 4.92
CA SER R 197 -18.71 -45.48 3.70
C SER R 197 -19.23 -44.31 2.86
N SER R 198 -18.81 -44.23 1.60
CA SER R 198 -19.39 -43.27 0.66
C SER R 198 -20.68 -43.76 0.02
N THR R 199 -21.05 -45.02 0.27
CA THR R 199 -22.21 -45.63 -0.37
C THR R 199 -23.43 -45.65 0.55
N TRP R 200 -23.60 -44.64 1.39
CA TRP R 200 -24.76 -44.54 2.28
C TRP R 200 -25.25 -43.10 2.36
N PRO R 201 -25.84 -42.58 1.28
CA PRO R 201 -26.25 -41.16 1.28
C PRO R 201 -27.46 -40.88 2.14
N SER R 202 -28.32 -41.88 2.35
CA SER R 202 -29.55 -41.70 3.13
C SER R 202 -29.33 -42.03 4.61
N GLU R 203 -28.31 -41.43 5.20
CA GLU R 203 -28.04 -41.56 6.63
C GLU R 203 -27.97 -40.17 7.23
N THR R 204 -29.13 -39.68 7.65
CA THR R 204 -29.22 -38.42 8.37
C THR R 204 -28.95 -38.70 9.85
N VAL R 205 -27.73 -38.44 10.29
CA VAL R 205 -27.27 -38.84 11.62
C VAL R 205 -27.07 -37.59 12.46
N THR R 206 -27.60 -37.60 13.68
CA THR R 206 -27.46 -36.50 14.62
C THR R 206 -26.59 -36.96 15.78
N CYS R 207 -25.55 -36.18 16.09
CA CYS R 207 -24.81 -36.39 17.33
C CYS R 207 -25.60 -35.78 18.49
N ASN R 208 -25.88 -36.60 19.49
CA ASN R 208 -26.75 -36.22 20.60
C ASN R 208 -25.85 -35.87 21.78
N VAL R 209 -25.49 -34.60 21.88
CA VAL R 209 -24.51 -34.13 22.85
C VAL R 209 -25.25 -33.54 24.04
N ALA R 210 -24.90 -34.00 25.24
CA ALA R 210 -25.49 -33.53 26.47
C ALA R 210 -24.40 -33.22 27.48
N HIS R 211 -24.39 -31.98 27.98
CA HIS R 211 -23.47 -31.53 29.02
C HIS R 211 -24.31 -31.24 30.26
N PRO R 212 -24.43 -32.21 31.18
CA PRO R 212 -25.37 -32.06 32.29
C PRO R 212 -24.92 -31.08 33.35
N ALA R 213 -23.64 -30.70 33.39
CA ALA R 213 -23.21 -29.67 34.34
C ALA R 213 -23.74 -28.30 33.93
N SER R 214 -23.98 -28.09 32.63
CA SER R 214 -24.77 -26.97 32.17
C SER R 214 -26.20 -27.35 31.85
N SER R 215 -26.50 -28.67 31.85
CA SER R 215 -27.85 -29.24 31.70
C SER R 215 -28.50 -28.84 30.39
N THR R 216 -27.70 -28.77 29.33
CA THR R 216 -28.20 -28.43 28.00
C THR R 216 -27.88 -29.56 27.03
N LYS R 217 -28.76 -29.73 26.03
CA LYS R 217 -28.63 -30.77 25.02
C LYS R 217 -28.69 -30.13 23.65
N VAL R 218 -27.75 -30.49 22.77
CA VAL R 218 -27.72 -30.00 21.41
C VAL R 218 -27.75 -31.21 20.48
N ASP R 219 -28.85 -31.36 19.75
CA ASP R 219 -29.00 -32.41 18.74
C ASP R 219 -28.90 -31.78 17.37
N LYS R 220 -27.91 -32.19 16.58
CA LYS R 220 -27.56 -31.50 15.34
C LYS R 220 -28.02 -32.30 14.13
N LYS R 221 -29.09 -31.83 13.50
CA LYS R 221 -29.49 -32.38 12.21
C LYS R 221 -28.54 -31.85 11.13
N ILE R 222 -28.00 -32.77 10.33
CA ILE R 222 -26.98 -32.42 9.33
C ILE R 222 -27.48 -32.82 7.96
N VAL R 223 -27.47 -31.87 7.02
CA VAL R 223 -27.86 -32.12 5.62
C VAL R 223 -26.71 -31.66 4.73
N PRO R 224 -26.24 -32.48 3.79
CA PRO R 224 -25.23 -32.02 2.83
C PRO R 224 -25.80 -30.99 1.85
N ARG R 225 -24.87 -30.25 1.23
CA ARG R 225 -25.28 -29.15 0.37
C ARG R 225 -24.68 -29.26 -1.03
N ASP R 226 -24.86 -28.22 -1.84
CA ASP R 226 -24.37 -28.21 -3.21
C ASP R 226 -22.87 -27.99 -3.26
#